data_3KM9
#
_entry.id   3KM9
#
_cell.length_a   144.790
_cell.length_b   144.790
_cell.length_c   245.280
_cell.angle_alpha   90.00
_cell.angle_beta   90.00
_cell.angle_gamma   120.00
#
_symmetry.space_group_name_H-M   'P 31'
#
loop_
_entity.id
_entity.type
_entity.pdbx_description
1 polymer 'Complement C5'
2 polymer 'Staphylococcal enterotoxin-like toxin'
3 branched 2-acetamido-2-deoxy-beta-D-glucopyranose-(1-4)-2-acetamido-2-deoxy-beta-D-glucopyranose
4 non-polymer 'CADMIUM ION'
5 non-polymer 2-acetamido-2-deoxy-beta-D-glucopyranose
#
loop_
_entity_poly.entity_id
_entity_poly.type
_entity_poly.pdbx_seq_one_letter_code
_entity_poly.pdbx_strand_id
1 'polypeptide(L)'
;MGLLGILCFLIFLGKTWGQEQTYVISAPKIFRVGASENIVIQVYGYTEAFDATISIKSYPDKKFSYSSGHVHLSSENKFQ
NSAILTIQPKQLPGGQNPVSYVYLEVVSKHFSKSKRMPITYDNGFLFIHTDKPVYTPDQSVKVRVYSLNDDLKPAKRETV
LTFIDPEGSEVDMVEEIDHIGIISFPDFKIPSNPRYGMWTIKAKYKEDFSTTGTAYFEVKEYVLPHFSVSIEPEYNFIGY
KNFKNFEITIKARYFYNKVVTEADVYITFGIREDLKDDQKEMMQTAMQNTMLINGIAQVTFDSETAVKELSYYSLEDLNN
KYLYIAVTVIESTGGFSEEAEIPGIKYVLSPYKLNLVATPLFLKPGIPYPIKVQVKDSLDQLVGGVPVTLNAQTIDVNQE
TSDLDPSKSVTRVDDGVASFVLNLPSGVTVLEFNVKTDAPDLPEENQAREGYRAIAYSSLSQSYLYIDWTDNHKALLVGE
HLNIIVTPKSPYIDKITHYNYLILSKGKIIHFGTREKFSDASYQSINIPVTQNMVPSSRLLVYYIVTGEQTAELVSDSVW
LNIEEKCGNQLQVHLSPDADAYSPGQTVSLNMATGMDSWVALAAVDSAVYGVQRGAKKPLERVFQFLEKSDLGCGAGGGL
NNANVFHLAGLTFLTNANADDSQENDEPCKEILRPRRTLQKKIEEIAAKYKHSVVKKCCYDGACVNNDETCEQRAARISL
GPRCIKAFTECCVVASQLRANISHKDMQLGRLHMKTLLPVSKPEIRSYFPESWLWEVHLVPRRKQLQFALPDSLTTWEIQ
GIGISNTGICVADTVKAKVFKDVFLEMNIPYSVVRGEQIQLKGTVYNYRTSGMQFCVKMSAVEGICTSESPVIDHQGTKS
SKCVRQKVEGSSSHLVTFTVLPLEIGLHNINFSLETWFGKEILVKTLRVVPEGVKRESYSGVTLDPRGIYGTISRRKEFP
YRIPLDLVPKTEIKRILSVKGLLVGEILSAVLSQEGINILTHLPKGSAEAELMSVVPVFYVFHYLETGNHWNIFHSDPLI
EKQKLKKKLKEGMLSIMSYRNADYSYSVWKGGSASTWLTAFALRVLGQVNKYVEQNQNSICNSLLWLVENYQLDNGSFKE
NSQYQPIKLQGTLPVEARENSLYLTAFTVIGIRKAFDICPLVKIDTALIKADNFLLENTLPAQSTFTLAISAYALSLGDK
THPQFRSIVSALKREALVKGNPPIYRFWKDNLQHKDSSVPNTGTARMVETTAYALLTSLNLKDINYVNPVIKWLSEEQRY
GGGFYSTQDTINAIEGLTEYSLLVKQLRLSMDIDVSYKHKGALHNYKMTDKNFLGRPVEVLLNDDLIVSTGFGSGLATVH
VTTVVHKTSTSEEVCSFYLKIDTQDIEASHYRGYGNSDYKRIVACASYKPSREESSSGSSHAVMDISLPTGISANEEDLK
ALVEGVDQLFTDYQIKDGHVILQLNSIPSSDFLCVRFRIFELFEVGFLSPATFTVYEYHRPDKQCTMFYSTSNIKIQKVC
EGAACKCVEADCGQMQEELDLTISAETRKQTACKPEIAYAYKVSITSITVENVFVKYKATLLDIYKTGEAVAEKDSEITF
IKKVTCTNAELVKGRQYLIMGKEALQIKYNFSFRYIYPLDSLTWIEYWPRDTTCSSCQAFLANLDEFAEDIFLNGC
;
A,B
2 'polypeptide(L)'
;SSETNTHLFVNKVYGGNLDASIDSFSINKEEVSLKELDFKIRQHLVKNYGLYKGTTKYGKITINLKDGEKQEIDLGDKLQ
FERMGDVLNSKDINKIEVTLKQI
;
X,Y
#
loop_
_chem_comp.id
_chem_comp.type
_chem_comp.name
_chem_comp.formula
CD non-polymer 'CADMIUM ION' 'Cd 2'
NAG D-saccharide, beta linking 2-acetamido-2-deoxy-beta-D-glucopyranose 'C8 H15 N O6'
#
# COMPACT_ATOMS: atom_id res chain seq x y z
N THR A 22 51.38 -55.82 -6.98
CA THR A 22 51.40 -55.22 -5.65
C THR A 22 50.02 -55.31 -4.97
N TYR A 23 50.00 -54.99 -3.68
CA TYR A 23 48.85 -55.25 -2.82
C TYR A 23 48.16 -54.00 -2.27
N VAL A 24 46.84 -54.09 -2.14
CA VAL A 24 46.02 -53.00 -1.59
C VAL A 24 45.16 -53.51 -0.47
N ILE A 25 45.09 -52.68 0.56
CA ILE A 25 44.38 -53.01 1.77
C ILE A 25 43.82 -51.69 2.21
N SER A 26 42.56 -51.45 1.93
CA SER A 26 42.01 -50.19 2.32
C SER A 26 41.44 -50.26 3.73
N ALA A 27 41.32 -49.09 4.35
CA ALA A 27 40.66 -48.96 5.65
C ALA A 27 40.38 -47.49 5.91
N PRO A 28 39.47 -47.20 6.86
CA PRO A 28 39.00 -45.82 7.04
C PRO A 28 40.19 -44.89 7.22
N LYS A 29 39.96 -43.59 7.30
CA LYS A 29 41.03 -42.69 7.69
C LYS A 29 41.14 -42.67 9.22
N ILE A 30 40.16 -43.26 9.91
CA ILE A 30 40.19 -43.36 11.36
C ILE A 30 39.54 -44.66 11.82
N PHE A 31 39.57 -44.89 13.12
CA PHE A 31 38.88 -46.04 13.67
C PHE A 31 37.89 -45.54 14.69
N ARG A 32 37.02 -46.44 15.09
CA ARG A 32 36.14 -46.18 16.20
C ARG A 32 36.07 -47.41 17.08
N VAL A 33 35.75 -47.17 18.34
CA VAL A 33 35.38 -48.20 19.29
C VAL A 33 34.00 -48.80 19.05
N GLY A 34 33.91 -50.12 19.16
CA GLY A 34 32.65 -50.82 18.92
C GLY A 34 32.21 -50.61 17.49
N ALA A 35 33.21 -50.46 16.61
CA ALA A 35 32.97 -50.16 15.21
C ALA A 35 33.24 -51.36 14.33
N SER A 36 32.23 -51.82 13.62
CA SER A 36 32.41 -52.92 12.69
C SER A 36 33.27 -52.45 11.51
N GLU A 37 34.52 -52.12 11.80
CA GLU A 37 35.43 -51.61 10.76
C GLU A 37 35.59 -52.59 9.60
N ASN A 38 35.19 -52.13 8.42
CA ASN A 38 35.35 -52.91 7.22
C ASN A 38 36.76 -52.72 6.63
N ILE A 39 37.42 -53.84 6.29
CA ILE A 39 38.78 -53.83 5.76
C ILE A 39 38.98 -54.84 4.63
N VAL A 40 39.01 -54.30 3.41
CA VAL A 40 39.13 -55.11 2.22
C VAL A 40 40.58 -55.36 1.93
N ILE A 41 40.83 -56.52 1.33
CA ILE A 41 42.12 -56.83 0.78
C ILE A 41 41.89 -57.30 -0.62
N GLN A 42 42.71 -56.81 -1.56
CA GLN A 42 42.62 -57.17 -2.97
C GLN A 42 44.03 -57.05 -3.51
N VAL A 43 44.41 -57.83 -4.52
CA VAL A 43 45.82 -57.88 -4.86
C VAL A 43 46.15 -58.39 -6.24
N TYR A 44 47.25 -57.89 -6.76
CA TYR A 44 47.74 -58.29 -8.07
C TYR A 44 48.65 -59.53 -7.98
N GLY A 45 48.44 -60.36 -6.97
CA GLY A 45 49.27 -61.54 -6.78
C GLY A 45 49.10 -62.50 -7.94
N TYR A 46 50.11 -63.31 -8.20
CA TYR A 46 50.06 -64.30 -9.27
C TYR A 46 49.28 -65.57 -8.89
N THR A 47 49.21 -66.52 -9.82
CA THR A 47 48.31 -67.68 -9.73
C THR A 47 48.24 -68.31 -8.35
N GLU A 48 49.37 -68.33 -7.64
CA GLU A 48 49.43 -68.95 -6.33
C GLU A 48 48.44 -68.32 -5.35
N ALA A 49 47.36 -69.04 -5.06
CA ALA A 49 46.43 -68.64 -4.01
C ALA A 49 47.22 -68.53 -2.71
N PHE A 50 46.79 -67.67 -1.80
CA PHE A 50 47.55 -67.48 -0.56
C PHE A 50 46.76 -66.90 0.59
N ASP A 51 47.12 -67.33 1.79
CA ASP A 51 46.37 -66.97 3.00
C ASP A 51 46.57 -65.52 3.44
N ALA A 52 45.59 -65.01 4.20
CA ALA A 52 45.58 -63.63 4.68
C ALA A 52 44.77 -63.41 5.97
N THR A 53 45.48 -63.18 7.08
CA THR A 53 44.87 -62.84 8.36
C THR A 53 45.23 -61.43 8.82
N ILE A 54 44.22 -60.63 9.13
CA ILE A 54 44.41 -59.27 9.61
C ILE A 54 44.13 -59.25 11.10
N SER A 55 44.50 -58.16 11.75
CA SER A 55 44.08 -57.91 13.12
C SER A 55 44.56 -56.55 13.63
N ILE A 56 44.17 -56.25 14.86
CA ILE A 56 44.26 -54.91 15.40
C ILE A 56 45.08 -54.91 16.68
N LYS A 57 46.24 -54.25 16.63
CA LYS A 57 47.18 -54.32 17.76
C LYS A 57 47.59 -52.94 18.24
N SER A 58 48.00 -52.89 19.51
CA SER A 58 48.15 -51.66 20.26
C SER A 58 49.52 -50.99 20.11
N TYR A 59 49.50 -49.67 19.97
CA TYR A 59 50.69 -48.86 19.65
C TYR A 59 52.05 -49.58 19.43
N PRO A 60 53.10 -49.32 20.27
CA PRO A 60 54.42 -49.86 19.88
C PRO A 60 54.70 -51.38 20.11
N ASP A 61 54.12 -51.96 21.16
CA ASP A 61 54.24 -53.40 21.43
C ASP A 61 53.13 -54.17 20.73
N LYS A 62 53.45 -54.84 19.63
CA LYS A 62 52.41 -55.61 18.95
C LYS A 62 51.95 -56.79 19.81
N LYS A 63 51.67 -56.51 21.09
CA LYS A 63 51.24 -57.53 22.04
C LYS A 63 49.73 -57.77 22.03
N PHE A 64 48.94 -56.81 22.52
CA PHE A 64 47.49 -56.97 22.50
C PHE A 64 46.96 -57.08 21.07
N SER A 65 46.03 -58.01 20.87
CA SER A 65 45.35 -58.19 19.60
C SER A 65 43.87 -58.43 19.91
N TYR A 66 43.05 -57.43 19.58
CA TYR A 66 41.65 -57.43 19.95
C TYR A 66 40.83 -58.42 19.11
N SER A 67 41.07 -58.43 17.80
CA SER A 67 40.49 -59.43 16.91
C SER A 67 41.24 -59.56 15.59
N SER A 68 40.79 -60.50 14.77
CA SER A 68 41.51 -60.87 13.56
C SER A 68 40.55 -61.59 12.66
N GLY A 69 41.05 -62.10 11.54
CA GLY A 69 40.19 -62.77 10.58
C GLY A 69 41.01 -63.49 9.54
N HIS A 70 40.68 -64.75 9.35
CA HIS A 70 41.45 -65.60 8.45
C HIS A 70 40.81 -65.60 7.08
N VAL A 71 41.07 -64.56 6.31
CA VAL A 71 40.38 -64.39 5.04
C VAL A 71 41.27 -64.74 3.84
N HIS A 72 41.09 -65.96 3.34
CA HIS A 72 41.97 -66.52 2.32
C HIS A 72 41.56 -66.16 0.91
N LEU A 73 42.47 -65.51 0.19
CA LEU A 73 42.22 -65.11 -1.19
C LEU A 73 42.73 -66.14 -2.20
N SER A 74 42.25 -66.02 -3.44
CA SER A 74 42.68 -66.92 -4.50
C SER A 74 42.20 -66.39 -5.84
N SER A 75 42.63 -67.01 -6.93
CA SER A 75 42.18 -66.61 -8.26
C SER A 75 40.66 -66.74 -8.37
N GLU A 76 40.08 -67.58 -7.51
CA GLU A 76 38.63 -67.75 -7.45
C GLU A 76 37.97 -66.54 -6.83
N ASN A 77 38.69 -65.91 -5.91
CA ASN A 77 38.27 -64.67 -5.29
C ASN A 77 39.02 -63.50 -5.89
N LYS A 78 39.60 -63.72 -7.07
CA LYS A 78 40.39 -62.72 -7.78
C LYS A 78 41.32 -61.99 -6.82
N PHE A 79 41.72 -62.68 -5.76
CA PHE A 79 42.58 -62.11 -4.73
C PHE A 79 41.98 -60.87 -4.08
N GLN A 80 40.94 -61.10 -3.29
CA GLN A 80 40.30 -60.03 -2.57
C GLN A 80 39.57 -60.66 -1.39
N ASN A 81 39.34 -59.86 -0.34
CA ASN A 81 38.53 -60.31 0.79
C ASN A 81 38.32 -59.29 1.94
N SER A 82 37.26 -59.49 2.71
CA SER A 82 36.83 -58.56 3.77
C SER A 82 36.93 -59.13 5.18
N ALA A 83 37.08 -58.23 6.15
CA ALA A 83 37.25 -58.62 7.53
C ALA A 83 36.68 -57.62 8.52
N ILE A 84 35.73 -58.08 9.35
CA ILE A 84 35.23 -57.28 10.47
C ILE A 84 36.12 -57.43 11.72
N LEU A 85 37.15 -56.61 11.78
CA LEU A 85 37.97 -56.44 12.96
C LEU A 85 37.08 -55.80 14.00
N THR A 86 37.68 -55.18 15.01
CA THR A 86 36.90 -54.42 15.99
C THR A 86 37.62 -54.14 17.32
N ILE A 87 38.05 -52.90 17.56
CA ILE A 87 38.57 -52.48 18.88
C ILE A 87 37.46 -52.32 19.92
N GLN A 88 37.29 -53.28 20.80
CA GLN A 88 36.33 -53.11 21.89
C GLN A 88 36.98 -52.23 22.97
N PRO A 89 36.27 -51.98 24.09
CA PRO A 89 36.73 -51.22 25.28
C PRO A 89 37.83 -51.83 26.22
N LYS A 90 39.10 -51.81 25.78
CA LYS A 90 40.24 -52.15 26.63
C LYS A 90 40.47 -51.00 27.59
N GLN A 91 41.52 -50.23 27.30
CA GLN A 91 41.99 -49.14 28.16
C GLN A 91 40.88 -48.23 28.66
N LEU A 92 40.59 -48.33 29.96
CA LEU A 92 39.56 -47.51 30.60
C LEU A 92 40.10 -46.49 31.64
N PRO A 93 41.44 -46.36 31.78
CA PRO A 93 41.94 -45.43 32.81
C PRO A 93 41.68 -43.96 32.46
N GLY A 94 40.62 -43.38 33.01
CA GLY A 94 40.35 -41.97 32.79
C GLY A 94 41.56 -41.15 33.17
N GLY A 95 41.79 -40.04 32.48
CA GLY A 95 42.96 -39.24 32.71
C GLY A 95 44.12 -39.62 31.80
N GLN A 96 44.59 -40.86 31.91
CA GLN A 96 45.57 -41.37 30.97
C GLN A 96 45.01 -41.03 29.59
N ASN A 97 45.88 -40.64 28.66
CA ASN A 97 45.44 -40.40 27.28
C ASN A 97 45.42 -41.70 26.50
N PRO A 98 44.46 -42.58 26.82
CA PRO A 98 44.56 -43.95 26.32
C PRO A 98 44.09 -43.98 24.89
N VAL A 99 44.29 -45.10 24.22
CA VAL A 99 43.60 -45.35 22.97
C VAL A 99 44.03 -44.44 21.81
N SER A 100 44.64 -43.30 22.11
CA SER A 100 45.05 -42.36 21.06
C SER A 100 46.14 -42.96 20.15
N TYR A 101 45.75 -43.52 19.00
CA TYR A 101 46.65 -44.17 18.00
C TYR A 101 46.60 -45.70 18.04
N VAL A 102 46.60 -46.34 16.87
CA VAL A 102 46.71 -47.78 16.87
C VAL A 102 47.44 -48.34 15.67
N TYR A 103 47.73 -49.63 15.79
CA TYR A 103 48.39 -50.41 14.77
C TYR A 103 47.40 -51.41 14.19
N LEU A 104 47.26 -51.31 12.88
CA LEU A 104 46.42 -52.20 12.14
C LEU A 104 47.39 -53.15 11.51
N GLU A 105 47.09 -54.44 11.54
CA GLU A 105 48.06 -55.42 11.09
C GLU A 105 47.48 -56.48 10.16
N VAL A 106 48.22 -56.79 9.11
CA VAL A 106 47.84 -57.86 8.22
C VAL A 106 48.95 -58.91 8.16
N VAL A 107 48.66 -60.05 7.56
CA VAL A 107 49.62 -61.14 7.48
C VAL A 107 49.41 -61.93 6.18
N SER A 108 50.45 -62.61 5.74
CA SER A 108 50.37 -63.46 4.56
C SER A 108 51.69 -64.21 4.35
N LYS A 109 51.72 -65.05 3.31
CA LYS A 109 52.91 -65.83 2.98
C LYS A 109 54.01 -64.97 2.36
N HIS A 110 53.62 -63.94 1.63
CA HIS A 110 54.55 -63.19 0.79
C HIS A 110 55.16 -61.97 1.50
N PHE A 111 54.58 -61.61 2.64
CA PHE A 111 54.95 -60.39 3.35
C PHE A 111 54.04 -60.17 4.57
N SER A 112 54.22 -59.02 5.23
CA SER A 112 53.34 -58.59 6.30
C SER A 112 53.56 -57.09 6.55
N LYS A 113 52.46 -56.35 6.80
CA LYS A 113 52.55 -54.91 7.01
C LYS A 113 51.36 -54.31 7.75
N SER A 114 51.57 -53.09 8.23
CA SER A 114 50.74 -52.51 9.27
C SER A 114 51.04 -51.03 9.43
N LYS A 115 50.34 -50.36 10.35
CA LYS A 115 50.32 -48.89 10.30
C LYS A 115 49.84 -48.18 11.57
N ARG A 116 50.18 -46.89 11.69
CA ARG A 116 49.70 -46.03 12.78
C ARG A 116 48.82 -44.90 12.26
N MET A 117 47.65 -44.72 12.87
CA MET A 117 46.58 -43.87 12.33
C MET A 117 45.51 -43.57 13.39
N PRO A 118 45.27 -42.27 13.68
CA PRO A 118 44.48 -41.88 14.87
C PRO A 118 43.17 -42.66 15.02
N ILE A 119 42.58 -42.68 16.22
CA ILE A 119 41.26 -43.30 16.40
C ILE A 119 40.46 -42.56 17.46
N THR A 120 39.15 -42.80 17.51
CA THR A 120 38.30 -42.12 18.50
C THR A 120 37.22 -43.00 19.09
N TYR A 121 36.44 -42.34 19.95
CA TYR A 121 35.42 -42.87 20.82
C TYR A 121 34.07 -42.33 20.37
N ASP A 122 33.90 -42.13 19.07
CA ASP A 122 32.68 -41.56 18.51
C ASP A 122 31.74 -42.56 17.84
N ASN A 123 31.17 -43.49 18.61
CA ASN A 123 30.35 -44.56 18.07
C ASN A 123 28.84 -44.26 18.12
N GLY A 124 28.24 -44.03 16.95
CA GLY A 124 26.80 -43.84 16.86
C GLY A 124 26.30 -42.42 16.94
N PHE A 125 25.07 -42.21 17.39
CA PHE A 125 24.54 -40.86 17.52
C PHE A 125 23.39 -40.81 18.46
N LEU A 126 23.14 -39.60 18.96
CA LEU A 126 22.05 -39.38 19.89
C LEU A 126 21.03 -38.36 19.36
N PHE A 127 19.79 -38.82 19.27
CA PHE A 127 18.67 -38.03 18.78
C PHE A 127 17.72 -37.76 19.91
N ILE A 128 17.52 -36.49 20.21
CA ILE A 128 16.70 -36.15 21.36
C ILE A 128 15.36 -35.57 21.00
N HIS A 129 14.42 -36.44 20.67
CA HIS A 129 13.11 -36.04 20.24
C HIS A 129 12.35 -35.31 21.35
N THR A 130 12.64 -34.04 21.55
CA THR A 130 11.79 -33.25 22.44
C THR A 130 10.43 -33.30 21.77
N ASP A 131 9.34 -33.31 22.54
CA ASP A 131 8.03 -33.46 21.89
C ASP A 131 7.71 -32.23 21.07
N LYS A 132 7.68 -31.06 21.73
CA LYS A 132 7.52 -29.77 21.07
C LYS A 132 8.67 -28.88 21.52
N PRO A 133 8.91 -27.76 20.82
CA PRO A 133 10.15 -27.01 20.96
C PRO A 133 9.79 -25.65 21.44
N VAL A 134 8.74 -25.60 22.25
CA VAL A 134 8.51 -24.47 23.13
C VAL A 134 7.46 -24.70 24.24
N TYR A 135 7.80 -24.24 25.44
CA TYR A 135 6.99 -24.47 26.60
C TYR A 135 6.77 -23.22 27.42
N THR A 136 5.66 -23.24 28.14
CA THR A 136 5.26 -22.16 29.00
C THR A 136 5.23 -22.73 30.41
N PRO A 137 5.28 -21.86 31.44
CA PRO A 137 5.39 -22.34 32.82
C PRO A 137 4.52 -23.58 33.10
N ASP A 138 5.14 -24.60 33.65
CA ASP A 138 4.41 -25.69 34.28
C ASP A 138 3.99 -26.80 33.33
N GLN A 139 4.39 -26.72 32.08
CA GLN A 139 4.12 -27.85 31.23
C GLN A 139 5.09 -28.96 31.60
N SER A 140 4.77 -30.21 31.21
CA SER A 140 5.73 -31.30 31.31
C SER A 140 6.35 -31.60 29.94
N VAL A 141 7.63 -31.28 29.79
CA VAL A 141 8.42 -31.62 28.61
C VAL A 141 8.50 -33.12 28.34
N LYS A 142 7.57 -33.67 27.56
CA LYS A 142 7.76 -35.04 27.07
C LYS A 142 9.07 -35.08 26.29
N VAL A 143 9.79 -36.19 26.38
CA VAL A 143 11.01 -36.32 25.60
C VAL A 143 11.48 -37.75 25.62
N ARG A 144 12.11 -38.15 24.53
CA ARG A 144 12.79 -39.42 24.50
C ARG A 144 14.10 -39.33 23.72
N VAL A 145 14.66 -40.48 23.39
CA VAL A 145 15.90 -40.52 22.64
C VAL A 145 16.06 -41.76 21.78
N TYR A 146 16.40 -41.51 20.52
CA TYR A 146 16.74 -42.56 19.58
C TYR A 146 18.24 -42.60 19.51
N SER A 147 18.79 -43.81 19.48
CA SER A 147 20.24 -43.97 19.54
C SER A 147 20.73 -45.09 18.65
N LEU A 148 21.72 -44.78 17.83
CA LEU A 148 22.26 -45.72 16.88
C LEU A 148 23.75 -45.83 17.05
N ASN A 149 24.29 -46.97 16.64
CA ASN A 149 25.72 -47.18 16.57
C ASN A 149 26.21 -46.90 15.16
N ASP A 150 27.50 -46.67 15.01
CA ASP A 150 28.13 -46.59 13.71
C ASP A 150 27.40 -47.40 12.66
N ASP A 151 26.94 -48.61 12.99
CA ASP A 151 26.29 -49.48 11.98
C ASP A 151 24.80 -49.18 11.80
N LEU A 152 24.34 -48.08 12.39
CA LEU A 152 22.95 -47.65 12.28
C LEU A 152 21.97 -48.80 12.57
N LYS A 153 22.23 -49.48 13.68
CA LYS A 153 21.31 -50.48 14.23
C LYS A 153 21.00 -50.16 15.70
N PRO A 154 19.93 -50.76 16.25
CA PRO A 154 19.31 -50.33 17.51
C PRO A 154 20.28 -49.67 18.47
N ALA A 155 21.44 -50.29 18.63
CA ALA A 155 22.55 -49.75 19.42
C ALA A 155 22.27 -49.79 20.92
N LYS A 156 21.53 -50.81 21.35
CA LYS A 156 21.11 -50.96 22.73
C LYS A 156 22.27 -50.48 23.60
N ARG A 157 21.96 -49.74 24.66
CA ARG A 157 22.98 -49.24 25.58
C ARG A 157 22.34 -48.51 26.74
N GLU A 158 23.16 -48.08 27.69
CA GLU A 158 22.69 -47.19 28.75
C GLU A 158 23.18 -45.77 28.51
N THR A 159 22.25 -44.82 28.54
CA THR A 159 22.55 -43.42 28.28
C THR A 159 21.98 -42.53 29.34
N VAL A 160 22.52 -41.32 29.39
CA VAL A 160 22.05 -40.27 30.28
C VAL A 160 22.06 -38.94 29.57
N LEU A 161 21.00 -38.17 29.81
CA LEU A 161 20.97 -36.75 29.52
C LEU A 161 21.13 -35.89 30.77
N THR A 162 21.15 -34.58 30.56
CA THR A 162 21.55 -33.64 31.57
C THR A 162 21.05 -32.23 31.24
N PHE A 163 19.76 -31.97 31.53
CA PHE A 163 19.10 -30.69 31.20
C PHE A 163 19.94 -29.54 31.73
N ILE A 164 19.84 -28.37 31.12
CA ILE A 164 20.73 -27.27 31.47
C ILE A 164 20.05 -25.91 31.34
N ASP A 165 19.58 -25.38 32.47
CA ASP A 165 18.85 -24.12 32.47
C ASP A 165 19.46 -23.06 31.58
N PRO A 166 18.64 -22.11 31.16
CA PRO A 166 18.93 -21.03 30.22
C PRO A 166 20.13 -20.12 30.57
N GLU A 167 20.93 -20.50 31.55
CA GLU A 167 22.12 -19.72 31.87
C GLU A 167 23.34 -20.61 31.83
N GLY A 168 23.10 -21.91 31.86
CA GLY A 168 24.16 -22.87 31.62
C GLY A 168 24.65 -23.55 32.85
N SER A 169 23.74 -23.86 33.77
CA SER A 169 24.07 -24.62 34.98
C SER A 169 23.21 -25.87 35.09
N GLU A 170 23.82 -27.05 35.15
CA GLU A 170 23.05 -28.29 35.17
C GLU A 170 21.78 -28.11 35.98
N VAL A 171 20.81 -28.98 35.85
CA VAL A 171 19.61 -28.87 36.66
C VAL A 171 18.98 -30.22 37.01
N ASP A 172 19.43 -31.27 36.37
CA ASP A 172 18.86 -32.58 36.66
C ASP A 172 19.80 -33.59 36.05
N MET A 173 19.26 -34.75 35.65
CA MET A 173 20.07 -35.80 35.08
C MET A 173 19.21 -37.03 35.13
N VAL A 174 19.64 -38.08 34.46
CA VAL A 174 19.03 -39.38 34.63
C VAL A 174 19.47 -40.28 33.48
N GLU A 175 19.49 -41.59 33.73
CA GLU A 175 19.95 -42.54 32.75
C GLU A 175 18.75 -43.40 32.39
N GLU A 176 18.93 -44.44 31.57
CA GLU A 176 17.93 -45.51 31.51
C GLU A 176 18.42 -46.69 30.69
N ILE A 177 17.56 -47.70 30.54
CA ILE A 177 17.92 -48.94 29.85
C ILE A 177 17.49 -48.96 28.39
N ASP A 178 18.38 -49.40 27.51
CA ASP A 178 17.99 -49.52 26.12
C ASP A 178 17.54 -50.93 25.77
N HIS A 179 16.23 -51.12 25.74
CA HIS A 179 15.63 -52.39 25.35
C HIS A 179 15.55 -52.52 23.82
N ILE A 180 15.18 -51.43 23.13
CA ILE A 180 15.04 -51.44 21.66
C ILE A 180 15.88 -50.41 20.91
N GLY A 181 15.91 -49.19 21.42
CA GLY A 181 16.73 -48.13 20.85
C GLY A 181 16.01 -46.83 21.09
N ILE A 182 14.71 -46.94 21.32
CA ILE A 182 13.91 -45.80 21.71
C ILE A 182 13.99 -45.68 23.23
N ILE A 183 14.99 -44.95 23.71
CA ILE A 183 15.19 -44.81 25.15
C ILE A 183 14.10 -43.94 25.75
N SER A 184 13.28 -44.50 26.64
CA SER A 184 12.06 -43.84 27.11
C SER A 184 12.20 -43.04 28.41
N PHE A 185 12.83 -41.88 28.35
CA PHE A 185 13.03 -41.08 29.55
C PHE A 185 11.71 -40.70 30.25
N PRO A 186 11.79 -39.93 31.36
CA PRO A 186 10.65 -39.54 32.19
C PRO A 186 10.38 -38.04 32.18
N ASP A 187 9.10 -37.69 32.11
CA ASP A 187 8.65 -36.32 31.89
C ASP A 187 9.48 -35.37 32.74
N PHE A 188 9.86 -34.22 32.18
CA PHE A 188 10.50 -33.17 32.93
C PHE A 188 9.48 -32.04 33.02
N LYS A 189 9.07 -31.70 34.23
CA LYS A 189 8.10 -30.63 34.45
C LYS A 189 8.76 -29.27 34.59
N ILE A 190 8.15 -28.28 33.98
CA ILE A 190 8.65 -26.92 34.03
C ILE A 190 8.22 -26.28 35.35
N PRO A 191 9.14 -25.55 35.99
CA PRO A 191 8.89 -24.80 37.24
C PRO A 191 7.63 -23.95 37.23
N SER A 192 6.94 -23.92 38.37
CA SER A 192 5.78 -23.07 38.56
C SER A 192 6.16 -21.65 38.17
N ASN A 193 7.47 -21.42 38.13
CA ASN A 193 8.04 -20.14 37.77
C ASN A 193 9.53 -20.33 37.49
N PRO A 194 9.85 -20.72 36.24
CA PRO A 194 11.21 -21.00 35.73
C PRO A 194 11.99 -19.79 35.22
N ARG A 195 13.29 -19.96 34.96
CA ARG A 195 14.09 -18.93 34.29
C ARG A 195 13.76 -18.86 32.80
N TYR A 196 13.47 -17.66 32.32
CA TYR A 196 12.97 -17.49 30.95
C TYR A 196 14.05 -17.39 29.86
N GLY A 197 14.03 -18.33 28.93
CA GLY A 197 14.97 -18.33 27.84
C GLY A 197 15.07 -19.65 27.10
N MET A 198 16.32 -20.02 26.78
CA MET A 198 16.61 -21.17 25.93
C MET A 198 17.26 -22.35 26.67
N TRP A 199 16.48 -23.40 26.90
CA TRP A 199 16.97 -24.59 27.56
C TRP A 199 17.84 -25.43 26.62
N THR A 200 18.71 -26.27 27.18
CA THR A 200 19.55 -27.14 26.37
C THR A 200 19.52 -28.60 26.86
N ILE A 201 19.05 -29.56 26.08
CA ILE A 201 19.19 -30.94 26.53
C ILE A 201 20.35 -31.63 25.82
N LYS A 202 21.31 -32.13 26.60
CA LYS A 202 22.43 -32.95 26.11
C LYS A 202 22.24 -34.41 26.45
N ALA A 203 22.98 -35.28 25.79
CA ALA A 203 22.84 -36.69 26.03
C ALA A 203 24.17 -37.40 25.76
N LYS A 204 24.53 -38.31 26.68
CA LYS A 204 25.77 -39.12 26.60
C LYS A 204 25.60 -40.57 27.04
N TYR A 205 26.35 -41.48 26.41
CA TYR A 205 26.30 -42.88 26.80
C TYR A 205 26.89 -43.02 28.18
N LYS A 206 26.26 -43.81 29.04
CA LYS A 206 26.78 -44.01 30.39
C LYS A 206 28.21 -44.51 30.27
N GLU A 207 28.33 -45.71 29.73
CA GLU A 207 29.62 -46.37 29.56
C GLU A 207 30.58 -45.60 28.66
N ASP A 208 31.54 -46.32 28.08
CA ASP A 208 32.52 -45.73 27.19
C ASP A 208 31.82 -45.29 25.93
N PHE A 209 32.50 -44.44 25.18
CA PHE A 209 31.97 -43.73 24.02
C PHE A 209 31.78 -42.23 24.31
N SER A 210 32.47 -41.40 23.53
CA SER A 210 32.40 -39.95 23.66
C SER A 210 31.11 -39.34 23.07
N THR A 211 30.32 -40.18 22.38
CA THR A 211 29.23 -39.72 21.49
C THR A 211 28.27 -38.66 22.06
N THR A 212 28.16 -37.55 21.37
CA THR A 212 27.37 -36.39 21.81
C THR A 212 25.93 -36.29 21.27
N GLY A 213 24.96 -36.34 22.17
CA GLY A 213 23.62 -35.94 21.82
C GLY A 213 23.40 -34.50 22.26
N THR A 214 22.78 -33.69 21.42
CA THR A 214 22.27 -32.40 21.86
C THR A 214 20.86 -32.23 21.33
N ALA A 215 20.14 -31.25 21.84
CA ALA A 215 18.84 -30.86 21.32
C ALA A 215 18.53 -29.59 22.04
N TYR A 216 17.39 -28.98 21.76
CA TYR A 216 17.02 -27.79 22.51
C TYR A 216 15.55 -27.67 22.74
N PHE A 217 15.23 -26.61 23.47
CA PHE A 217 13.87 -26.23 23.77
C PHE A 217 13.81 -24.93 24.59
N GLU A 218 12.87 -24.07 24.20
CA GLU A 218 12.74 -22.73 24.74
C GLU A 218 11.56 -22.70 25.69
N VAL A 219 11.71 -21.96 26.77
CA VAL A 219 10.61 -21.74 27.67
C VAL A 219 10.29 -20.31 27.60
N LYS A 220 9.01 -20.03 27.44
CA LYS A 220 8.55 -18.67 27.32
C LYS A 220 7.47 -18.48 28.33
N GLU A 221 7.31 -17.23 28.75
CA GLU A 221 6.32 -16.88 29.73
C GLU A 221 4.97 -16.55 29.10
N TYR A 222 4.00 -17.45 29.28
CA TYR A 222 2.65 -17.20 28.79
C TYR A 222 2.08 -15.92 29.35
N VAL A 223 1.40 -15.16 28.50
CA VAL A 223 0.63 -14.02 28.96
C VAL A 223 -0.76 -14.17 28.39
N LEU A 224 -1.73 -13.42 28.91
CA LEU A 224 -3.08 -13.50 28.36
C LEU A 224 -3.28 -12.39 27.34
N PRO A 225 -3.70 -12.79 26.13
CA PRO A 225 -4.04 -11.87 25.04
C PRO A 225 -5.37 -11.19 25.29
N HIS A 226 -5.35 -9.87 25.36
CA HIS A 226 -6.57 -9.08 25.38
C HIS A 226 -7.14 -8.93 23.95
N PHE A 227 -6.27 -8.62 22.98
CA PHE A 227 -6.68 -8.48 21.58
C PHE A 227 -5.56 -8.88 20.62
N SER A 228 -5.94 -9.56 19.55
CA SER A 228 -4.98 -10.11 18.62
C SER A 228 -4.31 -9.02 17.76
N VAL A 229 -3.02 -8.76 18.00
CA VAL A 229 -2.26 -7.91 17.08
C VAL A 229 -1.39 -8.75 16.17
N SER A 230 -1.60 -8.64 14.86
CA SER A 230 -0.74 -9.30 13.89
C SER A 230 0.25 -8.27 13.39
N ILE A 231 1.05 -8.67 12.40
CA ILE A 231 1.97 -7.75 11.75
C ILE A 231 2.56 -8.44 10.53
N GLU A 232 2.18 -7.95 9.35
CA GLU A 232 2.65 -8.49 8.08
C GLU A 232 3.52 -7.46 7.41
N PRO A 233 4.61 -7.94 6.85
CA PRO A 233 5.68 -7.17 6.24
C PRO A 233 5.39 -7.03 4.76
N GLU A 234 5.92 -6.00 4.11
CA GLU A 234 5.72 -5.86 2.68
C GLU A 234 5.98 -7.19 1.96
N TYR A 235 7.22 -7.67 1.99
CA TYR A 235 7.55 -8.96 1.39
C TYR A 235 8.21 -9.78 2.49
N ASN A 236 8.95 -10.83 2.15
CA ASN A 236 9.57 -11.67 3.19
C ASN A 236 11.07 -11.56 3.37
N PHE A 237 11.74 -10.82 2.48
CA PHE A 237 13.17 -10.59 2.58
C PHE A 237 13.31 -9.14 2.32
N ILE A 238 14.45 -8.70 1.88
CA ILE A 238 14.50 -7.32 1.47
C ILE A 238 15.56 -7.23 0.44
N GLY A 239 15.12 -7.41 -0.81
CA GLY A 239 15.95 -7.34 -2.02
C GLY A 239 16.10 -5.92 -2.51
N TYR A 240 17.22 -5.66 -3.16
CA TYR A 240 17.67 -4.31 -3.32
C TYR A 240 16.62 -3.33 -3.80
N LYS A 241 15.50 -3.82 -4.30
CA LYS A 241 14.45 -2.93 -4.79
C LYS A 241 14.02 -1.89 -3.75
N ASN A 242 13.64 -2.35 -2.58
CA ASN A 242 13.33 -1.44 -1.47
C ASN A 242 14.50 -1.47 -0.52
N PHE A 243 15.13 -0.33 -0.29
CA PHE A 243 16.26 -0.33 0.63
C PHE A 243 16.18 0.99 1.35
N LYS A 244 15.39 1.88 0.76
CA LYS A 244 14.96 3.10 1.39
C LYS A 244 13.50 2.97 1.75
N ASN A 245 12.95 1.77 1.57
CA ASN A 245 11.56 1.54 1.99
C ASN A 245 11.00 0.12 2.05
N PHE A 246 10.07 -0.07 3.00
CA PHE A 246 9.38 -1.34 3.24
C PHE A 246 7.98 -1.06 3.81
N GLU A 247 6.93 -1.60 3.22
CA GLU A 247 5.59 -1.36 3.77
C GLU A 247 5.12 -2.46 4.72
N ILE A 248 5.17 -2.13 6.00
CA ILE A 248 4.63 -3.00 7.03
C ILE A 248 3.24 -2.55 7.44
N THR A 249 2.34 -3.52 7.56
CA THR A 249 0.97 -3.28 7.97
C THR A 249 0.66 -4.03 9.26
N ILE A 250 0.28 -3.32 10.32
CA ILE A 250 -0.01 -3.95 11.61
C ILE A 250 -1.50 -3.87 11.91
N LYS A 251 -2.12 -5.01 12.17
CA LYS A 251 -3.58 -5.09 12.23
C LYS A 251 -4.13 -5.64 13.56
N ALA A 252 -4.62 -4.74 14.40
CA ALA A 252 -5.17 -5.13 15.70
C ALA A 252 -6.69 -5.30 15.65
N ARG A 253 -7.22 -6.16 16.52
CA ARG A 253 -8.65 -6.42 16.53
C ARG A 253 -9.05 -7.27 17.73
N TYR A 254 -10.15 -6.90 18.38
CA TYR A 254 -10.63 -7.64 19.54
C TYR A 254 -11.17 -9.01 19.10
N PHE A 255 -11.39 -9.89 20.07
CA PHE A 255 -11.89 -11.23 19.80
C PHE A 255 -13.36 -11.21 19.37
N TYR A 256 -14.10 -10.19 19.82
CA TYR A 256 -15.52 -10.05 19.46
C TYR A 256 -15.79 -9.39 18.09
N ASN A 257 -15.01 -9.82 17.10
CA ASN A 257 -15.11 -9.37 15.70
C ASN A 257 -15.33 -7.87 15.47
N LYS A 258 -14.53 -7.06 16.14
CA LYS A 258 -14.56 -5.61 15.98
C LYS A 258 -13.13 -5.08 16.14
N VAL A 259 -12.58 -4.56 15.06
CA VAL A 259 -11.24 -4.00 15.08
C VAL A 259 -11.13 -2.91 16.13
N VAL A 260 -9.91 -2.65 16.56
CA VAL A 260 -9.64 -1.50 17.41
C VAL A 260 -9.82 -0.22 16.62
N THR A 261 -10.06 0.89 17.29
CA THR A 261 -9.90 2.19 16.67
C THR A 261 -8.67 2.85 17.28
N GLU A 262 -8.82 3.92 18.05
CA GLU A 262 -7.61 4.55 18.58
C GLU A 262 -6.79 3.56 19.37
N ALA A 263 -5.49 3.58 19.12
CA ALA A 263 -4.52 2.80 19.88
C ALA A 263 -3.12 3.40 19.66
N ASP A 264 -2.28 3.38 20.68
CA ASP A 264 -0.95 3.87 20.46
C ASP A 264 -0.09 2.75 19.87
N VAL A 265 0.76 3.12 18.92
CA VAL A 265 1.58 2.17 18.18
C VAL A 265 3.04 2.35 18.57
N TYR A 266 3.70 1.29 19.01
CA TYR A 266 5.13 1.38 19.29
C TYR A 266 5.87 0.28 18.56
N ILE A 267 6.73 0.64 17.62
CA ILE A 267 7.44 -0.40 16.89
C ILE A 267 8.96 -0.32 16.91
N THR A 268 9.57 -1.31 17.53
CA THR A 268 11.02 -1.38 17.46
C THR A 268 11.47 -2.17 16.22
N PHE A 269 12.77 -2.16 15.97
CA PHE A 269 13.36 -3.01 14.94
C PHE A 269 14.70 -3.44 15.42
N GLY A 270 15.33 -4.34 14.68
CA GLY A 270 16.64 -4.80 15.08
C GLY A 270 17.41 -5.54 14.00
N ILE A 271 18.69 -5.72 14.26
CA ILE A 271 19.49 -6.67 13.52
C ILE A 271 19.55 -7.95 14.36
N ARG A 272 20.48 -8.85 14.05
CA ARG A 272 20.43 -10.18 14.63
C ARG A 272 21.40 -10.99 13.81
N GLU A 273 21.62 -12.23 14.19
CA GLU A 273 22.47 -13.04 13.33
C GLU A 273 21.65 -14.12 12.68
N ASP A 274 20.95 -14.88 13.51
CA ASP A 274 20.18 -16.01 13.02
C ASP A 274 18.89 -16.15 13.80
N LEU A 275 18.21 -17.29 13.62
CA LEU A 275 16.99 -17.59 14.37
C LEU A 275 17.24 -18.49 15.61
N LYS A 276 18.50 -18.82 15.88
CA LYS A 276 18.90 -19.59 17.07
C LYS A 276 19.59 -18.68 18.09
N ASP A 277 19.58 -17.37 17.81
CA ASP A 277 20.17 -16.34 18.67
C ASP A 277 19.07 -15.62 19.47
N ASP A 278 19.04 -15.83 20.79
CA ASP A 278 18.04 -15.23 21.67
C ASP A 278 18.23 -13.72 21.87
N GLN A 279 19.27 -13.17 21.24
CA GLN A 279 19.67 -11.78 21.39
C GLN A 279 20.09 -11.10 20.09
N LYS A 280 19.49 -9.93 19.88
CA LYS A 280 19.60 -9.22 18.64
C LYS A 280 19.78 -7.75 18.95
N GLU A 281 20.84 -7.17 18.43
CA GLU A 281 21.23 -5.82 18.79
C GLU A 281 20.39 -4.75 18.11
N MET A 282 19.31 -4.36 18.80
CA MET A 282 18.43 -3.32 18.33
C MET A 282 19.13 -2.14 17.67
N MET A 283 18.25 -1.20 17.31
CA MET A 283 18.56 -0.03 16.52
C MET A 283 17.81 1.07 17.23
N GLN A 284 18.36 2.27 17.19
CA GLN A 284 17.68 3.45 17.69
C GLN A 284 16.95 4.11 16.52
N THR A 285 16.18 5.14 16.82
CA THR A 285 15.40 5.86 15.81
C THR A 285 14.39 4.95 15.08
N ALA A 286 13.87 3.97 15.81
CA ALA A 286 12.78 3.11 15.35
C ALA A 286 11.44 3.72 15.72
N MET A 287 10.66 4.10 14.70
CA MET A 287 9.48 4.96 14.86
C MET A 287 8.41 4.54 15.85
N GLN A 288 8.26 5.39 16.87
CA GLN A 288 7.13 5.35 17.78
C GLN A 288 5.92 6.01 17.14
N ASN A 289 4.74 5.60 17.60
CA ASN A 289 3.47 6.30 17.33
C ASN A 289 3.15 6.73 15.89
N THR A 290 2.15 6.06 15.33
CA THR A 290 1.38 6.60 14.19
C THR A 290 -0.09 6.26 14.46
N MET A 291 -0.35 5.93 15.72
CA MET A 291 -1.68 5.64 16.21
C MET A 291 -2.40 4.65 15.31
N LEU A 292 -2.56 3.43 15.80
CA LEU A 292 -3.35 2.46 15.10
C LEU A 292 -4.62 3.20 14.81
N ILE A 293 -5.09 3.10 13.58
CA ILE A 293 -6.27 3.84 13.22
C ILE A 293 -7.30 3.04 12.41
N ASN A 294 -8.37 2.67 13.11
CA ASN A 294 -9.38 1.75 12.62
C ASN A 294 -8.85 0.40 12.17
N GLY A 295 -8.27 -0.33 13.10
CA GLY A 295 -7.85 -1.68 12.81
C GLY A 295 -6.64 -1.73 11.92
N ILE A 296 -6.04 -0.55 11.66
CA ILE A 296 -4.73 -0.48 11.01
C ILE A 296 -3.92 0.82 11.27
N ALA A 297 -2.79 0.91 10.56
CA ALA A 297 -1.96 2.11 10.34
C ALA A 297 -0.82 1.55 9.50
N GLN A 298 0.26 2.31 9.30
CA GLN A 298 1.37 1.80 8.49
C GLN A 298 2.60 2.67 8.51
N VAL A 299 3.65 2.13 7.89
CA VAL A 299 4.88 2.87 7.64
C VAL A 299 5.77 2.21 6.57
N THR A 300 6.96 2.79 6.35
CA THR A 300 7.87 2.40 5.29
C THR A 300 9.30 2.79 5.67
N PHE A 301 10.20 1.82 5.64
CA PHE A 301 11.35 1.88 6.54
C PHE A 301 12.69 1.89 5.81
N ASP A 302 13.11 3.09 5.41
CA ASP A 302 14.38 3.30 4.71
C ASP A 302 15.49 2.62 5.47
N SER A 303 15.83 1.41 5.05
CA SER A 303 16.79 0.57 5.75
C SER A 303 18.17 1.25 5.90
N GLU A 304 18.50 2.06 4.90
CA GLU A 304 19.75 2.82 4.82
C GLU A 304 20.10 3.49 6.13
N THR A 305 19.44 4.61 6.34
CA THR A 305 19.43 5.29 7.60
C THR A 305 19.61 4.21 8.64
N ALA A 306 18.49 3.66 9.10
CA ALA A 306 18.45 2.91 10.36
C ALA A 306 19.29 1.63 10.45
N VAL A 307 20.61 1.78 10.32
CA VAL A 307 21.61 0.79 10.72
C VAL A 307 23.02 1.38 10.71
N LYS A 308 23.30 2.24 9.72
CA LYS A 308 24.64 2.78 9.53
C LYS A 308 25.25 3.21 10.86
N GLU A 309 24.92 4.41 11.32
CA GLU A 309 25.42 4.84 12.61
C GLU A 309 24.81 3.98 13.72
N LEU A 310 23.78 3.20 13.39
CA LEU A 310 23.05 2.47 14.43
C LEU A 310 23.58 1.05 14.74
N SER A 311 24.66 0.68 14.05
CA SER A 311 25.44 -0.53 14.34
C SER A 311 26.59 -0.64 13.34
N TYR A 312 27.35 -1.74 13.40
CA TYR A 312 28.51 -2.00 12.50
C TYR A 312 28.18 -2.10 10.96
N TYR A 313 26.90 -1.96 10.56
CA TYR A 313 26.48 -2.00 9.15
C TYR A 313 26.15 -0.60 8.55
N SER A 314 26.98 -0.12 7.63
CA SER A 314 26.70 1.13 6.91
C SER A 314 26.44 0.83 5.42
N LEU A 315 26.78 -0.41 5.04
CA LEU A 315 26.73 -0.91 3.67
C LEU A 315 25.57 -1.87 3.39
N GLU A 316 24.82 -1.60 2.31
CA GLU A 316 23.84 -2.54 1.82
C GLU A 316 24.58 -3.87 1.88
N ASP A 317 25.09 -4.27 0.72
CA ASP A 317 26.15 -5.24 0.66
C ASP A 317 26.37 -5.85 2.04
N LEU A 318 27.08 -5.09 2.90
CA LEU A 318 27.46 -5.51 4.26
C LEU A 318 26.26 -6.01 5.05
N ASN A 319 25.22 -6.44 4.35
CA ASN A 319 24.15 -7.12 5.01
C ASN A 319 23.61 -8.33 4.31
N ASN A 320 23.74 -9.49 4.95
CA ASN A 320 23.16 -10.72 4.44
C ASN A 320 22.64 -11.52 5.59
N LYS A 321 22.50 -10.79 6.69
CA LYS A 321 21.87 -11.25 7.91
C LYS A 321 20.47 -10.66 7.99
N TYR A 322 19.88 -10.70 9.18
CA TYR A 322 18.44 -10.48 9.30
C TYR A 322 17.94 -9.07 9.61
N LEU A 323 16.61 -8.95 9.69
CA LEU A 323 15.86 -7.74 10.13
C LEU A 323 14.66 -8.11 11.05
N TYR A 324 14.81 -7.89 12.38
CA TYR A 324 13.81 -8.28 13.41
C TYR A 324 12.85 -7.16 13.75
N ILE A 325 11.56 -7.52 13.78
CA ILE A 325 10.48 -6.57 14.08
C ILE A 325 9.65 -6.95 15.32
N ALA A 326 9.23 -5.93 16.05
CA ALA A 326 8.38 -6.07 17.22
C ALA A 326 7.61 -4.78 17.45
N VAL A 327 6.30 -4.93 17.49
CA VAL A 327 5.41 -3.82 17.78
C VAL A 327 4.88 -4.02 19.21
N THR A 328 4.32 -2.96 19.77
CA THR A 328 3.41 -3.02 20.91
C THR A 328 2.25 -2.07 20.56
N VAL A 329 1.02 -2.58 20.69
CA VAL A 329 -0.19 -1.80 20.47
C VAL A 329 -1.05 -1.85 21.74
N ILE A 330 -0.96 -0.80 22.55
CA ILE A 330 -1.82 -0.66 23.73
C ILE A 330 -3.06 0.13 23.30
N GLU A 331 -4.24 -0.45 23.55
CA GLU A 331 -5.51 0.12 23.09
C GLU A 331 -5.86 1.41 23.81
N SER A 332 -6.42 2.38 23.08
CA SER A 332 -6.69 3.71 23.63
C SER A 332 -7.87 3.77 24.58
N THR A 333 -8.90 2.99 24.29
CA THR A 333 -10.10 3.04 25.11
C THR A 333 -9.88 2.38 26.49
N GLY A 334 -9.46 1.12 26.50
CA GLY A 334 -9.35 0.37 27.74
C GLY A 334 -8.13 0.61 28.61
N GLY A 335 -6.99 0.91 27.99
CA GLY A 335 -5.75 1.09 28.73
C GLY A 335 -4.94 -0.19 28.77
N PHE A 336 -5.42 -1.20 28.03
CA PHE A 336 -4.72 -2.46 27.91
C PHE A 336 -3.37 -2.30 27.23
N SER A 337 -2.73 -3.43 26.96
CA SER A 337 -1.53 -3.46 26.15
C SER A 337 -1.40 -4.81 25.49
N GLU A 338 -0.95 -4.81 24.24
CA GLU A 338 -0.70 -6.06 23.52
C GLU A 338 0.60 -5.95 22.72
N GLU A 339 1.37 -7.02 22.69
CA GLU A 339 2.65 -6.99 21.99
C GLU A 339 2.69 -8.03 20.89
N ALA A 340 3.50 -7.79 19.88
CA ALA A 340 3.62 -8.71 18.74
C ALA A 340 4.93 -8.51 17.98
N GLU A 341 5.58 -9.60 17.61
CA GLU A 341 6.92 -9.50 17.06
C GLU A 341 7.08 -10.30 15.79
N ILE A 342 8.11 -9.95 15.01
CA ILE A 342 8.55 -10.78 13.89
C ILE A 342 10.01 -11.15 14.02
N PRO A 343 10.28 -12.47 14.03
CA PRO A 343 11.61 -12.99 14.35
C PRO A 343 12.63 -12.15 13.63
N GLY A 344 12.57 -12.32 12.31
CA GLY A 344 13.45 -11.62 11.41
C GLY A 344 12.94 -11.60 9.99
N ILE A 345 13.68 -10.87 9.17
CA ILE A 345 13.36 -10.65 7.79
C ILE A 345 14.72 -10.62 7.11
N LYS A 346 15.13 -11.73 6.52
CA LYS A 346 16.48 -11.85 5.95
C LYS A 346 16.68 -10.83 4.83
N TYR A 347 17.61 -9.89 4.98
CA TYR A 347 18.00 -9.02 3.86
C TYR A 347 18.63 -9.86 2.80
N VAL A 348 18.64 -9.42 1.55
CA VAL A 348 19.49 -10.10 0.54
C VAL A 348 20.20 -9.10 -0.34
N LEU A 349 21.28 -9.56 -0.88
CA LEU A 349 22.01 -8.77 -1.81
C LEU A 349 21.33 -8.94 -3.16
N SER A 350 21.46 -10.17 -3.69
CA SER A 350 21.00 -10.63 -5.02
C SER A 350 20.18 -11.93 -4.87
N PRO A 351 18.97 -11.95 -5.42
CA PRO A 351 17.92 -12.94 -5.11
C PRO A 351 18.23 -14.34 -5.61
N TYR A 352 19.41 -14.52 -6.16
CA TYR A 352 19.89 -15.83 -6.62
C TYR A 352 21.18 -16.20 -5.89
N LYS A 353 21.49 -17.49 -5.83
CA LYS A 353 22.67 -17.93 -5.13
C LYS A 353 23.31 -19.12 -5.79
N LEU A 354 24.46 -18.92 -6.42
CA LEU A 354 25.09 -19.98 -7.17
C LEU A 354 25.68 -21.00 -6.23
N ASN A 355 25.76 -22.25 -6.66
CA ASN A 355 26.55 -23.22 -5.95
C ASN A 355 26.94 -24.37 -6.83
N LEU A 356 28.23 -24.49 -7.10
CA LEU A 356 28.74 -25.56 -7.93
C LEU A 356 27.99 -26.85 -7.62
N VAL A 357 27.93 -27.79 -8.57
CA VAL A 357 27.24 -29.04 -8.28
C VAL A 357 27.89 -30.32 -8.79
N ALA A 358 28.06 -31.30 -7.92
CA ALA A 358 28.80 -32.51 -8.27
C ALA A 358 29.92 -32.23 -9.29
N THR A 359 30.78 -31.24 -8.97
CA THR A 359 31.90 -30.81 -9.83
C THR A 359 33.26 -30.65 -9.10
N PRO A 360 34.06 -31.74 -8.99
CA PRO A 360 35.38 -31.80 -8.35
C PRO A 360 36.29 -30.64 -8.78
N LEU A 361 37.17 -30.14 -7.89
CA LEU A 361 38.05 -29.00 -8.20
C LEU A 361 39.54 -29.31 -8.44
N PHE A 362 39.79 -30.47 -9.03
CA PHE A 362 41.08 -30.81 -9.61
C PHE A 362 40.96 -31.29 -11.06
N LEU A 363 41.39 -30.43 -11.97
CA LEU A 363 41.33 -30.78 -13.35
C LEU A 363 42.50 -31.67 -13.70
N LYS A 364 42.22 -32.93 -13.97
CA LYS A 364 43.21 -33.77 -14.62
C LYS A 364 43.60 -33.05 -15.93
N PRO A 365 44.81 -33.33 -16.49
CA PRO A 365 45.28 -32.59 -17.68
C PRO A 365 44.88 -33.22 -19.01
N GLY A 366 44.74 -32.39 -20.03
CA GLY A 366 44.31 -32.89 -21.32
C GLY A 366 42.82 -33.16 -21.38
N ILE A 367 42.24 -33.69 -20.31
CA ILE A 367 40.78 -33.84 -20.23
C ILE A 367 40.18 -32.43 -20.20
N PRO A 368 38.91 -32.29 -20.63
CA PRO A 368 38.24 -31.00 -20.49
C PRO A 368 37.57 -30.93 -19.12
N TYR A 369 37.59 -29.76 -18.53
CA TYR A 369 37.02 -29.63 -17.20
C TYR A 369 35.51 -29.32 -17.22
N PRO A 370 34.71 -30.10 -16.45
CA PRO A 370 33.24 -30.01 -16.33
C PRO A 370 32.71 -29.02 -15.27
N ILE A 371 32.42 -27.78 -15.62
CA ILE A 371 31.92 -26.83 -14.61
C ILE A 371 30.37 -26.69 -14.54
N LYS A 372 29.74 -27.31 -13.54
CA LYS A 372 28.27 -27.26 -13.41
C LYS A 372 27.79 -26.37 -12.28
N VAL A 373 27.60 -25.08 -12.56
CA VAL A 373 27.01 -24.16 -11.59
C VAL A 373 25.51 -24.37 -11.52
N GLN A 374 24.81 -23.77 -10.55
CA GLN A 374 23.41 -24.09 -10.29
C GLN A 374 22.73 -23.00 -9.50
N VAL A 375 21.92 -22.21 -10.19
CA VAL A 375 21.29 -21.05 -9.58
C VAL A 375 20.10 -21.41 -8.73
N LYS A 376 19.89 -20.62 -7.69
CA LYS A 376 18.74 -20.75 -6.83
C LYS A 376 18.32 -19.36 -6.38
N ASP A 377 17.19 -19.32 -5.73
CA ASP A 377 16.59 -18.08 -5.31
C ASP A 377 16.70 -17.97 -3.82
N SER A 378 16.26 -16.83 -3.30
CA SER A 378 16.28 -16.55 -1.88
C SER A 378 15.56 -17.60 -1.03
N LEU A 379 14.85 -18.51 -1.68
CA LEU A 379 14.05 -19.50 -0.98
C LEU A 379 14.49 -20.94 -1.21
N ASP A 380 15.61 -21.06 -1.93
CA ASP A 380 16.27 -22.35 -2.15
C ASP A 380 15.47 -23.38 -2.93
N GLN A 381 14.87 -22.92 -4.02
CA GLN A 381 14.46 -23.80 -5.10
C GLN A 381 15.37 -23.52 -6.27
N LEU A 382 15.41 -24.45 -7.20
CA LEU A 382 16.16 -24.27 -8.42
C LEU A 382 15.43 -23.25 -9.26
N VAL A 383 16.15 -22.47 -10.06
CA VAL A 383 15.48 -21.51 -10.93
C VAL A 383 16.18 -21.51 -12.26
N GLY A 384 15.45 -21.94 -13.29
CA GLY A 384 16.04 -22.17 -14.58
C GLY A 384 15.88 -20.97 -15.47
N GLY A 385 16.65 -20.96 -16.55
CA GLY A 385 16.52 -19.94 -17.58
C GLY A 385 17.23 -18.66 -17.22
N VAL A 386 18.45 -18.80 -16.73
CA VAL A 386 19.17 -17.66 -16.23
C VAL A 386 20.58 -17.72 -16.72
N PRO A 387 21.12 -16.56 -17.14
CA PRO A 387 22.45 -16.30 -17.69
C PRO A 387 23.58 -16.52 -16.65
N VAL A 388 24.80 -16.89 -17.06
CA VAL A 388 25.79 -17.44 -16.15
C VAL A 388 27.24 -17.24 -16.61
N THR A 389 27.70 -15.98 -16.75
CA THR A 389 29.03 -15.72 -17.31
C THR A 389 30.20 -16.31 -16.52
N LEU A 390 31.04 -17.13 -17.18
CA LEU A 390 32.17 -17.84 -16.52
C LEU A 390 33.57 -17.34 -16.91
N ASN A 391 34.03 -16.22 -16.36
CA ASN A 391 35.41 -15.78 -16.58
C ASN A 391 36.40 -16.64 -15.80
N ALA A 392 37.49 -17.03 -16.43
CA ALA A 392 38.43 -17.92 -15.76
C ALA A 392 39.82 -17.33 -15.89
N GLN A 393 40.80 -17.98 -15.26
CA GLN A 393 42.21 -17.58 -15.31
C GLN A 393 43.05 -18.80 -14.92
N THR A 394 44.23 -18.89 -15.49
CA THR A 394 45.05 -20.06 -15.29
C THR A 394 46.50 -19.69 -15.49
N ILE A 395 47.40 -20.61 -15.12
CA ILE A 395 48.82 -20.37 -15.29
C ILE A 395 49.50 -21.67 -15.73
N ASP A 396 50.52 -21.53 -16.54
CA ASP A 396 51.20 -22.68 -17.11
C ASP A 396 51.93 -23.30 -15.97
N VAL A 397 52.41 -24.53 -16.14
CA VAL A 397 53.44 -25.07 -15.26
C VAL A 397 54.67 -24.19 -15.51
N ASN A 398 54.71 -23.64 -16.71
CA ASN A 398 55.77 -22.72 -17.13
C ASN A 398 55.70 -21.40 -16.38
N GLN A 399 54.92 -21.38 -15.29
CA GLN A 399 54.61 -20.13 -14.58
C GLN A 399 54.28 -19.01 -15.57
N GLU A 400 53.44 -19.33 -16.56
CA GLU A 400 52.89 -18.38 -17.52
C GLU A 400 51.38 -18.24 -17.34
N THR A 401 50.86 -17.01 -17.34
CA THR A 401 49.44 -16.79 -17.08
C THR A 401 48.58 -16.85 -18.32
N SER A 402 47.28 -16.83 -18.10
CA SER A 402 46.32 -16.90 -19.18
C SER A 402 44.99 -16.32 -18.73
N ASP A 403 44.57 -15.26 -19.40
CA ASP A 403 43.21 -14.76 -19.25
C ASP A 403 42.27 -15.32 -20.31
N LEU A 404 41.40 -16.20 -19.87
CA LEU A 404 40.44 -16.79 -20.76
C LEU A 404 39.40 -15.82 -21.28
N ASP A 405 38.47 -16.44 -21.99
CA ASP A 405 37.42 -15.78 -22.72
C ASP A 405 36.10 -16.24 -22.21
N PRO A 406 35.23 -15.26 -22.02
CA PRO A 406 34.02 -15.30 -21.21
C PRO A 406 33.07 -16.28 -21.83
N SER A 407 32.79 -17.37 -21.16
CA SER A 407 31.72 -18.21 -21.64
C SER A 407 30.48 -17.79 -20.92
N LYS A 408 29.32 -18.05 -21.52
CA LYS A 408 28.02 -17.76 -20.92
C LYS A 408 27.07 -18.82 -21.35
N SER A 409 26.49 -19.53 -20.40
CA SER A 409 25.42 -20.43 -20.71
C SER A 409 24.25 -19.80 -20.08
N VAL A 410 23.18 -20.58 -20.00
CA VAL A 410 22.03 -20.24 -19.23
C VAL A 410 21.53 -21.52 -18.57
N THR A 411 20.99 -21.34 -17.38
CA THR A 411 20.61 -22.44 -16.52
C THR A 411 19.44 -23.20 -17.11
N ARG A 412 19.56 -24.53 -17.14
CA ARG A 412 18.49 -25.42 -17.60
C ARG A 412 17.14 -25.21 -16.89
N VAL A 413 16.07 -25.75 -17.48
CA VAL A 413 14.69 -25.53 -17.01
C VAL A 413 14.24 -26.59 -16.03
N ASP A 414 14.68 -27.81 -16.28
CA ASP A 414 14.38 -28.95 -15.43
C ASP A 414 15.50 -29.18 -14.44
N ASP A 415 16.66 -28.57 -14.71
CA ASP A 415 17.91 -28.90 -14.06
C ASP A 415 18.38 -27.84 -13.07
N GLY A 416 18.20 -26.59 -13.45
CA GLY A 416 18.67 -25.48 -12.66
C GLY A 416 20.16 -25.38 -12.86
N VAL A 417 20.68 -26.26 -13.70
CA VAL A 417 22.10 -26.32 -13.97
C VAL A 417 22.49 -25.60 -15.23
N ALA A 418 23.49 -24.73 -15.11
CA ALA A 418 24.12 -24.11 -16.25
C ALA A 418 25.46 -24.80 -16.57
N SER A 419 25.41 -25.89 -17.34
CA SER A 419 26.61 -26.66 -17.65
C SER A 419 27.63 -25.87 -18.46
N PHE A 420 28.91 -26.01 -18.12
CA PHE A 420 29.99 -25.42 -18.90
C PHE A 420 31.04 -26.46 -19.21
N VAL A 421 32.04 -26.09 -20.01
CA VAL A 421 33.24 -26.90 -20.19
C VAL A 421 34.30 -26.01 -20.80
N LEU A 422 35.46 -25.92 -20.15
CA LEU A 422 36.67 -25.37 -20.74
C LEU A 422 37.66 -26.51 -20.93
N ASN A 423 38.27 -26.57 -22.11
CA ASN A 423 39.21 -27.62 -22.43
C ASN A 423 40.56 -27.05 -22.05
N LEU A 424 41.35 -27.78 -21.27
CA LEU A 424 42.55 -27.16 -20.69
C LEU A 424 43.92 -27.65 -21.15
N PRO A 425 44.77 -26.69 -21.56
CA PRO A 425 46.12 -26.92 -22.06
C PRO A 425 46.96 -27.71 -21.08
N SER A 426 46.86 -29.04 -21.08
CA SER A 426 47.51 -29.95 -20.12
C SER A 426 48.49 -29.34 -19.09
N GLY A 427 49.34 -28.41 -19.55
CA GLY A 427 50.26 -27.68 -18.69
C GLY A 427 49.58 -26.72 -17.73
N VAL A 428 48.26 -26.76 -17.69
CA VAL A 428 47.55 -25.97 -16.71
C VAL A 428 47.91 -26.55 -15.35
N THR A 429 47.35 -25.98 -14.28
CA THR A 429 47.94 -26.05 -12.95
C THR A 429 46.89 -25.91 -11.87
N VAL A 430 46.63 -24.64 -11.63
CA VAL A 430 45.54 -24.20 -10.82
C VAL A 430 44.70 -23.39 -11.74
N LEU A 431 43.41 -23.43 -11.51
CA LEU A 431 42.47 -22.77 -12.37
C LEU A 431 41.61 -22.01 -11.43
N GLU A 432 41.71 -20.70 -11.48
CA GLU A 432 40.77 -19.88 -10.76
C GLU A 432 39.69 -19.42 -11.77
N PHE A 433 38.43 -19.36 -11.35
CA PHE A 433 37.36 -18.90 -12.23
C PHE A 433 36.21 -18.23 -11.47
N ASN A 434 35.57 -17.24 -12.09
CA ASN A 434 34.39 -16.59 -11.50
C ASN A 434 33.07 -16.85 -12.26
N VAL A 435 32.11 -17.45 -11.57
CA VAL A 435 30.76 -17.57 -12.10
C VAL A 435 29.95 -16.37 -11.66
N LYS A 436 28.82 -16.12 -12.31
CA LYS A 436 27.93 -15.03 -11.93
C LYS A 436 26.70 -15.01 -12.84
N THR A 437 25.54 -14.71 -12.29
CA THR A 437 24.37 -14.53 -13.11
C THR A 437 24.51 -13.21 -13.83
N ASP A 438 23.95 -13.13 -15.03
CA ASP A 438 23.85 -11.86 -15.73
C ASP A 438 22.41 -11.61 -16.08
N ALA A 439 21.56 -11.97 -15.13
CA ALA A 439 20.18 -11.57 -15.20
C ALA A 439 20.23 -10.23 -15.87
N PRO A 440 19.27 -10.00 -16.73
CA PRO A 440 19.39 -8.82 -17.57
C PRO A 440 18.78 -7.66 -16.84
N ASP A 441 17.85 -7.98 -15.93
CA ASP A 441 17.10 -7.00 -15.16
C ASP A 441 17.75 -6.51 -13.81
N LEU A 442 18.78 -7.18 -13.31
CA LEU A 442 19.29 -6.87 -11.98
C LEU A 442 20.37 -5.81 -12.01
N PRO A 443 20.45 -5.01 -10.97
CA PRO A 443 21.66 -4.20 -11.01
C PRO A 443 22.81 -5.16 -11.19
N GLU A 444 23.84 -4.75 -11.92
CA GLU A 444 25.06 -5.51 -11.90
C GLU A 444 25.29 -5.77 -10.42
N GLU A 445 25.43 -4.70 -9.64
CA GLU A 445 25.62 -4.81 -8.21
C GLU A 445 25.04 -6.09 -7.69
N ASN A 446 23.75 -6.27 -7.95
CA ASN A 446 22.99 -7.24 -7.20
C ASN A 446 22.91 -8.57 -7.87
N GLN A 447 23.92 -8.89 -8.64
CA GLN A 447 23.97 -10.16 -9.33
C GLN A 447 24.72 -11.16 -8.49
N ALA A 448 24.07 -12.26 -8.14
CA ALA A 448 24.70 -13.32 -7.36
C ALA A 448 25.95 -13.88 -8.04
N ARG A 449 27.02 -14.11 -7.27
CA ARG A 449 28.25 -14.71 -7.79
C ARG A 449 29.11 -15.56 -6.84
N GLU A 450 30.14 -16.18 -7.40
CA GLU A 450 31.03 -17.05 -6.67
C GLU A 450 32.36 -17.04 -7.36
N GLY A 451 33.27 -17.84 -6.84
CA GLY A 451 34.58 -17.94 -7.39
C GLY A 451 35.03 -19.25 -6.79
N TYR A 452 35.98 -19.93 -7.43
CA TYR A 452 36.53 -21.19 -6.91
C TYR A 452 38.00 -21.44 -7.30
N ARG A 453 38.41 -22.70 -7.42
CA ARG A 453 39.79 -23.06 -7.80
C ARG A 453 39.95 -24.57 -8.14
N ALA A 454 40.61 -24.90 -9.25
CA ALA A 454 40.86 -26.32 -9.56
C ALA A 454 42.34 -26.59 -9.69
N ILE A 455 42.76 -27.82 -9.48
CA ILE A 455 44.18 -28.07 -9.44
C ILE A 455 44.58 -29.43 -9.96
N ALA A 456 45.73 -29.47 -10.62
CA ALA A 456 46.18 -30.69 -11.30
C ALA A 456 46.71 -31.81 -10.39
N TYR A 457 45.98 -32.93 -10.36
CA TYR A 457 46.42 -34.18 -9.73
C TYR A 457 47.80 -34.46 -10.26
N SER A 458 48.79 -33.83 -9.63
CA SER A 458 50.16 -33.98 -10.04
C SER A 458 50.53 -35.45 -9.80
N SER A 459 51.33 -35.99 -10.71
CA SER A 459 51.75 -37.38 -10.67
C SER A 459 52.88 -37.53 -11.68
N LEU A 460 54.05 -37.96 -11.20
CA LEU A 460 55.23 -37.94 -12.03
C LEU A 460 55.16 -38.91 -13.21
N SER A 461 54.47 -40.04 -13.05
CA SER A 461 54.30 -41.01 -14.15
C SER A 461 53.54 -40.38 -15.33
N GLN A 462 53.26 -39.09 -15.22
CA GLN A 462 52.46 -38.37 -16.19
C GLN A 462 51.06 -38.97 -16.24
N SER A 463 50.85 -39.99 -15.42
CA SER A 463 49.61 -40.77 -15.42
C SER A 463 48.50 -40.15 -14.58
N TYR A 464 47.30 -40.04 -15.14
CA TYR A 464 46.13 -39.54 -14.40
C TYR A 464 44.94 -40.45 -14.54
N LEU A 465 43.81 -39.98 -14.05
CA LEU A 465 42.57 -40.74 -14.18
C LEU A 465 41.44 -39.72 -14.08
N TYR A 466 40.30 -40.05 -14.72
CA TYR A 466 39.06 -39.28 -14.64
C TYR A 466 37.95 -40.27 -14.80
N ILE A 467 37.04 -40.28 -13.85
CA ILE A 467 35.87 -41.08 -14.03
C ILE A 467 34.64 -40.19 -13.95
N ASP A 468 33.63 -40.50 -14.77
CA ASP A 468 32.35 -39.78 -14.87
C ASP A 468 31.19 -40.78 -15.02
N TRP A 469 30.02 -40.26 -15.38
CA TRP A 469 28.82 -41.05 -15.59
C TRP A 469 27.75 -40.05 -15.97
N THR A 470 26.62 -40.51 -16.51
CA THR A 470 25.53 -39.55 -16.64
C THR A 470 24.16 -40.06 -16.27
N ASP A 471 23.47 -39.19 -15.54
CA ASP A 471 22.06 -39.31 -15.20
C ASP A 471 21.44 -37.89 -15.22
N ASN A 472 20.25 -37.75 -15.83
CA ASN A 472 19.51 -36.49 -15.93
C ASN A 472 18.75 -36.03 -14.67
N HIS A 473 18.58 -36.94 -13.70
CA HIS A 473 17.92 -36.64 -12.43
C HIS A 473 18.90 -36.43 -11.28
N LYS A 474 18.55 -35.48 -10.40
CA LYS A 474 19.44 -34.96 -9.38
C LYS A 474 19.81 -36.01 -8.34
N ALA A 475 19.17 -37.17 -8.45
CA ALA A 475 19.45 -38.29 -7.58
C ALA A 475 19.31 -39.60 -8.34
N LEU A 476 19.87 -40.67 -7.78
CA LEU A 476 19.96 -41.91 -8.48
C LEU A 476 19.32 -42.98 -7.63
N LEU A 477 18.01 -43.04 -7.78
CA LEU A 477 17.14 -43.98 -7.14
C LEU A 477 17.85 -45.30 -6.93
N VAL A 478 17.39 -46.05 -5.93
CA VAL A 478 17.92 -47.36 -5.66
C VAL A 478 17.31 -48.34 -6.62
N GLY A 479 18.11 -49.26 -7.13
CA GLY A 479 17.62 -50.27 -8.06
C GLY A 479 18.15 -50.00 -9.46
N GLU A 480 18.25 -48.72 -9.79
CA GLU A 480 18.86 -48.26 -11.03
C GLU A 480 20.19 -48.91 -11.26
N HIS A 481 20.93 -48.39 -12.21
CA HIS A 481 22.25 -48.92 -12.40
C HIS A 481 23.20 -47.83 -12.81
N LEU A 482 24.41 -47.88 -12.28
CA LEU A 482 25.36 -46.83 -12.57
C LEU A 482 26.35 -47.17 -13.69
N ASN A 483 26.17 -46.52 -14.83
CA ASN A 483 27.19 -46.54 -15.87
C ASN A 483 28.19 -45.41 -15.72
N ILE A 484 29.42 -45.82 -15.38
CA ILE A 484 30.55 -44.91 -15.22
C ILE A 484 31.69 -45.19 -16.20
N ILE A 485 32.14 -44.13 -16.86
CA ILE A 485 33.15 -44.21 -17.89
C ILE A 485 34.46 -43.96 -17.20
N VAL A 486 35.44 -44.78 -17.51
CA VAL A 486 36.70 -44.77 -16.79
C VAL A 486 37.81 -44.41 -17.76
N THR A 487 37.98 -43.12 -18.05
CA THR A 487 38.96 -42.68 -19.04
C THR A 487 40.34 -42.41 -18.44
N PRO A 488 41.28 -43.36 -18.57
CA PRO A 488 42.61 -43.15 -17.97
C PRO A 488 43.48 -42.13 -18.70
N LYS A 489 42.94 -41.52 -19.76
CA LYS A 489 43.64 -40.55 -20.61
C LYS A 489 44.98 -40.03 -20.09
N SER A 490 46.00 -40.07 -20.96
CA SER A 490 47.31 -39.47 -20.69
C SER A 490 48.46 -40.45 -20.35
N PRO A 491 48.38 -41.15 -19.19
CA PRO A 491 49.51 -42.02 -18.84
C PRO A 491 50.37 -42.42 -20.04
N TYR A 492 51.65 -42.08 -19.99
CA TYR A 492 52.50 -42.28 -21.13
C TYR A 492 52.15 -43.60 -21.74
N ILE A 493 51.63 -44.53 -20.92
CA ILE A 493 51.23 -45.83 -21.45
C ILE A 493 49.95 -46.47 -20.89
N ASP A 494 49.48 -47.50 -21.63
CA ASP A 494 48.21 -48.16 -21.44
C ASP A 494 48.34 -49.58 -20.89
N LYS A 495 49.50 -49.93 -20.35
CA LYS A 495 49.78 -51.32 -19.98
C LYS A 495 48.96 -51.81 -18.80
N ILE A 496 47.75 -51.27 -18.72
CA ILE A 496 46.88 -51.47 -17.57
C ILE A 496 46.32 -52.87 -17.47
N THR A 497 46.61 -53.51 -16.35
CA THR A 497 46.01 -54.77 -16.02
C THR A 497 44.52 -54.59 -15.75
N HIS A 498 44.20 -54.14 -14.54
CA HIS A 498 42.82 -54.15 -14.08
C HIS A 498 42.38 -52.79 -13.55
N TYR A 499 41.09 -52.50 -13.71
CA TYR A 499 40.49 -51.40 -12.98
C TYR A 499 39.96 -51.95 -11.68
N ASN A 500 40.10 -51.14 -10.63
CA ASN A 500 39.74 -51.50 -9.25
C ASN A 500 38.96 -50.38 -8.56
N TYR A 501 37.82 -50.71 -7.99
CA TYR A 501 37.00 -49.69 -7.40
C TYR A 501 36.75 -49.88 -5.92
N LEU A 502 36.11 -48.87 -5.34
CA LEU A 502 35.93 -48.86 -3.92
C LEU A 502 34.79 -47.91 -3.61
N ILE A 503 33.74 -48.40 -2.97
CA ILE A 503 32.57 -47.58 -2.65
C ILE A 503 32.20 -47.56 -1.15
N LEU A 504 32.54 -46.43 -0.51
CA LEU A 504 32.23 -46.18 0.90
C LEU A 504 30.87 -45.52 1.01
N SER A 505 30.29 -45.60 2.19
CA SER A 505 28.96 -45.07 2.39
C SER A 505 28.72 -44.99 3.87
N LYS A 506 28.52 -43.78 4.36
CA LYS A 506 28.40 -43.62 5.79
C LYS A 506 29.72 -44.05 6.41
N GLY A 507 30.82 -43.48 5.93
CA GLY A 507 32.14 -43.74 6.48
C GLY A 507 32.62 -45.18 6.39
N LYS A 508 31.81 -46.05 5.76
CA LYS A 508 32.12 -47.47 5.65
C LYS A 508 32.25 -47.95 4.20
N ILE A 509 33.37 -48.61 3.90
CA ILE A 509 33.48 -49.29 2.63
C ILE A 509 32.42 -50.37 2.62
N ILE A 510 31.84 -50.63 1.46
CA ILE A 510 30.83 -51.67 1.34
C ILE A 510 30.87 -52.29 -0.04
N HIS A 511 31.54 -51.62 -0.98
CA HIS A 511 31.73 -52.21 -2.28
C HIS A 511 33.13 -52.02 -2.82
N PHE A 512 33.56 -53.00 -3.61
CA PHE A 512 34.87 -53.01 -4.21
C PHE A 512 34.92 -54.22 -5.13
N GLY A 513 35.84 -54.23 -6.09
CA GLY A 513 35.99 -55.35 -7.01
C GLY A 513 37.00 -55.05 -8.11
N THR A 514 36.94 -55.80 -9.21
CA THR A 514 37.77 -55.47 -10.38
C THR A 514 37.19 -55.86 -11.72
N ARG A 515 37.29 -54.94 -12.67
CA ARG A 515 36.88 -55.19 -14.04
C ARG A 515 38.14 -55.29 -14.89
N GLU A 516 38.33 -56.40 -15.59
CA GLU A 516 39.48 -56.55 -16.47
C GLU A 516 39.47 -55.47 -17.54
N LYS A 517 40.60 -54.79 -17.71
CA LYS A 517 40.70 -53.70 -18.66
C LYS A 517 40.53 -54.15 -20.12
N PHE A 518 39.84 -53.31 -20.89
CA PHE A 518 39.58 -53.56 -22.31
C PHE A 518 40.82 -53.33 -23.17
N SER A 519 41.45 -54.44 -23.53
CA SER A 519 42.75 -54.43 -24.17
C SER A 519 42.86 -53.29 -25.14
N ASP A 520 42.54 -53.55 -26.39
CA ASP A 520 42.64 -52.55 -27.44
C ASP A 520 42.38 -51.15 -26.94
N ALA A 521 41.14 -50.71 -27.05
CA ALA A 521 40.78 -49.31 -26.89
C ALA A 521 41.03 -48.74 -25.49
N SER A 522 40.87 -47.44 -25.43
CA SER A 522 41.07 -46.63 -24.25
C SER A 522 40.15 -47.04 -23.11
N TYR A 523 39.27 -46.12 -22.78
CA TYR A 523 38.37 -46.23 -21.64
C TYR A 523 37.48 -47.45 -21.70
N GLN A 524 36.56 -47.51 -20.75
CA GLN A 524 35.49 -48.47 -20.81
C GLN A 524 34.53 -48.31 -19.65
N SER A 525 33.34 -48.85 -19.84
CA SER A 525 32.25 -48.70 -18.88
C SER A 525 32.44 -49.61 -17.66
N ILE A 526 32.01 -49.10 -16.50
CA ILE A 526 31.87 -49.92 -15.30
C ILE A 526 30.43 -49.81 -14.82
N ASN A 527 29.82 -50.95 -14.47
CA ASN A 527 28.42 -50.89 -14.05
C ASN A 527 28.08 -51.51 -12.70
N ILE A 528 27.99 -50.64 -11.71
CA ILE A 528 27.69 -51.01 -10.35
C ILE A 528 26.24 -50.69 -9.98
N PRO A 529 25.48 -51.74 -9.64
CA PRO A 529 24.13 -51.68 -9.07
C PRO A 529 24.13 -50.82 -7.82
N VAL A 530 23.45 -49.68 -7.87
CA VAL A 530 23.28 -48.90 -6.67
C VAL A 530 22.54 -49.79 -5.68
N THR A 531 23.09 -49.93 -4.48
CA THR A 531 22.44 -50.79 -3.54
C THR A 531 21.85 -49.99 -2.41
N GLN A 532 20.72 -50.48 -1.92
CA GLN A 532 20.11 -49.90 -0.73
C GLN A 532 21.20 -49.50 0.28
N ASN A 533 22.31 -50.26 0.29
CA ASN A 533 23.39 -50.06 1.25
C ASN A 533 24.17 -48.77 1.08
N MET A 534 23.76 -47.94 0.14
CA MET A 534 24.44 -46.69 -0.06
C MET A 534 23.43 -45.61 0.20
N VAL A 535 22.32 -46.05 0.75
CA VAL A 535 21.13 -45.23 0.90
C VAL A 535 21.37 -43.72 1.02
N PRO A 536 22.16 -43.30 1.99
CA PRO A 536 22.01 -41.85 2.08
C PRO A 536 22.89 -41.10 1.09
N SER A 537 24.16 -41.47 1.05
CA SER A 537 25.04 -40.93 0.04
C SER A 537 26.04 -42.03 -0.25
N SER A 538 27.19 -41.66 -0.79
CA SER A 538 28.22 -42.62 -1.15
C SER A 538 29.32 -41.90 -1.91
N ARG A 539 30.55 -42.39 -1.77
CA ARG A 539 31.57 -42.06 -2.73
C ARG A 539 32.20 -43.35 -3.19
N LEU A 540 32.87 -43.27 -4.32
CA LEU A 540 33.67 -44.36 -4.80
C LEU A 540 34.89 -43.76 -5.46
N LEU A 541 35.87 -44.62 -5.67
CA LEU A 541 37.15 -44.21 -6.21
C LEU A 541 37.68 -45.42 -6.93
N VAL A 542 38.66 -45.20 -7.78
CA VAL A 542 38.99 -46.22 -8.74
C VAL A 542 40.41 -46.06 -9.20
N TYR A 543 41.23 -47.04 -8.84
CA TYR A 543 42.66 -46.96 -9.11
C TYR A 543 43.12 -48.09 -10.03
N TYR A 544 44.00 -47.74 -10.96
CA TYR A 544 44.71 -48.74 -11.75
C TYR A 544 46.19 -48.68 -11.34
N ILE A 545 46.78 -49.85 -11.08
CA ILE A 545 48.18 -49.97 -10.64
C ILE A 545 49.13 -49.88 -11.86
N VAL A 546 49.86 -48.75 -11.93
CA VAL A 546 50.78 -48.43 -13.05
C VAL A 546 52.23 -48.81 -12.75
N THR A 547 52.77 -49.71 -13.55
CA THR A 547 54.17 -50.13 -13.45
C THR A 547 55.06 -49.22 -14.30
N GLY A 548 55.33 -48.02 -13.81
CA GLY A 548 56.36 -47.19 -14.41
C GLY A 548 57.66 -47.96 -14.26
N GLU A 549 58.58 -47.82 -15.22
CA GLU A 549 59.81 -48.59 -15.18
C GLU A 549 60.60 -48.29 -13.91
N GLN A 550 60.37 -47.11 -13.33
CA GLN A 550 61.10 -46.68 -12.14
C GLN A 550 60.50 -47.18 -10.83
N THR A 551 59.17 -47.18 -10.73
CA THR A 551 58.52 -47.49 -9.47
C THR A 551 57.04 -47.83 -9.62
N ALA A 552 56.55 -48.73 -8.77
CA ALA A 552 55.13 -49.09 -8.75
C ALA A 552 54.30 -47.86 -8.42
N GLU A 553 53.52 -47.37 -9.40
CA GLU A 553 52.70 -46.18 -9.18
C GLU A 553 51.20 -46.44 -9.14
N LEU A 554 50.58 -46.15 -8.02
CA LEU A 554 49.12 -46.18 -7.92
C LEU A 554 48.60 -44.85 -8.47
N VAL A 555 47.42 -44.91 -9.07
CA VAL A 555 46.75 -43.72 -9.59
C VAL A 555 45.23 -43.88 -9.50
N SER A 556 44.53 -42.81 -9.13
CA SER A 556 43.08 -42.87 -9.08
C SER A 556 42.29 -41.55 -9.10
N ASP A 557 40.97 -41.73 -9.07
CA ASP A 557 40.04 -40.64 -8.87
C ASP A 557 38.77 -41.22 -8.25
N SER A 558 37.82 -40.35 -7.96
CA SER A 558 36.68 -40.73 -7.18
C SER A 558 35.62 -39.67 -7.30
N VAL A 559 34.40 -40.03 -6.92
CA VAL A 559 33.34 -39.04 -6.95
C VAL A 559 32.44 -39.13 -5.75
N TRP A 560 31.74 -38.04 -5.48
CA TRP A 560 30.71 -38.07 -4.46
C TRP A 560 29.37 -38.34 -5.14
N LEU A 561 28.51 -39.11 -4.47
CA LEU A 561 27.34 -39.71 -5.15
C LEU A 561 25.95 -39.56 -4.52
N ASN A 562 25.39 -38.35 -4.47
CA ASN A 562 24.12 -38.17 -3.76
C ASN A 562 23.10 -39.12 -4.28
N ILE A 563 22.28 -39.64 -3.40
CA ILE A 563 21.25 -40.51 -3.87
C ILE A 563 19.93 -40.39 -3.11
N GLU A 564 18.92 -41.12 -3.58
CA GLU A 564 17.55 -41.05 -3.08
C GLU A 564 17.43 -41.47 -1.64
N GLU A 565 16.81 -40.63 -0.83
CA GLU A 565 16.70 -40.91 0.58
C GLU A 565 15.62 -41.94 0.87
N LYS A 566 15.68 -43.05 0.13
CA LYS A 566 14.81 -44.20 0.39
C LYS A 566 15.20 -44.83 1.71
N CYS A 567 14.26 -44.87 2.66
CA CYS A 567 14.50 -45.44 3.98
C CYS A 567 14.59 -46.97 3.94
N GLY A 568 14.98 -47.56 5.06
CA GLY A 568 15.07 -49.01 5.16
C GLY A 568 13.69 -49.58 5.29
N ASN A 569 13.08 -49.36 6.44
CA ASN A 569 11.70 -49.76 6.64
C ASN A 569 10.73 -48.66 6.23
N GLN A 570 9.92 -48.91 5.21
CA GLN A 570 8.88 -47.96 4.82
C GLN A 570 7.83 -47.91 5.92
N LEU A 571 7.93 -46.91 6.77
CA LEU A 571 6.92 -46.70 7.79
C LEU A 571 5.95 -45.65 7.34
N GLN A 572 4.68 -46.02 7.22
CA GLN A 572 3.66 -45.05 6.89
C GLN A 572 2.51 -45.12 7.91
N VAL A 573 1.94 -43.96 8.21
CA VAL A 573 0.80 -43.85 9.11
C VAL A 573 -0.44 -43.27 8.41
N HIS A 574 -1.56 -43.99 8.42
CA HIS A 574 -2.77 -43.47 7.78
C HIS A 574 -3.95 -43.40 8.73
N LEU A 575 -4.70 -42.32 8.61
CA LEU A 575 -5.89 -42.11 9.43
C LEU A 575 -7.14 -42.78 8.88
N SER A 576 -7.83 -43.56 9.71
CA SER A 576 -9.00 -44.33 9.25
C SER A 576 -10.00 -43.52 8.44
N PRO A 577 -10.61 -42.50 9.06
CA PRO A 577 -11.27 -41.49 8.23
C PRO A 577 -10.24 -40.53 7.60
N ASP A 578 -10.02 -40.64 6.28
CA ASP A 578 -9.00 -39.82 5.61
C ASP A 578 -9.46 -38.39 5.31
N ALA A 579 -10.67 -38.09 5.76
CA ALA A 579 -11.20 -36.73 5.69
C ALA A 579 -10.16 -35.74 6.20
N ASP A 580 -10.18 -34.55 5.64
CA ASP A 580 -9.18 -33.53 5.97
C ASP A 580 -9.66 -32.60 7.08
N ALA A 581 -10.44 -33.16 8.00
CA ALA A 581 -10.94 -32.42 9.14
C ALA A 581 -11.73 -33.38 10.02
N TYR A 582 -11.70 -33.17 11.34
CA TYR A 582 -12.34 -34.11 12.26
C TYR A 582 -13.31 -33.50 13.26
N SER A 583 -14.32 -34.28 13.62
CA SER A 583 -15.27 -33.92 14.66
C SER A 583 -14.59 -34.11 16.01
N PRO A 584 -14.62 -33.08 16.86
CA PRO A 584 -13.80 -33.03 18.07
C PRO A 584 -14.23 -34.08 19.08
N GLY A 585 -13.60 -35.24 19.08
CA GLY A 585 -13.98 -36.32 19.99
C GLY A 585 -14.35 -37.58 19.25
N GLN A 586 -14.48 -37.48 17.93
CA GLN A 586 -14.74 -38.63 17.09
C GLN A 586 -13.74 -39.73 17.39
N THR A 587 -14.24 -40.94 17.54
CA THR A 587 -13.35 -42.09 17.58
C THR A 587 -12.87 -42.31 16.13
N VAL A 588 -11.57 -42.53 15.96
CA VAL A 588 -10.98 -42.69 14.63
C VAL A 588 -9.75 -43.59 14.64
N SER A 589 -9.78 -44.64 13.83
CA SER A 589 -8.71 -45.63 13.84
C SER A 589 -7.45 -45.16 13.11
N LEU A 590 -6.28 -45.48 13.66
CA LEU A 590 -5.01 -45.11 13.05
C LEU A 590 -4.23 -46.33 12.59
N ASN A 591 -3.57 -46.22 11.44
CA ASN A 591 -2.86 -47.35 10.85
C ASN A 591 -1.34 -47.24 10.82
N MET A 592 -0.68 -48.34 11.13
CA MET A 592 0.76 -48.45 10.91
C MET A 592 1.04 -49.45 9.78
N ALA A 593 2.27 -49.38 9.24
CA ALA A 593 2.69 -50.30 8.19
C ALA A 593 4.20 -50.31 7.91
N THR A 594 4.69 -51.48 7.51
CA THR A 594 6.09 -51.67 7.19
C THR A 594 6.38 -52.95 6.39
N GLY A 595 7.23 -52.81 5.37
CA GLY A 595 7.67 -53.95 4.60
C GLY A 595 8.40 -54.96 5.46
N MET A 596 8.80 -54.54 6.66
CA MET A 596 9.51 -55.39 7.64
C MET A 596 9.01 -55.12 9.07
N ASP A 597 9.06 -56.12 9.96
CA ASP A 597 8.71 -55.91 11.36
C ASP A 597 9.45 -54.67 11.86
N SER A 598 8.78 -53.83 12.65
CA SER A 598 9.42 -52.59 13.12
C SER A 598 8.85 -51.91 14.38
N TRP A 599 9.70 -51.09 15.00
CA TRP A 599 9.36 -50.34 16.21
C TRP A 599 8.95 -48.92 15.87
N VAL A 600 7.69 -48.60 16.08
CA VAL A 600 7.20 -47.25 15.76
C VAL A 600 7.31 -46.35 16.98
N ALA A 601 7.02 -45.08 16.81
CA ALA A 601 7.04 -44.12 17.92
C ALA A 601 6.18 -42.88 17.66
N LEU A 602 4.88 -43.00 17.91
CA LEU A 602 3.93 -41.93 17.66
C LEU A 602 4.18 -40.69 18.53
N ALA A 603 3.63 -39.54 18.13
CA ALA A 603 3.87 -38.28 18.84
C ALA A 603 3.00 -37.14 18.32
N ALA A 604 1.84 -36.90 18.94
CA ALA A 604 0.86 -35.95 18.42
C ALA A 604 1.00 -34.54 18.97
N VAL A 605 1.76 -33.68 18.29
CA VAL A 605 1.95 -32.28 18.65
C VAL A 605 0.74 -31.40 18.29
N ASP A 606 0.62 -30.25 18.94
CA ASP A 606 -0.22 -29.20 18.39
C ASP A 606 0.62 -28.45 17.37
N SER A 607 0.33 -28.73 16.10
CA SER A 607 1.10 -28.23 14.95
C SER A 607 1.34 -26.74 15.05
N ALA A 608 0.67 -26.11 15.99
CA ALA A 608 0.77 -24.68 16.13
C ALA A 608 2.22 -24.27 16.24
N VAL A 609 2.90 -24.87 17.20
CA VAL A 609 4.29 -24.58 17.52
C VAL A 609 5.15 -24.14 16.33
N TYR A 610 5.70 -25.11 15.61
CA TYR A 610 6.48 -24.84 14.41
C TYR A 610 5.81 -23.70 13.63
N GLY A 611 4.92 -24.07 12.70
CA GLY A 611 3.91 -23.18 12.11
C GLY A 611 4.21 -22.10 11.07
N VAL A 612 4.21 -20.85 11.53
CA VAL A 612 4.44 -19.67 10.71
C VAL A 612 5.68 -19.84 9.87
N GLN A 613 5.46 -20.13 8.59
CA GLN A 613 6.54 -20.51 7.70
C GLN A 613 7.40 -21.56 8.39
N ARG A 614 6.92 -22.80 8.36
CA ARG A 614 7.69 -23.93 8.85
C ARG A 614 8.79 -24.23 7.83
N GLY A 615 9.92 -23.55 7.99
CA GLY A 615 10.97 -23.55 6.98
C GLY A 615 11.02 -24.76 6.07
N ALA A 616 11.20 -24.52 4.77
CA ALA A 616 11.33 -25.59 3.81
C ALA A 616 12.26 -26.68 4.36
N LYS A 617 13.55 -26.36 4.47
CA LYS A 617 14.55 -27.32 4.95
C LYS A 617 14.19 -28.73 4.52
N LYS A 618 13.88 -29.59 5.50
CA LYS A 618 13.30 -30.91 5.24
C LYS A 618 12.83 -31.62 6.53
N PRO A 619 11.83 -32.51 6.39
CA PRO A 619 11.32 -33.33 7.51
C PRO A 619 12.25 -34.49 7.86
N LEU A 620 12.29 -35.52 6.99
CA LEU A 620 13.13 -36.70 7.22
C LEU A 620 14.61 -36.42 6.94
N GLU A 621 14.88 -35.38 6.16
CA GLU A 621 16.25 -34.95 5.83
C GLU A 621 16.94 -34.33 7.05
N ARG A 622 16.16 -33.61 7.87
CA ARG A 622 16.64 -33.06 9.15
C ARG A 622 17.59 -34.05 9.78
N VAL A 623 17.11 -35.28 9.94
CA VAL A 623 17.95 -36.36 10.42
C VAL A 623 19.01 -36.77 9.39
N PHE A 624 18.56 -37.14 8.18
CA PHE A 624 19.50 -37.58 7.15
C PHE A 624 20.66 -36.61 6.91
N GLN A 625 20.46 -35.32 7.16
CA GLN A 625 21.56 -34.37 7.08
C GLN A 625 22.58 -34.73 8.14
N PHE A 626 22.35 -34.22 9.33
CA PHE A 626 23.13 -34.61 10.49
C PHE A 626 23.63 -36.05 10.31
N LEU A 627 22.70 -36.99 10.31
CA LEU A 627 23.01 -38.41 10.40
C LEU A 627 24.15 -38.93 9.51
N GLU A 628 24.50 -38.20 8.47
CA GLU A 628 25.61 -38.63 7.64
C GLU A 628 26.68 -37.58 7.64
N LYS A 629 27.13 -37.22 8.83
CA LYS A 629 28.32 -36.40 8.94
C LYS A 629 29.45 -37.36 9.31
N SER A 630 29.07 -38.62 9.28
CA SER A 630 29.96 -39.75 9.42
C SER A 630 30.64 -40.04 8.10
N ASP A 631 30.37 -39.19 7.14
CA ASP A 631 31.10 -39.28 5.89
C ASP A 631 32.47 -38.74 6.26
N LEU A 632 33.40 -39.67 6.42
CA LEU A 632 34.75 -39.34 6.84
C LEU A 632 35.42 -38.42 5.81
N GLY A 633 35.30 -38.78 4.53
CA GLY A 633 35.95 -38.02 3.46
C GLY A 633 35.34 -36.67 3.22
N CYS A 634 35.57 -36.14 2.02
CA CYS A 634 35.05 -34.82 1.66
C CYS A 634 35.12 -34.46 0.16
N GLY A 635 34.33 -33.46 -0.23
CA GLY A 635 34.39 -32.88 -1.55
C GLY A 635 33.32 -33.26 -2.57
N ALA A 636 33.57 -32.82 -3.81
CA ALA A 636 32.87 -33.30 -4.98
C ALA A 636 33.50 -34.63 -5.37
N GLY A 637 34.68 -34.86 -4.79
CA GLY A 637 35.38 -36.12 -4.92
C GLY A 637 36.86 -35.93 -5.25
N GLY A 638 37.63 -37.02 -5.18
CA GLY A 638 38.94 -37.12 -5.79
C GLY A 638 39.95 -36.02 -5.49
N GLY A 639 41.21 -36.41 -5.31
CA GLY A 639 42.21 -35.51 -4.77
C GLY A 639 43.24 -34.82 -5.67
N LEU A 640 44.51 -35.05 -5.32
CA LEU A 640 45.65 -34.25 -5.79
C LEU A 640 46.85 -35.19 -5.92
N ASN A 641 46.78 -36.31 -5.20
CA ASN A 641 47.69 -37.45 -5.32
C ASN A 641 46.87 -38.66 -5.01
N ASN A 642 47.20 -39.79 -5.62
CA ASN A 642 46.44 -41.00 -5.39
C ASN A 642 46.24 -41.12 -3.89
N ALA A 643 47.22 -40.60 -3.17
CA ALA A 643 47.11 -40.47 -1.74
C ALA A 643 45.95 -39.50 -1.43
N ASN A 644 46.07 -38.25 -1.88
CA ASN A 644 45.05 -37.25 -1.61
C ASN A 644 43.65 -37.78 -1.94
N VAL A 645 43.52 -38.39 -3.12
CA VAL A 645 42.23 -38.92 -3.59
C VAL A 645 41.63 -39.94 -2.62
N PHE A 646 42.49 -40.83 -2.14
CA PHE A 646 42.17 -41.82 -1.11
C PHE A 646 41.91 -41.19 0.25
N HIS A 647 42.58 -40.08 0.48
CA HIS A 647 42.34 -39.34 1.67
C HIS A 647 40.92 -38.84 1.59
N LEU A 648 40.69 -37.79 0.80
CA LEU A 648 39.38 -37.14 0.71
C LEU A 648 38.25 -38.15 0.61
N ALA A 649 38.63 -39.38 0.31
CA ALA A 649 37.72 -40.49 0.28
C ALA A 649 37.24 -40.85 1.67
N GLY A 650 37.84 -40.24 2.67
CA GLY A 650 37.60 -40.67 4.04
C GLY A 650 38.29 -41.98 4.32
N LEU A 651 39.23 -42.33 3.44
CA LEU A 651 40.06 -43.49 3.67
C LEU A 651 41.48 -43.11 4.05
N THR A 652 42.21 -44.13 4.50
CA THR A 652 43.61 -44.31 4.12
C THR A 652 43.84 -45.82 3.94
N PHE A 653 44.75 -46.16 3.05
CA PHE A 653 44.83 -47.48 2.43
C PHE A 653 46.19 -48.03 2.75
N LEU A 654 46.36 -49.33 2.62
CA LEU A 654 47.60 -49.98 3.05
C LEU A 654 48.33 -50.65 1.90
N THR A 655 49.25 -49.92 1.25
CA THR A 655 49.91 -50.44 0.05
C THR A 655 51.38 -50.06 -0.07
N ASN A 656 52.19 -51.08 -0.20
CA ASN A 656 53.57 -50.87 -0.59
C ASN A 656 53.64 -50.73 -2.09
N ALA A 657 53.98 -49.51 -2.47
CA ALA A 657 54.19 -49.11 -3.85
C ALA A 657 54.21 -47.59 -3.80
N ASN A 658 53.13 -47.03 -3.27
CA ASN A 658 53.03 -45.59 -3.12
C ASN A 658 52.96 -45.18 -1.68
N ALA A 659 53.19 -43.89 -1.44
CA ALA A 659 53.07 -43.30 -0.10
C ALA A 659 51.61 -43.19 0.36
N ASP A 660 51.12 -44.24 1.03
CA ASP A 660 49.74 -44.25 1.55
C ASP A 660 49.48 -43.24 2.67
N ASP A 661 50.31 -42.20 2.70
CA ASP A 661 50.26 -41.19 3.76
C ASP A 661 48.93 -40.43 3.86
N SER A 662 48.99 -39.25 4.46
CA SER A 662 47.79 -38.45 4.66
C SER A 662 48.17 -37.22 5.48
N GLN A 663 48.97 -36.37 4.85
CA GLN A 663 49.69 -35.26 5.49
C GLN A 663 49.22 -34.74 6.86
N GLU A 664 50.10 -35.01 7.84
CA GLU A 664 50.07 -34.45 9.20
C GLU A 664 48.96 -34.97 10.10
N ASN A 665 47.76 -34.49 9.80
CA ASN A 665 46.67 -34.52 10.73
C ASN A 665 45.53 -35.22 10.02
N ASP A 666 44.44 -34.50 9.85
CA ASP A 666 43.37 -34.89 8.95
C ASP A 666 42.27 -33.84 8.77
N GLU A 667 42.59 -32.81 7.99
CA GLU A 667 41.60 -32.00 7.27
C GLU A 667 40.24 -31.80 7.95
N PRO A 668 40.08 -30.70 8.71
CA PRO A 668 38.79 -30.28 9.28
C PRO A 668 37.74 -29.89 8.22
N CYS A 669 37.73 -30.60 7.09
CA CYS A 669 36.81 -30.37 5.97
C CYS A 669 35.45 -29.80 6.41
N LYS A 670 34.91 -28.89 5.60
CA LYS A 670 33.67 -28.20 5.97
C LYS A 670 32.91 -27.66 4.75
N GLU A 671 32.07 -28.50 4.16
CA GLU A 671 31.08 -28.09 3.13
C GLU A 671 31.57 -27.69 1.70
N ILE A 672 32.43 -28.50 1.08
CA ILE A 672 32.93 -28.27 -0.30
C ILE A 672 32.25 -29.23 -1.30
N LEU A 673 31.33 -30.05 -0.79
CA LEU A 673 31.00 -31.31 -1.44
C LEU A 673 30.11 -31.23 -2.65
N LEU A 679 11.49 11.92 20.27
CA LEU A 679 11.61 12.60 21.55
C LEU A 679 12.05 11.64 22.67
N GLN A 680 11.84 10.33 22.45
CA GLN A 680 12.45 9.32 23.31
C GLN A 680 13.85 8.94 22.80
N LYS A 681 14.25 9.55 21.69
CA LYS A 681 15.60 9.40 21.11
C LYS A 681 16.60 10.30 21.82
N LYS A 682 16.14 11.47 22.24
CA LYS A 682 16.96 12.45 22.95
C LYS A 682 17.54 11.85 24.23
N ILE A 683 16.84 10.84 24.76
CA ILE A 683 17.28 10.15 25.97
C ILE A 683 18.23 8.99 25.66
N GLU A 684 17.96 8.25 24.57
CA GLU A 684 18.75 7.06 24.20
C GLU A 684 20.19 7.35 23.74
N GLU A 685 20.51 8.64 23.54
CA GLU A 685 21.87 9.07 23.23
C GLU A 685 22.74 8.92 24.47
N ILE A 686 22.16 9.22 25.61
CA ILE A 686 22.86 9.18 26.88
C ILE A 686 23.14 7.74 27.27
N ALA A 687 23.06 6.83 26.29
CA ALA A 687 23.64 5.49 26.43
C ALA A 687 25.13 5.72 26.43
N ALA A 688 25.48 7.00 26.27
CA ALA A 688 26.84 7.52 26.36
C ALA A 688 27.47 7.33 27.75
N LYS A 689 26.62 7.09 28.76
CA LYS A 689 27.12 6.81 30.11
C LYS A 689 27.30 5.30 30.36
N TYR A 690 27.42 4.52 29.28
CA TYR A 690 27.69 3.08 29.43
C TYR A 690 29.03 2.86 30.13
N LYS A 691 29.03 1.91 31.05
CA LYS A 691 30.21 1.59 31.84
C LYS A 691 29.84 0.29 32.50
N HIS A 692 28.63 -0.15 32.18
CA HIS A 692 28.10 -1.41 32.65
C HIS A 692 26.68 -1.50 32.13
N SER A 693 26.21 -2.72 31.96
CA SER A 693 24.85 -2.95 31.50
C SER A 693 23.85 -2.30 32.44
N VAL A 694 23.94 -2.65 33.73
CA VAL A 694 22.95 -2.26 34.72
C VAL A 694 22.73 -0.74 34.75
N VAL A 695 23.76 0.04 34.43
CA VAL A 695 23.60 1.48 34.41
C VAL A 695 22.69 1.84 33.26
N LYS A 696 22.82 1.12 32.15
CA LYS A 696 21.87 1.26 31.05
C LYS A 696 20.46 0.98 31.56
N LYS A 697 20.34 -0.02 32.43
CA LYS A 697 19.06 -0.31 33.10
C LYS A 697 18.69 0.79 34.13
N CYS A 698 19.71 1.45 34.67
CA CYS A 698 19.50 2.53 35.64
C CYS A 698 18.86 3.73 34.95
N CYS A 699 19.23 3.91 33.70
CA CYS A 699 18.73 5.02 32.91
C CYS A 699 17.45 4.66 32.19
N TYR A 700 17.44 3.52 31.52
CA TYR A 700 16.31 3.10 30.68
C TYR A 700 15.01 3.21 31.47
N ASP A 701 14.63 2.15 32.17
CA ASP A 701 13.50 2.23 33.07
C ASP A 701 13.62 3.51 33.88
N GLY A 702 14.85 4.03 33.95
CA GLY A 702 15.16 5.20 34.75
C GLY A 702 14.06 6.23 34.65
N ALA A 703 13.93 6.87 33.49
CA ALA A 703 12.90 7.88 33.31
C ALA A 703 11.51 7.24 33.37
N CYS A 704 11.44 5.97 32.94
CA CYS A 704 10.19 5.27 32.57
C CYS A 704 8.91 6.12 32.47
N VAL A 705 8.07 6.12 33.49
CA VAL A 705 6.84 6.90 33.45
C VAL A 705 6.26 7.16 34.83
N ASN A 706 6.99 7.90 35.66
CA ASN A 706 6.52 8.12 37.02
C ASN A 706 6.24 9.57 37.35
N ASN A 707 4.96 9.86 37.55
CA ASN A 707 4.48 11.20 37.83
C ASN A 707 3.93 11.38 39.25
N ASP A 708 3.90 10.31 40.04
CA ASP A 708 3.39 10.37 41.41
C ASP A 708 4.46 10.69 42.46
N GLU A 709 5.70 10.86 42.02
CA GLU A 709 6.78 11.13 42.93
C GLU A 709 7.99 11.61 42.17
N THR A 710 8.72 12.55 42.77
CA THR A 710 9.81 13.22 42.09
C THR A 710 10.84 12.24 41.58
N CYS A 711 11.87 12.76 40.93
CA CYS A 711 12.87 11.90 40.36
C CYS A 711 13.96 11.53 41.37
N GLU A 712 14.10 12.29 42.45
CA GLU A 712 15.04 11.92 43.50
C GLU A 712 14.35 11.25 44.69
N GLN A 713 13.03 11.20 44.63
CA GLN A 713 12.22 10.36 45.50
C GLN A 713 12.40 8.90 45.07
N ARG A 714 12.21 8.62 43.77
CA ARG A 714 12.45 7.30 43.19
C ARG A 714 13.92 6.92 43.33
N ALA A 715 14.77 7.95 43.34
CA ALA A 715 16.23 7.81 43.38
C ALA A 715 16.71 7.46 44.78
N ALA A 716 15.79 7.52 45.73
CA ALA A 716 16.08 7.08 47.08
C ALA A 716 16.07 5.56 47.15
N ARG A 717 14.93 4.98 46.78
CA ARG A 717 14.68 3.54 46.82
C ARG A 717 15.74 2.75 46.06
N ILE A 718 16.66 3.47 45.44
CA ILE A 718 17.72 2.87 44.64
C ILE A 718 18.88 2.33 45.48
N SER A 719 19.08 1.02 45.34
CA SER A 719 20.05 0.25 46.09
C SER A 719 21.31 0.00 45.27
N LEU A 720 21.24 -1.05 44.46
CA LEU A 720 22.35 -1.54 43.63
C LEU A 720 23.66 -0.74 43.68
N GLY A 721 23.57 0.58 43.54
CA GLY A 721 24.75 1.41 43.65
C GLY A 721 24.57 2.83 43.15
N PRO A 722 25.17 3.78 43.88
CA PRO A 722 25.24 5.21 43.52
C PRO A 722 25.87 5.41 42.13
N ARG A 723 26.56 4.39 41.63
CA ARG A 723 27.15 4.47 40.31
C ARG A 723 26.07 4.78 39.29
N CYS A 724 24.88 4.24 39.53
CA CYS A 724 23.79 4.39 38.57
C CYS A 724 22.82 5.53 38.91
N ILE A 725 22.71 5.86 40.20
CA ILE A 725 21.77 6.89 40.64
C ILE A 725 21.86 8.12 39.72
N LYS A 726 23.06 8.46 39.30
CA LYS A 726 23.24 9.56 38.37
C LYS A 726 22.51 9.27 37.07
N ALA A 727 22.71 8.08 36.52
CA ALA A 727 22.10 7.67 35.24
C ALA A 727 20.58 7.60 35.36
N PHE A 728 20.11 7.56 36.59
CA PHE A 728 18.68 7.62 36.85
C PHE A 728 18.13 9.06 36.69
N THR A 729 18.35 9.88 37.72
CA THR A 729 17.83 11.26 37.81
C THR A 729 18.22 12.19 36.66
N GLU A 730 19.35 11.88 36.02
CA GLU A 730 19.78 12.59 34.83
C GLU A 730 18.76 12.39 33.74
N CYS A 731 18.43 11.12 33.56
CA CYS A 731 17.67 10.67 32.40
C CYS A 731 16.16 10.76 32.61
N CYS A 732 15.74 10.73 33.88
CA CYS A 732 14.33 10.95 34.20
C CYS A 732 13.98 12.42 33.95
N VAL A 733 14.80 13.33 34.48
CA VAL A 733 14.57 14.77 34.31
C VAL A 733 14.42 15.08 32.84
N VAL A 734 15.33 14.53 32.04
CA VAL A 734 15.30 14.72 30.60
C VAL A 734 13.93 14.34 30.02
N ALA A 735 13.40 13.20 30.47
CA ALA A 735 12.16 12.66 29.93
C ALA A 735 10.93 13.31 30.53
N SER A 736 11.11 13.96 31.68
CA SER A 736 10.02 14.64 32.36
C SER A 736 9.73 16.05 31.80
N GLN A 737 10.78 16.83 31.57
CA GLN A 737 10.62 18.12 30.89
C GLN A 737 9.99 17.88 29.52
N LEU A 738 10.22 16.68 28.99
CA LEU A 738 9.78 16.29 27.65
C LEU A 738 8.27 16.11 27.49
N ARG A 739 7.62 15.48 28.46
CA ARG A 739 6.18 15.25 28.38
C ARG A 739 5.40 16.54 28.55
N ALA A 740 6.12 17.60 28.93
CA ALA A 740 5.53 18.93 29.02
C ALA A 740 5.51 19.60 27.65
N ASN A 741 6.10 18.94 26.65
CA ASN A 741 6.26 19.54 25.33
C ASN A 741 5.75 18.71 24.13
N ILE A 742 5.72 17.38 24.27
CA ILE A 742 5.12 16.52 23.25
C ILE A 742 3.62 16.79 23.19
N SER A 743 3.11 17.40 24.25
CA SER A 743 1.68 17.64 24.41
C SER A 743 1.43 18.77 25.40
N GLY A 750 -6.89 14.87 27.73
CA GLY A 750 -6.12 14.51 28.91
C GLY A 750 -5.32 13.22 28.79
N ARG A 751 -4.97 12.84 27.55
CA ARG A 751 -4.18 11.63 27.30
C ARG A 751 -2.72 11.92 26.96
N LEU A 752 -1.82 11.60 27.88
CA LEU A 752 -0.38 11.68 27.62
C LEU A 752 0.32 10.59 28.41
N HIS A 753 1.22 9.87 27.75
CA HIS A 753 1.86 8.72 28.35
C HIS A 753 3.16 8.36 27.63
N MET A 754 4.27 8.95 28.06
CA MET A 754 5.58 8.73 27.46
C MET A 754 5.93 7.24 27.50
N LYS A 755 6.93 6.84 26.73
CA LYS A 755 7.46 5.47 26.75
C LYS A 755 8.74 5.36 25.91
N THR A 756 9.44 4.23 26.07
CA THR A 756 10.58 3.86 25.24
C THR A 756 10.74 2.36 25.37
N LEU A 757 10.15 1.61 24.44
CA LEU A 757 9.98 0.16 24.61
C LEU A 757 11.28 -0.65 24.76
N LEU A 758 11.17 -1.77 25.46
CA LEU A 758 12.22 -2.77 25.59
C LEU A 758 11.70 -3.86 26.54
N PRO A 759 11.17 -4.97 25.97
CA PRO A 759 10.64 -6.08 26.77
C PRO A 759 11.71 -6.67 27.70
N VAL A 760 12.81 -5.95 27.87
CA VAL A 760 13.92 -6.40 28.72
C VAL A 760 14.50 -7.71 28.18
N SER A 761 14.09 -8.05 26.96
CA SER A 761 14.54 -9.25 26.27
C SER A 761 13.83 -10.53 26.75
N LYS A 762 12.69 -10.36 27.42
CA LYS A 762 11.97 -11.50 28.01
C LYS A 762 11.09 -12.26 27.02
N PRO A 763 11.24 -13.60 26.99
CA PRO A 763 10.42 -14.48 26.15
C PRO A 763 8.96 -14.49 26.59
N GLU A 764 8.14 -13.63 25.99
CA GLU A 764 6.69 -13.72 26.14
C GLU A 764 6.01 -14.08 24.83
N ILE A 765 4.79 -14.58 24.94
CA ILE A 765 4.18 -15.29 23.85
C ILE A 765 2.70 -15.39 24.15
N ARG A 766 1.89 -14.76 23.32
CA ARG A 766 0.49 -14.63 23.64
C ARG A 766 -0.33 -15.82 23.20
N SER A 767 0.19 -17.01 23.42
CA SER A 767 -0.53 -18.22 23.02
C SER A 767 -0.13 -19.48 23.80
N TYR A 768 -1.13 -20.26 24.19
CA TYR A 768 -0.88 -21.52 24.87
C TYR A 768 -0.71 -22.58 23.81
N PHE A 769 -0.11 -23.69 24.20
CA PHE A 769 0.22 -24.74 23.26
C PHE A 769 0.05 -26.10 23.91
N PRO A 770 -1.17 -26.65 23.87
CA PRO A 770 -1.58 -27.84 24.64
C PRO A 770 -0.54 -28.96 24.74
N GLU A 771 -0.57 -29.68 25.85
CA GLU A 771 0.25 -30.85 25.99
C GLU A 771 -0.15 -31.80 24.87
N SER A 772 0.83 -32.39 24.22
CA SER A 772 0.62 -33.28 23.08
C SER A 772 0.03 -34.63 23.47
N TRP A 773 0.14 -35.64 22.61
CA TRP A 773 -0.37 -37.00 22.92
C TRP A 773 0.02 -38.08 21.92
N LEU A 774 -0.54 -39.28 22.11
CA LEU A 774 -0.14 -40.47 21.35
C LEU A 774 1.37 -40.73 21.39
N TRP A 775 1.95 -40.59 22.59
CA TRP A 775 3.39 -40.59 22.75
C TRP A 775 3.93 -42.00 23.00
N GLU A 776 3.01 -42.97 23.05
CA GLU A 776 3.36 -44.39 23.24
C GLU A 776 4.25 -44.93 22.12
N VAL A 777 5.10 -45.92 22.42
CA VAL A 777 5.85 -46.62 21.38
C VAL A 777 5.07 -47.88 20.92
N HIS A 778 5.45 -48.51 19.81
CA HIS A 778 4.76 -49.73 19.38
C HIS A 778 5.58 -50.75 18.59
N LEU A 779 5.16 -52.00 18.70
CA LEU A 779 5.69 -53.09 17.90
C LEU A 779 4.75 -53.36 16.74
N VAL A 780 5.18 -53.04 15.52
CA VAL A 780 4.33 -53.24 14.34
C VAL A 780 4.94 -54.16 13.29
N PRO A 781 4.48 -55.42 13.24
CA PRO A 781 4.88 -56.38 12.20
C PRO A 781 4.15 -56.11 10.88
N ARG A 782 4.42 -54.98 10.26
CA ARG A 782 3.87 -54.64 8.95
C ARG A 782 2.46 -53.99 9.02
N ARG A 783 1.67 -54.34 10.02
CA ARG A 783 0.35 -53.72 10.18
C ARG A 783 -0.05 -53.66 11.65
N LYS A 784 -0.67 -52.54 12.04
CA LYS A 784 -1.20 -52.35 13.39
C LYS A 784 -2.14 -51.16 13.42
N GLN A 785 -3.38 -51.44 13.78
CA GLN A 785 -4.39 -50.41 13.90
C GLN A 785 -4.71 -50.24 15.38
N LEU A 786 -4.87 -49.00 15.82
CA LEU A 786 -5.23 -48.69 17.20
C LEU A 786 -6.19 -47.51 17.27
N GLN A 787 -7.48 -47.84 17.38
CA GLN A 787 -8.51 -46.81 17.42
C GLN A 787 -8.46 -46.00 18.71
N PHE A 788 -9.01 -44.78 18.65
CA PHE A 788 -9.04 -43.85 19.78
C PHE A 788 -9.76 -42.56 19.38
N ALA A 789 -10.40 -41.92 20.35
CA ALA A 789 -11.08 -40.66 20.08
C ALA A 789 -10.14 -39.48 20.31
N LEU A 790 -10.25 -38.46 19.47
CA LEU A 790 -9.39 -37.28 19.59
C LEU A 790 -9.96 -36.30 20.59
N PRO A 791 -9.08 -35.58 21.27
CA PRO A 791 -9.43 -34.82 22.46
C PRO A 791 -10.33 -33.71 22.05
N ASP A 792 -11.38 -33.47 22.81
CA ASP A 792 -12.13 -32.26 22.59
C ASP A 792 -11.07 -31.17 22.68
N SER A 793 -11.03 -30.30 21.66
CA SER A 793 -10.14 -29.14 21.64
C SER A 793 -10.04 -28.50 20.26
N LEU A 794 -9.83 -27.18 20.23
CA LEU A 794 -9.65 -26.49 18.97
C LEU A 794 -8.18 -26.38 18.61
N THR A 795 -7.76 -27.22 17.67
CA THR A 795 -6.37 -27.22 17.24
C THR A 795 -6.22 -28.00 15.96
N THR A 796 -5.01 -27.97 15.41
CA THR A 796 -4.68 -28.87 14.34
C THR A 796 -3.53 -29.75 14.79
N TRP A 797 -3.82 -31.03 14.96
CA TRP A 797 -2.84 -32.00 15.45
C TRP A 797 -1.89 -32.46 14.35
N GLU A 798 -0.58 -32.34 14.59
CA GLU A 798 0.39 -32.94 13.68
C GLU A 798 1.03 -34.20 14.23
N ILE A 799 0.38 -35.33 14.02
CA ILE A 799 0.85 -36.57 14.58
C ILE A 799 1.98 -37.13 13.71
N GLN A 800 3.23 -36.95 14.16
CA GLN A 800 4.42 -37.52 13.47
C GLN A 800 4.95 -38.74 14.20
N GLY A 801 5.35 -39.74 13.45
CA GLY A 801 5.74 -40.98 14.08
C GLY A 801 7.00 -41.54 13.49
N ILE A 802 8.11 -41.46 14.23
CA ILE A 802 9.35 -42.10 13.84
C ILE A 802 9.35 -43.59 14.22
N GLY A 803 9.97 -44.41 13.39
CA GLY A 803 10.08 -45.84 13.65
C GLY A 803 11.49 -46.33 13.40
N ILE A 804 11.93 -47.31 14.19
CA ILE A 804 13.29 -47.81 14.06
C ILE A 804 13.36 -49.31 14.31
N SER A 805 14.19 -49.97 13.50
CA SER A 805 14.40 -51.41 13.54
C SER A 805 15.79 -51.72 13.04
N ASN A 806 15.95 -52.92 12.51
CA ASN A 806 17.26 -53.41 12.14
C ASN A 806 17.82 -52.78 10.86
N THR A 807 16.96 -52.07 10.14
CA THR A 807 17.44 -51.30 9.01
C THR A 807 18.17 -50.01 9.46
N GLY A 808 17.65 -49.36 10.50
CA GLY A 808 18.20 -48.11 10.99
C GLY A 808 17.14 -47.19 11.59
N ILE A 809 17.13 -45.92 11.17
CA ILE A 809 16.15 -44.93 11.61
C ILE A 809 15.43 -44.37 10.38
N CYS A 810 14.09 -44.20 10.40
CA CYS A 810 13.32 -43.64 9.25
C CYS A 810 11.99 -42.91 9.59
N VAL A 811 11.93 -41.61 9.31
CA VAL A 811 10.75 -40.81 9.63
C VAL A 811 9.58 -41.06 8.68
N ALA A 812 8.39 -41.26 9.21
CA ALA A 812 7.21 -41.33 8.36
C ALA A 812 6.75 -39.93 7.98
N ASP A 813 6.10 -39.83 6.82
CA ASP A 813 5.47 -38.59 6.42
C ASP A 813 4.44 -38.29 7.49
N THR A 814 4.40 -37.04 7.94
CA THR A 814 3.44 -36.62 8.97
C THR A 814 2.01 -36.95 8.55
N VAL A 815 1.04 -36.57 9.38
CA VAL A 815 -0.37 -36.66 9.02
C VAL A 815 -1.17 -35.67 9.89
N LYS A 816 -1.27 -34.43 9.43
CA LYS A 816 -2.07 -33.40 10.11
C LYS A 816 -3.47 -33.93 10.27
N ALA A 817 -4.27 -33.27 11.10
CA ALA A 817 -5.61 -33.76 11.35
C ALA A 817 -6.38 -32.85 12.30
N LYS A 818 -6.54 -31.60 11.88
CA LYS A 818 -7.30 -30.61 12.64
C LYS A 818 -8.67 -31.16 13.04
N VAL A 819 -9.02 -30.94 14.29
CA VAL A 819 -10.35 -31.24 14.75
C VAL A 819 -10.99 -29.91 15.03
N PHE A 820 -12.29 -29.82 14.84
CA PHE A 820 -12.95 -28.56 15.05
C PHE A 820 -14.46 -28.59 14.74
N LYS A 821 -15.22 -27.90 15.56
CA LYS A 821 -16.68 -27.84 15.44
C LYS A 821 -17.11 -26.57 14.70
N ASP A 822 -18.02 -26.70 13.74
CA ASP A 822 -18.45 -25.57 12.90
C ASP A 822 -18.77 -24.31 13.69
N VAL A 823 -19.80 -24.40 14.52
CA VAL A 823 -20.22 -23.27 15.36
C VAL A 823 -20.43 -23.68 16.81
N PHE A 824 -20.09 -22.77 17.72
CA PHE A 824 -20.07 -23.13 19.12
C PHE A 824 -20.00 -21.88 19.98
N LEU A 825 -20.75 -21.90 21.08
CA LEU A 825 -20.75 -20.79 22.00
C LEU A 825 -19.73 -20.98 23.10
N GLU A 826 -19.13 -19.87 23.57
CA GLU A 826 -18.39 -19.89 24.82
C GLU A 826 -18.98 -18.85 25.76
N MET A 827 -18.85 -19.08 27.06
CA MET A 827 -19.41 -18.17 28.02
C MET A 827 -18.28 -17.78 28.96
N ASN A 828 -17.98 -16.49 29.06
CA ASN A 828 -16.98 -16.05 30.03
C ASN A 828 -17.60 -15.78 31.42
N ILE A 829 -17.76 -16.82 32.23
CA ILE A 829 -18.23 -16.70 33.63
C ILE A 829 -17.12 -16.05 34.47
N PRO A 830 -17.48 -15.38 35.58
CA PRO A 830 -16.48 -14.78 36.47
C PRO A 830 -15.91 -15.79 37.46
N TYR A 831 -14.86 -15.40 38.19
CA TYR A 831 -14.43 -16.25 39.27
C TYR A 831 -15.60 -16.32 40.23
N SER A 832 -15.87 -15.21 40.92
CA SER A 832 -16.85 -15.23 41.98
C SER A 832 -17.81 -14.07 41.87
N VAL A 833 -18.90 -14.18 42.62
CA VAL A 833 -19.99 -13.20 42.64
C VAL A 833 -20.58 -13.15 44.04
N VAL A 834 -20.70 -11.94 44.59
CA VAL A 834 -21.35 -11.73 45.89
C VAL A 834 -22.87 -11.88 45.78
N ARG A 835 -23.48 -12.72 46.62
CA ARG A 835 -24.94 -12.78 46.70
C ARG A 835 -25.46 -11.37 46.50
N GLY A 836 -26.56 -11.23 45.76
CA GLY A 836 -27.25 -9.97 45.66
C GLY A 836 -26.69 -8.94 44.71
N GLU A 837 -25.49 -9.16 44.19
CA GLU A 837 -25.00 -8.30 43.13
C GLU A 837 -25.68 -8.74 41.85
N GLN A 838 -25.85 -7.80 40.91
CA GLN A 838 -26.39 -8.10 39.60
C GLN A 838 -25.21 -8.29 38.66
N ILE A 839 -25.07 -9.48 38.07
CA ILE A 839 -23.91 -9.73 37.23
C ILE A 839 -24.23 -9.67 35.74
N GLN A 840 -23.24 -9.38 34.90
CA GLN A 840 -23.42 -9.48 33.46
C GLN A 840 -22.57 -10.60 32.84
N LEU A 841 -23.21 -11.75 32.66
CA LEU A 841 -22.57 -12.94 32.09
C LEU A 841 -22.34 -12.82 30.60
N LYS A 842 -21.13 -12.46 30.19
CA LYS A 842 -20.84 -12.32 28.77
C LYS A 842 -20.47 -13.64 28.10
N GLY A 843 -20.00 -13.53 26.86
CA GLY A 843 -19.63 -14.69 26.06
C GLY A 843 -19.75 -14.33 24.59
N THR A 844 -19.38 -15.26 23.70
CA THR A 844 -19.49 -15.02 22.26
C THR A 844 -19.64 -16.33 21.49
N VAL A 845 -20.66 -16.42 20.63
CA VAL A 845 -20.91 -17.65 19.85
C VAL A 845 -20.09 -17.70 18.56
N TYR A 846 -19.47 -18.84 18.27
CA TYR A 846 -18.53 -18.87 17.16
C TYR A 846 -19.05 -19.43 15.86
N ASN A 847 -18.99 -18.59 14.83
CA ASN A 847 -19.26 -19.01 13.46
C ASN A 847 -17.97 -19.25 12.70
N TYR A 848 -17.80 -20.47 12.21
CA TYR A 848 -16.68 -20.79 11.35
C TYR A 848 -17.15 -21.54 10.11
N ARG A 849 -18.46 -21.62 9.92
CA ARG A 849 -19.03 -22.06 8.66
C ARG A 849 -18.85 -20.90 7.66
N THR A 850 -18.63 -21.22 6.37
CA THR A 850 -18.31 -20.22 5.33
C THR A 850 -19.33 -19.08 5.22
N SER A 851 -20.58 -19.46 5.03
CA SER A 851 -21.69 -18.54 5.02
C SER A 851 -22.07 -18.16 6.45
N GLY A 852 -22.94 -17.17 6.59
CA GLY A 852 -23.49 -16.82 7.89
C GLY A 852 -24.60 -17.77 8.35
N MET A 853 -25.22 -17.48 9.50
CA MET A 853 -26.37 -18.28 9.96
C MET A 853 -27.18 -17.76 11.16
N GLN A 854 -28.17 -18.54 11.55
CA GLN A 854 -29.07 -18.15 12.61
C GLN A 854 -28.90 -19.02 13.84
N PHE A 855 -28.88 -18.39 15.01
CA PHE A 855 -28.68 -19.08 16.29
C PHE A 855 -29.78 -18.76 17.27
N CYS A 856 -29.58 -19.17 18.51
CA CYS A 856 -30.63 -19.00 19.48
C CYS A 856 -30.10 -19.48 20.83
N VAL A 857 -29.40 -18.59 21.56
CA VAL A 857 -28.87 -18.94 22.88
C VAL A 857 -29.87 -18.58 23.96
N LYS A 858 -30.15 -19.54 24.85
CA LYS A 858 -31.02 -19.30 25.99
C LYS A 858 -30.41 -19.88 27.27
N MET A 859 -30.50 -19.10 28.35
CA MET A 859 -29.96 -19.51 29.64
C MET A 859 -31.00 -20.21 30.49
N SER A 860 -30.63 -21.33 31.08
CA SER A 860 -31.52 -22.10 31.93
C SER A 860 -31.68 -21.45 33.30
N ALA A 861 -32.92 -21.23 33.72
CA ALA A 861 -33.20 -20.64 35.03
C ALA A 861 -33.05 -21.65 36.16
N VAL A 862 -31.95 -21.58 36.90
CA VAL A 862 -31.72 -22.46 38.07
C VAL A 862 -32.22 -21.82 39.38
N GLU A 863 -33.01 -22.59 40.13
CA GLU A 863 -33.62 -22.16 41.41
C GLU A 863 -33.34 -20.72 41.82
N GLY A 864 -32.21 -20.53 42.48
CA GLY A 864 -31.96 -19.32 43.24
C GLY A 864 -31.32 -18.20 42.48
N ILE A 865 -31.12 -18.40 41.19
CA ILE A 865 -30.63 -17.30 40.38
C ILE A 865 -31.81 -16.50 39.82
N CYS A 866 -31.61 -15.20 39.68
CA CYS A 866 -32.64 -14.30 39.21
C CYS A 866 -32.49 -14.01 37.72
N THR A 867 -33.60 -13.71 37.05
CA THR A 867 -33.54 -13.40 35.63
C THR A 867 -34.74 -12.62 35.08
N SER A 868 -34.79 -12.53 33.77
CA SER A 868 -35.76 -11.68 33.09
C SER A 868 -36.89 -12.48 32.43
N GLU A 869 -36.68 -13.77 32.19
CA GLU A 869 -37.75 -14.68 31.76
C GLU A 869 -38.65 -14.98 32.97
N SER A 870 -39.91 -15.33 32.74
CA SER A 870 -40.83 -15.62 33.84
C SER A 870 -40.36 -16.85 34.60
N LYS A 882 -35.63 -18.22 27.18
CA LYS A 882 -36.39 -17.69 26.05
C LYS A 882 -35.58 -17.67 24.75
N CYS A 883 -36.26 -17.75 23.61
CA CYS A 883 -35.61 -17.85 22.29
C CYS A 883 -35.51 -16.52 21.54
N VAL A 884 -34.42 -15.81 21.76
CA VAL A 884 -34.16 -14.53 21.10
C VAL A 884 -33.26 -14.69 19.87
N ARG A 885 -33.81 -15.22 18.78
CA ARG A 885 -32.97 -15.61 17.64
C ARG A 885 -32.28 -14.45 16.95
N GLN A 886 -31.01 -14.66 16.64
CA GLN A 886 -30.16 -13.62 16.07
C GLN A 886 -29.46 -14.19 14.84
N LYS A 887 -28.59 -13.39 14.23
CA LYS A 887 -27.90 -13.81 13.02
C LYS A 887 -26.42 -13.53 13.13
N VAL A 888 -25.62 -14.47 12.67
CA VAL A 888 -24.17 -14.33 12.71
C VAL A 888 -23.60 -14.25 11.31
N GLU A 889 -22.93 -13.14 11.03
CA GLU A 889 -22.22 -13.01 9.77
C GLU A 889 -21.20 -14.15 9.69
N GLY A 890 -21.04 -14.71 8.50
CA GLY A 890 -20.24 -15.90 8.31
C GLY A 890 -18.81 -15.77 8.80
N SER A 891 -18.29 -16.85 9.38
CA SER A 891 -16.89 -16.85 9.73
C SER A 891 -16.58 -15.70 10.67
N SER A 892 -17.32 -15.59 11.77
CA SER A 892 -17.05 -14.54 12.75
C SER A 892 -17.63 -14.86 14.12
N SER A 893 -18.24 -13.86 14.73
CA SER A 893 -18.86 -14.05 16.03
C SER A 893 -19.80 -12.91 16.46
N HIS A 894 -20.94 -13.27 17.03
CA HIS A 894 -21.90 -12.32 17.58
C HIS A 894 -21.87 -12.45 19.11
N LEU A 895 -21.43 -11.37 19.76
CA LEU A 895 -21.37 -11.32 21.22
C LEU A 895 -22.70 -11.75 21.78
N VAL A 896 -22.70 -12.18 23.02
CA VAL A 896 -23.95 -12.54 23.67
C VAL A 896 -23.92 -11.95 25.06
N THR A 897 -25.07 -11.85 25.70
CA THR A 897 -25.11 -11.45 27.11
C THR A 897 -26.40 -11.91 27.81
N PHE A 898 -26.27 -12.13 29.12
CA PHE A 898 -27.40 -12.44 30.00
C PHE A 898 -27.09 -11.86 31.37
N THR A 899 -28.04 -11.13 31.93
CA THR A 899 -27.85 -10.60 33.26
C THR A 899 -28.60 -11.45 34.28
N VAL A 900 -28.03 -11.57 35.49
CA VAL A 900 -28.58 -12.34 36.61
C VAL A 900 -28.14 -11.76 37.96
N LEU A 901 -28.64 -12.36 39.03
CA LEU A 901 -28.35 -11.92 40.38
C LEU A 901 -28.78 -12.96 41.41
N PRO A 902 -27.81 -13.68 42.01
CA PRO A 902 -27.97 -14.80 42.93
C PRO A 902 -28.16 -14.38 44.40
N LEU A 903 -28.98 -15.14 45.11
CA LEU A 903 -29.28 -14.91 46.52
C LEU A 903 -28.88 -16.13 47.31
N GLU A 904 -28.69 -17.23 46.57
CA GLU A 904 -28.19 -18.47 47.13
C GLU A 904 -26.67 -18.57 46.95
N ILE A 905 -25.97 -18.44 48.07
CA ILE A 905 -24.50 -18.37 48.13
C ILE A 905 -23.89 -19.74 47.87
N GLY A 906 -22.93 -19.80 46.98
CA GLY A 906 -22.39 -21.06 46.54
C GLY A 906 -23.15 -21.66 45.37
N LEU A 907 -24.42 -21.27 45.18
CA LEU A 907 -25.28 -21.88 44.15
C LEU A 907 -24.67 -21.80 42.76
N HIS A 908 -24.61 -22.96 42.11
CA HIS A 908 -23.87 -23.13 40.87
C HIS A 908 -24.79 -23.54 39.73
N ASN A 909 -24.20 -24.15 38.70
CA ASN A 909 -24.90 -24.72 37.56
C ASN A 909 -25.76 -23.76 36.75
N ILE A 910 -25.40 -23.62 35.48
CA ILE A 910 -26.24 -22.92 34.51
C ILE A 910 -26.02 -23.58 33.17
N ASN A 911 -27.06 -24.21 32.65
CA ASN A 911 -26.99 -24.85 31.34
C ASN A 911 -27.33 -23.84 30.21
N PHE A 912 -26.39 -23.64 29.28
CA PHE A 912 -26.63 -22.77 28.13
C PHE A 912 -26.86 -23.59 26.85
N SER A 913 -27.64 -23.03 25.93
CA SER A 913 -28.06 -23.73 24.71
C SER A 913 -28.28 -22.77 23.53
N LEU A 914 -27.80 -23.17 22.34
CA LEU A 914 -27.99 -22.40 21.11
C LEU A 914 -28.67 -23.25 20.05
N GLU A 915 -29.35 -22.61 19.11
CA GLU A 915 -30.06 -23.35 18.09
C GLU A 915 -29.70 -22.89 16.69
N THR A 916 -29.55 -23.85 15.80
CA THR A 916 -29.23 -23.58 14.41
C THR A 916 -29.95 -24.58 13.54
N TRP A 917 -30.18 -24.20 12.29
CA TRP A 917 -30.90 -25.05 11.35
C TRP A 917 -30.54 -26.50 11.54
N PHE A 918 -29.25 -26.80 11.49
CA PHE A 918 -28.80 -28.18 11.60
C PHE A 918 -28.19 -28.56 12.95
N GLY A 919 -28.51 -27.80 14.00
CA GLY A 919 -27.95 -28.10 15.30
C GLY A 919 -28.61 -27.44 16.50
N LYS A 920 -28.36 -28.04 17.65
CA LYS A 920 -28.82 -27.51 18.94
C LYS A 920 -27.91 -28.08 20.02
N GLU A 921 -27.20 -27.19 20.74
CA GLU A 921 -26.10 -27.58 21.62
C GLU A 921 -26.30 -27.04 23.05
N ILE A 922 -25.78 -27.75 24.04
CA ILE A 922 -25.92 -27.32 25.44
C ILE A 922 -24.63 -27.31 26.23
N LEU A 923 -24.09 -26.13 26.45
CA LEU A 923 -22.88 -25.96 27.24
C LEU A 923 -23.24 -25.64 28.69
N VAL A 924 -22.86 -26.52 29.60
CA VAL A 924 -23.13 -26.30 31.02
C VAL A 924 -22.01 -25.59 31.79
N LYS A 925 -22.42 -24.66 32.64
CA LYS A 925 -21.50 -23.79 33.36
C LYS A 925 -21.84 -23.71 34.85
N THR A 926 -20.98 -23.06 35.61
CA THR A 926 -21.09 -23.07 37.07
C THR A 926 -20.57 -21.79 37.75
N LEU A 927 -21.44 -21.21 38.58
CA LEU A 927 -21.22 -19.87 39.12
C LEU A 927 -20.86 -19.90 40.60
N ARG A 928 -19.71 -19.33 40.95
CA ARG A 928 -19.27 -19.26 42.35
C ARG A 928 -19.89 -18.05 43.08
N VAL A 929 -20.71 -18.30 44.09
CA VAL A 929 -21.40 -17.23 44.83
C VAL A 929 -20.86 -17.04 46.27
N VAL A 930 -20.53 -15.80 46.63
CA VAL A 930 -19.81 -15.47 47.88
C VAL A 930 -20.54 -14.42 48.71
N PRO A 931 -20.13 -14.20 49.96
CA PRO A 931 -20.49 -13.02 50.76
C PRO A 931 -19.28 -12.15 51.07
N GLU A 932 -19.35 -11.39 52.17
CA GLU A 932 -18.55 -10.17 52.32
C GLU A 932 -17.83 -10.01 53.68
N GLY A 933 -16.52 -10.23 53.74
CA GLY A 933 -15.77 -10.14 55.01
C GLY A 933 -15.38 -11.45 55.72
N VAL A 934 -14.67 -12.32 55.00
CA VAL A 934 -14.28 -13.66 55.49
C VAL A 934 -13.22 -13.63 56.56
N LYS A 935 -13.54 -14.19 57.73
CA LYS A 935 -12.56 -14.43 58.79
C LYS A 935 -12.72 -15.90 59.27
N ARG A 936 -11.63 -16.64 59.44
CA ARG A 936 -11.73 -17.97 60.02
C ARG A 936 -11.02 -18.09 61.38
N GLU A 937 -11.77 -18.50 62.40
CA GLU A 937 -11.27 -18.72 63.76
C GLU A 937 -11.37 -20.20 64.18
N SER A 938 -10.21 -20.85 64.28
CA SER A 938 -10.11 -22.31 64.34
C SER A 938 -9.61 -22.90 65.67
N TYR A 939 -9.41 -22.05 66.67
CA TYR A 939 -8.66 -22.41 67.90
C TYR A 939 -9.18 -23.57 68.73
N SER A 940 -10.37 -24.05 68.39
CA SER A 940 -10.83 -25.32 68.92
C SER A 940 -9.89 -26.41 68.44
N GLY A 941 -9.57 -27.33 69.34
CA GLY A 941 -8.69 -28.43 69.02
C GLY A 941 -8.49 -29.24 70.27
N VAL A 942 -8.28 -30.54 70.12
CA VAL A 942 -8.00 -31.43 71.24
C VAL A 942 -6.85 -32.38 70.90
N THR A 943 -6.42 -33.12 71.92
CA THR A 943 -5.75 -34.39 71.67
C THR A 943 -6.56 -35.45 72.36
N LEU A 944 -6.88 -36.49 71.64
CA LEU A 944 -7.54 -37.58 72.32
C LEU A 944 -6.43 -38.41 72.96
N ASP A 945 -6.52 -38.53 74.30
CA ASP A 945 -5.56 -39.35 75.06
C ASP A 945 -6.29 -40.18 76.08
N PRO A 946 -6.70 -41.35 75.69
CA PRO A 946 -7.45 -42.21 76.59
C PRO A 946 -6.60 -42.60 77.76
N ARG A 947 -5.36 -42.97 77.44
CA ARG A 947 -4.40 -43.47 78.47
C ARG A 947 -3.66 -42.43 79.36
N GLY A 948 -4.11 -41.17 79.37
CA GLY A 948 -3.50 -40.14 80.21
C GLY A 948 -1.98 -40.20 80.16
N ILE A 949 -1.53 -40.32 78.91
CA ILE A 949 -0.12 -40.42 78.53
C ILE A 949 0.55 -39.04 78.48
N TYR A 950 -0.19 -37.96 78.38
CA TYR A 950 0.61 -36.76 78.24
C TYR A 950 0.40 -35.73 79.33
N GLY A 951 -0.55 -35.97 80.23
CA GLY A 951 -0.86 -34.97 81.27
C GLY A 951 -2.22 -35.25 81.92
N THR A 952 -3.07 -36.01 81.24
CA THR A 952 -4.38 -36.40 81.80
C THR A 952 -5.12 -37.27 80.81
N ILE A 953 -6.25 -37.82 81.23
CA ILE A 953 -7.09 -38.55 80.30
C ILE A 953 -8.01 -37.60 79.54
N SER A 954 -8.01 -37.72 78.21
CA SER A 954 -8.80 -36.84 77.33
C SER A 954 -9.71 -37.68 76.45
N ARG A 955 -10.97 -37.78 76.85
CA ARG A 955 -11.91 -38.60 76.13
C ARG A 955 -13.21 -37.87 75.83
N ARG A 956 -13.23 -36.54 76.07
CA ARG A 956 -14.36 -35.68 75.64
C ARG A 956 -14.06 -34.15 75.68
N LYS A 957 -13.92 -33.56 74.48
CA LYS A 957 -13.82 -32.10 74.30
C LYS A 957 -15.04 -31.64 73.57
N GLU A 958 -15.39 -30.38 73.77
CA GLU A 958 -16.64 -29.85 73.28
C GLU A 958 -16.49 -28.50 72.57
N PHE A 959 -16.64 -28.55 71.24
CA PHE A 959 -16.73 -27.35 70.40
C PHE A 959 -18.19 -27.02 70.18
N PRO A 960 -18.64 -25.88 70.71
CA PRO A 960 -20.02 -25.43 70.60
C PRO A 960 -20.24 -24.44 69.45
N TYR A 961 -21.41 -23.82 69.49
CA TYR A 961 -21.77 -22.71 68.63
C TYR A 961 -21.34 -21.39 69.24
N ARG A 962 -20.65 -20.57 68.46
CA ARG A 962 -20.38 -19.20 68.87
C ARG A 962 -20.52 -18.25 67.69
N ILE A 963 -21.75 -17.84 67.42
CA ILE A 963 -22.04 -16.88 66.35
C ILE A 963 -21.56 -15.47 66.72
N PRO A 964 -20.48 -15.02 66.07
CA PRO A 964 -19.88 -13.72 66.36
C PRO A 964 -20.91 -12.65 66.03
N LEU A 965 -21.13 -11.68 66.93
CA LEU A 965 -22.20 -10.70 66.70
C LEU A 965 -21.98 -9.80 65.46
N ASP A 966 -20.98 -10.14 64.64
CA ASP A 966 -20.72 -9.45 63.39
C ASP A 966 -21.06 -10.32 62.20
N LEU A 967 -21.86 -11.35 62.42
CA LEU A 967 -22.13 -12.31 61.34
C LEU A 967 -22.81 -11.59 60.16
N VAL A 968 -22.40 -11.92 58.93
CA VAL A 968 -23.10 -11.41 57.75
C VAL A 968 -24.39 -12.20 57.50
N PRO A 969 -25.55 -11.64 57.89
CA PRO A 969 -26.79 -12.42 58.09
C PRO A 969 -27.07 -13.47 57.03
N LYS A 970 -27.93 -14.42 57.35
CA LYS A 970 -28.30 -15.50 56.44
C LYS A 970 -27.14 -16.24 55.78
N THR A 971 -25.98 -16.27 56.42
CA THR A 971 -24.85 -17.07 55.94
C THR A 971 -24.42 -18.07 56.99
N GLU A 972 -24.64 -19.35 56.71
CA GLU A 972 -24.30 -20.41 57.66
C GLU A 972 -22.81 -20.46 58.07
N ILE A 973 -22.56 -20.83 59.33
CA ILE A 973 -21.21 -21.02 59.85
C ILE A 973 -20.65 -22.41 59.46
N LYS A 974 -19.71 -22.41 58.52
CA LYS A 974 -19.10 -23.63 58.00
C LYS A 974 -17.84 -24.02 58.78
N ARG A 975 -17.75 -25.28 59.22
CA ARG A 975 -16.60 -25.74 60.03
C ARG A 975 -16.15 -27.19 59.82
N ILE A 976 -14.83 -27.37 59.83
CA ILE A 976 -14.20 -28.65 59.56
C ILE A 976 -13.70 -29.27 60.83
N LEU A 977 -13.49 -30.58 60.79
CA LEU A 977 -13.23 -31.43 61.96
C LEU A 977 -12.26 -32.52 61.56
N SER A 978 -10.97 -32.29 61.78
CA SER A 978 -9.91 -33.19 61.30
C SER A 978 -9.40 -34.14 62.39
N VAL A 979 -9.81 -35.40 62.30
CA VAL A 979 -9.46 -36.40 63.30
C VAL A 979 -8.44 -37.37 62.72
N LYS A 980 -7.21 -37.32 63.21
CA LYS A 980 -6.16 -38.25 62.77
C LYS A 980 -5.35 -38.87 63.91
N GLY A 981 -4.98 -40.15 63.75
CA GLY A 981 -4.07 -40.79 64.68
C GLY A 981 -2.65 -40.29 64.55
N LEU A 982 -1.96 -40.21 65.67
CA LEU A 982 -0.57 -39.76 65.73
C LEU A 982 -0.39 -38.24 65.84
N LEU A 983 0.72 -37.82 66.45
CA LEU A 983 1.03 -36.41 66.63
C LEU A 983 1.60 -35.93 65.34
N VAL A 984 1.73 -36.88 64.44
CA VAL A 984 2.39 -36.62 63.20
C VAL A 984 1.47 -37.13 62.09
N GLY A 985 0.18 -37.25 62.40
CA GLY A 985 -0.85 -37.62 61.43
C GLY A 985 -1.45 -36.51 60.56
N GLU A 986 -1.50 -35.29 61.07
CA GLU A 986 -1.95 -34.14 60.29
C GLU A 986 -0.93 -33.89 59.20
N ILE A 987 0.33 -33.89 59.60
CA ILE A 987 1.47 -33.79 58.71
C ILE A 987 1.60 -35.02 57.78
N LEU A 988 0.95 -36.14 58.14
CA LEU A 988 0.88 -37.30 57.21
C LEU A 988 -0.22 -37.09 56.16
N SER A 989 -1.45 -36.85 56.60
CA SER A 989 -2.61 -36.69 55.73
C SER A 989 -2.39 -35.61 54.66
N ALA A 990 -1.88 -34.45 55.08
CA ALA A 990 -1.53 -33.38 54.16
C ALA A 990 -0.83 -33.95 52.91
N VAL A 991 0.26 -34.68 53.10
CA VAL A 991 1.07 -35.16 51.98
C VAL A 991 0.58 -36.48 51.35
N LEU A 992 -0.44 -37.12 51.90
CA LEU A 992 -0.91 -38.36 51.27
C LEU A 992 -2.42 -38.46 51.16
N SER A 993 -3.00 -37.51 50.45
CA SER A 993 -4.44 -37.46 50.23
C SER A 993 -4.69 -36.50 49.10
N GLN A 994 -3.83 -35.48 49.01
CA GLN A 994 -3.71 -34.70 47.79
C GLN A 994 -2.46 -35.19 47.10
N GLU A 995 -2.34 -34.88 45.83
CA GLU A 995 -1.09 -35.09 45.16
C GLU A 995 -0.52 -33.70 44.96
N GLY A 996 0.57 -33.63 44.20
CA GLY A 996 1.19 -32.36 43.90
C GLY A 996 1.58 -31.64 45.18
N ILE A 997 2.89 -31.42 45.34
CA ILE A 997 3.42 -30.71 46.49
C ILE A 997 2.61 -29.42 46.68
N ASN A 998 2.65 -28.85 47.89
CA ASN A 998 1.71 -27.79 48.22
C ASN A 998 2.08 -27.03 49.50
N ILE A 999 1.90 -25.70 49.51
CA ILE A 999 2.18 -24.85 50.68
C ILE A 999 1.13 -25.03 51.76
N LEU A 1000 1.52 -24.93 53.02
CA LEU A 1000 0.58 -25.29 54.07
C LEU A 1000 -0.05 -24.10 54.77
N THR A 1001 -0.06 -22.97 54.09
CA THR A 1001 -0.78 -21.84 54.60
C THR A 1001 -1.35 -21.12 53.41
N HIS A 1002 -2.07 -20.04 53.65
CA HIS A 1002 -2.56 -19.23 52.57
C HIS A 1002 -1.48 -18.25 52.09
N LEU A 1003 -0.28 -18.37 52.63
CA LEU A 1003 0.80 -17.45 52.26
C LEU A 1003 1.24 -17.48 50.78
N PRO A 1004 1.28 -16.29 50.16
CA PRO A 1004 1.62 -15.86 48.81
C PRO A 1004 2.94 -16.41 48.31
N LYS A 1005 2.92 -16.97 47.10
CA LYS A 1005 4.05 -17.73 46.56
C LYS A 1005 5.30 -16.89 46.23
N GLY A 1006 5.22 -15.60 46.50
CA GLY A 1006 6.20 -14.63 46.02
C GLY A 1006 7.67 -14.98 46.16
N SER A 1007 8.12 -15.05 47.41
CA SER A 1007 9.52 -15.28 47.71
C SER A 1007 10.07 -16.50 47.04
N ALA A 1008 11.35 -16.75 47.31
CA ALA A 1008 11.96 -18.04 47.06
C ALA A 1008 11.52 -18.94 48.20
N GLU A 1009 11.66 -18.41 49.42
CA GLU A 1009 11.27 -19.07 50.64
C GLU A 1009 10.08 -19.97 50.33
N ALA A 1010 8.99 -19.34 49.90
CA ALA A 1010 7.75 -20.06 49.65
C ALA A 1010 7.94 -21.25 48.72
N GLU A 1011 8.74 -21.08 47.69
CA GLU A 1011 9.01 -22.17 46.75
C GLU A 1011 9.79 -23.28 47.45
N LEU A 1012 10.40 -22.97 48.60
CA LEU A 1012 11.05 -23.99 49.44
C LEU A 1012 10.06 -24.61 50.41
N MET A 1013 9.13 -23.81 50.91
CA MET A 1013 8.14 -24.32 51.85
C MET A 1013 7.31 -25.46 51.24
N SER A 1014 7.53 -25.74 49.97
CA SER A 1014 6.83 -26.80 49.26
C SER A 1014 7.49 -28.15 49.52
N VAL A 1015 8.83 -28.14 49.61
CA VAL A 1015 9.64 -29.36 49.76
C VAL A 1015 9.63 -29.92 51.19
N VAL A 1016 9.38 -29.03 52.14
CA VAL A 1016 9.26 -29.40 53.54
C VAL A 1016 8.20 -30.49 53.80
N PRO A 1017 6.89 -30.14 53.87
CA PRO A 1017 5.95 -31.18 54.33
C PRO A 1017 6.20 -32.59 53.82
N VAL A 1018 6.64 -32.77 52.57
CA VAL A 1018 6.99 -34.12 52.16
C VAL A 1018 8.26 -34.61 52.81
N PHE A 1019 9.38 -33.87 52.66
CA PHE A 1019 10.66 -34.33 53.27
C PHE A 1019 10.56 -34.92 54.69
N TYR A 1020 9.96 -34.16 55.61
CA TYR A 1020 9.79 -34.67 56.95
C TYR A 1020 9.00 -35.98 56.90
N VAL A 1021 7.88 -35.96 56.18
CA VAL A 1021 7.04 -37.13 56.07
C VAL A 1021 7.77 -38.35 55.44
N PHE A 1022 8.91 -38.14 54.80
CA PHE A 1022 9.61 -39.26 54.19
C PHE A 1022 10.66 -39.68 55.19
N HIS A 1023 11.15 -38.69 55.93
CA HIS A 1023 12.15 -38.92 56.95
C HIS A 1023 11.52 -39.69 58.09
N TYR A 1024 10.29 -39.31 58.40
CA TYR A 1024 9.41 -40.07 59.26
C TYR A 1024 9.07 -41.45 58.72
N LEU A 1025 8.47 -41.51 57.54
CA LEU A 1025 8.10 -42.80 57.02
C LEU A 1025 9.32 -43.72 56.98
N GLU A 1026 10.46 -43.19 56.56
CA GLU A 1026 11.65 -44.01 56.27
C GLU A 1026 12.48 -44.31 57.49
N THR A 1027 12.99 -43.24 58.09
CA THR A 1027 13.95 -43.37 59.16
C THR A 1027 13.30 -44.09 60.33
N GLY A 1028 12.04 -43.77 60.61
CA GLY A 1028 11.24 -44.52 61.55
C GLY A 1028 10.54 -45.71 60.92
N ASN A 1029 11.18 -46.31 59.92
CA ASN A 1029 10.48 -47.19 59.01
C ASN A 1029 9.02 -47.47 59.41
N HIS A 1030 8.14 -46.87 58.62
CA HIS A 1030 6.70 -46.91 58.82
C HIS A 1030 6.02 -47.08 57.48
N TRP A 1031 6.80 -47.40 56.48
CA TRP A 1031 6.26 -47.70 55.18
C TRP A 1031 5.01 -48.57 55.30
N ASN A 1032 4.94 -49.40 56.32
CA ASN A 1032 3.85 -50.36 56.45
C ASN A 1032 2.50 -49.75 56.82
N ILE A 1033 2.43 -48.43 56.90
CA ILE A 1033 1.12 -47.76 57.01
C ILE A 1033 0.20 -48.14 55.86
N PHE A 1034 0.78 -48.38 54.67
CA PHE A 1034 0.04 -48.59 53.41
C PHE A 1034 -0.49 -49.99 53.19
N HIS A 1035 -1.75 -50.06 52.76
CA HIS A 1035 -2.36 -51.31 52.37
C HIS A 1035 -1.95 -51.62 50.93
N SER A 1036 -1.58 -50.58 50.20
CA SER A 1036 -1.17 -50.68 48.79
C SER A 1036 0.16 -51.40 48.63
N ASP A 1037 0.79 -51.26 47.47
CA ASP A 1037 2.21 -51.56 47.39
C ASP A 1037 2.91 -50.34 47.91
N PRO A 1038 3.81 -50.55 48.86
CA PRO A 1038 4.51 -49.47 49.55
C PRO A 1038 5.72 -48.97 48.76
N LEU A 1039 6.47 -49.89 48.19
CA LEU A 1039 7.73 -49.52 47.56
C LEU A 1039 7.47 -48.40 46.56
N ILE A 1040 6.36 -48.52 45.84
CA ILE A 1040 5.97 -47.55 44.84
C ILE A 1040 5.52 -46.26 45.53
N GLU A 1041 4.80 -46.40 46.64
CA GLU A 1041 4.35 -45.24 47.38
C GLU A 1041 5.59 -44.42 47.70
N LYS A 1042 6.70 -45.13 47.90
CA LYS A 1042 7.98 -44.50 48.19
C LYS A 1042 8.37 -43.59 47.04
N GLN A 1043 8.56 -44.21 45.88
CA GLN A 1043 8.97 -43.49 44.69
C GLN A 1043 8.25 -42.17 44.59
N LYS A 1044 6.92 -42.25 44.59
CA LYS A 1044 6.04 -41.09 44.40
C LYS A 1044 6.39 -39.97 45.37
N LEU A 1045 6.88 -40.36 46.55
CA LEU A 1045 7.29 -39.37 47.50
C LEU A 1045 8.68 -38.93 47.11
N LYS A 1046 9.49 -39.88 46.70
CA LYS A 1046 10.83 -39.56 46.22
C LYS A 1046 10.72 -38.47 45.16
N LYS A 1047 10.02 -38.79 44.10
CA LYS A 1047 9.72 -37.80 43.09
C LYS A 1047 9.28 -36.52 43.79
N LYS A 1048 8.14 -36.58 44.45
CA LYS A 1048 7.50 -35.37 44.96
C LYS A 1048 8.54 -34.47 45.56
N LEU A 1049 9.61 -35.09 46.04
CA LEU A 1049 10.76 -34.41 46.60
C LEU A 1049 11.64 -33.77 45.52
N LYS A 1050 12.30 -34.59 44.71
CA LYS A 1050 13.15 -34.00 43.70
C LYS A 1050 12.43 -32.87 42.97
N GLU A 1051 11.25 -33.14 42.40
CA GLU A 1051 10.61 -32.12 41.58
C GLU A 1051 10.35 -30.82 42.37
N GLY A 1052 9.96 -30.96 43.63
CA GLY A 1052 9.79 -29.81 44.48
C GLY A 1052 11.13 -29.13 44.58
N MET A 1053 12.18 -29.95 44.54
CA MET A 1053 13.55 -29.50 44.70
C MET A 1053 13.97 -28.59 43.56
N LEU A 1054 13.49 -28.89 42.37
CA LEU A 1054 13.90 -28.08 41.24
C LEU A 1054 13.12 -26.80 41.35
N SER A 1055 11.89 -26.92 41.85
CA SER A 1055 10.97 -25.78 41.89
C SER A 1055 11.66 -24.47 42.25
N ILE A 1056 12.82 -24.57 42.87
CA ILE A 1056 13.55 -23.42 43.37
C ILE A 1056 14.67 -22.95 42.44
N MET A 1057 15.26 -23.89 41.71
CA MET A 1057 16.40 -23.58 40.88
C MET A 1057 16.34 -22.15 40.39
N SER A 1058 15.17 -21.78 39.90
CA SER A 1058 14.93 -20.47 39.35
C SER A 1058 15.47 -19.35 40.22
N TYR A 1059 15.45 -19.55 41.53
CA TYR A 1059 15.89 -18.50 42.44
C TYR A 1059 17.37 -18.64 42.74
N ARG A 1060 17.97 -19.69 42.19
CA ARG A 1060 19.40 -19.87 42.38
C ARG A 1060 20.21 -18.95 41.50
N ASN A 1061 21.03 -18.09 42.09
CA ASN A 1061 21.89 -17.25 41.27
C ASN A 1061 23.08 -17.96 40.62
N ALA A 1062 24.05 -17.16 40.19
CA ALA A 1062 25.12 -17.63 39.33
C ALA A 1062 26.26 -18.25 40.10
N ASP A 1063 26.78 -17.45 41.04
CA ASP A 1063 27.90 -17.82 41.90
C ASP A 1063 27.48 -18.85 42.93
N TYR A 1064 26.29 -19.40 42.73
CA TYR A 1064 25.78 -20.46 43.57
C TYR A 1064 25.09 -19.91 44.79
N SER A 1065 25.18 -18.60 44.98
CA SER A 1065 24.35 -17.97 45.98
C SER A 1065 22.89 -18.07 45.51
N TYR A 1066 22.01 -18.40 46.44
CA TYR A 1066 20.59 -18.41 46.18
C TYR A 1066 20.06 -16.97 46.27
N SER A 1067 18.76 -16.74 46.13
CA SER A 1067 18.20 -15.38 46.29
C SER A 1067 16.70 -15.35 46.62
N VAL A 1068 16.30 -14.28 47.31
CA VAL A 1068 14.95 -14.13 47.84
C VAL A 1068 13.82 -14.22 46.81
N TRP A 1069 13.70 -13.18 45.97
CA TRP A 1069 12.83 -13.21 44.78
C TRP A 1069 13.66 -13.12 43.49
N LYS A 1070 13.15 -13.76 42.43
CA LYS A 1070 13.96 -14.06 41.26
C LYS A 1070 14.93 -12.94 40.91
N GLY A 1071 16.19 -13.33 40.76
CA GLY A 1071 17.23 -12.41 40.33
C GLY A 1071 17.70 -11.40 41.36
N GLY A 1072 16.86 -11.18 42.38
CA GLY A 1072 17.18 -10.25 43.45
C GLY A 1072 18.61 -10.43 43.91
N SER A 1073 19.18 -9.40 44.52
CA SER A 1073 20.55 -9.48 45.00
C SER A 1073 20.58 -10.67 45.91
N ALA A 1074 21.58 -11.53 45.73
CA ALA A 1074 21.69 -12.73 46.55
C ALA A 1074 21.52 -12.44 48.06
N SER A 1075 20.58 -13.13 48.70
CA SER A 1075 20.35 -12.93 50.13
C SER A 1075 21.13 -13.98 50.89
N THR A 1076 21.94 -13.54 51.84
CA THR A 1076 22.77 -14.48 52.60
C THR A 1076 21.90 -15.43 53.47
N TRP A 1077 20.91 -14.83 54.14
CA TRP A 1077 19.84 -15.50 54.90
C TRP A 1077 19.17 -16.69 54.19
N LEU A 1078 18.61 -16.46 53.02
CA LEU A 1078 17.97 -17.52 52.25
C LEU A 1078 19.01 -18.36 51.55
N THR A 1079 20.22 -17.83 51.40
CA THR A 1079 21.30 -18.61 50.80
C THR A 1079 21.56 -19.80 51.68
N ALA A 1080 21.37 -19.57 52.97
CA ALA A 1080 21.38 -20.68 53.91
C ALA A 1080 20.04 -21.40 53.95
N PHE A 1081 18.96 -20.69 54.26
CA PHE A 1081 17.72 -21.42 54.47
C PHE A 1081 17.54 -22.53 53.46
N ALA A 1082 17.91 -22.28 52.21
CA ALA A 1082 17.95 -23.37 51.23
C ALA A 1082 19.04 -24.37 51.65
N LEU A 1083 20.25 -23.87 51.89
CA LEU A 1083 21.33 -24.73 52.33
C LEU A 1083 20.72 -25.68 53.29
N ARG A 1084 20.15 -25.12 54.36
CA ARG A 1084 19.44 -25.91 55.33
C ARG A 1084 18.52 -26.98 54.68
N VAL A 1085 17.44 -26.60 54.01
CA VAL A 1085 16.50 -27.62 53.54
C VAL A 1085 17.09 -28.44 52.38
N LEU A 1086 18.17 -27.95 51.81
CA LEU A 1086 18.91 -28.67 50.77
C LEU A 1086 19.65 -29.87 51.32
N GLY A 1087 20.34 -29.67 52.45
CA GLY A 1087 21.12 -30.70 53.12
C GLY A 1087 20.28 -31.71 53.88
N GLN A 1088 19.06 -31.28 54.22
CA GLN A 1088 18.09 -32.12 54.90
C GLN A 1088 17.57 -33.16 53.90
N VAL A 1089 17.10 -32.67 52.78
CA VAL A 1089 16.61 -33.54 51.73
C VAL A 1089 17.75 -34.31 51.05
N ASN A 1090 18.99 -33.99 51.37
CA ASN A 1090 20.10 -34.74 50.83
C ASN A 1090 20.04 -36.16 51.33
N LYS A 1091 19.32 -36.36 52.42
CA LYS A 1091 19.30 -37.66 53.06
C LYS A 1091 18.83 -38.75 52.13
N TYR A 1092 17.87 -38.40 51.30
CA TYR A 1092 17.18 -39.40 50.48
C TYR A 1092 17.17 -39.02 49.00
N VAL A 1093 17.65 -37.82 48.71
CA VAL A 1093 17.68 -37.33 47.34
C VAL A 1093 19.04 -36.69 47.17
N GLU A 1094 19.98 -37.48 46.67
CA GLU A 1094 21.36 -37.04 46.58
C GLU A 1094 21.35 -35.69 45.94
N GLN A 1095 22.00 -34.73 46.55
CA GLN A 1095 22.07 -33.41 45.97
C GLN A 1095 23.42 -33.20 45.31
N ASN A 1096 23.45 -32.22 44.41
CA ASN A 1096 24.59 -31.98 43.55
C ASN A 1096 25.77 -31.50 44.36
N GLN A 1097 26.83 -32.31 44.41
CA GLN A 1097 27.92 -31.94 45.28
C GLN A 1097 28.40 -30.53 44.98
N ASN A 1098 29.22 -30.36 43.95
CA ASN A 1098 29.88 -29.06 43.79
C ASN A 1098 28.91 -27.87 43.83
N SER A 1099 27.63 -28.15 43.67
CA SER A 1099 26.63 -27.10 43.85
C SER A 1099 26.71 -26.67 45.30
N ILE A 1100 26.25 -27.56 46.17
CA ILE A 1100 26.19 -27.31 47.59
C ILE A 1100 27.53 -26.77 48.05
N CYS A 1101 28.61 -27.38 47.57
CA CYS A 1101 29.96 -26.97 47.94
C CYS A 1101 30.10 -25.47 47.85
N ASN A 1102 30.18 -24.94 46.63
CA ASN A 1102 30.33 -23.50 46.46
C ASN A 1102 29.30 -22.78 47.28
N SER A 1103 28.10 -23.36 47.33
CA SER A 1103 26.96 -22.82 48.07
C SER A 1103 27.29 -22.46 49.53
N LEU A 1104 28.02 -23.34 50.21
CA LEU A 1104 28.56 -23.04 51.54
C LEU A 1104 29.65 -21.96 51.40
N LEU A 1105 30.68 -22.33 50.62
CA LEU A 1105 31.87 -21.51 50.42
C LEU A 1105 31.57 -20.09 49.93
N TRP A 1106 30.30 -19.81 49.66
CA TRP A 1106 29.93 -18.44 49.39
C TRP A 1106 29.78 -17.66 50.69
N LEU A 1107 28.91 -18.16 51.58
CA LEU A 1107 28.59 -17.42 52.80
C LEU A 1107 29.89 -17.13 53.50
N VAL A 1108 30.56 -18.22 53.89
CA VAL A 1108 31.83 -18.16 54.58
C VAL A 1108 32.78 -17.14 53.96
N GLU A 1109 33.27 -17.44 52.77
CA GLU A 1109 34.36 -16.65 52.19
C GLU A 1109 34.03 -15.17 52.02
N ASN A 1110 32.74 -14.83 52.03
CA ASN A 1110 32.33 -13.47 51.72
C ASN A 1110 31.51 -12.77 52.81
N TYR A 1111 30.65 -13.50 53.48
CA TYR A 1111 29.71 -12.85 54.39
C TYR A 1111 29.83 -13.21 55.86
N GLN A 1112 31.06 -13.39 56.34
CA GLN A 1112 31.31 -13.74 57.73
C GLN A 1112 32.29 -12.81 58.42
N LEU A 1113 31.77 -11.82 59.11
CA LEU A 1113 32.59 -10.74 59.69
C LEU A 1113 33.84 -11.20 60.43
N ASP A 1114 34.75 -10.26 60.65
CA ASP A 1114 35.98 -10.50 61.38
C ASP A 1114 35.74 -10.81 62.85
N ASN A 1115 34.69 -11.56 63.13
CA ASN A 1115 34.36 -11.95 64.50
C ASN A 1115 33.42 -13.15 64.42
N GLY A 1116 33.49 -13.82 63.29
CA GLY A 1116 32.70 -15.01 63.06
C GLY A 1116 31.22 -14.79 62.81
N SER A 1117 30.75 -13.55 62.89
CA SER A 1117 29.33 -13.25 62.61
C SER A 1117 29.10 -13.10 61.10
N PHE A 1118 27.81 -13.09 60.69
CA PHE A 1118 27.44 -13.15 59.27
C PHE A 1118 26.62 -11.92 58.78
N LYS A 1119 27.21 -11.07 57.94
CA LYS A 1119 26.50 -9.89 57.44
C LYS A 1119 25.56 -10.26 56.31
N GLU A 1120 24.30 -9.83 56.41
CA GLU A 1120 23.32 -10.10 55.35
C GLU A 1120 23.52 -9.13 54.21
N ASN A 1121 23.56 -9.65 52.99
CA ASN A 1121 23.86 -8.83 51.81
C ASN A 1121 22.75 -7.86 51.41
N SER A 1122 21.66 -8.44 50.93
CA SER A 1122 20.51 -7.69 50.45
C SER A 1122 19.93 -6.80 51.54
N GLN A 1123 18.85 -6.11 51.20
CA GLN A 1123 18.18 -5.28 52.19
C GLN A 1123 17.14 -6.10 52.94
N TYR A 1124 17.07 -7.40 52.65
CA TYR A 1124 16.00 -8.20 53.20
C TYR A 1124 15.93 -8.13 54.72
N GLN A 1125 14.75 -7.75 55.21
CA GLN A 1125 14.38 -7.91 56.61
C GLN A 1125 13.42 -9.08 56.62
N PRO A 1126 13.82 -10.21 57.21
CA PRO A 1126 12.87 -11.33 57.29
C PRO A 1126 11.95 -11.11 58.49
N ILE A 1127 12.57 -10.81 59.63
CA ILE A 1127 11.86 -10.73 60.92
C ILE A 1127 12.02 -9.38 61.60
N LYS A 1128 10.96 -8.91 62.25
CA LYS A 1128 11.04 -7.68 63.02
C LYS A 1128 11.55 -7.97 64.41
N LEU A 1129 12.76 -7.55 64.72
CA LEU A 1129 13.29 -7.72 66.08
C LEU A 1129 13.00 -6.52 66.98
N GLN A 1130 12.71 -6.79 68.26
CA GLN A 1130 12.48 -5.72 69.22
C GLN A 1130 13.78 -5.04 69.65
N GLY A 1131 13.66 -3.92 70.34
CA GLY A 1131 14.80 -3.26 70.90
C GLY A 1131 15.23 -1.98 70.22
N THR A 1132 16.15 -1.28 70.88
CA THR A 1132 16.67 -0.01 70.41
C THR A 1132 17.31 -0.18 69.04
N LEU A 1133 17.48 0.93 68.33
CA LEU A 1133 18.18 0.90 67.06
C LEU A 1133 19.59 0.29 67.18
N PRO A 1134 20.27 0.52 68.33
CA PRO A 1134 21.54 -0.15 68.64
C PRO A 1134 21.30 -1.60 68.97
N VAL A 1135 20.45 -1.84 69.95
CA VAL A 1135 20.09 -3.20 70.32
C VAL A 1135 19.80 -3.99 69.07
N GLU A 1136 18.69 -3.67 68.41
CA GLU A 1136 18.21 -4.41 67.22
C GLU A 1136 19.37 -4.87 66.32
N ALA A 1137 20.34 -3.99 66.10
CA ALA A 1137 21.47 -4.31 65.25
C ALA A 1137 22.20 -5.51 65.82
N ARG A 1138 22.62 -5.38 67.06
CA ARG A 1138 23.28 -6.49 67.75
C ARG A 1138 22.35 -7.71 67.76
N GLU A 1139 21.05 -7.47 67.91
CA GLU A 1139 20.04 -8.54 67.86
C GLU A 1139 19.98 -9.13 66.48
N ASN A 1140 19.85 -8.25 65.49
CA ASN A 1140 19.74 -8.67 64.10
C ASN A 1140 20.97 -9.44 63.64
N SER A 1141 22.14 -9.08 64.17
CA SER A 1141 23.39 -9.79 63.86
C SER A 1141 23.40 -11.20 64.42
N LEU A 1142 22.97 -11.30 65.68
CA LEU A 1142 22.90 -12.59 66.32
C LEU A 1142 22.00 -13.51 65.50
N TYR A 1143 20.78 -13.04 65.19
CA TYR A 1143 19.81 -13.88 64.50
C TYR A 1143 20.40 -14.48 63.24
N LEU A 1144 20.91 -13.63 62.36
CA LEU A 1144 21.51 -14.10 61.12
C LEU A 1144 22.56 -15.15 61.49
N THR A 1145 23.55 -14.74 62.27
CA THR A 1145 24.64 -15.65 62.60
C THR A 1145 24.12 -16.92 63.27
N ALA A 1146 22.90 -16.88 63.79
CA ALA A 1146 22.31 -18.09 64.37
C ALA A 1146 21.81 -19.03 63.27
N PHE A 1147 21.17 -18.42 62.28
CA PHE A 1147 20.47 -19.10 61.18
C PHE A 1147 21.42 -19.69 60.14
N THR A 1148 22.46 -18.93 59.80
CA THR A 1148 23.48 -19.40 58.88
C THR A 1148 24.17 -20.66 59.39
N VAL A 1149 24.44 -20.67 60.70
CA VAL A 1149 25.02 -21.81 61.36
C VAL A 1149 24.13 -22.99 61.08
N ILE A 1150 22.86 -22.86 61.47
CA ILE A 1150 21.92 -23.96 61.39
C ILE A 1150 22.04 -24.59 60.02
N GLY A 1151 21.88 -23.71 59.04
CA GLY A 1151 22.11 -24.05 57.66
C GLY A 1151 23.42 -24.81 57.52
N ILE A 1152 24.54 -24.10 57.63
CA ILE A 1152 25.83 -24.70 57.29
C ILE A 1152 25.95 -26.02 57.98
N ARG A 1153 25.42 -26.05 59.18
CA ARG A 1153 25.31 -27.29 59.90
C ARG A 1153 24.49 -28.24 59.05
N LYS A 1154 23.17 -28.10 59.04
CA LYS A 1154 22.31 -29.13 58.45
C LYS A 1154 22.93 -29.83 57.25
N ALA A 1155 23.51 -29.02 56.37
CA ALA A 1155 23.97 -29.49 55.08
C ALA A 1155 25.42 -29.92 55.15
N PHE A 1156 26.11 -29.46 56.19
CA PHE A 1156 27.58 -29.60 56.25
C PHE A 1156 28.11 -30.91 55.65
N ASP A 1157 27.39 -32.00 55.86
CA ASP A 1157 27.97 -33.29 55.57
C ASP A 1157 28.29 -33.61 54.13
N ILE A 1158 27.65 -32.93 53.18
CA ILE A 1158 27.94 -33.18 51.78
C ILE A 1158 29.10 -32.36 51.27
N CYS A 1159 29.50 -31.36 52.03
CA CYS A 1159 30.76 -30.72 51.71
C CYS A 1159 31.60 -30.53 52.95
N PRO A 1160 31.90 -31.64 53.65
CA PRO A 1160 32.85 -31.60 54.76
C PRO A 1160 34.14 -30.98 54.27
N LEU A 1161 34.55 -29.88 54.89
CA LEU A 1161 35.64 -29.13 54.34
C LEU A 1161 36.39 -28.35 55.39
N VAL A 1162 37.70 -28.51 55.36
CA VAL A 1162 38.59 -27.78 56.23
C VAL A 1162 38.08 -26.35 56.26
N LYS A 1163 38.20 -25.68 55.13
CA LYS A 1163 37.99 -24.25 55.10
C LYS A 1163 36.60 -23.84 55.61
N ILE A 1164 35.66 -24.79 55.70
CA ILE A 1164 34.33 -24.44 56.20
C ILE A 1164 34.07 -24.98 57.58
N ASP A 1165 34.86 -25.95 57.99
CA ASP A 1165 34.79 -26.36 59.36
C ASP A 1165 35.26 -25.20 60.20
N THR A 1166 36.42 -24.68 59.82
CA THR A 1166 36.95 -23.45 60.37
C THR A 1166 35.81 -22.52 60.62
N ALA A 1167 35.36 -21.84 59.57
CA ALA A 1167 34.34 -20.82 59.74
C ALA A 1167 33.25 -21.29 60.68
N LEU A 1168 32.95 -22.59 60.70
CA LEU A 1168 31.87 -23.09 61.55
C LEU A 1168 32.06 -22.77 63.04
N ILE A 1169 33.33 -22.77 63.45
CA ILE A 1169 33.74 -22.49 64.82
C ILE A 1169 33.81 -21.00 65.06
N LYS A 1170 34.51 -20.29 64.17
CA LYS A 1170 34.52 -18.84 64.24
C LYS A 1170 33.10 -18.41 64.53
N ALA A 1171 32.15 -19.20 64.03
CA ALA A 1171 30.74 -18.87 64.14
C ALA A 1171 30.17 -19.23 65.49
N ASP A 1172 30.27 -20.51 65.85
CA ASP A 1172 29.80 -20.94 67.15
C ASP A 1172 30.40 -20.05 68.26
N ASN A 1173 31.65 -19.65 68.09
CA ASN A 1173 32.32 -18.80 69.06
C ASN A 1173 31.60 -17.50 69.31
N PHE A 1174 31.42 -16.73 68.26
CA PHE A 1174 30.65 -15.51 68.36
C PHE A 1174 29.43 -15.85 69.17
N LEU A 1175 28.86 -17.02 68.91
CA LEU A 1175 27.58 -17.36 69.51
C LEU A 1175 27.65 -17.46 71.04
N LEU A 1176 28.49 -18.33 71.56
CA LEU A 1176 28.69 -18.37 73.01
C LEU A 1176 29.06 -16.98 73.51
N GLU A 1177 30.18 -16.47 72.99
CA GLU A 1177 30.78 -15.21 73.42
C GLU A 1177 29.89 -14.00 73.23
N ASN A 1178 28.62 -14.19 72.86
CA ASN A 1178 27.75 -13.05 72.62
C ASN A 1178 26.25 -13.28 72.88
N THR A 1179 25.85 -14.44 73.40
CA THR A 1179 24.42 -14.67 73.58
C THR A 1179 23.88 -14.28 74.94
N LEU A 1180 24.63 -14.61 75.98
CA LEU A 1180 23.99 -14.89 77.26
C LEU A 1180 23.36 -13.74 78.00
N PRO A 1181 23.97 -12.55 77.98
CA PRO A 1181 23.15 -11.44 78.45
C PRO A 1181 21.92 -11.37 77.56
N ALA A 1182 21.00 -12.31 77.74
CA ALA A 1182 19.90 -12.54 76.80
C ALA A 1182 19.07 -11.28 76.55
N GLN A 1183 18.88 -10.95 75.27
CA GLN A 1183 18.06 -9.82 74.83
C GLN A 1183 16.59 -10.22 74.57
N SER A 1184 16.40 -11.40 73.97
CA SER A 1184 15.06 -11.99 73.77
C SER A 1184 15.02 -13.53 73.69
N THR A 1185 13.88 -14.10 74.10
CA THR A 1185 13.67 -15.54 74.14
C THR A 1185 13.85 -16.13 72.75
N PHE A 1186 13.27 -15.42 71.78
CA PHE A 1186 13.40 -15.77 70.38
C PHE A 1186 14.90 -15.79 70.07
N THR A 1187 15.60 -14.69 70.36
CA THR A 1187 17.03 -14.60 70.05
C THR A 1187 17.76 -15.83 70.53
N LEU A 1188 17.60 -16.03 71.83
CA LEU A 1188 18.27 -17.08 72.57
C LEU A 1188 18.12 -18.38 71.84
N ALA A 1189 16.86 -18.66 71.49
CA ALA A 1189 16.39 -19.98 71.14
C ALA A 1189 17.04 -20.54 69.88
N ILE A 1190 17.33 -19.67 68.91
CA ILE A 1190 18.02 -20.12 67.72
C ILE A 1190 19.49 -20.30 68.08
N SER A 1191 20.04 -19.36 68.83
CA SER A 1191 21.43 -19.46 69.24
C SER A 1191 21.63 -20.75 70.02
N ALA A 1192 20.55 -21.17 70.67
CA ALA A 1192 20.48 -22.43 71.39
C ALA A 1192 20.50 -23.58 70.42
N TYR A 1193 19.41 -23.67 69.68
CA TYR A 1193 19.23 -24.79 68.82
C TYR A 1193 20.45 -24.99 67.91
N ALA A 1194 21.18 -23.90 67.61
CA ALA A 1194 22.33 -23.95 66.68
C ALA A 1194 23.64 -24.49 67.27
N LEU A 1195 23.95 -24.10 68.51
CA LEU A 1195 25.01 -24.75 69.23
C LEU A 1195 24.61 -26.20 69.33
N SER A 1196 23.31 -26.43 69.57
CA SER A 1196 22.69 -27.77 69.64
C SER A 1196 23.11 -28.70 68.50
N LEU A 1197 23.38 -28.11 67.35
CA LEU A 1197 23.78 -28.92 66.21
C LEU A 1197 25.29 -29.02 66.11
N GLY A 1198 25.94 -28.94 67.27
CA GLY A 1198 27.39 -28.99 67.32
C GLY A 1198 27.90 -29.61 68.62
N ASP A 1199 28.89 -28.94 69.22
CA ASP A 1199 29.40 -29.32 70.53
C ASP A 1199 28.41 -28.96 71.61
N LYS A 1200 27.61 -29.95 71.95
CA LYS A 1200 26.52 -29.75 72.84
C LYS A 1200 27.02 -29.77 74.26
N THR A 1201 28.34 -29.70 74.44
CA THR A 1201 28.92 -29.86 75.78
C THR A 1201 29.75 -28.70 76.30
N HIS A 1202 29.91 -27.64 75.51
CA HIS A 1202 30.58 -26.46 76.01
C HIS A 1202 29.87 -25.98 77.26
N PRO A 1203 30.57 -26.03 78.38
CA PRO A 1203 29.99 -25.54 79.61
C PRO A 1203 29.07 -24.41 79.25
N GLN A 1204 29.62 -23.43 78.56
CA GLN A 1204 28.86 -22.26 78.23
C GLN A 1204 27.47 -22.60 77.67
N PHE A 1205 27.40 -23.43 76.63
CA PHE A 1205 26.12 -23.91 76.09
C PHE A 1205 25.19 -24.23 77.25
N ARG A 1206 25.73 -24.85 78.29
CA ARG A 1206 24.96 -25.23 79.48
C ARG A 1206 24.33 -23.99 80.08
N SER A 1207 25.09 -22.91 80.09
CA SER A 1207 24.63 -21.65 80.67
C SER A 1207 23.54 -21.09 79.77
N ILE A 1208 23.75 -21.17 78.47
CA ILE A 1208 22.79 -20.64 77.53
C ILE A 1208 21.49 -21.46 77.60
N VAL A 1209 21.64 -22.77 77.45
CA VAL A 1209 20.55 -23.74 77.59
C VAL A 1209 19.81 -23.52 78.89
N SER A 1210 20.57 -23.11 79.90
CA SER A 1210 20.00 -22.77 81.17
C SER A 1210 19.09 -21.58 80.98
N ALA A 1211 19.67 -20.51 80.47
CA ALA A 1211 18.97 -19.25 80.34
C ALA A 1211 17.63 -19.48 79.66
N LEU A 1212 17.69 -19.92 78.41
CA LEU A 1212 16.48 -20.29 77.71
C LEU A 1212 15.62 -21.14 78.62
N LYS A 1213 16.18 -22.25 79.10
CA LYS A 1213 15.42 -23.22 79.90
C LYS A 1213 14.82 -22.52 81.10
N ARG A 1214 15.54 -21.50 81.54
CA ARG A 1214 15.09 -20.63 82.60
C ARG A 1214 13.79 -19.97 82.16
N GLU A 1215 13.79 -19.41 80.96
CA GLU A 1215 12.74 -18.47 80.57
C GLU A 1215 11.33 -19.04 80.35
N ALA A 1216 11.24 -20.35 80.15
CA ALA A 1216 9.96 -20.99 79.84
C ALA A 1216 8.85 -20.53 80.78
N LEU A 1217 7.60 -20.95 80.48
CA LEU A 1217 6.45 -20.74 81.36
C LEU A 1217 5.53 -21.88 81.05
N VAL A 1218 4.33 -21.88 81.62
CA VAL A 1218 3.59 -23.13 81.61
C VAL A 1218 2.18 -23.17 82.20
N LYS A 1219 1.50 -24.27 81.90
CA LYS A 1219 0.04 -24.41 82.03
C LYS A 1219 -0.37 -25.61 82.87
N GLY A 1220 -1.01 -25.35 84.01
CA GLY A 1220 -1.44 -26.39 84.92
C GLY A 1220 -0.27 -27.06 85.62
N ASN A 1221 -0.43 -27.34 86.91
CA ASN A 1221 0.59 -28.00 87.71
C ASN A 1221 0.15 -29.43 88.03
N PRO A 1222 1.09 -30.38 88.00
CA PRO A 1222 2.44 -30.11 87.50
C PRO A 1222 2.35 -29.63 86.04
N PRO A 1223 3.46 -29.18 85.44
CA PRO A 1223 3.41 -28.86 84.02
C PRO A 1223 2.59 -29.86 83.14
N ILE A 1224 1.56 -29.36 82.42
CA ILE A 1224 0.92 -30.06 81.30
C ILE A 1224 1.27 -29.39 79.93
N TYR A 1225 1.44 -28.06 79.92
CA TYR A 1225 1.94 -27.37 78.74
C TYR A 1225 3.08 -26.44 79.04
N ARG A 1226 4.16 -26.62 78.31
CA ARG A 1226 5.33 -25.77 78.44
C ARG A 1226 5.52 -25.04 77.15
N PHE A 1227 5.87 -23.76 77.22
CA PHE A 1227 6.21 -23.04 76.01
C PHE A 1227 6.82 -21.72 76.35
N TRP A 1228 7.51 -21.12 75.38
CA TRP A 1228 8.19 -19.88 75.69
C TRP A 1228 7.43 -18.80 74.96
N LYS A 1229 7.69 -17.53 75.32
CA LYS A 1229 7.01 -16.38 74.71
C LYS A 1229 7.97 -15.58 73.84
N ASP A 1230 7.46 -14.68 73.00
CA ASP A 1230 8.33 -13.87 72.15
C ASP A 1230 9.31 -13.06 73.01
N ASN A 1231 8.77 -12.43 74.05
CA ASN A 1231 9.56 -11.55 74.91
C ASN A 1231 10.78 -12.22 75.54
N LEU A 1232 11.18 -11.68 76.69
CA LEU A 1232 12.26 -12.22 77.47
C LEU A 1232 12.22 -11.57 78.85
N GLN A 1233 11.48 -12.19 79.78
CA GLN A 1233 11.42 -11.74 81.19
C GLN A 1233 10.92 -10.32 81.45
N HIS A 1234 10.40 -9.65 80.42
CA HIS A 1234 9.73 -8.37 80.63
C HIS A 1234 8.30 -8.68 81.03
N LYS A 1235 7.92 -9.94 80.84
CA LYS A 1235 6.73 -10.55 81.44
C LYS A 1235 5.49 -9.66 81.49
N ASP A 1236 5.13 -9.06 80.37
CA ASP A 1236 3.83 -8.40 80.29
C ASP A 1236 2.80 -9.50 80.43
N SER A 1237 3.27 -10.72 80.19
CA SER A 1237 2.50 -11.95 80.37
C SER A 1237 1.30 -12.06 79.45
N SER A 1238 1.17 -11.11 78.52
CA SER A 1238 0.09 -11.14 77.54
C SER A 1238 0.22 -12.32 76.57
N VAL A 1239 -0.26 -13.48 77.02
CA VAL A 1239 -0.37 -14.66 76.17
C VAL A 1239 -1.85 -14.83 75.81
N PRO A 1240 -2.49 -13.73 75.39
CA PRO A 1240 -3.95 -13.59 75.43
C PRO A 1240 -4.70 -14.75 74.77
N ASN A 1241 -4.57 -15.95 75.32
CA ASN A 1241 -5.28 -17.10 74.82
C ASN A 1241 -5.03 -17.33 73.33
N THR A 1242 -3.87 -16.93 72.85
CA THR A 1242 -3.65 -16.90 71.41
C THR A 1242 -2.22 -17.04 70.98
N GLY A 1243 -2.03 -17.94 70.03
CA GLY A 1243 -0.73 -18.20 69.45
C GLY A 1243 -0.20 -17.09 68.57
N THR A 1244 1.04 -17.29 68.13
CA THR A 1244 1.77 -16.30 67.37
C THR A 1244 2.67 -17.03 66.44
N ALA A 1245 2.98 -16.38 65.34
CA ALA A 1245 3.93 -16.95 64.42
C ALA A 1245 5.26 -17.08 65.13
N ARG A 1246 5.63 -16.03 65.88
CA ARG A 1246 6.93 -15.98 66.53
C ARG A 1246 6.94 -16.82 67.78
N MET A 1247 5.82 -16.80 68.51
CA MET A 1247 5.67 -17.65 69.69
C MET A 1247 6.03 -19.08 69.31
N VAL A 1248 5.13 -19.76 68.63
CA VAL A 1248 5.40 -21.12 68.19
C VAL A 1248 6.75 -21.24 67.49
N GLU A 1249 7.22 -20.19 66.84
CA GLU A 1249 8.55 -20.30 66.23
C GLU A 1249 9.56 -20.50 67.33
N THR A 1250 9.52 -19.64 68.32
CA THR A 1250 10.47 -19.75 69.42
C THR A 1250 10.43 -21.15 70.07
N THR A 1251 9.28 -21.51 70.64
CA THR A 1251 9.14 -22.80 71.33
C THR A 1251 9.54 -24.01 70.48
N ALA A 1252 9.41 -23.86 69.17
CA ALA A 1252 9.95 -24.87 68.31
C ALA A 1252 11.44 -24.86 68.61
N TYR A 1253 12.04 -23.68 68.59
CA TYR A 1253 13.48 -23.58 68.67
C TYR A 1253 14.07 -24.15 69.95
N ALA A 1254 13.27 -24.17 71.02
CA ALA A 1254 13.69 -24.75 72.29
C ALA A 1254 13.34 -26.22 72.31
N LEU A 1255 12.15 -26.55 71.81
CA LEU A 1255 11.74 -27.95 71.73
C LEU A 1255 12.73 -28.74 70.87
N LEU A 1256 13.24 -28.10 69.83
CA LEU A 1256 14.27 -28.71 69.04
C LEU A 1256 15.56 -28.84 69.85
N THR A 1257 15.98 -27.78 70.55
CA THR A 1257 17.22 -27.90 71.30
C THR A 1257 17.07 -29.12 72.22
N SER A 1258 16.08 -29.08 73.14
CA SER A 1258 15.81 -30.22 74.05
C SER A 1258 15.87 -31.59 73.39
N LEU A 1259 15.17 -31.75 72.26
CA LEU A 1259 15.06 -33.00 71.50
C LEU A 1259 16.36 -33.49 70.82
N ASN A 1260 17.30 -32.55 70.67
CA ASN A 1260 18.71 -32.85 70.53
C ASN A 1260 19.32 -33.45 71.83
N LEU A 1261 19.14 -32.78 72.95
CA LEU A 1261 19.78 -33.23 74.19
C LEU A 1261 19.02 -34.39 74.87
N LYS A 1262 17.96 -34.85 74.21
CA LYS A 1262 17.26 -36.06 74.62
C LYS A 1262 16.59 -35.97 76.00
N ASP A 1263 16.25 -34.74 76.36
CA ASP A 1263 15.59 -34.35 77.59
C ASP A 1263 14.17 -34.88 77.74
N ILE A 1264 13.96 -36.05 77.20
CA ILE A 1264 12.65 -36.65 77.10
C ILE A 1264 11.53 -36.23 78.06
N ASN A 1265 11.77 -35.72 79.26
CA ASN A 1265 10.55 -35.49 80.07
C ASN A 1265 10.25 -34.03 80.13
N TYR A 1266 11.25 -33.24 79.79
CA TYR A 1266 11.08 -31.82 79.72
C TYR A 1266 10.15 -31.48 78.58
N VAL A 1267 10.28 -32.28 77.52
CA VAL A 1267 9.64 -32.07 76.25
C VAL A 1267 8.15 -32.44 76.09
N ASN A 1268 7.67 -33.50 76.77
CA ASN A 1268 6.28 -34.05 76.66
C ASN A 1268 5.10 -33.06 76.72
N PRO A 1269 5.33 -31.96 77.40
CA PRO A 1269 4.31 -30.92 77.52
C PRO A 1269 4.53 -29.91 76.37
N VAL A 1270 5.81 -29.71 76.00
CA VAL A 1270 6.13 -28.79 74.91
C VAL A 1270 5.39 -29.23 73.62
N ILE A 1271 5.51 -30.50 73.23
CA ILE A 1271 4.79 -30.96 72.07
C ILE A 1271 3.28 -31.12 72.39
N LYS A 1272 2.86 -31.40 73.65
CA LYS A 1272 1.39 -31.54 73.86
C LYS A 1272 0.71 -30.30 73.29
N TRP A 1273 1.49 -29.22 73.25
CA TRP A 1273 0.96 -27.90 72.89
C TRP A 1273 1.30 -27.44 71.48
N LEU A 1274 2.43 -27.89 70.98
CA LEU A 1274 2.60 -27.77 69.54
C LEU A 1274 1.40 -28.50 68.96
N SER A 1275 1.35 -29.81 69.10
CA SER A 1275 0.20 -30.59 68.62
C SER A 1275 -1.24 -30.17 69.03
N GLU A 1276 -1.44 -28.94 69.44
CA GLU A 1276 -2.80 -28.41 69.55
C GLU A 1276 -2.83 -26.97 69.11
N GLU A 1277 -1.64 -26.46 68.85
CA GLU A 1277 -1.45 -25.22 68.12
C GLU A 1277 -1.72 -25.46 66.66
N GLN A 1278 -0.90 -26.31 66.05
CA GLN A 1278 -0.96 -26.62 64.61
C GLN A 1278 -2.39 -26.57 64.07
N ARG A 1279 -2.59 -25.90 62.92
CA ARG A 1279 -3.93 -25.74 62.39
C ARG A 1279 -4.29 -26.75 61.30
N TYR A 1280 -5.46 -27.37 61.48
CA TYR A 1280 -5.92 -28.43 60.60
C TYR A 1280 -5.23 -28.29 59.28
N GLY A 1281 -4.59 -29.36 58.83
CA GLY A 1281 -3.77 -29.26 57.65
C GLY A 1281 -2.27 -29.04 57.90
N GLY A 1282 -1.87 -27.87 58.36
CA GLY A 1282 -0.46 -27.55 58.47
C GLY A 1282 -0.26 -26.56 59.59
N GLY A 1283 0.98 -26.10 59.78
CA GLY A 1283 1.31 -25.34 60.98
C GLY A 1283 0.79 -23.93 61.20
N PHE A 1284 -0.48 -23.68 60.93
CA PHE A 1284 -1.01 -22.32 60.74
C PHE A 1284 0.00 -21.17 60.64
N TYR A 1285 0.35 -20.58 61.78
CA TYR A 1285 1.13 -19.33 61.76
C TYR A 1285 2.32 -19.38 60.81
N SER A 1286 2.35 -18.47 59.84
CA SER A 1286 3.55 -18.24 59.00
C SER A 1286 4.41 -19.47 58.61
N THR A 1287 5.65 -19.19 58.25
CA THR A 1287 6.53 -20.18 57.66
C THR A 1287 7.59 -20.66 58.62
N GLN A 1288 8.54 -19.77 58.92
CA GLN A 1288 9.75 -20.13 59.67
C GLN A 1288 9.47 -20.99 60.87
N ASP A 1289 8.35 -20.72 61.53
CA ASP A 1289 7.92 -21.57 62.62
C ASP A 1289 7.51 -22.96 62.11
N THR A 1290 6.57 -22.99 61.18
CA THR A 1290 5.95 -24.25 60.73
C THR A 1290 6.88 -25.26 60.00
N ILE A 1291 8.18 -24.94 59.86
CA ILE A 1291 9.16 -25.92 59.36
C ILE A 1291 9.93 -26.50 60.52
N ASN A 1292 10.39 -25.60 61.38
CA ASN A 1292 10.90 -26.00 62.66
C ASN A 1292 9.78 -26.73 63.40
N ALA A 1293 8.62 -26.11 63.50
CA ALA A 1293 7.52 -26.74 64.19
C ALA A 1293 7.29 -28.16 63.68
N ILE A 1294 7.41 -28.34 62.36
CA ILE A 1294 7.22 -29.66 61.77
C ILE A 1294 8.44 -30.55 62.01
N GLU A 1295 9.63 -29.95 62.04
CA GLU A 1295 10.86 -30.72 62.28
C GLU A 1295 10.78 -31.37 63.64
N GLY A 1296 10.41 -30.56 64.63
CA GLY A 1296 10.02 -31.09 65.92
C GLY A 1296 9.09 -32.28 65.72
N LEU A 1297 7.80 -31.98 65.71
CA LEU A 1297 6.78 -33.03 65.74
C LEU A 1297 7.06 -34.35 65.05
N THR A 1298 8.03 -34.33 64.13
CA THR A 1298 8.50 -35.55 63.52
C THR A 1298 9.62 -36.10 64.38
N GLU A 1299 10.67 -35.29 64.52
CA GLU A 1299 11.89 -35.70 65.21
C GLU A 1299 11.52 -36.40 66.48
N TYR A 1300 10.60 -35.76 67.21
CA TYR A 1300 10.08 -36.27 68.47
C TYR A 1300 9.23 -37.54 68.35
N SER A 1301 8.38 -37.67 67.34
CA SER A 1301 7.66 -38.94 67.21
C SER A 1301 8.64 -40.02 66.72
N LEU A 1302 9.84 -39.55 66.38
CA LEU A 1302 10.93 -40.41 65.94
C LEU A 1302 11.74 -40.96 67.09
N LEU A 1303 11.96 -40.08 68.07
CA LEU A 1303 12.82 -40.25 69.25
C LEU A 1303 12.16 -40.98 70.46
N VAL A 1304 11.00 -40.51 70.91
CA VAL A 1304 10.05 -41.26 71.76
C VAL A 1304 9.66 -42.59 71.08
N LYS A 1305 8.68 -43.33 71.57
CA LYS A 1305 8.19 -44.47 70.77
C LYS A 1305 6.70 -44.45 70.54
N GLN A 1306 6.29 -44.90 69.37
CA GLN A 1306 4.90 -44.82 68.91
C GLN A 1306 3.96 -45.70 69.75
N LEU A 1307 2.71 -45.28 69.83
CA LEU A 1307 1.77 -45.87 70.77
C LEU A 1307 0.62 -46.52 70.06
N ARG A 1308 0.86 -47.71 69.54
CA ARG A 1308 -0.15 -48.45 68.81
C ARG A 1308 -1.54 -47.88 68.98
N LEU A 1309 -2.10 -47.38 67.90
CA LEU A 1309 -3.42 -46.78 67.96
C LEU A 1309 -4.53 -47.81 68.08
N SER A 1310 -5.59 -47.46 68.78
CA SER A 1310 -6.78 -48.29 68.81
C SER A 1310 -8.01 -47.64 69.43
N MET A 1311 -8.11 -46.31 69.32
CA MET A 1311 -9.25 -45.56 69.85
C MET A 1311 -10.60 -46.11 69.42
N ASP A 1312 -11.60 -45.26 69.39
CA ASP A 1312 -12.92 -45.69 68.97
C ASP A 1312 -13.82 -44.48 68.99
N ILE A 1313 -13.46 -43.50 68.16
CA ILE A 1313 -14.06 -42.16 68.24
C ILE A 1313 -15.54 -42.12 68.00
N ASP A 1314 -16.12 -41.03 68.45
CA ASP A 1314 -17.49 -40.74 68.11
C ASP A 1314 -17.68 -39.25 68.20
N VAL A 1315 -17.78 -38.61 67.04
CA VAL A 1315 -18.21 -37.22 66.94
C VAL A 1315 -19.74 -37.22 66.98
N SER A 1316 -20.32 -36.17 67.57
CA SER A 1316 -21.77 -36.11 67.78
C SER A 1316 -22.29 -34.71 68.15
N TYR A 1317 -23.49 -34.39 67.66
CA TYR A 1317 -24.17 -33.13 68.01
C TYR A 1317 -24.77 -33.20 69.38
N LYS A 1318 -24.65 -32.12 70.15
CA LYS A 1318 -25.11 -32.09 71.53
C LYS A 1318 -26.57 -32.49 71.67
N HIS A 1319 -27.40 -32.03 70.74
CA HIS A 1319 -28.82 -32.29 70.82
C HIS A 1319 -29.30 -33.15 69.66
N LYS A 1320 -28.87 -32.82 68.44
CA LYS A 1320 -29.17 -33.63 67.28
C LYS A 1320 -28.70 -35.06 67.48
N GLY A 1321 -29.44 -36.01 66.93
CA GLY A 1321 -29.01 -37.40 66.91
C GLY A 1321 -27.56 -37.53 66.48
N ALA A 1322 -27.06 -38.75 66.51
CA ALA A 1322 -25.64 -38.97 66.29
C ALA A 1322 -25.19 -38.87 64.84
N LEU A 1323 -24.07 -38.18 64.65
CA LEU A 1323 -23.30 -38.20 63.43
C LEU A 1323 -22.36 -39.42 63.47
N HIS A 1324 -21.45 -39.56 62.50
CA HIS A 1324 -20.59 -40.74 62.41
C HIS A 1324 -19.79 -41.08 63.67
N ASN A 1325 -19.23 -42.30 63.70
CA ASN A 1325 -18.38 -42.78 64.79
C ASN A 1325 -17.56 -43.95 64.33
N TYR A 1326 -16.25 -43.86 64.47
CA TYR A 1326 -15.42 -44.84 63.80
C TYR A 1326 -14.23 -45.35 64.57
N LYS A 1327 -14.13 -46.67 64.64
CA LYS A 1327 -12.99 -47.30 65.25
C LYS A 1327 -11.71 -46.96 64.47
N MET A 1328 -10.89 -46.10 65.06
CA MET A 1328 -9.57 -45.81 64.52
C MET A 1328 -8.62 -46.98 64.82
N THR A 1329 -7.58 -47.17 64.01
CA THR A 1329 -6.51 -48.14 64.29
C THR A 1329 -5.33 -47.68 63.47
N ASP A 1330 -4.39 -48.56 63.17
CA ASP A 1330 -3.28 -48.19 62.29
C ASP A 1330 -3.63 -48.50 60.83
N LYS A 1331 -4.83 -49.04 60.64
CA LYS A 1331 -5.45 -49.25 59.32
C LYS A 1331 -5.86 -47.92 58.69
N ASN A 1332 -6.88 -47.31 59.27
CA ASN A 1332 -7.23 -45.94 58.95
C ASN A 1332 -6.77 -45.02 60.05
N PHE A 1333 -6.02 -43.99 59.73
CA PHE A 1333 -5.90 -42.95 60.73
C PHE A 1333 -5.91 -41.58 60.14
N LEU A 1334 -5.59 -41.48 58.86
CA LEU A 1334 -5.64 -40.19 58.19
C LEU A 1334 -7.04 -39.96 57.60
N GLY A 1335 -8.02 -40.59 58.25
CA GLY A 1335 -9.41 -40.52 57.86
C GLY A 1335 -9.89 -39.23 57.23
N ARG A 1336 -11.01 -39.37 56.55
CA ARG A 1336 -11.69 -38.25 55.92
C ARG A 1336 -11.82 -37.11 56.90
N PRO A 1337 -11.77 -35.86 56.38
CA PRO A 1337 -12.27 -34.65 57.07
C PRO A 1337 -13.79 -34.63 57.13
N VAL A 1338 -14.39 -33.69 57.84
CA VAL A 1338 -15.85 -33.59 57.86
C VAL A 1338 -16.31 -32.21 58.27
N GLU A 1339 -17.22 -31.65 57.50
CA GLU A 1339 -17.73 -30.33 57.78
C GLU A 1339 -18.97 -30.49 58.64
N VAL A 1340 -19.00 -29.72 59.72
CA VAL A 1340 -20.15 -29.73 60.58
C VAL A 1340 -21.27 -28.93 59.97
N LEU A 1341 -22.31 -29.65 59.54
CA LEU A 1341 -23.49 -29.07 58.93
C LEU A 1341 -24.35 -28.31 59.94
N LEU A 1342 -25.20 -29.06 60.62
CA LEU A 1342 -26.32 -28.54 61.43
C LEU A 1342 -26.00 -27.45 62.46
N ASN A 1343 -26.95 -27.15 63.32
CA ASN A 1343 -26.73 -26.13 64.35
C ASN A 1343 -26.81 -26.69 65.76
N ASP A 1344 -25.67 -27.13 66.28
CA ASP A 1344 -25.63 -27.82 67.56
C ASP A 1344 -24.24 -27.63 68.14
N ASP A 1345 -24.05 -27.99 69.40
CA ASP A 1345 -22.71 -28.01 69.96
C ASP A 1345 -22.09 -29.38 69.70
N LEU A 1346 -20.80 -29.41 69.35
CA LEU A 1346 -20.21 -30.65 68.93
C LEU A 1346 -19.55 -31.40 70.07
N ILE A 1347 -19.34 -32.71 69.89
CA ILE A 1347 -18.65 -33.53 70.90
C ILE A 1347 -17.87 -34.75 70.35
N VAL A 1348 -16.56 -34.60 70.22
CA VAL A 1348 -15.63 -35.72 70.04
C VAL A 1348 -15.46 -36.41 71.39
N SER A 1349 -15.37 -37.74 71.43
CA SER A 1349 -15.50 -38.49 72.70
C SER A 1349 -15.17 -40.00 72.66
N THR A 1350 -13.94 -40.32 72.34
CA THR A 1350 -13.50 -41.71 72.27
C THR A 1350 -13.93 -42.50 73.53
N GLY A 1351 -13.95 -43.82 73.43
CA GLY A 1351 -14.14 -44.71 74.57
C GLY A 1351 -12.79 -44.95 75.24
N PHE A 1352 -12.44 -46.19 75.53
CA PHE A 1352 -11.17 -46.40 76.21
C PHE A 1352 -9.98 -46.23 75.27
N GLY A 1353 -9.35 -47.35 74.94
CA GLY A 1353 -8.40 -47.43 73.85
C GLY A 1353 -6.91 -47.33 74.12
N SER A 1354 -6.19 -46.76 73.16
CA SER A 1354 -4.75 -46.53 73.25
C SER A 1354 -4.22 -45.61 72.13
N GLY A 1355 -3.01 -45.09 72.31
CA GLY A 1355 -2.43 -44.18 71.34
C GLY A 1355 -2.91 -42.75 71.47
N LEU A 1356 -2.96 -42.04 70.33
CA LEU A 1356 -3.00 -40.58 70.31
C LEU A 1356 -3.76 -40.00 69.12
N ALA A 1357 -4.85 -39.26 69.37
CA ALA A 1357 -5.63 -38.69 68.25
C ALA A 1357 -5.74 -37.17 68.31
N THR A 1358 -5.23 -36.48 67.26
CA THR A 1358 -5.29 -35.02 67.20
C THR A 1358 -6.57 -34.51 66.52
N VAL A 1359 -7.58 -34.26 67.34
CA VAL A 1359 -8.83 -33.68 66.91
C VAL A 1359 -8.59 -32.18 66.61
N HIS A 1360 -8.58 -31.79 65.34
CA HIS A 1360 -8.64 -30.36 64.99
C HIS A 1360 -10.01 -30.02 64.47
N VAL A 1361 -10.34 -28.75 64.61
CA VAL A 1361 -11.63 -28.27 64.15
C VAL A 1361 -11.52 -26.77 63.80
N THR A 1362 -11.44 -26.53 62.47
CA THR A 1362 -11.25 -25.20 61.88
C THR A 1362 -12.59 -24.65 61.35
N THR A 1363 -13.16 -23.74 62.15
CA THR A 1363 -14.47 -23.12 61.96
C THR A 1363 -14.35 -21.75 61.28
N VAL A 1364 -15.06 -21.60 60.17
CA VAL A 1364 -14.99 -20.40 59.33
C VAL A 1364 -16.29 -19.60 59.21
N VAL A 1365 -16.16 -18.29 59.33
CA VAL A 1365 -17.35 -17.50 59.40
C VAL A 1365 -17.10 -16.16 58.71
N HIS A 1366 -18.15 -15.60 58.09
CA HIS A 1366 -18.04 -14.31 57.41
C HIS A 1366 -18.60 -13.19 58.26
N LYS A 1367 -17.75 -12.21 58.52
CA LYS A 1367 -18.18 -11.04 59.27
C LYS A 1367 -18.13 -9.76 58.46
N THR A 1368 -18.82 -8.77 58.99
CA THR A 1368 -19.11 -7.54 58.27
C THR A 1368 -18.21 -6.36 58.71
N SER A 1369 -17.55 -6.48 59.86
CA SER A 1369 -16.74 -5.38 60.43
C SER A 1369 -15.34 -5.80 60.98
N THR A 1370 -14.35 -4.93 60.76
CA THR A 1370 -13.01 -5.06 61.34
C THR A 1370 -12.88 -4.09 62.51
N SER A 1371 -13.93 -3.30 62.72
CA SER A 1371 -13.93 -2.32 63.80
C SER A 1371 -13.40 -2.94 65.10
N GLU A 1372 -13.76 -4.19 65.35
CA GLU A 1372 -13.25 -4.92 66.51
C GLU A 1372 -11.72 -5.02 66.46
N GLU A 1373 -11.26 -5.84 65.52
CA GLU A 1373 -9.87 -6.31 65.40
C GLU A 1373 -8.75 -5.32 65.71
N VAL A 1374 -7.55 -5.88 65.78
CA VAL A 1374 -6.33 -5.16 66.13
C VAL A 1374 -5.65 -4.60 64.92
N CYS A 1375 -5.55 -3.28 64.82
CA CYS A 1375 -4.73 -2.77 63.73
C CYS A 1375 -3.25 -2.71 64.08
N SER A 1376 -2.45 -3.33 63.21
CA SER A 1376 -1.01 -3.34 63.29
C SER A 1376 -0.47 -2.53 62.12
N PHE A 1377 -1.35 -2.21 61.19
CA PHE A 1377 -1.02 -1.40 60.02
C PHE A 1377 -1.98 -0.23 59.75
N TYR A 1378 -1.40 0.94 59.58
CA TYR A 1378 -2.15 2.11 59.19
C TYR A 1378 -2.36 2.05 57.67
N LEU A 1379 -3.58 2.36 57.23
CA LEU A 1379 -3.93 2.30 55.81
C LEU A 1379 -4.75 3.50 55.34
N LYS A 1380 -4.83 3.61 54.02
CA LYS A 1380 -5.85 4.40 53.33
C LYS A 1380 -6.01 3.84 51.91
N ILE A 1381 -7.25 3.52 51.54
CA ILE A 1381 -7.57 3.06 50.18
C ILE A 1381 -8.78 3.81 49.63
N ASP A 1382 -8.67 4.23 48.36
CA ASP A 1382 -9.73 4.96 47.67
C ASP A 1382 -9.53 4.91 46.14
N THR A 1383 -10.62 5.02 45.41
CA THR A 1383 -10.58 4.88 43.97
C THR A 1383 -10.65 6.25 43.29
N GLN A 1384 -9.61 6.60 42.55
CA GLN A 1384 -9.50 7.91 41.88
C GLN A 1384 -10.04 7.86 40.44
N ASP A 1385 -10.02 9.00 39.73
CA ASP A 1385 -10.49 9.03 38.34
C ASP A 1385 -9.48 9.57 37.32
N ILE A 1386 -8.56 10.41 37.78
CA ILE A 1386 -7.51 10.99 36.93
C ILE A 1386 -6.61 9.91 36.28
N TYR A 1399 -9.21 7.05 33.54
CA TYR A 1399 -10.52 6.43 33.56
C TYR A 1399 -10.90 6.16 35.00
N LYS A 1400 -10.15 5.26 35.62
CA LYS A 1400 -10.30 4.96 37.05
C LYS A 1400 -9.18 4.04 37.57
N ARG A 1401 -8.57 4.46 38.68
CA ARG A 1401 -7.36 3.81 39.23
C ARG A 1401 -7.30 3.87 40.78
N ILE A 1402 -6.76 2.81 41.37
CA ILE A 1402 -6.71 2.60 42.81
C ILE A 1402 -5.39 3.09 43.43
N VAL A 1403 -5.48 3.96 44.45
CA VAL A 1403 -4.29 4.33 45.24
C VAL A 1403 -4.52 3.99 46.70
N ALA A 1404 -3.90 2.87 47.14
CA ALA A 1404 -3.97 2.31 48.51
C ALA A 1404 -2.65 2.45 49.24
N CYS A 1405 -2.72 2.83 50.51
CA CYS A 1405 -1.52 3.18 51.26
C CYS A 1405 -1.39 2.37 52.53
N ALA A 1406 -0.32 2.65 53.26
CA ALA A 1406 -0.03 1.94 54.48
C ALA A 1406 1.14 2.56 55.20
N SER A 1407 1.14 2.44 56.53
CA SER A 1407 2.33 2.65 57.32
C SER A 1407 2.33 1.68 58.47
N TYR A 1408 3.50 1.20 58.82
CA TYR A 1408 3.61 0.21 59.87
C TYR A 1408 3.34 0.82 61.25
N LYS A 1409 2.64 0.05 62.09
CA LYS A 1409 2.37 0.45 63.47
C LYS A 1409 3.37 -0.23 64.38
N PRO A 1410 4.46 0.47 64.74
CA PRO A 1410 5.48 -0.13 65.60
C PRO A 1410 4.94 -0.50 66.98
N SER A 1411 5.03 -1.78 67.34
CA SER A 1411 4.68 -2.24 68.68
C SER A 1411 5.68 -1.66 69.68
N ARG A 1412 5.29 -1.60 70.94
CA ARG A 1412 6.20 -1.07 71.95
C ARG A 1412 7.52 -1.83 71.89
N GLU A 1413 8.59 -1.14 72.26
CA GLU A 1413 9.93 -1.73 72.29
C GLU A 1413 10.53 -1.85 70.91
N GLU A 1414 9.72 -1.65 69.87
CA GLU A 1414 10.19 -1.85 68.51
C GLU A 1414 10.87 -0.65 67.87
N SER A 1415 11.81 -0.95 66.98
CA SER A 1415 12.61 0.06 66.34
C SER A 1415 11.81 0.95 65.38
N SER A 1416 12.29 2.18 65.20
CA SER A 1416 11.68 3.12 64.27
C SER A 1416 11.67 2.61 62.83
N SER A 1417 12.61 1.73 62.49
CA SER A 1417 12.76 1.31 61.10
C SER A 1417 11.46 0.79 60.51
N GLY A 1418 10.55 0.31 61.33
CA GLY A 1418 9.28 -0.19 60.82
C GLY A 1418 9.36 -1.64 60.42
N SER A 1419 8.58 -2.04 59.41
CA SER A 1419 8.31 -3.47 59.19
C SER A 1419 9.44 -4.36 58.64
N SER A 1420 9.23 -5.67 58.75
CA SER A 1420 10.07 -6.67 58.11
C SER A 1420 9.35 -7.14 56.86
N HIS A 1421 9.94 -8.08 56.14
CA HIS A 1421 9.34 -8.60 54.89
C HIS A 1421 7.80 -8.72 55.00
N ALA A 1422 7.10 -8.05 54.08
CA ALA A 1422 5.63 -7.93 54.18
C ALA A 1422 4.92 -7.90 52.82
N VAL A 1423 3.67 -8.36 52.84
CA VAL A 1423 2.83 -8.41 51.65
C VAL A 1423 1.72 -7.33 51.70
N MET A 1424 1.14 -6.97 50.55
CA MET A 1424 -0.09 -6.18 50.53
C MET A 1424 -1.15 -6.97 49.75
N ASP A 1425 -2.36 -7.07 50.29
CA ASP A 1425 -3.42 -7.90 49.68
C ASP A 1425 -4.70 -7.12 49.40
N ILE A 1426 -4.95 -6.85 48.11
CA ILE A 1426 -6.14 -6.13 47.64
C ILE A 1426 -7.12 -7.00 46.89
N SER A 1427 -8.33 -7.04 47.42
CA SER A 1427 -9.44 -7.72 46.80
C SER A 1427 -10.06 -6.73 45.83
N LEU A 1428 -10.47 -7.21 44.66
CA LEU A 1428 -11.06 -6.35 43.63
C LEU A 1428 -12.55 -6.63 43.42
N PRO A 1429 -13.38 -5.58 43.57
CA PRO A 1429 -14.86 -5.62 43.56
C PRO A 1429 -15.32 -6.50 42.43
N THR A 1430 -16.34 -7.32 42.63
CA THR A 1430 -16.66 -8.35 41.65
C THR A 1430 -16.61 -7.84 40.17
N GLY A 1431 -15.70 -8.40 39.38
CA GLY A 1431 -15.41 -7.94 38.03
C GLY A 1431 -14.80 -6.55 37.94
N ILE A 1432 -13.49 -6.44 38.17
CA ILE A 1432 -12.77 -5.15 38.11
C ILE A 1432 -11.26 -5.30 37.79
N SER A 1433 -10.90 -6.20 36.89
CA SER A 1433 -9.50 -6.36 36.45
C SER A 1433 -8.65 -5.13 36.72
N ALA A 1434 -7.40 -5.37 37.09
CA ALA A 1434 -6.50 -4.30 37.45
C ALA A 1434 -5.39 -4.22 36.44
N ASN A 1435 -4.68 -3.10 36.44
CA ASN A 1435 -3.72 -2.79 35.38
C ASN A 1435 -2.46 -3.65 35.38
N GLU A 1436 -2.57 -4.87 34.85
CA GLU A 1436 -1.44 -5.78 34.77
C GLU A 1436 -0.13 -5.05 34.53
N GLU A 1437 -0.16 -4.11 33.60
CA GLU A 1437 1.05 -3.38 33.23
C GLU A 1437 1.39 -2.38 34.32
N ASP A 1438 0.40 -1.98 35.09
CA ASP A 1438 0.62 -0.98 36.10
C ASP A 1438 1.60 -1.47 37.14
N LEU A 1439 1.45 -2.73 37.55
CA LEU A 1439 2.21 -3.33 38.66
C LEU A 1439 3.65 -3.63 38.25
N LYS A 1440 3.80 -4.39 37.16
CA LYS A 1440 5.10 -4.68 36.56
C LYS A 1440 5.98 -3.42 36.57
N ALA A 1441 5.33 -2.26 36.51
CA ALA A 1441 6.02 -0.96 36.46
C ALA A 1441 6.70 -0.73 37.78
N LEU A 1442 5.87 -0.82 38.81
CA LEU A 1442 6.28 -0.68 40.17
C LEU A 1442 7.47 -1.61 40.50
N VAL A 1443 7.35 -2.90 40.21
CA VAL A 1443 8.38 -3.88 40.58
C VAL A 1443 9.58 -3.92 39.63
N GLU A 1444 9.32 -3.89 38.35
CA GLU A 1444 10.32 -4.26 37.36
C GLU A 1444 11.50 -3.29 37.26
N GLY A 1445 11.72 -2.45 38.28
CA GLY A 1445 12.77 -1.46 38.18
C GLY A 1445 13.68 -1.26 39.36
N VAL A 1446 14.82 -0.62 39.12
CA VAL A 1446 15.78 -0.19 40.15
C VAL A 1446 15.19 0.90 41.05
N ASP A 1447 14.04 1.41 40.66
CA ASP A 1447 13.23 2.21 41.57
C ASP A 1447 12.19 1.28 42.16
N GLN A 1448 12.56 0.01 42.37
CA GLN A 1448 11.58 -1.00 42.80
C GLN A 1448 10.96 -0.69 44.14
N LEU A 1449 9.72 -0.24 44.06
CA LEU A 1449 8.91 0.14 45.21
C LEU A 1449 8.32 -1.10 45.84
N PHE A 1450 8.01 -2.07 44.98
CA PHE A 1450 7.60 -3.37 45.44
C PHE A 1450 8.55 -4.34 44.80
N THR A 1451 8.28 -5.64 44.99
CA THR A 1451 9.27 -6.62 44.58
C THR A 1451 8.59 -7.88 44.11
N ASP A 1452 7.32 -8.00 44.42
CA ASP A 1452 6.56 -9.02 43.76
C ASP A 1452 5.07 -8.72 43.75
N TYR A 1453 4.51 -8.84 42.55
CA TYR A 1453 3.09 -8.65 42.33
C TYR A 1453 2.52 -9.94 41.75
N GLN A 1454 1.21 -10.12 41.87
CA GLN A 1454 0.57 -11.28 41.28
C GLN A 1454 -0.91 -11.25 41.49
N ILE A 1455 -1.63 -11.23 40.38
CA ILE A 1455 -3.06 -11.27 40.47
C ILE A 1455 -3.55 -12.71 40.49
N LYS A 1456 -3.96 -13.16 41.67
CA LYS A 1456 -4.59 -14.46 41.73
C LYS A 1456 -6.03 -14.32 42.12
N ASP A 1457 -6.82 -15.26 41.61
CA ASP A 1457 -8.24 -15.38 41.92
C ASP A 1457 -8.76 -14.14 42.61
N GLY A 1458 -8.83 -13.03 41.86
CA GLY A 1458 -9.51 -11.84 42.34
C GLY A 1458 -8.71 -11.00 43.32
N HIS A 1459 -7.41 -11.20 43.37
CA HIS A 1459 -6.65 -10.46 44.34
C HIS A 1459 -5.34 -10.00 43.80
N VAL A 1460 -5.04 -8.74 44.11
CA VAL A 1460 -3.74 -8.15 43.81
C VAL A 1460 -2.84 -8.33 45.00
N ILE A 1461 -1.75 -9.08 44.82
CA ILE A 1461 -0.86 -9.40 45.93
C ILE A 1461 0.59 -8.98 45.77
N LEU A 1462 0.96 -7.95 46.52
CA LEU A 1462 2.27 -7.35 46.38
C LEU A 1462 3.18 -7.67 47.54
N GLN A 1463 4.39 -8.11 47.24
CA GLN A 1463 5.44 -8.29 48.26
C GLN A 1463 6.49 -7.19 48.21
N LEU A 1464 7.13 -6.98 49.35
CA LEU A 1464 8.25 -6.07 49.46
C LEU A 1464 8.81 -6.22 50.83
N ASN A 1465 9.94 -5.55 51.05
CA ASN A 1465 10.74 -5.75 52.25
C ASN A 1465 10.27 -5.04 53.50
N SER A 1466 9.74 -3.83 53.35
CA SER A 1466 9.38 -3.04 54.53
C SER A 1466 8.15 -2.18 54.27
N ILE A 1467 7.56 -1.68 55.35
CA ILE A 1467 6.47 -0.73 55.25
C ILE A 1467 6.77 0.34 56.27
N PRO A 1468 7.94 0.99 56.15
CA PRO A 1468 8.44 1.99 57.10
C PRO A 1468 7.40 2.96 57.69
N SER A 1469 7.72 3.49 58.85
CA SER A 1469 6.73 4.15 59.66
C SER A 1469 7.02 5.62 59.73
N SER A 1470 7.97 6.08 58.93
CA SER A 1470 8.24 7.50 58.84
C SER A 1470 7.06 8.23 58.18
N ASP A 1471 6.51 7.59 57.16
CA ASP A 1471 5.30 8.05 56.48
C ASP A 1471 4.64 6.79 55.92
N PHE A 1472 3.74 6.95 54.96
CA PHE A 1472 3.13 5.78 54.33
C PHE A 1472 4.01 5.18 53.27
N LEU A 1473 3.46 4.21 52.58
CA LEU A 1473 4.05 3.67 51.38
C LEU A 1473 2.88 3.31 50.48
N CYS A 1474 2.78 3.94 49.32
CA CYS A 1474 1.60 3.74 48.48
C CYS A 1474 1.81 3.17 47.09
N VAL A 1475 0.98 2.18 46.80
CA VAL A 1475 0.91 1.56 45.48
C VAL A 1475 -0.14 2.31 44.64
N ARG A 1476 -0.04 2.22 43.31
CA ARG A 1476 -1.12 2.71 42.42
C ARG A 1476 -1.22 1.89 41.17
N PHE A 1477 -2.47 1.58 40.80
CA PHE A 1477 -2.78 0.83 39.59
C PHE A 1477 -4.21 1.15 39.10
N ARG A 1478 -4.47 0.93 37.82
CA ARG A 1478 -5.70 1.38 37.23
C ARG A 1478 -6.58 0.17 36.92
N ILE A 1479 -7.87 0.40 36.73
CA ILE A 1479 -8.81 -0.72 36.58
C ILE A 1479 -9.98 -0.47 35.60
N PHE A 1480 -10.39 -1.53 34.91
CA PHE A 1480 -11.42 -1.43 33.87
C PHE A 1480 -12.51 -2.49 34.01
N GLU A 1481 -13.67 -2.05 34.48
CA GLU A 1481 -14.79 -2.96 34.67
C GLU A 1481 -14.91 -3.89 33.49
N LEU A 1482 -14.51 -5.15 33.66
CA LEU A 1482 -14.66 -6.16 32.61
C LEU A 1482 -16.14 -6.52 32.38
N PHE A 1483 -17.02 -6.16 33.32
CA PHE A 1483 -18.46 -6.17 33.04
C PHE A 1483 -19.36 -5.46 34.06
N GLU A 1484 -20.66 -5.60 33.85
CA GLU A 1484 -21.65 -4.77 34.52
C GLU A 1484 -22.14 -5.45 35.78
N VAL A 1485 -21.76 -4.87 36.91
CA VAL A 1485 -22.00 -5.50 38.20
C VAL A 1485 -22.99 -4.67 38.99
N GLY A 1486 -24.03 -5.31 39.51
CA GLY A 1486 -25.13 -4.63 40.16
C GLY A 1486 -24.73 -3.83 41.39
N PHE A 1487 -25.59 -3.82 42.39
CA PHE A 1487 -25.20 -3.28 43.68
C PHE A 1487 -24.03 -4.16 44.10
N LEU A 1488 -22.82 -3.61 44.18
CA LEU A 1488 -21.68 -4.42 44.57
C LEU A 1488 -21.33 -4.36 46.06
N SER A 1489 -20.98 -5.51 46.65
CA SER A 1489 -20.49 -5.56 48.03
C SER A 1489 -18.99 -5.41 48.04
N PRO A 1490 -18.47 -4.40 48.76
CA PRO A 1490 -17.09 -3.93 48.62
C PRO A 1490 -16.10 -5.08 48.63
N ALA A 1491 -14.86 -4.81 48.21
CA ALA A 1491 -13.80 -5.78 48.37
C ALA A 1491 -13.07 -5.48 49.66
N THR A 1492 -11.80 -5.86 49.75
CA THR A 1492 -11.15 -5.86 51.04
C THR A 1492 -9.66 -5.60 50.89
N PHE A 1493 -9.20 -4.44 51.33
CA PHE A 1493 -7.79 -4.18 51.28
C PHE A 1493 -7.21 -4.64 52.59
N THR A 1494 -6.36 -5.68 52.52
CA THR A 1494 -5.66 -6.20 53.71
C THR A 1494 -4.09 -6.06 53.63
N VAL A 1495 -3.45 -5.91 54.79
CA VAL A 1495 -1.98 -5.77 54.88
C VAL A 1495 -1.35 -6.41 56.14
N TYR A 1496 -0.59 -7.48 55.92
CA TYR A 1496 0.08 -8.21 57.01
C TYR A 1496 1.54 -8.57 56.72
N GLU A 1497 2.32 -8.74 57.79
CA GLU A 1497 3.77 -9.00 57.71
C GLU A 1497 4.11 -10.47 57.51
N TYR A 1498 4.84 -10.77 56.43
CA TYR A 1498 4.99 -12.16 56.00
C TYR A 1498 5.30 -13.04 57.17
N HIS A 1499 6.31 -12.67 57.93
CA HIS A 1499 6.73 -13.56 58.97
C HIS A 1499 5.84 -13.55 60.21
N ARG A 1500 5.09 -12.47 60.44
CA ARG A 1500 4.17 -12.47 61.59
C ARG A 1500 2.75 -12.05 61.23
N PRO A 1501 1.95 -13.03 60.77
CA PRO A 1501 0.54 -13.00 60.35
C PRO A 1501 -0.34 -12.38 61.43
N ASP A 1502 0.30 -11.97 62.50
CA ASP A 1502 -0.37 -11.45 63.65
C ASP A 1502 -0.74 -10.01 63.41
N LYS A 1503 -0.12 -9.43 62.38
CA LYS A 1503 -0.19 -7.99 62.15
C LYS A 1503 -1.29 -7.52 61.15
N GLN A 1504 -2.34 -8.32 61.06
CA GLN A 1504 -3.40 -8.12 60.06
C GLN A 1504 -4.31 -6.96 60.29
N CYS A 1505 -3.96 -5.80 59.74
CA CYS A 1505 -4.92 -4.70 59.55
C CYS A 1505 -5.69 -4.82 58.23
N THR A 1506 -6.93 -5.26 58.35
CA THR A 1506 -7.79 -5.55 57.23
C THR A 1506 -8.86 -4.47 57.21
N MET A 1507 -9.30 -4.11 55.99
CA MET A 1507 -10.28 -3.03 55.77
C MET A 1507 -11.07 -3.09 54.47
N PHE A 1508 -12.40 -2.92 54.61
CA PHE A 1508 -13.32 -2.86 53.48
C PHE A 1508 -13.09 -1.60 52.64
N TYR A 1509 -13.58 -1.60 51.39
CA TYR A 1509 -13.65 -0.38 50.57
C TYR A 1509 -14.47 -0.68 49.30
N SER A 1510 -14.97 0.36 48.64
CA SER A 1510 -15.75 0.14 47.42
C SER A 1510 -15.30 1.02 46.24
N THR A 1511 -15.32 0.41 45.07
CA THR A 1511 -14.67 0.93 43.88
C THR A 1511 -15.62 1.84 43.14
N SER A 1512 -16.62 2.33 43.85
CA SER A 1512 -17.60 3.16 43.20
C SER A 1512 -18.37 3.98 44.22
N ASN A 1513 -18.69 5.20 43.82
CA ASN A 1513 -19.40 6.12 44.70
C ASN A 1513 -20.91 5.96 44.52
N ILE A 1514 -21.30 5.12 43.56
CA ILE A 1514 -22.71 4.95 43.21
C ILE A 1514 -23.56 4.46 44.40
N SER B 1 15.19 -65.67 22.39
CA SER B 1 14.97 -64.82 21.23
C SER B 1 16.18 -63.93 20.96
N SER B 2 17.34 -64.57 20.82
CA SER B 2 18.58 -63.86 20.51
C SER B 2 18.49 -63.17 19.14
N GLU B 3 19.10 -62.00 19.02
CA GLU B 3 19.09 -61.24 17.77
C GLU B 3 20.50 -60.84 17.33
N THR B 4 21.26 -61.79 16.78
CA THR B 4 22.63 -61.50 16.35
C THR B 4 22.65 -60.83 14.96
N ASN B 5 23.52 -59.85 14.78
CA ASN B 5 23.70 -59.17 13.49
C ASN B 5 24.95 -59.66 12.75
N THR B 6 24.81 -60.80 12.06
CA THR B 6 25.92 -61.40 11.33
C THR B 6 26.30 -60.63 10.06
N HIS B 7 27.52 -60.86 9.59
CA HIS B 7 28.00 -60.20 8.38
C HIS B 7 28.42 -61.21 7.32
N LEU B 8 27.79 -61.14 6.15
CA LEU B 8 28.16 -62.00 5.03
C LEU B 8 28.70 -61.22 3.82
N PHE B 9 29.66 -61.83 3.12
CA PHE B 9 30.30 -61.22 1.97
C PHE B 9 29.72 -61.75 0.65
N VAL B 10 29.38 -60.83 -0.25
CA VAL B 10 28.91 -61.20 -1.57
C VAL B 10 29.99 -60.95 -2.60
N ASN B 11 30.17 -61.89 -3.52
CA ASN B 11 31.11 -61.75 -4.62
C ASN B 11 30.57 -62.32 -5.95
N LYS B 12 30.25 -61.45 -6.91
CA LYS B 12 29.80 -61.92 -8.21
C LYS B 12 31.01 -62.25 -9.11
N VAL B 13 31.02 -63.42 -9.73
CA VAL B 13 32.12 -63.78 -10.64
C VAL B 13 31.77 -63.67 -12.13
N TYR B 14 31.93 -62.47 -12.68
CA TYR B 14 31.73 -62.25 -14.11
C TYR B 14 33.00 -62.63 -14.86
N GLY B 15 33.55 -63.79 -14.51
CA GLY B 15 34.85 -64.19 -15.02
C GLY B 15 35.94 -63.36 -14.39
N GLY B 16 36.98 -63.04 -15.16
CA GLY B 16 38.02 -62.10 -14.76
C GLY B 16 37.47 -60.76 -14.32
N ASN B 17 36.32 -60.83 -13.66
CA ASN B 17 35.68 -59.70 -13.00
C ASN B 17 35.10 -60.23 -11.70
N LEU B 18 35.14 -59.39 -10.68
CA LEU B 18 34.39 -59.65 -9.47
C LEU B 18 33.94 -58.37 -8.81
N ASP B 19 32.63 -58.23 -8.69
CA ASP B 19 32.04 -57.15 -7.90
C ASP B 19 31.60 -57.75 -6.56
N ALA B 20 32.29 -57.36 -5.47
CA ALA B 20 32.08 -57.90 -4.12
C ALA B 20 31.52 -56.87 -3.12
N SER B 21 30.39 -57.22 -2.52
CA SER B 21 29.73 -56.36 -1.56
C SER B 21 29.86 -57.02 -0.21
N ILE B 22 30.12 -56.25 0.85
CA ILE B 22 30.07 -56.76 2.23
C ILE B 22 28.77 -56.28 2.88
N ASP B 23 28.15 -57.14 3.68
CA ASP B 23 26.80 -56.85 4.16
C ASP B 23 26.42 -57.72 5.37
N SER B 24 25.14 -57.67 5.76
CA SER B 24 24.68 -58.31 7.01
C SER B 24 23.41 -59.15 6.87
N PHE B 25 23.23 -60.09 7.80
CA PHE B 25 21.99 -60.86 7.94
C PHE B 25 21.45 -60.63 9.34
N SER B 26 20.26 -61.16 9.61
CA SER B 26 19.68 -61.02 10.93
C SER B 26 19.04 -62.33 11.39
N ILE B 27 19.75 -63.02 12.28
CA ILE B 27 19.27 -64.25 12.88
C ILE B 27 18.44 -63.94 14.12
N ASN B 28 17.17 -64.31 14.06
CA ASN B 28 16.21 -63.90 15.08
C ASN B 28 15.95 -64.97 16.14
N LYS B 29 16.89 -65.89 16.27
CA LYS B 29 16.71 -67.02 17.20
C LYS B 29 18.07 -67.48 17.78
N GLU B 30 18.01 -68.40 18.74
CA GLU B 30 19.22 -68.96 19.36
C GLU B 30 19.71 -70.20 18.60
N GLU B 31 18.80 -70.88 17.92
CA GLU B 31 19.12 -72.00 17.04
C GLU B 31 18.16 -71.99 15.85
N VAL B 32 18.69 -72.12 14.64
CA VAL B 32 17.84 -72.06 13.46
C VAL B 32 18.02 -73.24 12.54
N SER B 33 16.91 -73.65 11.93
CA SER B 33 16.93 -74.70 10.93
C SER B 33 17.71 -74.24 9.71
N LEU B 34 18.59 -75.09 9.22
CA LEU B 34 19.36 -74.82 8.02
C LEU B 34 18.42 -74.57 6.84
N LYS B 35 17.18 -75.01 6.98
CA LYS B 35 16.14 -74.70 6.01
C LYS B 35 15.86 -73.22 6.06
N GLU B 36 15.45 -72.73 7.22
CA GLU B 36 15.19 -71.32 7.42
C GLU B 36 16.46 -70.52 7.16
N LEU B 37 17.59 -71.13 7.49
CA LEU B 37 18.90 -70.55 7.23
C LEU B 37 19.09 -70.35 5.74
N ASP B 38 18.64 -71.36 5.00
CA ASP B 38 18.80 -71.37 3.56
C ASP B 38 17.72 -70.56 2.85
N PHE B 39 16.49 -70.56 3.40
CA PHE B 39 15.41 -69.80 2.79
C PHE B 39 15.64 -68.31 2.96
N LYS B 40 16.38 -67.94 3.99
CA LYS B 40 16.68 -66.53 4.24
C LYS B 40 17.84 -66.02 3.36
N ILE B 41 18.87 -66.85 3.21
CA ILE B 41 20.06 -66.51 2.40
C ILE B 41 19.70 -66.15 0.96
N ARG B 42 19.04 -67.08 0.27
CA ARG B 42 18.60 -66.83 -1.10
C ARG B 42 17.52 -65.74 -1.17
N GLN B 43 16.66 -65.65 -0.16
CA GLN B 43 15.56 -64.67 -0.16
C GLN B 43 16.11 -63.27 -0.43
N HIS B 44 17.22 -62.96 0.22
CA HIS B 44 17.89 -61.67 0.11
C HIS B 44 18.67 -61.51 -1.17
N LEU B 45 19.57 -62.45 -1.44
CA LEU B 45 20.25 -62.50 -2.73
C LEU B 45 19.22 -62.28 -3.84
N VAL B 46 18.04 -62.88 -3.67
CA VAL B 46 16.95 -62.80 -4.64
C VAL B 46 16.34 -61.42 -4.64
N LYS B 47 16.37 -60.75 -3.50
CA LYS B 47 15.75 -59.45 -3.45
C LYS B 47 16.78 -58.32 -3.51
N ASN B 48 18.07 -58.67 -3.50
CA ASN B 48 19.14 -57.67 -3.39
C ASN B 48 20.36 -57.80 -4.32
N TYR B 49 20.86 -59.00 -4.52
CA TYR B 49 22.10 -59.17 -5.28
C TYR B 49 21.88 -59.82 -6.63
N GLY B 50 20.66 -59.66 -7.15
CA GLY B 50 20.33 -60.24 -8.43
C GLY B 50 20.64 -61.72 -8.47
N LEU B 51 19.73 -62.52 -7.92
CA LEU B 51 19.77 -63.96 -8.08
C LEU B 51 18.47 -64.47 -8.67
N TYR B 52 18.57 -65.49 -9.51
CA TYR B 52 17.41 -66.03 -10.21
C TYR B 52 16.79 -65.02 -11.17
N LYS B 53 17.54 -63.96 -11.49
CA LYS B 53 17.11 -62.98 -12.48
C LYS B 53 18.18 -62.82 -13.57
N GLY B 54 18.15 -63.70 -14.56
CA GLY B 54 19.11 -63.67 -15.64
C GLY B 54 20.12 -64.79 -15.53
N THR B 55 21.37 -64.48 -15.86
CA THR B 55 22.45 -65.46 -15.80
C THR B 55 22.78 -65.87 -14.36
N THR B 56 22.01 -65.36 -13.40
CA THR B 56 22.25 -65.73 -12.02
C THR B 56 21.45 -66.94 -11.54
N LYS B 57 22.17 -67.89 -10.97
CA LYS B 57 21.57 -69.09 -10.41
C LYS B 57 22.60 -70.11 -9.92
N TYR B 58 23.80 -70.09 -10.51
CA TYR B 58 24.83 -71.08 -10.17
C TYR B 58 25.91 -70.55 -9.22
N GLY B 59 25.99 -71.12 -8.03
CA GLY B 59 26.94 -70.67 -7.03
C GLY B 59 27.03 -71.58 -5.82
N LYS B 60 27.78 -71.14 -4.80
CA LYS B 60 27.98 -71.94 -3.59
C LYS B 60 28.12 -71.06 -2.36
N ILE B 61 27.16 -71.18 -1.45
CA ILE B 61 27.17 -70.42 -0.19
C ILE B 61 28.04 -71.14 0.85
N THR B 62 29.01 -70.45 1.41
CA THR B 62 29.95 -71.08 2.34
C THR B 62 29.83 -70.57 3.78
N ILE B 63 29.09 -71.31 4.61
CA ILE B 63 28.89 -70.94 6.00
C ILE B 63 30.14 -71.19 6.84
N ASN B 64 30.60 -70.16 7.53
CA ASN B 64 31.66 -70.33 8.53
C ASN B 64 31.06 -70.67 9.90
N LEU B 65 31.69 -71.59 10.61
CA LEU B 65 31.18 -72.03 11.92
C LEU B 65 32.30 -72.15 12.97
N LYS B 66 33.48 -72.61 12.54
CA LYS B 66 34.63 -72.76 13.44
C LYS B 66 35.95 -72.75 12.64
N ASP B 67 37.07 -72.78 13.34
CA ASP B 67 38.39 -72.63 12.70
C ASP B 67 38.79 -73.73 11.71
N GLY B 68 37.83 -74.51 11.24
CA GLY B 68 38.13 -75.59 10.31
C GLY B 68 36.95 -76.20 9.58
N GLU B 69 35.78 -75.56 9.65
CA GLU B 69 34.60 -76.13 9.02
C GLU B 69 34.05 -75.25 7.91
N LYS B 70 33.92 -75.84 6.72
CA LYS B 70 33.49 -75.12 5.52
C LYS B 70 32.54 -75.96 4.66
N GLN B 71 31.29 -75.51 4.55
CA GLN B 71 30.23 -76.23 3.84
C GLN B 71 29.43 -75.29 2.92
N GLU B 72 28.60 -75.87 2.05
CA GLU B 72 27.89 -75.10 1.02
C GLU B 72 26.49 -75.66 0.67
N ILE B 73 25.75 -74.90 -0.14
CA ILE B 73 24.45 -75.32 -0.65
C ILE B 73 24.33 -74.92 -2.10
N ASP B 74 24.44 -75.90 -3.00
CA ASP B 74 24.44 -75.59 -4.41
C ASP B 74 23.23 -74.73 -4.72
N LEU B 75 23.48 -73.64 -5.44
CA LEU B 75 22.41 -72.76 -5.85
C LEU B 75 21.89 -73.22 -7.20
N GLY B 76 22.55 -74.23 -7.76
CA GLY B 76 22.08 -74.86 -8.97
C GLY B 76 20.85 -75.70 -8.73
N ASP B 77 20.58 -76.03 -7.46
CA ASP B 77 19.47 -76.91 -7.13
C ASP B 77 19.12 -76.92 -5.64
N LYS B 78 17.82 -76.81 -5.35
CA LYS B 78 17.31 -76.87 -3.99
C LYS B 78 17.05 -78.31 -3.53
N LEU B 79 17.84 -79.24 -4.07
CA LEU B 79 17.64 -80.68 -3.84
C LEU B 79 18.06 -81.16 -2.44
N GLN B 80 18.40 -80.23 -1.56
CA GLN B 80 18.83 -80.57 -0.20
C GLN B 80 17.64 -80.83 0.75
N PHE B 81 17.04 -82.02 0.67
CA PHE B 81 15.82 -82.32 1.45
C PHE B 81 16.00 -83.12 2.75
N GLU B 82 17.12 -83.84 2.89
CA GLU B 82 17.36 -84.65 4.08
C GLU B 82 18.13 -83.89 5.17
N ARG B 83 19.02 -83.01 4.73
CA ARG B 83 19.82 -82.21 5.65
C ARG B 83 19.02 -81.04 6.20
N MET B 84 17.88 -80.75 5.58
CA MET B 84 17.00 -79.67 6.04
C MET B 84 16.49 -79.90 7.46
N GLY B 85 16.84 -81.04 8.03
CA GLY B 85 16.56 -81.32 9.43
C GLY B 85 17.68 -80.80 10.34
N ASP B 86 18.88 -80.73 9.77
CA ASP B 86 20.06 -80.22 10.46
C ASP B 86 19.71 -78.91 11.18
N VAL B 87 20.28 -78.70 12.36
CA VAL B 87 20.04 -77.49 13.12
C VAL B 87 21.36 -76.82 13.50
N LEU B 88 21.38 -75.49 13.57
CA LEU B 88 22.62 -74.75 13.81
C LEU B 88 22.57 -73.82 15.02
N ASN B 89 23.74 -73.56 15.59
CA ASN B 89 23.86 -72.73 16.79
C ASN B 89 24.08 -71.25 16.45
N SER B 90 23.30 -70.38 17.08
CA SER B 90 23.29 -68.96 16.71
C SER B 90 24.62 -68.24 16.90
N LYS B 91 25.18 -68.31 18.10
CA LYS B 91 26.37 -67.54 18.43
C LYS B 91 27.67 -68.23 18.01
N ASP B 92 27.51 -69.40 17.37
CA ASP B 92 28.62 -70.19 16.87
C ASP B 92 29.19 -69.59 15.58
N ILE B 93 28.33 -69.50 14.58
CA ILE B 93 28.70 -69.04 13.26
C ILE B 93 29.66 -67.86 13.37
N ASN B 94 30.66 -67.82 12.49
CA ASN B 94 31.62 -66.73 12.53
C ASN B 94 31.44 -65.71 11.39
N LYS B 95 31.33 -66.18 10.15
CA LYS B 95 31.23 -65.31 8.98
C LYS B 95 30.66 -66.04 7.76
N ILE B 96 29.51 -65.60 7.25
CA ILE B 96 28.97 -66.19 6.02
C ILE B 96 29.69 -65.60 4.82
N GLU B 97 29.71 -66.32 3.69
CA GLU B 97 30.43 -65.89 2.49
C GLU B 97 29.93 -66.56 1.21
N VAL B 98 29.50 -65.76 0.24
CA VAL B 98 28.95 -66.28 -1.02
C VAL B 98 29.82 -65.93 -2.22
N THR B 99 29.67 -66.69 -3.30
CA THR B 99 30.40 -66.46 -4.55
C THR B 99 29.50 -66.81 -5.74
N LEU B 100 29.38 -65.88 -6.69
CA LEU B 100 28.37 -65.98 -7.73
C LEU B 100 28.90 -66.34 -9.11
N LYS B 101 28.19 -67.25 -9.79
CA LYS B 101 28.48 -67.52 -11.20
C LYS B 101 27.28 -67.29 -12.11
N GLN B 102 27.41 -66.35 -13.04
CA GLN B 102 26.39 -66.13 -14.06
C GLN B 102 26.80 -66.79 -15.38
N THR C 22 39.58 38.84 -52.64
CA THR C 22 38.23 38.40 -52.95
C THR C 22 37.19 38.97 -51.97
N TYR C 23 35.91 38.78 -52.34
CA TYR C 23 34.80 39.51 -51.72
C TYR C 23 33.69 38.62 -51.13
N VAL C 24 33.11 39.10 -50.04
CA VAL C 24 32.05 38.38 -49.37
C VAL C 24 30.84 39.26 -49.14
N ILE C 25 29.70 38.70 -49.50
CA ILE C 25 28.43 39.36 -49.41
C ILE C 25 27.47 38.32 -48.88
N SER C 26 27.28 38.31 -47.59
CA SER C 26 26.39 37.32 -47.04
C SER C 26 24.94 37.78 -47.22
N ALA C 27 24.01 36.82 -47.14
CA ALA C 27 22.59 37.08 -46.95
C ALA C 27 21.88 35.81 -46.51
N PRO C 28 20.65 35.94 -45.98
CA PRO C 28 19.98 34.76 -45.41
C PRO C 28 20.00 33.59 -46.40
N LYS C 29 19.37 32.46 -46.06
CA LYS C 29 19.19 31.39 -47.03
C LYS C 29 17.90 31.65 -47.80
N ILE C 30 17.06 32.54 -47.28
CA ILE C 30 15.81 32.90 -47.94
C ILE C 30 15.52 34.38 -47.73
N PHE C 31 14.43 34.83 -48.35
CA PHE C 31 13.92 36.15 -48.12
C PHE C 31 12.50 36.05 -47.65
N ARG C 32 12.02 37.17 -47.14
CA ARG C 32 10.65 37.31 -46.73
C ARG C 32 10.15 38.64 -47.24
N VAL C 33 8.83 38.71 -47.37
CA VAL C 33 8.12 39.94 -47.64
C VAL C 33 8.01 40.83 -46.41
N GLY C 34 8.29 42.11 -46.58
CA GLY C 34 8.19 43.06 -45.49
C GLY C 34 9.24 42.77 -44.44
N ALA C 35 10.35 42.19 -44.88
CA ALA C 35 11.43 41.80 -44.00
C ALA C 35 12.65 42.69 -44.14
N SER C 36 13.05 43.33 -43.05
CA SER C 36 14.27 44.13 -43.02
C SER C 36 15.50 43.24 -43.27
N GLU C 37 15.65 42.76 -44.50
CA GLU C 37 16.74 41.85 -44.85
C GLU C 37 18.12 42.49 -44.71
N ASN C 38 18.87 41.99 -43.74
CA ASN C 38 20.23 42.45 -43.48
C ASN C 38 21.22 41.84 -44.48
N ILE C 39 22.03 42.69 -45.13
CA ILE C 39 23.00 42.24 -46.14
C ILE C 39 24.37 42.90 -46.07
N VAL C 40 25.27 42.22 -45.34
CA VAL C 40 26.61 42.69 -45.10
C VAL C 40 27.48 42.47 -46.31
N ILE C 41 28.39 43.41 -46.52
CA ILE C 41 29.42 43.29 -47.52
C ILE C 41 30.73 43.60 -46.83
N GLN C 42 31.71 42.73 -47.04
CA GLN C 42 33.05 42.90 -46.49
C GLN C 42 34.01 42.36 -47.53
N VAL C 43 35.26 42.81 -47.56
CA VAL C 43 36.09 42.49 -48.71
C VAL C 43 37.58 42.64 -48.52
N TYR C 44 38.33 41.81 -49.23
CA TYR C 44 39.78 41.82 -49.19
C TYR C 44 40.39 42.75 -50.24
N GLY C 45 39.65 43.76 -50.67
CA GLY C 45 40.12 44.68 -51.68
C GLY C 45 41.31 45.45 -51.17
N TYR C 46 42.10 46.00 -52.09
CA TYR C 46 43.29 46.79 -51.76
C TYR C 46 42.99 48.27 -51.48
N THR C 47 44.04 49.01 -51.13
CA THR C 47 43.93 50.36 -50.56
C THR C 47 42.86 51.24 -51.21
N GLU C 48 42.59 50.99 -52.48
CA GLU C 48 41.61 51.78 -53.21
C GLU C 48 40.22 51.63 -52.60
N ALA C 49 39.77 52.66 -51.89
CA ALA C 49 38.40 52.70 -51.40
C ALA C 49 37.48 52.58 -52.61
N PHE C 50 36.26 52.06 -52.41
CA PHE C 50 35.36 51.89 -53.55
C PHE C 50 33.87 51.72 -53.20
N ASP C 51 33.02 52.21 -54.10
CA ASP C 51 31.57 52.26 -53.89
C ASP C 51 30.85 50.91 -54.02
N ALA C 52 29.68 50.80 -53.39
CA ALA C 52 28.88 49.56 -53.37
C ALA C 52 27.38 49.77 -53.18
N THR C 53 26.61 49.58 -54.25
CA THR C 53 25.14 49.62 -54.21
C THR C 53 24.51 48.26 -54.49
N ILE C 54 23.69 47.80 -53.55
CA ILE C 54 22.97 46.54 -53.69
C ILE C 54 21.53 46.85 -54.00
N SER C 55 20.80 45.84 -54.49
CA SER C 55 19.37 45.95 -54.70
C SER C 55 18.73 44.62 -55.07
N ILE C 56 17.41 44.63 -55.09
CA ILE C 56 16.62 43.42 -55.19
C ILE C 56 15.82 43.41 -56.48
N LYS C 57 16.16 42.52 -57.40
CA LYS C 57 15.54 42.52 -58.72
C LYS C 57 14.88 41.19 -59.07
N SER C 58 13.83 41.27 -59.89
CA SER C 58 12.88 40.18 -60.12
C SER C 58 13.33 39.18 -61.18
N TYR C 59 13.00 37.91 -60.93
CA TYR C 59 13.53 36.74 -61.68
C TYR C 59 14.49 37.00 -62.88
N PRO C 60 14.14 36.62 -64.15
CA PRO C 60 15.16 36.75 -65.21
C PRO C 60 15.44 38.16 -65.78
N ASP C 61 14.41 39.01 -65.83
CA ASP C 61 14.57 40.40 -66.28
C ASP C 61 14.98 41.32 -65.13
N LYS C 62 16.24 41.69 -65.07
CA LYS C 62 16.67 42.60 -64.02
C LYS C 62 16.02 43.97 -64.20
N LYS C 63 14.71 43.98 -64.42
CA LYS C 63 13.96 45.23 -64.64
C LYS C 63 13.46 45.91 -63.36
N PHE C 64 12.54 45.27 -62.65
CA PHE C 64 12.07 45.83 -61.38
C PHE C 64 13.20 45.84 -60.34
N SER C 65 13.27 46.92 -59.58
CA SER C 65 14.21 47.02 -58.47
C SER C 65 13.47 47.67 -57.30
N TYR C 66 13.13 46.86 -56.32
CA TYR C 66 12.29 47.28 -55.22
C TYR C 66 12.98 48.33 -54.34
N SER C 67 14.23 48.06 -53.97
CA SER C 67 15.04 49.03 -53.22
C SER C 67 16.53 48.70 -53.28
N SER C 68 17.36 49.58 -52.73
CA SER C 68 18.79 49.49 -52.90
C SER C 68 19.47 50.21 -51.76
N GLY C 69 20.77 50.42 -51.89
CA GLY C 69 21.54 51.06 -50.83
C GLY C 69 22.95 51.40 -51.24
N HIS C 70 23.26 52.68 -51.19
CA HIS C 70 24.56 53.16 -51.60
C HIS C 70 25.51 53.08 -50.42
N VAL C 71 26.08 51.90 -50.20
CA VAL C 71 26.91 51.71 -49.02
C VAL C 71 28.40 51.64 -49.35
N HIS C 72 29.06 52.80 -49.24
CA HIS C 72 30.46 52.93 -49.64
C HIS C 72 31.44 52.42 -48.60
N LEU C 73 32.28 51.49 -49.03
CA LEU C 73 33.31 50.92 -48.18
C LEU C 73 34.68 51.57 -48.39
N SER C 74 35.59 51.35 -47.44
CA SER C 74 36.93 51.90 -47.51
C SER C 74 37.79 51.25 -46.44
N SER C 75 39.09 51.51 -46.49
CA SER C 75 40.00 51.01 -45.46
C SER C 75 39.61 51.57 -44.10
N GLU C 76 38.83 52.65 -44.10
CA GLU C 76 38.28 53.22 -42.87
C GLU C 76 37.16 52.35 -42.35
N ASN C 77 36.44 51.75 -43.28
CA ASN C 77 35.40 50.80 -42.96
C ASN C 77 35.89 49.38 -43.17
N LYS C 78 37.21 49.21 -43.16
CA LYS C 78 37.86 47.92 -43.41
C LYS C 78 37.15 47.16 -44.50
N PHE C 79 36.54 47.91 -45.42
CA PHE C 79 35.81 47.33 -46.54
C PHE C 79 34.71 46.41 -46.06
N GLN C 80 33.71 47.01 -45.43
CA GLN C 80 32.54 46.27 -44.98
C GLN C 80 31.39 47.26 -44.88
N ASN C 81 30.16 46.77 -45.03
CA ASN C 81 29.00 47.63 -44.84
C ASN C 81 27.65 46.90 -45.02
N SER C 82 26.62 47.46 -44.39
CA SER C 82 25.29 46.83 -44.33
C SER C 82 24.22 47.53 -45.16
N ALA C 83 23.18 46.77 -45.50
CA ALA C 83 22.05 47.32 -46.24
C ALA C 83 20.70 46.70 -45.88
N ILE C 84 19.73 47.56 -45.58
CA ILE C 84 18.33 47.15 -45.46
C ILE C 84 17.57 47.28 -46.80
N LEU C 85 17.70 46.24 -47.62
CA LEU C 85 16.87 46.07 -48.80
C LEU C 85 15.48 45.82 -48.27
N THR C 86 14.58 45.35 -49.13
CA THR C 86 13.24 44.97 -48.69
C THR C 86 12.24 44.72 -49.83
N ILE C 87 11.92 43.46 -50.10
CA ILE C 87 10.84 43.14 -51.04
C ILE C 87 9.48 43.43 -50.41
N GLN C 88 8.81 44.49 -50.86
CA GLN C 88 7.44 44.73 -50.41
C GLN C 88 6.51 43.94 -51.34
N PRO C 89 5.19 44.14 -51.22
CA PRO C 89 4.16 43.49 -52.07
C PRO C 89 3.94 44.03 -53.53
N LYS C 90 4.78 43.62 -54.48
CA LYS C 90 4.54 43.84 -55.90
C LYS C 90 3.45 42.86 -56.31
N GLN C 91 3.87 41.76 -56.93
CA GLN C 91 2.98 40.73 -57.48
C GLN C 91 1.88 40.26 -56.54
N LEU C 92 0.63 40.58 -56.89
CA LEU C 92 -0.54 40.18 -56.10
C LEU C 92 -1.56 39.26 -56.85
N PRO C 93 -1.25 38.81 -58.08
CA PRO C 93 -2.23 37.98 -58.78
C PRO C 93 -2.39 36.59 -58.16
N GLY C 94 -3.43 36.40 -57.35
CA GLY C 94 -3.70 35.09 -56.77
C GLY C 94 -3.83 34.03 -57.84
N GLY C 95 -3.34 32.84 -57.55
CA GLY C 95 -3.34 31.78 -58.55
C GLY C 95 -2.01 31.68 -59.27
N GLN C 96 -1.60 32.76 -59.94
CA GLN C 96 -0.26 32.84 -60.51
C GLN C 96 0.67 32.42 -59.39
N ASN C 97 1.74 31.69 -59.71
CA ASN C 97 2.75 31.34 -58.71
C ASN C 97 3.77 32.45 -58.60
N PRO C 98 3.34 33.60 -58.05
CA PRO C 98 4.19 34.78 -58.16
C PRO C 98 5.29 34.67 -57.13
N VAL C 99 6.28 35.56 -57.22
CA VAL C 99 7.18 35.74 -56.09
C VAL C 99 8.12 34.55 -55.82
N SER C 100 7.81 33.38 -56.38
CA SER C 100 8.65 32.20 -56.15
C SER C 100 10.03 32.32 -56.84
N TYR C 101 11.06 32.83 -56.15
CA TYR C 101 12.44 33.04 -56.69
C TYR C 101 12.84 34.48 -56.98
N VAL C 102 13.97 34.92 -56.44
CA VAL C 102 14.43 36.27 -56.74
C VAL C 102 15.91 36.40 -57.04
N TYR C 103 16.24 37.60 -57.52
CA TYR C 103 17.58 37.98 -57.87
C TYR C 103 18.02 39.11 -56.97
N LEU C 104 19.01 38.79 -56.17
CA LEU C 104 19.65 39.73 -55.29
C LEU C 104 20.76 40.29 -56.13
N GLU C 105 21.04 41.58 -56.03
CA GLU C 105 22.07 42.17 -56.86
C GLU C 105 22.98 43.13 -56.11
N VAL C 106 24.24 43.13 -56.48
CA VAL C 106 25.17 44.07 -55.91
C VAL C 106 25.97 44.74 -57.01
N VAL C 107 26.62 45.85 -56.70
CA VAL C 107 27.35 46.60 -57.70
C VAL C 107 28.64 47.15 -57.11
N SER C 108 29.58 47.49 -57.98
CA SER C 108 30.82 48.13 -57.57
C SER C 108 31.69 48.44 -58.78
N LYS C 109 32.81 49.11 -58.54
CA LYS C 109 33.73 49.48 -59.61
C LYS C 109 34.45 48.27 -60.18
N HIS C 110 34.70 47.28 -59.34
CA HIS C 110 35.59 46.19 -59.69
C HIS C 110 34.90 45.01 -60.37
N PHE C 111 33.57 44.99 -60.30
CA PHE C 111 32.78 43.84 -60.75
C PHE C 111 31.30 44.05 -60.42
N SER C 112 30.52 42.99 -60.60
CA SER C 112 29.11 42.97 -60.19
C SER C 112 28.55 41.54 -60.22
N LYS C 113 27.73 41.20 -59.22
CA LYS C 113 27.21 39.84 -59.12
C LYS C 113 26.02 39.65 -58.18
N SER C 114 25.30 38.56 -58.46
CA SER C 114 23.94 38.36 -58.03
C SER C 114 23.55 36.88 -58.12
N LYS C 115 22.28 36.56 -57.84
CA LYS C 115 21.92 35.17 -57.60
C LYS C 115 20.41 34.87 -57.54
N ARG C 116 20.05 33.58 -57.68
CA ARG C 116 18.66 33.13 -57.50
C ARG C 116 18.51 32.22 -56.28
N MET C 117 17.48 32.48 -55.47
CA MET C 117 17.33 31.84 -54.14
C MET C 117 15.89 31.98 -53.62
N PRO C 118 15.25 30.85 -53.26
CA PRO C 118 13.81 30.83 -52.95
C PRO C 118 13.37 31.93 -51.97
N ILE C 119 12.11 32.33 -51.98
CA ILE C 119 11.62 33.30 -50.99
C ILE C 119 10.20 32.98 -50.57
N THR C 120 9.77 33.51 -49.42
CA THR C 120 8.41 33.25 -48.96
C THR C 120 7.70 34.47 -48.36
N TYR C 121 6.47 34.18 -47.96
CA TYR C 121 5.45 35.12 -47.56
C TYR C 121 5.21 34.94 -46.08
N ASP C 122 6.26 34.60 -45.33
CA ASP C 122 6.12 34.29 -43.90
C ASP C 122 6.64 35.35 -42.92
N ASN C 123 6.04 36.53 -42.93
CA ASN C 123 6.50 37.64 -42.11
C ASN C 123 5.83 37.68 -40.74
N GLY C 124 6.63 37.49 -39.68
CA GLY C 124 6.14 37.62 -38.31
C GLY C 124 5.44 36.42 -37.72
N PHE C 125 4.59 36.63 -36.73
CA PHE C 125 3.94 35.50 -36.12
C PHE C 125 2.69 35.92 -35.47
N LEU C 126 1.83 34.93 -35.29
CA LEU C 126 0.55 35.19 -34.66
C LEU C 126 0.41 34.41 -33.35
N PHE C 127 0.15 35.15 -32.29
CA PHE C 127 -0.04 34.57 -30.98
C PHE C 127 -1.47 34.75 -30.59
N ILE C 128 -2.12 33.66 -30.20
CA ILE C 128 -3.54 33.71 -29.90
C ILE C 128 -3.88 33.37 -28.48
N HIS C 129 -3.74 34.36 -27.62
CA HIS C 129 -3.93 34.20 -26.20
C HIS C 129 -5.40 34.02 -25.83
N THR C 130 -5.89 32.79 -25.94
CA THR C 130 -7.20 32.43 -25.38
C THR C 130 -7.13 32.62 -23.88
N ASP C 131 -8.12 33.26 -23.26
CA ASP C 131 -8.05 33.57 -21.84
C ASP C 131 -7.74 32.33 -21.00
N LYS C 132 -8.61 31.33 -21.08
CA LYS C 132 -8.37 30.02 -20.49
C LYS C 132 -8.46 28.98 -21.60
N PRO C 133 -8.16 27.70 -21.31
CA PRO C 133 -8.05 26.76 -22.40
C PRO C 133 -8.95 25.61 -22.08
N VAL C 134 -10.07 25.93 -21.45
CA VAL C 134 -11.21 25.03 -21.44
C VAL C 134 -12.50 25.72 -20.98
N TYR C 135 -13.60 25.32 -21.62
CA TYR C 135 -14.85 26.00 -21.43
C TYR C 135 -15.99 25.02 -21.42
N THR C 136 -17.02 25.40 -20.70
CA THR C 136 -18.20 24.58 -20.53
C THR C 136 -19.34 25.38 -21.14
N PRO C 137 -20.46 24.70 -21.41
CA PRO C 137 -21.58 25.33 -22.13
C PRO C 137 -21.78 26.79 -21.73
N ASP C 138 -21.86 27.65 -22.73
CA ASP C 138 -22.40 28.99 -22.53
C ASP C 138 -21.41 30.03 -22.04
N GLN C 139 -20.17 29.65 -21.86
CA GLN C 139 -19.22 30.67 -21.46
C GLN C 139 -18.91 31.60 -22.65
N SER C 140 -18.36 32.78 -22.37
CA SER C 140 -17.81 33.64 -23.41
C SER C 140 -16.28 33.50 -23.44
N VAL C 141 -15.76 32.93 -24.52
CA VAL C 141 -14.31 32.83 -24.75
C VAL C 141 -13.66 34.20 -24.94
N LYS C 142 -13.14 34.78 -23.86
CA LYS C 142 -12.26 35.94 -23.99
C LYS C 142 -11.04 35.52 -24.83
N VAL C 143 -10.62 36.39 -25.73
CA VAL C 143 -9.47 36.05 -26.55
C VAL C 143 -8.95 37.28 -27.21
N ARG C 144 -7.66 37.29 -27.47
CA ARG C 144 -7.04 38.33 -28.25
C ARG C 144 -5.88 37.75 -29.06
N VAL C 145 -5.04 38.64 -29.58
CA VAL C 145 -3.90 38.21 -30.38
C VAL C 145 -2.75 39.21 -30.40
N TYR C 146 -1.56 38.66 -30.18
CA TYR C 146 -0.34 39.42 -30.24
C TYR C 146 0.32 39.05 -31.55
N SER C 147 0.72 40.07 -32.31
CA SER C 147 1.29 39.86 -33.64
C SER C 147 2.55 40.67 -33.89
N LEU C 148 3.57 39.98 -34.37
CA LEU C 148 4.86 40.60 -34.60
C LEU C 148 5.32 40.34 -36.00
N ASN C 149 6.19 41.22 -36.49
CA ASN C 149 6.84 41.07 -37.78
C ASN C 149 8.21 40.42 -37.58
N ASP C 150 8.76 39.87 -38.65
CA ASP C 150 10.11 39.37 -38.67
C ASP C 150 11.01 40.13 -37.74
N ASP C 151 10.80 41.45 -37.65
CA ASP C 151 11.66 42.34 -36.84
C ASP C 151 11.10 42.49 -35.41
N LEU C 152 10.29 41.53 -35.01
CA LEU C 152 9.77 41.47 -33.64
C LEU C 152 9.42 42.86 -33.06
N LYS C 153 8.72 43.66 -33.86
CA LYS C 153 8.16 44.92 -33.40
C LYS C 153 6.64 44.90 -33.61
N PRO C 154 5.90 45.91 -33.10
CA PRO C 154 4.43 45.84 -32.98
C PRO C 154 3.76 45.11 -34.14
N ALA C 155 4.20 45.42 -35.36
CA ALA C 155 3.74 44.77 -36.58
C ALA C 155 2.31 45.16 -36.96
N LYS C 156 1.91 46.38 -36.58
CA LYS C 156 0.57 46.87 -36.86
C LYS C 156 0.12 46.27 -38.19
N ARG C 157 -1.14 45.84 -38.25
CA ARG C 157 -1.72 45.27 -39.47
C ARG C 157 -3.18 44.95 -39.25
N GLU C 158 -3.83 44.43 -40.29
CA GLU C 158 -5.17 43.89 -40.15
C GLU C 158 -5.16 42.37 -40.21
N THR C 159 -5.79 41.75 -39.23
CA THR C 159 -5.79 40.31 -39.12
C THR C 159 -7.20 39.79 -38.95
N VAL C 160 -7.37 38.54 -39.35
CA VAL C 160 -8.60 37.79 -39.12
C VAL C 160 -8.28 36.42 -38.57
N LEU C 161 -9.13 35.99 -37.63
CA LEU C 161 -9.22 34.60 -37.22
C LEU C 161 -10.51 33.93 -37.73
N THR C 162 -10.62 32.65 -37.40
CA THR C 162 -11.61 31.79 -38.00
C THR C 162 -11.81 30.52 -37.16
N PHE C 163 -12.62 30.62 -36.09
CA PHE C 163 -12.88 29.50 -35.17
C PHE C 163 -13.36 28.29 -35.93
N ILE C 164 -13.17 27.12 -35.36
CA ILE C 164 -13.44 25.90 -36.10
C ILE C 164 -13.93 24.77 -35.20
N ASP C 165 -15.23 24.52 -35.26
CA ASP C 165 -15.86 23.54 -34.40
C ASP C 165 -15.10 22.25 -34.40
N PRO C 166 -15.29 21.48 -33.34
CA PRO C 166 -14.62 20.20 -33.06
C PRO C 166 -14.74 19.13 -34.17
N GLU C 167 -15.25 19.48 -35.35
CA GLU C 167 -15.32 18.49 -36.44
C GLU C 167 -14.64 19.03 -37.69
N GLY C 168 -14.25 20.29 -37.62
CA GLY C 168 -13.38 20.85 -38.62
C GLY C 168 -14.17 21.63 -39.61
N SER C 169 -15.23 22.25 -39.13
CA SER C 169 -16.06 23.09 -40.00
C SER C 169 -16.09 24.53 -39.49
N GLU C 170 -15.66 25.48 -40.32
CA GLU C 170 -15.64 26.86 -39.89
C GLU C 170 -16.89 27.13 -39.07
N VAL C 171 -16.90 28.20 -38.27
CA VAL C 171 -18.12 28.52 -37.54
C VAL C 171 -18.27 30.03 -37.30
N ASP C 172 -17.29 30.81 -37.73
CA ASP C 172 -17.37 32.23 -37.53
C ASP C 172 -16.23 32.83 -38.29
N MET C 173 -15.83 34.04 -37.89
CA MET C 173 -14.75 34.75 -38.54
C MET C 173 -14.82 36.15 -38.03
N VAL C 174 -13.79 36.94 -38.34
CA VAL C 174 -13.81 38.36 -38.05
C VAL C 174 -12.39 38.90 -38.15
N GLU C 175 -12.27 40.19 -38.38
CA GLU C 175 -10.97 40.83 -38.52
C GLU C 175 -10.86 41.89 -37.43
N GLU C 176 -9.84 42.74 -37.49
CA GLU C 176 -9.88 44.01 -36.76
C GLU C 176 -8.68 44.88 -37.11
N ILE C 177 -8.55 46.00 -36.41
CA ILE C 177 -7.44 46.95 -36.67
C ILE C 177 -6.31 46.84 -35.64
N ASP C 178 -5.08 46.85 -36.13
CA ASP C 178 -3.94 46.81 -35.24
C ASP C 178 -3.40 48.20 -34.94
N HIS C 179 -3.88 48.78 -33.83
CA HIS C 179 -3.42 50.08 -33.39
C HIS C 179 -2.04 49.99 -32.70
N ILE C 180 -1.84 48.96 -31.86
CA ILE C 180 -0.57 48.78 -31.13
C ILE C 180 0.15 47.45 -31.42
N GLY C 181 -0.60 46.36 -31.38
CA GLY C 181 -0.05 45.04 -31.66
C GLY C 181 -0.85 44.03 -30.87
N ILE C 182 -1.62 44.55 -29.93
CA ILE C 182 -2.53 43.73 -29.16
C ILE C 182 -3.89 43.81 -29.81
N ILE C 183 -4.12 42.95 -30.79
CA ILE C 183 -5.38 42.95 -31.53
C ILE C 183 -6.55 42.48 -30.68
N SER C 184 -7.47 43.39 -30.39
CA SER C 184 -8.55 43.12 -29.44
C SER C 184 -9.81 42.62 -30.12
N PHE C 185 -9.90 41.31 -30.32
CA PHE C 185 -11.09 40.69 -30.88
C PHE C 185 -12.27 40.77 -29.91
N PRO C 186 -13.43 40.21 -30.30
CA PRO C 186 -14.69 40.29 -29.56
C PRO C 186 -15.17 38.92 -29.09
N ASP C 187 -15.53 38.85 -27.82
CA ASP C 187 -15.89 37.59 -27.15
C ASP C 187 -16.62 36.64 -28.09
N PHE C 188 -16.34 35.35 -27.98
CA PHE C 188 -17.04 34.34 -28.73
C PHE C 188 -17.79 33.51 -27.72
N LYS C 189 -19.12 33.50 -27.79
CA LYS C 189 -19.94 32.78 -26.82
C LYS C 189 -20.13 31.33 -27.21
N ILE C 190 -20.10 30.48 -26.20
CA ILE C 190 -20.36 29.06 -26.37
C ILE C 190 -21.85 28.86 -26.55
N PRO C 191 -22.25 27.92 -27.43
CA PRO C 191 -23.66 27.61 -27.63
C PRO C 191 -24.34 27.16 -26.35
N SER C 192 -25.62 27.46 -26.23
CA SER C 192 -26.41 27.01 -25.09
C SER C 192 -26.22 25.51 -24.96
N ASN C 193 -25.92 24.90 -26.11
CA ASN C 193 -25.63 23.48 -26.24
C ASN C 193 -24.82 23.31 -27.53
N PRO C 194 -23.47 23.22 -27.42
CA PRO C 194 -22.49 23.07 -28.52
C PRO C 194 -21.99 21.64 -28.82
N ARG C 195 -21.17 21.51 -29.86
CA ARG C 195 -20.51 20.23 -30.16
C ARG C 195 -19.31 19.99 -29.25
N TYR C 196 -19.32 18.85 -28.56
CA TYR C 196 -18.34 18.59 -27.50
C TYR C 196 -16.97 18.07 -27.95
N GLY C 197 -15.93 18.82 -27.63
CA GLY C 197 -14.61 18.34 -27.92
C GLY C 197 -13.58 19.43 -28.02
N MET C 198 -12.77 19.34 -29.07
CA MET C 198 -11.59 20.17 -29.21
C MET C 198 -11.73 21.27 -30.27
N TRP C 199 -11.83 22.53 -29.83
CA TRP C 199 -11.98 23.66 -30.74
C TRP C 199 -10.67 24.17 -31.30
N THR C 200 -10.68 24.77 -32.49
CA THR C 200 -9.45 25.27 -33.08
C THR C 200 -9.57 26.74 -33.52
N ILE C 201 -8.87 27.67 -32.87
CA ILE C 201 -8.79 29.02 -33.43
C ILE C 201 -7.53 29.19 -34.26
N LYS C 202 -7.69 29.54 -35.55
CA LYS C 202 -6.59 29.93 -36.45
C LYS C 202 -6.64 31.41 -36.80
N ALA C 203 -5.51 31.98 -37.21
CA ALA C 203 -5.46 33.40 -37.49
C ALA C 203 -4.51 33.68 -38.62
N LYS C 204 -4.92 34.61 -39.48
CA LYS C 204 -4.16 35.06 -40.66
C LYS C 204 -4.25 36.57 -40.91
N TYR C 205 -3.18 37.12 -41.47
CA TYR C 205 -3.21 38.52 -41.87
C TYR C 205 -4.19 38.72 -43.00
N LYS C 206 -5.01 39.77 -42.91
CA LYS C 206 -5.99 40.07 -43.95
C LYS C 206 -5.24 40.13 -45.26
N GLU C 207 -4.43 41.18 -45.36
CA GLU C 207 -3.62 41.47 -46.54
C GLU C 207 -2.69 40.33 -46.93
N ASP C 208 -1.62 40.67 -47.63
CA ASP C 208 -0.65 39.69 -48.07
C ASP C 208 0.19 39.26 -46.89
N PHE C 209 0.90 38.16 -47.07
CA PHE C 209 1.59 37.43 -46.01
C PHE C 209 0.91 36.07 -45.73
N SER C 210 1.67 34.99 -45.88
CA SER C 210 1.19 33.63 -45.63
C SER C 210 0.98 33.31 -44.13
N THR C 211 1.50 34.17 -43.25
CA THR C 211 1.74 33.83 -41.83
C THR C 211 0.58 33.21 -41.05
N THR C 212 0.86 32.09 -40.42
CA THR C 212 -0.11 31.27 -39.72
C THR C 212 -0.18 31.50 -38.19
N GLY C 213 -1.34 31.92 -37.70
CA GLY C 213 -1.61 31.83 -36.29
C GLY C 213 -2.45 30.60 -35.97
N THR C 214 -2.01 29.75 -35.05
CA THR C 214 -2.88 28.66 -34.55
C THR C 214 -3.03 28.77 -33.05
N ALA C 215 -4.05 28.11 -32.51
CA ALA C 215 -4.30 28.06 -31.08
C ALA C 215 -5.37 27.00 -30.88
N TYR C 216 -5.67 26.65 -29.63
CA TYR C 216 -6.77 25.73 -29.33
C TYR C 216 -7.52 26.06 -28.08
N PHE C 217 -8.60 25.31 -27.90
CA PHE C 217 -9.42 25.37 -26.70
C PHE C 217 -10.55 24.33 -26.70
N GLU C 218 -10.70 23.65 -25.57
CA GLU C 218 -11.59 22.51 -25.45
C GLU C 218 -12.90 22.93 -24.83
N VAL C 219 -13.99 22.38 -25.33
CA VAL C 219 -15.28 22.58 -24.70
C VAL C 219 -15.73 21.29 -24.12
N LYS C 220 -16.15 21.35 -22.86
CA LYS C 220 -16.57 20.17 -22.15
C LYS C 220 -17.95 20.40 -21.54
N GLU C 221 -18.67 19.30 -21.36
CA GLU C 221 -20.01 19.36 -20.80
C GLU C 221 -20.01 19.30 -19.27
N TYR C 222 -20.35 20.41 -18.64
CA TYR C 222 -20.42 20.44 -17.17
C TYR C 222 -21.47 19.51 -16.60
N VAL C 223 -21.06 18.67 -15.68
CA VAL C 223 -22.01 17.90 -14.92
C VAL C 223 -21.96 18.34 -13.47
N LEU C 224 -23.00 18.04 -12.70
CA LEU C 224 -22.99 18.38 -11.29
C LEU C 224 -22.43 17.21 -10.51
N PRO C 225 -21.40 17.49 -9.68
CA PRO C 225 -20.81 16.50 -8.80
C PRO C 225 -21.74 16.24 -7.63
N HIS C 226 -22.06 14.97 -7.42
CA HIS C 226 -22.74 14.55 -6.21
C HIS C 226 -21.72 14.31 -5.06
N PHE C 227 -20.61 13.63 -5.36
CA PHE C 227 -19.56 13.40 -4.38
C PHE C 227 -18.19 13.37 -5.04
N SER C 228 -17.20 13.93 -4.37
CA SER C 228 -15.88 14.07 -4.95
C SER C 228 -15.12 12.75 -5.00
N VAL C 229 -14.96 12.17 -6.20
CA VAL C 229 -14.04 11.04 -6.35
C VAL C 229 -12.71 11.49 -6.93
N SER C 230 -11.63 11.16 -6.22
CA SER C 230 -10.27 11.40 -6.69
C SER C 230 -9.73 10.12 -7.27
N ILE C 231 -8.46 10.16 -7.64
CA ILE C 231 -7.74 8.93 -7.95
C ILE C 231 -6.25 9.26 -8.05
N GLU C 232 -5.47 8.62 -7.18
CA GLU C 232 -4.02 8.78 -7.08
C GLU C 232 -3.34 7.45 -7.42
N PRO C 233 -2.38 7.54 -8.31
CA PRO C 233 -1.63 6.43 -8.89
C PRO C 233 -0.48 6.09 -7.98
N GLU C 234 0.06 4.88 -8.07
CA GLU C 234 1.20 4.52 -7.25
C GLU C 234 2.31 5.56 -7.38
N TYR C 235 2.80 5.80 -8.59
CA TYR C 235 3.77 6.86 -8.82
C TYR C 235 3.28 7.60 -10.05
N ASN C 236 4.14 8.41 -10.67
CA ASN C 236 3.71 9.22 -11.82
C ASN C 236 4.03 8.69 -13.19
N PHE C 237 4.96 7.75 -13.26
CA PHE C 237 5.29 7.12 -14.52
C PHE C 237 5.23 5.67 -14.25
N ILE C 238 5.85 4.87 -15.09
CA ILE C 238 5.87 3.47 -14.81
C ILE C 238 7.18 3.05 -15.34
N GLY C 239 8.17 3.06 -14.45
CA GLY C 239 9.52 2.61 -14.75
C GLY C 239 9.65 1.14 -14.43
N TYR C 240 10.60 0.49 -15.10
CA TYR C 240 10.62 -0.96 -15.17
C TYR C 240 10.55 -1.65 -13.82
N LYS C 241 10.51 -0.89 -12.73
CA LYS C 241 10.43 -1.53 -11.42
C LYS C 241 9.13 -2.31 -11.25
N ASN C 242 8.00 -1.66 -11.47
CA ASN C 242 6.72 -2.38 -11.57
C ASN C 242 6.39 -2.48 -13.03
N PHE C 243 5.91 -3.64 -13.45
CA PHE C 243 5.54 -3.78 -14.84
C PHE C 243 4.55 -4.92 -14.85
N LYS C 244 4.58 -5.66 -13.75
CA LYS C 244 3.56 -6.64 -13.44
C LYS C 244 2.73 -6.08 -12.31
N ASN C 245 3.04 -4.85 -11.90
CA ASN C 245 2.16 -4.18 -10.94
C ASN C 245 2.27 -2.66 -10.79
N PHE C 246 1.13 -2.04 -10.47
CA PHE C 246 1.03 -0.62 -10.18
C PHE C 246 -0.09 -0.46 -9.14
N GLU C 247 0.08 0.43 -8.16
CA GLU C 247 -0.94 0.54 -7.13
C GLU C 247 -1.67 1.88 -7.12
N ILE C 248 -2.91 1.81 -7.55
CA ILE C 248 -3.76 2.95 -7.66
C ILE C 248 -4.80 2.91 -6.57
N THR C 249 -4.89 4.01 -5.84
CA THR C 249 -5.89 4.17 -4.81
C THR C 249 -6.96 5.10 -5.35
N ILE C 250 -8.22 4.86 -5.01
CA ILE C 250 -9.32 5.74 -5.43
C ILE C 250 -10.19 6.05 -4.24
N LYS C 251 -10.35 7.34 -3.94
CA LYS C 251 -10.90 7.76 -2.65
C LYS C 251 -12.13 8.66 -2.76
N ALA C 252 -13.30 8.08 -2.50
CA ALA C 252 -14.57 8.79 -2.62
C ALA C 252 -15.07 9.40 -1.32
N ARG C 253 -15.85 10.46 -1.42
CA ARG C 253 -16.33 11.14 -0.23
C ARG C 253 -17.34 12.24 -0.58
N TYR C 254 -18.43 12.30 0.17
CA TYR C 254 -19.45 13.32 -0.05
C TYR C 254 -18.93 14.68 0.44
N PHE C 255 -19.63 15.75 0.06
CA PHE C 255 -19.19 17.09 0.43
C PHE C 255 -19.35 17.38 1.92
N TYR C 256 -20.28 16.69 2.57
CA TYR C 256 -20.52 16.88 4.01
C TYR C 256 -19.55 16.09 4.92
N ASN C 257 -18.27 16.13 4.56
CA ASN C 257 -17.17 15.50 5.32
C ASN C 257 -17.46 14.11 5.86
N LYS C 258 -17.99 13.25 5.01
CA LYS C 258 -18.17 11.83 5.31
C LYS C 258 -17.92 11.01 4.06
N VAL C 259 -16.91 10.14 4.14
CA VAL C 259 -16.57 9.26 3.03
C VAL C 259 -17.71 8.33 2.71
N VAL C 260 -17.71 7.82 1.49
CA VAL C 260 -18.66 6.77 1.11
C VAL C 260 -18.31 5.49 1.83
N THR C 261 -19.29 4.61 1.98
CA THR C 261 -19.01 3.23 2.32
C THR C 261 -19.28 2.40 1.06
N GLU C 262 -20.33 1.57 1.04
CA GLU C 262 -20.52 0.75 -0.15
C GLU C 262 -20.71 1.58 -1.42
N ALA C 263 -20.04 1.15 -2.47
CA ALA C 263 -20.15 1.75 -3.79
C ALA C 263 -19.56 0.79 -4.80
N ASP C 264 -20.20 0.68 -5.95
CA ASP C 264 -19.64 -0.13 -7.02
C ASP C 264 -18.52 0.67 -7.67
N VAL C 265 -17.47 -0.03 -8.05
CA VAL C 265 -16.29 0.60 -8.64
C VAL C 265 -16.09 0.13 -10.10
N TYR C 266 -16.02 1.06 -11.05
CA TYR C 266 -15.73 0.65 -12.42
C TYR C 266 -14.51 1.39 -12.95
N ILE C 267 -13.48 0.66 -13.32
CA ILE C 267 -12.25 1.30 -13.76
C ILE C 267 -11.73 0.86 -15.11
N THR C 268 -11.79 1.75 -16.09
CA THR C 268 -11.18 1.42 -17.36
C THR C 268 -9.72 1.89 -17.39
N PHE C 269 -8.96 1.41 -18.37
CA PHE C 269 -7.61 1.92 -18.59
C PHE C 269 -7.42 2.16 -20.05
N GLY C 270 -6.29 2.76 -20.40
CA GLY C 270 -6.08 3.06 -21.79
C GLY C 270 -4.64 3.22 -22.21
N ILE C 271 -4.42 3.12 -23.53
CA ILE C 271 -3.21 3.60 -24.14
C ILE C 271 -3.56 4.93 -24.81
N ARG C 272 -2.65 5.51 -25.58
CA ARG C 272 -2.82 6.89 -26.02
C ARG C 272 -1.62 7.23 -26.85
N GLU C 273 -1.44 8.50 -27.15
CA GLU C 273 -0.22 8.90 -27.80
C GLU C 273 0.35 10.07 -27.06
N ASP C 274 -0.48 11.08 -26.85
CA ASP C 274 -0.03 12.27 -26.16
C ASP C 274 -1.16 12.82 -25.33
N LEU C 275 -0.99 14.04 -24.83
CA LEU C 275 -2.04 14.74 -24.10
C LEU C 275 -2.91 15.67 -25.00
N LYS C 276 -2.52 15.82 -26.27
CA LYS C 276 -3.25 16.65 -27.24
C LYS C 276 -4.16 15.76 -28.10
N ASP C 277 -4.23 14.48 -27.74
CA ASP C 277 -5.05 13.49 -28.44
C ASP C 277 -6.35 13.23 -27.68
N ASP C 278 -7.47 13.67 -28.25
CA ASP C 278 -8.78 13.46 -27.64
C ASP C 278 -9.25 12.00 -27.73
N GLN C 279 -8.43 11.16 -28.37
CA GLN C 279 -8.77 9.74 -28.56
C GLN C 279 -7.64 8.78 -28.26
N LYS C 280 -7.97 7.83 -27.40
CA LYS C 280 -7.03 6.88 -26.83
C LYS C 280 -7.62 5.48 -26.89
N GLU C 281 -6.86 4.54 -27.43
CA GLU C 281 -7.37 3.21 -27.72
C GLU C 281 -7.36 2.28 -26.52
N MET C 282 -8.45 2.33 -25.78
CA MET C 282 -8.62 1.49 -24.61
C MET C 282 -8.14 0.07 -24.76
N MET C 283 -8.40 -0.64 -23.68
CA MET C 283 -7.93 -1.98 -23.43
C MET C 283 -9.16 -2.70 -22.95
N GLN C 284 -9.22 -4.00 -23.22
CA GLN C 284 -10.22 -4.87 -22.64
C GLN C 284 -9.62 -5.49 -21.37
N THR C 285 -10.43 -6.21 -20.61
CA THR C 285 -9.96 -6.83 -19.37
C THR C 285 -9.43 -5.81 -18.37
N ALA C 286 -10.07 -4.63 -18.35
CA ALA C 286 -9.81 -3.61 -17.34
C ALA C 286 -10.80 -3.78 -16.19
N MET C 287 -10.28 -4.15 -15.02
CA MET C 287 -11.09 -4.67 -13.91
C MET C 287 -12.25 -3.84 -13.40
N GLN C 288 -13.44 -4.45 -13.50
CA GLN C 288 -14.65 -3.95 -12.89
C GLN C 288 -14.69 -4.33 -11.42
N ASN C 289 -15.54 -3.63 -10.66
CA ASN C 289 -15.90 -4.00 -9.28
C ASN C 289 -14.80 -4.53 -8.35
N THR C 290 -14.46 -3.72 -7.36
CA THR C 290 -13.87 -4.22 -6.11
C THR C 290 -14.54 -3.49 -4.95
N MET C 291 -15.66 -2.85 -5.29
CA MET C 291 -16.51 -2.17 -4.32
C MET C 291 -15.72 -1.23 -3.44
N LEU C 292 -15.90 0.06 -3.69
CA LEU C 292 -15.31 1.08 -2.84
C LEU C 292 -15.69 0.64 -1.46
N ILE C 293 -14.71 0.57 -0.58
CA ILE C 293 -14.99 0.14 0.78
C ILE C 293 -14.43 1.06 1.86
N ASN C 294 -15.35 1.85 2.42
CA ASN C 294 -15.05 2.96 3.32
C ASN C 294 -14.09 4.02 2.79
N GLY C 295 -14.54 4.73 1.77
CA GLY C 295 -13.80 5.86 1.26
C GLY C 295 -12.53 5.42 0.56
N ILE C 296 -12.39 4.12 0.36
CA ILE C 296 -11.33 3.59 -0.49
C ILE C 296 -11.64 2.21 -1.11
N ALA C 297 -10.67 1.71 -1.86
CA ALA C 297 -10.50 0.31 -2.24
C ALA C 297 -9.19 0.37 -3.00
N GLN C 298 -8.84 -0.71 -3.69
CA GLN C 298 -7.58 -0.71 -4.43
C GLN C 298 -7.38 -1.86 -5.38
N VAL C 299 -6.29 -1.74 -6.14
CA VAL C 299 -5.83 -2.77 -7.07
C VAL C 299 -4.40 -2.56 -7.54
N THR C 300 -3.91 -3.50 -8.35
CA THR C 300 -2.55 -3.49 -8.88
C THR C 300 -2.53 -4.13 -10.26
N PHE C 301 -1.93 -3.42 -11.20
CA PHE C 301 -2.28 -3.64 -12.58
C PHE C 301 -1.05 -4.10 -13.38
N ASP C 302 -0.83 -5.41 -13.37
CA ASP C 302 0.24 -6.05 -14.16
C ASP C 302 0.15 -5.59 -15.60
N SER C 303 0.96 -4.59 -15.94
CA SER C 303 0.89 -3.91 -17.23
C SER C 303 1.15 -4.83 -18.42
N GLU C 304 1.90 -5.90 -18.15
CA GLU C 304 2.21 -6.94 -19.13
C GLU C 304 1.01 -7.43 -19.91
N THR C 305 0.32 -8.36 -19.25
CA THR C 305 -1.00 -8.77 -19.64
C THR C 305 -1.60 -7.62 -20.42
N ALA C 306 -2.25 -6.71 -19.70
CA ALA C 306 -3.21 -5.79 -20.28
C ALA C 306 -2.73 -4.78 -21.33
N VAL C 307 -2.10 -5.29 -22.39
CA VAL C 307 -1.88 -4.54 -23.64
C VAL C 307 -1.49 -5.49 -24.78
N LYS C 308 -0.74 -6.53 -24.45
CA LYS C 308 -0.19 -7.43 -25.46
C LYS C 308 -1.25 -7.78 -26.50
N GLU C 309 -2.13 -8.72 -26.17
CA GLU C 309 -3.21 -9.04 -27.07
C GLU C 309 -4.20 -7.88 -27.15
N LEU C 310 -4.04 -6.88 -26.27
CA LEU C 310 -5.06 -5.82 -26.18
C LEU C 310 -4.76 -4.55 -27.02
N SER C 311 -3.62 -4.57 -27.70
CA SER C 311 -3.25 -3.56 -28.71
C SER C 311 -1.88 -3.91 -29.31
N TYR C 312 -1.40 -3.10 -30.30
CA TYR C 312 -0.16 -3.34 -31.06
C TYR C 312 1.14 -3.38 -30.18
N TYR C 313 0.98 -3.32 -28.84
CA TYR C 313 2.08 -3.36 -27.85
C TYR C 313 2.15 -4.68 -27.05
N SER C 314 3.15 -5.50 -27.32
CA SER C 314 3.36 -6.73 -26.56
C SER C 314 4.65 -6.63 -25.75
N LEU C 315 5.50 -5.67 -26.12
CA LEU C 315 6.82 -5.47 -25.51
C LEU C 315 6.92 -4.36 -24.45
N GLU C 316 7.82 -4.56 -23.48
CA GLU C 316 8.04 -3.58 -22.43
C GLU C 316 8.65 -2.33 -22.98
N ASP C 317 9.63 -2.59 -23.82
CA ASP C 317 10.51 -1.68 -24.54
C ASP C 317 9.82 -1.06 -25.73
N LEU C 318 8.70 -1.66 -26.11
CA LEU C 318 7.92 -1.17 -27.23
C LEU C 318 7.00 -0.02 -26.86
N ASN C 319 7.00 0.34 -25.65
CA ASN C 319 6.13 1.39 -25.19
C ASN C 319 6.98 2.53 -24.68
N ASN C 320 6.56 3.78 -24.86
CA ASN C 320 7.24 4.96 -24.33
C ASN C 320 6.25 6.08 -24.46
N LYS C 321 5.04 5.58 -24.72
CA LYS C 321 3.85 6.39 -24.81
C LYS C 321 3.15 6.37 -23.47
N TYR C 322 1.84 6.61 -23.47
CA TYR C 322 1.19 6.76 -22.18
C TYR C 322 0.34 5.63 -21.63
N LEU C 323 -0.26 5.89 -20.45
CA LEU C 323 -1.21 5.00 -19.74
C LEU C 323 -2.38 5.82 -19.12
N TYR C 324 -3.56 5.77 -19.76
CA TYR C 324 -4.76 6.56 -19.37
C TYR C 324 -5.68 5.78 -18.46
N ILE C 325 -6.13 6.45 -17.39
CA ILE C 325 -7.00 5.84 -16.40
C ILE C 325 -8.29 6.63 -16.18
N ALA C 326 -9.36 5.91 -15.87
CA ALA C 326 -10.63 6.51 -15.50
C ALA C 326 -11.48 5.54 -14.69
N VAL C 327 -12.03 6.05 -13.59
CA VAL C 327 -12.90 5.29 -12.73
C VAL C 327 -14.32 5.84 -12.89
N THR C 328 -15.31 5.06 -12.44
CA THR C 328 -16.64 5.58 -12.13
C THR C 328 -17.04 4.86 -10.84
N VAL C 329 -17.48 5.64 -9.86
CA VAL C 329 -17.88 5.12 -8.55
C VAL C 329 -19.32 5.56 -8.23
N ILE C 330 -20.28 4.76 -8.66
CA ILE C 330 -21.68 5.03 -8.36
C ILE C 330 -21.97 4.58 -6.92
N GLU C 331 -22.52 5.49 -6.11
CA GLU C 331 -22.77 5.23 -4.69
C GLU C 331 -23.86 4.17 -4.47
N SER C 332 -23.63 3.27 -3.53
CA SER C 332 -24.55 2.16 -3.30
C SER C 332 -25.87 2.56 -2.65
N THR C 333 -25.79 3.49 -1.71
CA THR C 333 -26.98 3.93 -0.99
C THR C 333 -27.93 4.74 -1.87
N GLY C 334 -27.47 5.89 -2.37
CA GLY C 334 -28.32 6.79 -3.11
C GLY C 334 -28.67 6.35 -4.52
N GLY C 335 -27.78 5.59 -5.16
CA GLY C 335 -27.98 5.20 -6.54
C GLY C 335 -27.41 6.25 -7.48
N PHE C 336 -26.64 7.17 -6.91
CA PHE C 336 -25.95 8.21 -7.67
C PHE C 336 -24.87 7.62 -8.56
N SER C 337 -24.20 8.48 -9.30
CA SER C 337 -23.05 8.09 -10.09
C SER C 337 -22.05 9.24 -10.17
N GLU C 338 -20.77 8.90 -10.03
CA GLU C 338 -19.71 9.89 -10.18
C GLU C 338 -18.58 9.31 -11.02
N GLU C 339 -17.93 10.15 -11.80
CA GLU C 339 -16.87 9.69 -12.68
C GLU C 339 -15.59 10.46 -12.40
N ALA C 340 -14.46 9.86 -12.75
CA ALA C 340 -13.16 10.46 -12.48
C ALA C 340 -12.07 9.83 -13.35
N GLU C 341 -11.17 10.64 -13.88
CA GLU C 341 -10.21 10.12 -14.84
C GLU C 341 -8.84 10.69 -14.62
N ILE C 342 -7.85 9.95 -15.10
CA ILE C 342 -6.47 10.43 -15.17
C ILE C 342 -5.99 10.43 -16.60
N PRO C 343 -5.41 11.56 -17.04
CA PRO C 343 -5.19 11.77 -18.47
C PRO C 343 -4.42 10.61 -18.99
N GLY C 344 -3.17 10.61 -18.56
CA GLY C 344 -2.23 9.59 -18.93
C GLY C 344 -1.19 9.39 -17.84
N ILE C 345 -0.31 8.44 -18.11
CA ILE C 345 0.69 8.00 -17.15
C ILE C 345 1.83 7.49 -18.02
N LYS C 346 2.77 8.38 -18.34
CA LYS C 346 3.84 8.09 -19.27
C LYS C 346 4.62 6.87 -18.80
N TYR C 347 4.59 5.76 -19.53
CA TYR C 347 5.48 4.63 -19.24
C TYR C 347 6.88 5.05 -19.53
N VAL C 348 7.87 4.42 -18.91
CA VAL C 348 9.25 4.66 -19.34
C VAL C 348 10.03 3.39 -19.42
N LEU C 349 11.06 3.45 -20.24
CA LEU C 349 11.92 2.32 -20.36
C LEU C 349 13.04 2.44 -19.33
N SER C 350 13.76 3.57 -19.38
CA SER C 350 14.91 3.88 -18.54
C SER C 350 14.88 5.37 -18.08
N PRO C 351 14.82 5.60 -16.75
CA PRO C 351 14.45 6.85 -16.08
C PRO C 351 15.32 8.04 -16.46
N TYR C 352 16.30 7.77 -17.32
CA TYR C 352 17.24 8.78 -17.78
C TYR C 352 17.18 8.92 -19.31
N LYS C 353 17.65 10.06 -19.82
CA LYS C 353 17.60 10.31 -21.24
C LYS C 353 18.73 11.23 -21.60
N LEU C 354 19.70 10.70 -22.32
CA LEU C 354 20.86 11.48 -22.69
C LEU C 354 20.41 12.48 -23.73
N ASN C 355 21.19 13.52 -23.95
CA ASN C 355 21.08 14.26 -25.19
C ASN C 355 22.29 15.13 -25.37
N LEU C 356 23.00 14.91 -26.47
CA LEU C 356 24.20 15.67 -26.76
C LEU C 356 23.99 17.13 -26.39
N VAL C 357 25.07 17.86 -26.13
CA VAL C 357 24.90 19.27 -25.77
C VAL C 357 25.96 20.22 -26.31
N ALA C 358 25.55 21.23 -27.07
CA ALA C 358 26.51 22.11 -27.71
C ALA C 358 27.74 21.35 -28.23
N THR C 359 27.51 20.28 -29.01
CA THR C 359 28.56 19.40 -29.55
C THR C 359 28.42 18.99 -31.04
N PRO C 360 28.76 19.90 -31.97
CA PRO C 360 28.64 19.73 -33.43
C PRO C 360 29.02 18.31 -33.90
N LEU C 361 28.38 17.79 -34.96
CA LEU C 361 28.68 16.43 -35.46
C LEU C 361 29.53 16.35 -36.74
N PHE C 362 30.53 17.21 -36.80
CA PHE C 362 31.62 17.11 -37.77
C PHE C 362 32.94 17.33 -37.04
N LEU C 363 33.80 16.33 -37.15
CA LEU C 363 35.10 16.40 -36.57
C LEU C 363 36.05 16.88 -37.64
N LYS C 364 36.55 18.10 -37.49
CA LYS C 364 37.70 18.51 -38.26
C LYS C 364 38.82 17.50 -37.93
N PRO C 365 39.80 17.27 -38.87
CA PRO C 365 40.85 16.27 -38.60
C PRO C 365 42.00 16.81 -37.76
N GLY C 366 42.76 15.89 -37.16
CA GLY C 366 43.84 16.30 -36.29
C GLY C 366 43.34 16.84 -34.97
N ILE C 367 42.30 17.68 -35.03
CA ILE C 367 41.70 18.17 -33.79
C ILE C 367 41.06 17.03 -33.00
N PRO C 368 40.96 17.19 -31.67
CA PRO C 368 40.21 16.26 -30.83
C PRO C 368 38.74 16.64 -30.82
N TYR C 369 37.92 15.60 -30.90
CA TYR C 369 36.49 15.77 -30.92
C TYR C 369 35.92 15.84 -29.48
N PRO C 370 35.18 16.93 -29.17
CA PRO C 370 34.55 17.25 -27.88
C PRO C 370 33.17 16.63 -27.71
N ILE C 371 33.02 15.52 -26.99
CA ILE C 371 31.67 14.93 -26.83
C ILE C 371 30.97 15.15 -25.46
N LYS C 372 30.08 16.13 -25.37
CA LYS C 372 29.40 16.46 -24.10
C LYS C 372 27.97 15.94 -24.01
N VAL C 373 27.77 14.68 -23.63
CA VAL C 373 26.43 14.13 -23.38
C VAL C 373 25.84 14.73 -22.11
N GLN C 374 24.57 14.46 -21.81
CA GLN C 374 23.88 15.16 -20.71
C GLN C 374 22.67 14.39 -20.16
N VAL C 375 22.91 13.61 -19.11
CA VAL C 375 21.86 12.77 -18.55
C VAL C 375 20.75 13.61 -18.00
N LYS C 376 19.53 13.05 -18.05
CA LYS C 376 18.38 13.66 -17.45
C LYS C 376 17.45 12.57 -16.98
N ASP C 377 16.41 13.00 -16.31
CA ASP C 377 15.47 12.08 -15.73
C ASP C 377 14.11 12.22 -16.39
N SER C 378 13.25 11.27 -16.08
CA SER C 378 11.88 11.24 -16.57
C SER C 378 11.13 12.57 -16.47
N LEU C 379 11.75 13.56 -15.83
CA LEU C 379 11.11 14.84 -15.53
C LEU C 379 11.88 16.04 -16.08
N ASP C 380 12.95 15.74 -16.80
CA ASP C 380 13.70 16.74 -17.55
C ASP C 380 14.41 17.78 -16.71
N GLN C 381 14.96 17.34 -15.58
CA GLN C 381 15.98 18.12 -14.88
C GLN C 381 17.30 17.44 -15.14
N LEU C 382 18.39 18.17 -14.96
CA LEU C 382 19.70 17.58 -15.09
C LEU C 382 19.89 16.65 -13.92
N VAL C 383 20.67 15.59 -14.09
CA VAL C 383 20.97 14.71 -12.96
C VAL C 383 22.41 14.31 -12.99
N GLY C 384 23.12 14.68 -11.93
CA GLY C 384 24.56 14.57 -11.93
C GLY C 384 25.04 13.25 -11.38
N GLY C 385 26.32 12.97 -11.57
CA GLY C 385 26.99 11.88 -10.90
C GLY C 385 26.58 10.51 -11.39
N VAL C 386 26.69 10.31 -12.70
CA VAL C 386 26.19 9.08 -13.26
C VAL C 386 27.13 8.64 -14.35
N PRO C 387 27.35 7.32 -14.45
CA PRO C 387 28.16 6.60 -15.43
C PRO C 387 27.71 6.81 -16.91
N VAL C 388 28.62 6.73 -17.87
CA VAL C 388 28.37 7.19 -19.23
C VAL C 388 29.28 6.53 -20.29
N THR C 389 29.24 5.21 -20.40
CA THR C 389 30.11 4.49 -21.35
C THR C 389 30.02 4.95 -22.82
N LEU C 390 31.14 5.41 -23.39
CA LEU C 390 31.16 5.85 -24.79
C LEU C 390 31.93 4.89 -25.69
N ASN C 391 31.23 3.97 -26.36
CA ASN C 391 31.85 3.17 -27.40
C ASN C 391 31.84 3.85 -28.75
N ALA C 392 32.94 3.75 -29.47
CA ALA C 392 33.02 4.44 -30.74
C ALA C 392 33.40 3.47 -31.87
N GLN C 393 33.20 3.92 -33.11
CA GLN C 393 33.60 3.23 -34.34
C GLN C 393 33.89 4.27 -35.42
N THR C 394 34.79 3.92 -36.33
CA THR C 394 35.21 4.88 -37.31
C THR C 394 35.86 4.13 -38.43
N ILE C 395 36.13 4.83 -39.54
CA ILE C 395 36.88 4.25 -40.63
C ILE C 395 37.86 5.26 -41.21
N ASP C 396 38.83 4.74 -41.93
CA ASP C 396 39.88 5.55 -42.48
C ASP C 396 39.29 6.16 -43.72
N VAL C 397 39.96 7.14 -44.29
CA VAL C 397 39.74 7.52 -45.68
C VAL C 397 40.22 6.30 -46.48
N ASN C 398 41.16 5.57 -45.87
CA ASN C 398 41.69 4.32 -46.42
C ASN C 398 40.65 3.22 -46.45
N GLN C 399 39.37 3.59 -46.30
CA GLN C 399 38.29 2.62 -46.07
C GLN C 399 38.80 1.48 -45.19
N GLU C 400 39.40 1.86 -44.06
CA GLU C 400 39.86 0.92 -43.02
C GLU C 400 39.14 1.23 -41.70
N THR C 401 38.47 0.23 -41.12
CA THR C 401 37.69 0.46 -39.91
C THR C 401 38.56 0.52 -38.69
N SER C 402 37.93 0.89 -37.58
CA SER C 402 38.56 0.85 -36.28
C SER C 402 37.48 0.70 -35.22
N ASP C 403 37.61 -0.34 -34.39
CA ASP C 403 36.82 -0.43 -33.17
C ASP C 403 37.57 0.20 -32.03
N LEU C 404 37.05 1.33 -31.57
CA LEU C 404 37.68 2.03 -30.49
C LEU C 404 37.56 1.33 -29.14
N ASP C 405 38.09 2.04 -28.15
CA ASP C 405 38.20 1.52 -26.81
C ASP C 405 37.39 2.36 -25.91
N PRO C 406 36.60 1.67 -25.11
CA PRO C 406 35.51 2.16 -24.26
C PRO C 406 36.01 3.27 -23.37
N SER C 407 35.50 4.48 -23.54
CA SER C 407 35.76 5.49 -22.53
C SER C 407 34.53 5.60 -21.68
N LYS C 408 34.72 5.98 -20.41
CA LYS C 408 33.62 6.15 -19.46
C LYS C 408 33.93 7.32 -18.60
N SER C 409 33.09 8.33 -18.62
CA SER C 409 33.17 9.40 -17.64
C SER C 409 32.00 9.23 -16.73
N VAL C 410 31.80 10.22 -15.88
CA VAL C 410 30.59 10.33 -15.10
C VAL C 410 30.18 11.80 -15.04
N THR C 411 28.87 12.00 -15.01
CA THR C 411 28.27 13.30 -15.24
C THR C 411 28.52 14.24 -14.09
N ARG C 412 28.86 15.49 -14.42
CA ARG C 412 29.11 16.52 -13.40
C ARG C 412 27.91 16.73 -12.47
N VAL C 413 28.14 17.39 -11.35
CA VAL C 413 27.12 17.62 -10.30
C VAL C 413 26.31 18.88 -10.54
N ASP C 414 27.01 19.91 -10.98
CA ASP C 414 26.42 21.20 -11.32
C ASP C 414 25.99 21.24 -12.79
N ASP C 415 26.68 20.45 -13.61
CA ASP C 415 26.60 20.55 -15.05
C ASP C 415 25.58 19.61 -15.65
N GLY C 416 25.51 18.40 -15.07
CA GLY C 416 24.69 17.35 -15.63
C GLY C 416 25.42 16.80 -16.84
N VAL C 417 26.60 17.33 -17.08
CA VAL C 417 27.35 16.96 -18.25
C VAL C 417 28.47 15.99 -18.00
N ALA C 418 28.48 14.92 -18.77
CA ALA C 418 29.54 13.93 -18.73
C ALA C 418 30.49 14.15 -19.90
N SER C 419 31.47 15.01 -19.73
CA SER C 419 32.30 15.44 -20.84
C SER C 419 33.31 14.39 -21.30
N PHE C 420 33.54 14.29 -22.61
CA PHE C 420 34.52 13.35 -23.15
C PHE C 420 35.45 14.06 -24.12
N VAL C 421 36.46 13.33 -24.62
CA VAL C 421 37.20 13.70 -25.83
C VAL C 421 37.92 12.49 -26.39
N LEU C 422 37.72 12.22 -27.67
CA LEU C 422 38.55 11.26 -28.37
C LEU C 422 39.38 12.01 -29.44
N ASN C 423 40.70 11.78 -29.42
CA ASN C 423 41.61 12.44 -30.33
C ASN C 423 41.67 11.60 -31.58
N LEU C 424 41.42 12.20 -32.75
CA LEU C 424 41.16 11.37 -33.95
C LEU C 424 42.15 11.39 -35.13
N PRO C 425 42.57 10.19 -35.56
CA PRO C 425 43.58 9.98 -36.60
C PRO C 425 43.22 10.69 -37.91
N SER C 426 43.52 11.99 -38.01
CA SER C 426 43.16 12.85 -39.15
C SER C 426 42.45 12.21 -40.37
N GLY C 427 42.95 11.06 -40.81
CA GLY C 427 42.32 10.31 -41.90
C GLY C 427 40.94 9.75 -41.57
N VAL C 428 40.39 10.17 -40.44
CA VAL C 428 39.07 9.71 -40.09
C VAL C 428 38.06 10.40 -40.99
N THR C 429 36.77 10.07 -40.82
CA THR C 429 35.77 10.12 -41.89
C THR C 429 34.37 10.41 -41.36
N VAL C 430 33.81 9.35 -40.84
CA VAL C 430 32.57 9.39 -40.14
C VAL C 430 32.87 8.72 -38.85
N LEU C 431 32.40 9.30 -37.77
CA LEU C 431 32.60 8.72 -36.50
C LEU C 431 31.21 8.34 -36.04
N GLU C 432 30.98 7.04 -35.87
CA GLU C 432 29.75 6.62 -35.26
C GLU C 432 30.06 6.24 -33.81
N PHE C 433 29.19 6.62 -32.86
CA PHE C 433 29.42 6.28 -31.46
C PHE C 433 28.14 6.09 -30.61
N ASN C 434 28.21 5.17 -29.65
CA ASN C 434 27.10 4.97 -28.70
C ASN C 434 27.39 5.42 -27.23
N VAL C 435 26.51 6.27 -26.72
CA VAL C 435 26.54 6.68 -25.33
C VAL C 435 25.50 5.90 -24.59
N LYS C 436 25.68 5.72 -23.29
CA LYS C 436 24.73 4.99 -22.48
C LYS C 436 25.11 5.14 -21.01
N THR C 437 24.13 5.26 -20.13
CA THR C 437 24.44 5.29 -18.71
C THR C 437 24.75 3.87 -18.29
N ASP C 438 25.65 3.74 -17.31
CA ASP C 438 25.92 2.45 -16.75
C ASP C 438 25.58 2.52 -15.29
N ALA C 439 24.52 3.27 -15.03
CA ALA C 439 23.94 3.29 -13.71
C ALA C 439 24.20 1.89 -13.23
N PRO C 440 24.51 1.77 -11.96
CA PRO C 440 25.05 0.50 -11.52
C PRO C 440 23.91 -0.36 -11.06
N ASP C 441 22.82 0.30 -10.69
CA ASP C 441 21.62 -0.32 -10.17
C ASP C 441 20.55 -0.71 -11.25
N LEU C 442 20.68 -0.17 -12.46
CA LEU C 442 19.64 -0.38 -13.47
C LEU C 442 19.82 -1.65 -14.26
N PRO C 443 18.73 -2.38 -14.46
CA PRO C 443 18.92 -3.46 -15.41
C PRO C 443 19.70 -2.90 -16.58
N GLU C 444 20.62 -3.68 -17.12
CA GLU C 444 21.19 -3.33 -18.40
C GLU C 444 20.03 -2.86 -19.26
N GLU C 445 19.15 -3.79 -19.64
CA GLU C 445 17.97 -3.45 -20.41
C GLU C 445 17.66 -1.98 -20.30
N ASN C 446 17.34 -1.57 -19.10
CA ASN C 446 16.68 -0.32 -18.88
C ASN C 446 17.60 0.86 -18.75
N GLN C 447 18.76 0.78 -19.36
CA GLN C 447 19.73 1.85 -19.28
C GLN C 447 19.50 2.81 -20.41
N ALA C 448 19.36 4.10 -20.08
CA ALA C 448 19.17 5.12 -21.13
C ALA C 448 20.37 5.23 -22.06
N ARG C 449 20.11 5.34 -23.36
CA ARG C 449 21.15 5.36 -24.39
C ARG C 449 20.82 6.11 -25.70
N GLU C 450 21.85 6.38 -26.50
CA GLU C 450 21.70 7.10 -27.75
C GLU C 450 22.76 6.63 -28.69
N GLY C 451 22.86 7.32 -29.81
CA GLY C 451 23.92 7.02 -30.75
C GLY C 451 23.91 8.22 -31.64
N TYR C 452 25.02 8.46 -32.35
CA TYR C 452 25.12 9.60 -33.28
C TYR C 452 26.09 9.40 -34.48
N ARG C 453 26.65 10.49 -34.99
CA ARG C 453 27.58 10.43 -36.12
C ARG C 453 28.27 11.76 -36.44
N ALA C 454 29.58 11.73 -36.64
CA ALA C 454 30.33 12.95 -37.02
C ALA C 454 31.05 12.76 -38.33
N ILE C 455 31.32 13.86 -39.02
CA ILE C 455 31.90 13.76 -40.34
C ILE C 455 32.84 14.89 -40.64
N ALA C 456 33.93 14.54 -41.29
CA ALA C 456 35.01 15.49 -41.55
C ALA C 456 34.73 16.52 -42.68
N TYR C 457 34.64 17.80 -42.28
CA TYR C 457 34.64 18.94 -43.21
C TYR C 457 35.71 18.75 -44.27
N SER C 458 35.42 17.91 -45.24
CA SER C 458 36.34 17.66 -46.32
C SER C 458 36.60 19.01 -46.97
N SER C 459 37.79 19.16 -47.56
CA SER C 459 38.26 20.42 -48.11
C SER C 459 39.60 20.11 -48.75
N LEU C 460 39.71 20.35 -50.04
CA LEU C 460 40.88 19.87 -50.76
C LEU C 460 42.19 20.60 -50.40
N SER C 461 42.11 21.89 -50.06
CA SER C 461 43.30 22.63 -49.59
C SER C 461 43.85 22.03 -48.30
N GLN C 462 43.27 20.92 -47.87
CA GLN C 462 43.65 20.25 -46.64
C GLN C 462 43.31 21.11 -45.44
N SER C 463 42.84 22.32 -45.72
CA SER C 463 42.62 23.34 -44.71
C SER C 463 41.29 23.20 -43.99
N TYR C 464 41.30 23.34 -42.65
CA TYR C 464 40.06 23.33 -41.89
C TYR C 464 39.99 24.48 -40.91
N LEU C 465 38.91 24.52 -40.17
CA LEU C 465 38.79 25.47 -39.07
C LEU C 465 38.08 24.75 -37.95
N TYR C 466 38.24 25.26 -36.72
CA TYR C 466 37.52 24.84 -35.53
C TYR C 466 37.54 26.00 -34.57
N ILE C 467 36.37 26.45 -34.17
CA ILE C 467 36.28 27.47 -33.17
C ILE C 467 35.58 26.91 -31.93
N ASP C 468 36.02 27.38 -30.75
CA ASP C 468 35.42 27.02 -29.46
C ASP C 468 35.35 28.26 -28.56
N TRP C 469 35.14 28.02 -27.26
CA TRP C 469 35.07 29.05 -26.23
C TRP C 469 34.70 28.30 -24.96
N THR C 470 34.95 28.88 -23.79
CA THR C 470 34.37 28.22 -22.62
C THR C 470 33.65 29.12 -21.64
N ASP C 471 32.52 28.59 -21.15
CA ASP C 471 31.77 29.09 -20.02
C ASP C 471 31.26 27.89 -19.18
N ASN C 472 31.32 27.99 -17.84
CA ASN C 472 30.84 26.97 -16.90
C ASN C 472 29.31 26.95 -16.68
N HIS C 473 28.62 28.01 -17.10
CA HIS C 473 27.15 28.11 -16.98
C HIS C 473 26.41 27.87 -18.28
N LYS C 474 25.28 27.16 -18.15
CA LYS C 474 24.52 26.64 -19.28
C LYS C 474 24.05 27.77 -20.16
N ALA C 475 24.27 29.00 -19.70
CA ALA C 475 23.93 30.13 -20.51
C ALA C 475 24.87 31.26 -20.21
N LEU C 476 24.98 32.18 -21.16
CA LEU C 476 25.91 33.24 -21.07
C LEU C 476 25.08 34.48 -21.07
N LEU C 477 25.06 35.11 -19.92
CA LEU C 477 24.17 36.20 -19.65
C LEU C 477 24.55 37.33 -20.57
N VAL C 478 23.63 38.25 -20.76
CA VAL C 478 23.88 39.42 -21.58
C VAL C 478 24.73 40.41 -20.82
N GLY C 479 25.62 41.07 -21.52
CA GLY C 479 26.58 41.97 -20.91
C GLY C 479 27.95 41.34 -20.82
N GLU C 480 27.98 40.03 -20.62
CA GLU C 480 29.22 39.26 -20.50
C GLU C 480 30.08 39.45 -21.72
N HIS C 481 31.14 38.69 -21.79
CA HIS C 481 32.03 38.82 -22.93
C HIS C 481 32.49 37.47 -23.41
N LEU C 482 32.31 37.23 -24.70
CA LEU C 482 32.62 35.92 -25.23
C LEU C 482 34.05 35.74 -25.74
N ASN C 483 34.83 34.98 -24.97
CA ASN C 483 36.14 34.54 -25.43
C ASN C 483 36.09 33.25 -26.22
N ILE C 484 36.28 33.38 -27.54
CA ILE C 484 36.32 32.27 -28.49
C ILE C 484 37.68 32.06 -29.18
N ILE C 485 38.11 30.80 -29.21
CA ILE C 485 39.43 30.42 -29.72
C ILE C 485 39.28 29.91 -31.14
N VAL C 486 40.15 30.41 -32.01
CA VAL C 486 40.03 30.22 -33.44
C VAL C 486 41.21 29.39 -33.92
N THR C 487 41.13 28.08 -33.71
CA THR C 487 42.26 27.22 -34.02
C THR C 487 42.24 26.74 -35.46
N PRO C 488 42.95 27.44 -36.36
CA PRO C 488 42.86 27.07 -37.79
C PRO C 488 43.59 25.79 -38.10
N LYS C 489 44.10 25.10 -37.07
CA LYS C 489 44.92 23.90 -37.21
C LYS C 489 44.79 23.16 -38.55
N SER C 490 45.95 22.86 -39.13
CA SER C 490 46.08 21.99 -40.30
C SER C 490 46.46 22.68 -41.64
N PRO C 491 45.58 23.55 -42.17
CA PRO C 491 45.89 24.13 -43.49
C PRO C 491 47.38 24.04 -43.85
N TYR C 492 47.65 23.36 -44.95
CA TYR C 492 49.02 23.12 -45.33
C TYR C 492 49.76 24.40 -45.07
N ILE C 493 49.06 25.53 -45.05
CA ILE C 493 49.72 26.79 -44.65
C ILE C 493 48.91 27.83 -43.85
N ASP C 494 49.66 28.76 -43.26
CA ASP C 494 49.20 29.75 -42.29
C ASP C 494 49.13 31.17 -42.85
N LYS C 495 49.31 31.34 -44.16
CA LYS C 495 49.42 32.67 -44.77
C LYS C 495 48.15 33.48 -44.62
N ILE C 496 47.52 33.32 -43.46
CA ILE C 496 46.21 33.87 -43.23
C ILE C 496 46.27 35.36 -43.00
N THR C 497 45.49 36.08 -43.78
CA THR C 497 45.36 37.50 -43.57
C THR C 497 44.51 37.77 -42.35
N HIS C 498 43.20 37.61 -42.50
CA HIS C 498 42.30 38.03 -41.46
C HIS C 498 41.37 36.91 -41.03
N TYR C 499 40.90 37.01 -39.80
CA TYR C 499 39.75 36.22 -39.39
C TYR C 499 38.53 37.10 -39.56
N ASN C 500 37.47 36.49 -40.08
CA ASN C 500 36.19 37.15 -40.33
C ASN C 500 34.98 36.44 -39.70
N TYR C 501 34.13 37.18 -39.00
CA TYR C 501 33.00 36.56 -38.34
C TYR C 501 31.64 37.08 -38.73
N LEU C 502 30.62 36.35 -38.29
CA LEU C 502 29.26 36.59 -38.70
C LEU C 502 28.34 36.05 -37.63
N ILE C 503 27.44 36.90 -37.12
CA ILE C 503 26.57 36.50 -36.02
C ILE C 503 25.10 36.81 -36.29
N LEU C 504 24.35 35.75 -36.64
CA LEU C 504 22.92 35.79 -36.95
C LEU C 504 22.15 35.46 -35.70
N SER C 505 20.94 35.99 -35.61
CA SER C 505 20.15 35.87 -34.40
C SER C 505 18.71 36.05 -34.79
N LYS C 506 17.91 35.00 -34.62
CA LYS C 506 16.56 35.05 -35.14
C LYS C 506 16.62 35.24 -36.63
N GLY C 507 17.32 34.34 -37.34
CA GLY C 507 17.37 34.39 -38.79
C GLY C 507 17.90 35.67 -39.43
N LYS C 508 18.48 36.54 -38.62
CA LYS C 508 19.04 37.81 -39.08
C LYS C 508 20.51 38.00 -38.68
N ILE C 509 21.37 38.22 -39.65
CA ILE C 509 22.73 38.63 -39.32
C ILE C 509 22.60 39.94 -38.57
N ILE C 510 23.44 40.15 -37.56
CA ILE C 510 23.42 41.39 -36.81
C ILE C 510 24.82 41.84 -36.46
N HIS C 511 25.77 40.90 -36.44
CA HIS C 511 27.15 41.28 -36.19
C HIS C 511 28.08 40.60 -37.17
N PHE C 512 29.24 41.22 -37.32
CA PHE C 512 30.24 40.76 -38.25
C PHE C 512 31.39 41.75 -38.14
N GLY C 513 32.57 41.34 -38.58
CA GLY C 513 33.73 42.21 -38.51
C GLY C 513 34.99 41.47 -38.90
N THR C 514 36.15 41.98 -38.51
CA THR C 514 37.40 41.25 -38.71
C THR C 514 38.47 41.54 -37.67
N ARG C 515 39.16 40.49 -37.28
CA ARG C 515 40.29 40.60 -36.41
C ARG C 515 41.49 40.20 -37.24
N GLU C 516 42.49 41.06 -37.28
CA GLU C 516 43.74 40.75 -37.99
C GLU C 516 44.48 39.59 -37.33
N LYS C 517 44.93 38.66 -38.16
CA LYS C 517 45.57 37.45 -37.68
C LYS C 517 46.92 37.68 -37.01
N PHE C 518 47.11 37.01 -35.87
CA PHE C 518 48.35 37.05 -35.13
C PHE C 518 49.47 36.35 -35.88
N SER C 519 50.26 37.15 -36.57
CA SER C 519 51.25 36.65 -37.51
C SER C 519 51.89 35.38 -37.00
N ASP C 520 52.83 35.55 -36.08
CA ASP C 520 53.62 34.43 -35.58
C ASP C 520 52.77 33.21 -35.26
N ALA C 521 52.33 33.14 -34.01
CA ALA C 521 51.73 31.93 -33.48
C ALA C 521 50.44 31.52 -34.16
N SER C 522 50.05 30.29 -33.86
CA SER C 522 48.85 29.66 -34.38
C SER C 522 47.63 30.51 -34.13
N TYR C 523 46.80 30.03 -33.22
CA TYR C 523 45.48 30.58 -32.98
C TYR C 523 45.49 31.89 -32.25
N GLN C 524 44.29 32.28 -31.84
CA GLN C 524 44.11 33.48 -31.07
C GLN C 524 42.67 33.71 -30.65
N SER C 525 42.52 34.65 -29.73
CA SER C 525 41.23 34.96 -29.13
C SER C 525 40.48 35.98 -29.97
N ILE C 526 39.17 35.82 -30.04
CA ILE C 526 38.30 36.84 -30.60
C ILE C 526 37.28 37.21 -29.55
N ASN C 527 37.17 38.49 -29.23
CA ASN C 527 36.24 38.84 -28.17
C ASN C 527 35.05 39.73 -28.48
N ILE C 528 33.91 39.07 -28.61
CA ILE C 528 32.63 39.71 -28.90
C ILE C 528 31.73 39.77 -27.68
N PRO C 529 31.41 41.01 -27.27
CA PRO C 529 30.37 41.37 -26.30
C PRO C 529 29.05 40.82 -26.74
N VAL C 530 28.50 39.91 -25.94
CA VAL C 530 27.17 39.41 -26.23
C VAL C 530 26.19 40.58 -26.09
N THR C 531 25.43 40.83 -27.15
CA THR C 531 24.55 41.98 -27.12
C THR C 531 23.10 41.57 -26.99
N GLN C 532 22.34 42.43 -26.32
CA GLN C 532 20.91 42.23 -26.16
C GLN C 532 20.32 41.67 -27.45
N ASN C 533 20.84 42.13 -28.58
CA ASN C 533 20.27 41.80 -29.88
C ASN C 533 20.34 40.33 -30.24
N MET C 534 20.97 39.55 -29.39
CA MET C 534 21.09 38.14 -29.70
C MET C 534 20.23 37.42 -28.72
N VAL C 535 19.39 38.20 -28.05
CA VAL C 535 18.69 37.77 -26.85
C VAL C 535 18.25 36.31 -26.81
N PRO C 536 17.49 35.86 -27.79
CA PRO C 536 16.97 34.52 -27.51
C PRO C 536 18.05 33.47 -27.75
N SER C 537 18.55 33.41 -28.97
CA SER C 537 19.67 32.54 -29.29
C SER C 537 20.60 33.33 -30.19
N SER C 538 21.40 32.60 -30.97
CA SER C 538 22.33 33.21 -31.90
C SER C 538 23.18 32.13 -32.51
N ARG C 539 23.73 32.39 -33.69
CA ARG C 539 24.86 31.63 -34.15
C ARG C 539 25.84 32.57 -34.77
N LEU C 540 27.06 32.09 -34.85
CA LEU C 540 28.09 32.79 -35.56
C LEU C 540 28.98 31.78 -36.25
N LEU C 541 29.76 32.28 -37.20
CA LEU C 541 30.63 31.44 -37.98
C LEU C 541 31.79 32.32 -38.41
N VAL C 542 32.87 31.68 -38.81
CA VAL C 542 34.10 32.43 -38.96
C VAL C 542 34.89 31.81 -40.08
N TYR C 543 35.14 32.58 -41.13
CA TYR C 543 35.87 32.07 -42.28
C TYR C 543 37.15 32.84 -42.49
N TYR C 544 38.20 32.13 -42.93
CA TYR C 544 39.43 32.77 -43.40
C TYR C 544 39.63 32.44 -44.87
N ILE C 545 39.98 33.46 -45.66
CA ILE C 545 40.07 33.37 -47.11
C ILE C 545 41.46 32.87 -47.56
N VAL C 546 41.54 31.56 -47.84
CA VAL C 546 42.79 30.86 -48.15
C VAL C 546 43.23 30.89 -49.61
N THR C 547 44.41 31.44 -49.86
CA THR C 547 44.99 31.47 -51.19
C THR C 547 45.83 30.22 -51.50
N GLY C 548 45.15 29.11 -51.78
CA GLY C 548 45.82 27.96 -52.34
C GLY C 548 46.32 28.37 -53.71
N GLU C 549 47.46 27.83 -54.12
CA GLU C 549 48.06 28.26 -55.39
C GLU C 549 47.11 27.97 -56.54
N GLN C 550 46.24 26.98 -56.37
CA GLN C 550 45.35 26.57 -57.45
C GLN C 550 44.08 27.43 -57.55
N THR C 551 43.52 27.82 -56.41
CA THR C 551 42.24 28.49 -56.42
C THR C 551 41.89 29.17 -55.10
N ALA C 552 41.17 30.28 -55.19
CA ALA C 552 40.68 30.98 -54.01
C ALA C 552 39.78 30.07 -53.18
N GLU C 553 40.23 29.70 -51.97
CA GLU C 553 39.46 28.82 -51.07
C GLU C 553 38.98 29.47 -49.77
N LEU C 554 37.67 29.63 -49.64
CA LEU C 554 37.07 30.01 -48.39
C LEU C 554 37.06 28.79 -47.47
N VAL C 555 37.08 29.04 -46.18
CA VAL C 555 36.98 27.96 -45.19
C VAL C 555 36.41 28.54 -43.90
N SER C 556 35.53 27.77 -43.25
CA SER C 556 35.05 28.19 -41.95
C SER C 556 34.45 27.12 -41.04
N ASP C 557 33.94 27.62 -39.93
CA ASP C 557 33.12 26.86 -39.03
C ASP C 557 32.24 27.80 -38.22
N SER C 558 31.32 27.24 -37.45
CA SER C 558 30.32 28.01 -36.74
C SER C 558 29.81 27.22 -35.54
N VAL C 559 29.12 27.92 -34.63
CA VAL C 559 28.54 27.27 -33.46
C VAL C 559 27.18 27.84 -33.12
N TRP C 560 26.35 27.03 -32.49
CA TRP C 560 25.07 27.53 -32.03
C TRP C 560 25.27 28.07 -30.61
N LEU C 561 24.46 29.05 -30.22
CA LEU C 561 24.79 29.83 -29.02
C LEU C 561 23.68 30.19 -28.03
N ASN C 562 23.02 29.20 -27.42
CA ASN C 562 21.91 29.52 -26.51
C ASN C 562 22.30 30.56 -25.52
N ILE C 563 21.40 31.48 -25.25
CA ILE C 563 21.73 32.40 -24.22
C ILE C 563 20.58 32.72 -23.28
N GLU C 564 20.81 33.71 -22.41
CA GLU C 564 19.84 34.05 -21.38
C GLU C 564 18.61 34.75 -21.91
N GLU C 565 17.46 34.14 -21.69
CA GLU C 565 16.18 34.72 -22.08
C GLU C 565 15.84 35.99 -21.30
N LYS C 566 16.75 36.96 -21.33
CA LYS C 566 16.51 38.31 -20.83
C LYS C 566 15.60 39.04 -21.81
N CYS C 567 14.41 39.42 -21.37
CA CYS C 567 13.47 40.15 -22.24
C CYS C 567 13.99 41.54 -22.58
N GLY C 568 13.23 42.26 -23.41
CA GLY C 568 13.58 43.61 -23.78
C GLY C 568 13.09 44.56 -22.71
N ASN C 569 11.78 44.78 -22.69
CA ASN C 569 11.18 45.55 -21.62
C ASN C 569 10.91 44.67 -20.39
N GLN C 570 11.61 44.95 -19.30
CA GLN C 570 11.33 44.23 -18.05
C GLN C 570 9.95 44.64 -17.58
N LEU C 571 8.96 43.79 -17.85
CA LEU C 571 7.65 44.00 -17.29
C LEU C 571 7.43 43.11 -16.10
N GLN C 572 7.07 43.72 -14.98
CA GLN C 572 6.74 43.00 -13.78
C GLN C 572 5.42 43.53 -13.19
N VAL C 573 4.69 42.65 -12.53
CA VAL C 573 3.44 43.01 -11.86
C VAL C 573 3.45 42.63 -10.36
N HIS C 574 3.19 43.62 -9.48
CA HIS C 574 3.19 43.36 -8.04
C HIS C 574 1.88 43.76 -7.39
N LEU C 575 1.37 42.89 -6.51
CA LEU C 575 0.14 43.16 -5.76
C LEU C 575 0.32 43.97 -4.48
N SER C 576 -0.44 45.06 -4.33
CA SER C 576 -0.25 46.01 -3.22
C SER C 576 -0.01 45.36 -1.86
N PRO C 577 -1.04 44.69 -1.31
CA PRO C 577 -0.72 43.80 -0.19
C PRO C 577 -0.07 42.52 -0.73
N ASP C 578 1.21 42.32 -0.45
CA ASP C 578 1.93 41.17 -1.00
C ASP C 578 1.64 39.88 -0.24
N ALA C 579 0.67 39.94 0.66
CA ALA C 579 0.22 38.78 1.42
C ALA C 579 -0.11 37.65 0.47
N ASP C 580 0.18 36.43 0.90
CA ASP C 580 -0.03 35.25 0.08
C ASP C 580 -1.44 34.70 0.26
N ALA C 581 -2.36 35.60 0.57
CA ALA C 581 -3.76 35.25 0.71
C ALA C 581 -4.59 36.53 0.74
N TYR C 582 -5.82 36.47 0.23
CA TYR C 582 -6.68 37.66 0.15
C TYR C 582 -8.08 37.52 0.72
N SER C 583 -8.59 38.60 1.29
CA SER C 583 -9.97 38.67 1.78
C SER C 583 -10.91 38.89 0.60
N PRO C 584 -11.96 38.08 0.50
CA PRO C 584 -12.78 37.99 -0.70
C PRO C 584 -13.56 39.26 -1.00
N GLY C 585 -13.05 40.13 -1.86
CA GLY C 585 -13.70 41.39 -2.16
C GLY C 585 -12.84 42.59 -1.81
N GLN C 586 -11.67 42.31 -1.22
CA GLN C 586 -10.75 43.34 -0.75
C GLN C 586 -10.29 44.24 -1.88
N THR C 587 -10.43 45.54 -1.68
CA THR C 587 -9.78 46.48 -2.58
C THR C 587 -8.27 46.26 -2.39
N VAL C 588 -7.54 46.13 -3.51
CA VAL C 588 -6.09 45.89 -3.50
C VAL C 588 -5.41 46.44 -4.75
N SER C 589 -4.37 47.24 -4.56
CA SER C 589 -3.73 47.93 -5.67
C SER C 589 -2.72 47.07 -6.46
N LEU C 590 -2.87 47.04 -7.78
CA LEU C 590 -1.91 46.32 -8.63
C LEU C 590 -0.93 47.25 -9.37
N ASN C 591 0.34 46.86 -9.39
CA ASN C 591 1.41 47.68 -9.95
C ASN C 591 1.96 47.23 -11.31
N MET C 592 2.27 48.18 -12.18
CA MET C 592 2.99 47.91 -13.42
C MET C 592 4.38 48.55 -13.41
N ALA C 593 5.31 47.94 -14.16
CA ALA C 593 6.68 48.42 -14.19
C ALA C 593 7.44 48.14 -15.49
N THR C 594 8.28 49.09 -15.89
CA THR C 594 9.15 48.91 -17.04
C THR C 594 10.34 49.86 -17.11
N GLY C 595 11.47 49.32 -17.60
CA GLY C 595 12.66 50.13 -17.83
C GLY C 595 12.45 51.04 -19.02
N MET C 596 11.41 50.73 -19.81
CA MET C 596 11.03 51.53 -20.97
C MET C 596 9.50 51.59 -21.11
N ASP C 597 8.97 52.69 -21.65
CA ASP C 597 7.52 52.81 -21.87
C ASP C 597 7.04 51.56 -22.58
N SER C 598 5.88 51.03 -22.17
CA SER C 598 5.34 49.81 -22.81
C SER C 598 3.84 49.51 -22.61
N TRP C 599 3.34 48.64 -23.49
CA TRP C 599 1.94 48.23 -23.53
C TRP C 599 1.75 46.93 -22.81
N VAL C 600 0.95 46.95 -21.73
CA VAL C 600 0.69 45.75 -20.95
C VAL C 600 -0.63 45.12 -21.38
N ALA C 601 -0.89 43.91 -20.89
CA ALA C 601 -2.11 43.18 -21.21
C ALA C 601 -2.49 42.17 -20.11
N LEU C 602 -3.13 42.68 -19.05
CA LEU C 602 -3.49 41.85 -17.91
C LEU C 602 -4.45 40.71 -18.28
N ALA C 603 -4.55 39.71 -17.40
CA ALA C 603 -5.39 38.55 -17.66
C ALA C 603 -5.51 37.66 -16.41
N ALA C 604 -6.59 37.84 -15.64
CA ALA C 604 -6.76 37.12 -14.37
C ALA C 604 -7.61 35.86 -14.49
N VAL C 605 -6.96 34.75 -14.81
CA VAL C 605 -7.59 33.44 -14.92
C VAL C 605 -7.89 32.81 -13.55
N ASP C 606 -8.77 31.81 -13.54
CA ASP C 606 -8.84 30.92 -12.41
C ASP C 606 -7.82 29.82 -12.63
N SER C 607 -6.72 29.91 -11.88
CA SER C 607 -5.58 29.00 -11.97
C SER C 607 -6.02 27.56 -12.09
N ALA C 608 -7.30 27.33 -11.81
CA ALA C 608 -7.84 26.00 -11.76
C ALA C 608 -7.52 25.24 -13.03
N VAL C 609 -8.00 25.77 -14.14
CA VAL C 609 -7.74 25.17 -15.44
C VAL C 609 -6.46 24.36 -15.43
N TYR C 610 -5.36 25.00 -15.82
CA TYR C 610 -4.05 24.38 -15.91
C TYR C 610 -3.87 23.33 -14.80
N GLY C 611 -3.27 23.76 -13.68
CA GLY C 611 -3.34 23.09 -12.38
C GLY C 611 -2.61 21.79 -12.06
N VAL C 612 -3.38 20.69 -12.04
CA VAL C 612 -2.91 19.35 -11.73
C VAL C 612 -1.62 19.03 -12.48
N GLN C 613 -0.51 19.19 -11.80
CA GLN C 613 0.79 19.11 -12.43
C GLN C 613 0.80 20.00 -13.67
N ARG C 614 0.95 21.30 -13.45
CA ARG C 614 1.11 22.24 -14.56
C ARG C 614 2.51 22.05 -15.13
N GLY C 615 2.61 21.21 -16.16
CA GLY C 615 3.89 20.78 -16.70
C GLY C 615 5.02 21.77 -16.54
N ALA C 616 6.17 21.28 -16.09
CA ALA C 616 7.35 22.12 -15.94
C ALA C 616 7.54 22.99 -17.17
N LYS C 617 7.73 22.37 -18.34
CA LYS C 617 7.94 23.09 -19.60
C LYS C 617 8.55 24.46 -19.34
N LYS C 618 7.80 25.53 -19.66
CA LYS C 618 8.16 26.90 -19.28
C LYS C 618 7.04 27.92 -19.54
N PRO C 619 7.00 29.00 -18.74
CA PRO C 619 6.01 30.07 -18.87
C PRO C 619 6.33 31.01 -20.04
N LEU C 620 7.37 31.83 -19.89
CA LEU C 620 7.79 32.77 -20.95
C LEU C 620 8.55 32.06 -22.08
N GLU C 621 9.05 30.86 -21.79
CA GLU C 621 9.74 30.05 -22.79
C GLU C 621 8.76 29.45 -23.82
N ARG C 622 7.57 29.06 -23.35
CA ARG C 622 6.48 28.60 -24.24
C ARG C 622 6.57 29.41 -25.53
N VAL C 623 6.45 30.71 -25.39
CA VAL C 623 6.64 31.62 -26.50
C VAL C 623 8.06 31.58 -27.07
N PHE C 624 9.06 31.88 -26.24
CA PHE C 624 10.45 31.92 -26.70
C PHE C 624 10.88 30.66 -27.46
N GLN C 625 10.25 29.53 -27.20
CA GLN C 625 10.50 28.32 -27.99
C GLN C 625 10.02 28.59 -29.39
N PHE C 626 8.72 28.44 -29.56
CA PHE C 626 8.08 28.75 -30.82
C PHE C 626 8.78 29.97 -31.46
N LEU C 627 8.62 31.13 -30.84
CA LEU C 627 8.99 32.40 -31.44
C LEU C 627 10.37 32.44 -32.11
N GLU C 628 11.20 31.45 -31.86
CA GLU C 628 12.44 31.40 -32.61
C GLU C 628 12.55 30.09 -33.35
N LYS C 629 11.56 29.83 -34.19
CA LYS C 629 11.70 28.81 -35.20
C LYS C 629 12.05 29.54 -36.47
N SER C 630 12.14 30.84 -36.28
CA SER C 630 12.65 31.76 -37.27
C SER C 630 14.15 31.60 -37.44
N ASP C 631 14.76 30.73 -36.66
CA ASP C 631 16.16 30.46 -36.90
C ASP C 631 16.15 29.65 -38.17
N LEU C 632 16.66 30.25 -39.23
CA LEU C 632 16.69 29.64 -40.55
C LEU C 632 17.63 28.42 -40.52
N GLY C 633 18.79 28.59 -39.90
CA GLY C 633 19.80 27.55 -39.85
C GLY C 633 19.49 26.44 -38.88
N CYS C 634 20.48 25.59 -38.64
CA CYS C 634 20.28 24.43 -37.80
C CYS C 634 21.55 23.75 -37.29
N GLY C 635 21.41 22.92 -36.26
CA GLY C 635 22.50 22.13 -35.73
C GLY C 635 23.12 22.56 -34.41
N ALA C 636 24.14 21.82 -34.00
CA ALA C 636 25.05 22.25 -32.97
C ALA C 636 25.92 23.33 -33.60
N GLY C 637 25.80 23.42 -34.92
CA GLY C 637 26.50 24.43 -35.72
C GLY C 637 27.35 23.81 -36.81
N GLY C 638 27.89 24.65 -37.69
CA GLY C 638 28.98 24.28 -38.59
C GLY C 638 28.79 23.09 -39.50
N GLY C 639 29.25 23.22 -40.74
CA GLY C 639 28.97 22.22 -41.77
C GLY C 639 30.00 21.16 -42.12
N LEU C 640 30.26 21.05 -43.43
CA LEU C 640 30.91 19.91 -44.07
C LEU C 640 31.68 20.47 -45.28
N ASN C 641 31.18 21.61 -45.78
CA ASN C 641 31.85 22.45 -46.76
C ASN C 641 31.62 23.86 -46.34
N ASN C 642 32.58 24.75 -46.58
CA ASN C 642 32.44 26.13 -46.16
C ASN C 642 31.08 26.57 -46.61
N ALA C 643 30.65 25.95 -47.70
CA ALA C 643 29.29 26.05 -48.13
C ALA C 643 28.35 25.45 -47.06
N ASN C 644 28.46 24.16 -46.78
CA ASN C 644 27.57 23.52 -45.80
C ASN C 644 27.58 24.29 -44.48
N VAL C 645 28.75 24.76 -44.05
CA VAL C 645 28.87 25.55 -42.84
C VAL C 645 28.05 26.83 -42.89
N PHE C 646 28.17 27.55 -43.99
CA PHE C 646 27.38 28.74 -44.28
C PHE C 646 25.91 28.47 -44.46
N HIS C 647 25.62 27.29 -44.98
CA HIS C 647 24.27 26.87 -45.19
C HIS C 647 23.64 26.73 -43.83
N LEU C 648 24.01 25.68 -43.09
CA LEU C 648 23.37 25.37 -41.81
C LEU C 648 23.30 26.56 -40.90
N ALA C 649 24.05 27.59 -41.28
CA ALA C 649 24.00 28.86 -40.59
C ALA C 649 22.70 29.55 -40.91
N GLY C 650 21.83 28.89 -41.67
CA GLY C 650 20.65 29.57 -42.19
C GLY C 650 21.04 30.63 -43.19
N LEU C 651 22.33 30.66 -43.53
CA LEU C 651 22.82 31.57 -44.55
C LEU C 651 22.93 30.91 -45.91
N THR C 652 22.94 31.78 -46.93
CA THR C 652 23.74 31.55 -48.12
C THR C 652 24.31 32.93 -48.56
N PHE C 653 25.48 32.89 -49.16
CA PHE C 653 26.43 34.01 -49.16
C PHE C 653 26.89 34.23 -50.58
N LEU C 654 27.34 35.45 -50.87
CA LEU C 654 27.66 35.81 -52.24
C LEU C 654 29.14 36.06 -52.40
N THR C 655 29.88 35.06 -52.87
CA THR C 655 31.33 35.20 -53.03
C THR C 655 31.85 34.45 -54.24
N ASN C 656 32.52 35.21 -55.11
CA ASN C 656 33.27 34.57 -56.15
C ASN C 656 34.62 34.15 -55.63
N ALA C 657 34.77 32.84 -55.68
CA ALA C 657 35.96 32.11 -55.27
C ALA C 657 35.46 30.70 -55.08
N ASN C 658 34.57 30.54 -54.10
CA ASN C 658 34.01 29.23 -53.80
C ASN C 658 32.59 29.08 -54.29
N ALA C 659 32.11 27.83 -54.34
CA ALA C 659 30.71 27.50 -54.65
C ALA C 659 29.74 27.84 -53.52
N ASP C 660 29.23 29.08 -53.51
CA ASP C 660 28.31 29.53 -52.45
C ASP C 660 26.96 28.81 -52.44
N ASP C 661 26.94 27.63 -53.06
CA ASP C 661 25.73 26.86 -53.29
C ASP C 661 24.96 26.49 -52.01
N SER C 662 24.11 25.48 -52.14
CA SER C 662 23.27 25.04 -51.04
C SER C 662 22.41 23.90 -51.55
N GLN C 663 23.08 22.79 -51.85
CA GLN C 663 22.55 21.66 -52.59
C GLN C 663 21.02 21.47 -52.68
N GLU C 664 20.50 21.70 -53.88
CA GLU C 664 19.13 21.35 -54.29
C GLU C 664 18.04 22.29 -53.78
N ASN C 665 17.69 22.11 -52.51
CA ASN C 665 16.43 22.57 -51.99
C ASN C 665 16.79 23.46 -50.82
N ASP C 666 16.43 22.99 -49.64
CA ASP C 666 16.91 23.57 -48.39
C ASP C 666 16.43 22.82 -47.14
N GLU C 667 17.00 21.65 -46.92
CA GLU C 667 17.03 20.99 -45.63
C GLU C 667 15.89 21.26 -44.65
N PRO C 668 14.85 20.39 -44.66
CA PRO C 668 13.77 20.39 -43.66
C PRO C 668 14.24 20.06 -42.23
N CYS C 669 15.42 20.55 -41.86
CA CYS C 669 16.01 20.33 -40.55
C CYS C 669 14.98 20.24 -39.40
N LYS C 670 15.28 19.44 -38.38
CA LYS C 670 14.33 19.18 -37.30
C LYS C 670 14.99 18.60 -36.02
N GLU C 671 15.44 19.50 -35.13
CA GLU C 671 15.87 19.15 -33.75
C GLU C 671 17.24 18.44 -33.50
N ILE C 672 18.32 18.89 -34.17
CA ILE C 672 19.70 18.36 -34.04
C ILE C 672 20.59 19.28 -33.19
N LEU C 673 20.06 20.45 -32.84
CA LEU C 673 20.91 21.56 -32.39
C LEU C 673 21.43 21.43 -30.98
N LEU C 679 -17.01 -10.82 -16.61
CA LEU C 679 -18.26 -11.32 -17.19
C LEU C 679 -18.81 -10.34 -18.22
N GLN C 680 -18.39 -9.08 -18.14
CA GLN C 680 -18.67 -8.11 -19.19
C GLN C 680 -17.64 -8.22 -20.32
N LYS C 681 -16.63 -9.07 -20.11
CA LYS C 681 -15.59 -9.37 -21.11
C LYS C 681 -16.09 -10.39 -22.14
N LYS C 682 -16.95 -11.30 -21.70
CA LYS C 682 -17.53 -12.33 -22.55
C LYS C 682 -18.29 -11.71 -23.72
N ILE C 683 -18.75 -10.47 -23.55
CA ILE C 683 -19.47 -9.75 -24.59
C ILE C 683 -18.53 -8.94 -25.49
N GLU C 684 -17.49 -8.34 -24.91
CA GLU C 684 -16.56 -7.47 -25.65
C GLU C 684 -15.67 -8.20 -26.67
N GLU C 685 -15.80 -9.52 -26.71
CA GLU C 685 -15.14 -10.36 -27.71
C GLU C 685 -15.86 -10.24 -29.03
N ILE C 686 -17.19 -10.20 -28.95
CA ILE C 686 -18.03 -10.15 -30.13
C ILE C 686 -17.94 -8.77 -30.80
N ALA C 687 -16.92 -8.01 -30.44
CA ALA C 687 -16.52 -6.85 -31.24
C ALA C 687 -16.05 -7.46 -32.54
N ALA C 688 -16.00 -8.80 -32.50
CA ALA C 688 -15.71 -9.65 -33.64
C ALA C 688 -16.66 -9.39 -34.81
N LYS C 689 -17.79 -8.73 -34.55
CA LYS C 689 -18.71 -8.36 -35.62
C LYS C 689 -18.49 -6.94 -36.15
N TYR C 690 -17.30 -6.38 -35.91
CA TYR C 690 -16.96 -5.08 -36.47
C TYR C 690 -17.04 -5.10 -37.99
N LYS C 691 -17.62 -4.05 -38.56
CA LYS C 691 -17.82 -3.94 -39.99
C LYS C 691 -18.26 -2.51 -40.16
N HIS C 692 -18.19 -1.80 -39.04
CA HIS C 692 -18.49 -0.40 -38.96
C HIS C 692 -18.48 -0.05 -37.49
N SER C 693 -18.21 1.22 -37.21
CA SER C 693 -18.23 1.69 -35.84
C SER C 693 -19.61 1.48 -35.23
N VAL C 694 -20.62 2.04 -35.89
CA VAL C 694 -21.99 2.08 -35.35
C VAL C 694 -22.52 0.71 -34.94
N VAL C 695 -21.99 -0.36 -35.54
CA VAL C 695 -22.40 -1.69 -35.15
C VAL C 695 -21.81 -1.99 -33.79
N LYS C 696 -20.59 -1.55 -33.56
CA LYS C 696 -19.98 -1.65 -32.25
C LYS C 696 -20.88 -0.96 -31.22
N LYS C 697 -21.48 0.16 -31.61
CA LYS C 697 -22.45 0.85 -30.75
C LYS C 697 -23.80 0.14 -30.73
N CYS C 698 -24.10 -0.60 -31.79
CA CYS C 698 -25.32 -1.41 -31.84
C CYS C 698 -25.26 -2.52 -30.82
N CYS C 699 -24.04 -2.97 -30.55
CA CYS C 699 -23.78 -4.05 -29.61
C CYS C 699 -23.52 -3.50 -28.22
N TYR C 700 -22.59 -2.55 -28.12
CA TYR C 700 -22.16 -2.00 -26.83
C TYR C 700 -23.37 -1.64 -25.98
N ASP C 701 -23.88 -0.42 -26.11
CA ASP C 701 -25.11 -0.07 -25.42
C ASP C 701 -26.14 -1.16 -25.71
N GLY C 702 -25.85 -1.95 -26.74
CA GLY C 702 -26.73 -3.01 -27.19
C GLY C 702 -27.30 -3.78 -26.03
N ALA C 703 -26.46 -4.46 -25.27
CA ALA C 703 -26.92 -5.18 -24.11
C ALA C 703 -27.40 -4.23 -23.00
N CYS C 704 -26.72 -3.08 -22.91
CA CYS C 704 -26.73 -2.18 -21.74
C CYS C 704 -27.39 -2.79 -20.49
N VAL C 705 -28.51 -2.23 -20.04
CA VAL C 705 -29.15 -2.74 -18.83
C VAL C 705 -30.66 -2.57 -18.85
N ASN C 706 -31.34 -3.32 -19.70
CA ASN C 706 -32.78 -3.17 -19.85
C ASN C 706 -33.58 -4.42 -19.53
N ASN C 707 -34.20 -4.38 -18.34
CA ASN C 707 -34.99 -5.48 -17.83
C ASN C 707 -36.52 -5.29 -17.90
N ASP C 708 -36.95 -4.14 -18.44
CA ASP C 708 -38.39 -3.83 -18.53
C ASP C 708 -39.04 -4.25 -19.85
N GLU C 709 -38.22 -4.70 -20.79
CA GLU C 709 -38.73 -5.09 -22.09
C GLU C 709 -37.71 -6.01 -22.76
N THR C 710 -38.21 -7.01 -23.47
CA THR C 710 -37.35 -8.07 -24.02
C THR C 710 -36.23 -7.51 -24.87
N CYS C 711 -35.45 -8.39 -25.46
CA CYS C 711 -34.35 -7.94 -26.29
C CYS C 711 -34.77 -7.67 -27.72
N GLU C 712 -35.87 -8.28 -28.17
CA GLU C 712 -36.37 -7.96 -29.51
C GLU C 712 -37.53 -6.97 -29.52
N GLN C 713 -37.94 -6.54 -28.33
CA GLN C 713 -38.80 -5.38 -28.17
C GLN C 713 -37.97 -4.11 -28.40
N ARG C 714 -36.81 -4.06 -27.74
CA ARG C 714 -35.85 -2.96 -27.92
C ARG C 714 -35.32 -2.94 -29.35
N ALA C 715 -35.32 -4.12 -29.98
CA ALA C 715 -34.79 -4.31 -31.33
C ALA C 715 -35.78 -3.87 -32.40
N ALA C 716 -36.98 -3.52 -31.97
CA ALA C 716 -37.99 -2.96 -32.86
C ALA C 716 -37.71 -1.48 -33.12
N ARG C 717 -37.64 -0.72 -32.02
CA ARG C 717 -37.39 0.73 -32.04
C ARG C 717 -36.11 1.09 -32.78
N ILE C 718 -35.36 0.05 -33.16
CA ILE C 718 -34.09 0.24 -33.86
C ILE C 718 -34.26 0.62 -35.33
N SER C 719 -33.74 1.80 -35.64
CA SER C 719 -33.80 2.42 -36.95
C SER C 719 -32.53 2.16 -37.77
N LEU C 720 -31.50 2.96 -37.49
CA LEU C 720 -30.22 2.98 -38.23
C LEU C 720 -30.02 1.90 -39.31
N GLY C 721 -30.33 0.66 -38.99
CA GLY C 721 -30.26 -0.41 -39.97
C GLY C 721 -30.25 -1.80 -39.38
N PRO C 722 -30.95 -2.74 -40.04
CA PRO C 722 -30.98 -4.16 -39.69
C PRO C 722 -29.58 -4.76 -39.68
N ARG C 723 -28.63 -4.07 -40.31
CA ARG C 723 -27.25 -4.52 -40.30
C ARG C 723 -26.80 -4.73 -38.85
N CYS C 724 -27.25 -3.85 -37.96
CA CYS C 724 -26.81 -3.91 -36.57
C CYS C 724 -27.79 -4.60 -35.63
N ILE C 725 -29.06 -4.66 -36.02
CA ILE C 725 -30.07 -5.30 -35.18
C ILE C 725 -29.54 -6.64 -34.66
N LYS C 726 -28.85 -7.38 -35.52
CA LYS C 726 -28.24 -8.64 -35.11
C LYS C 726 -27.23 -8.41 -33.99
N ALA C 727 -26.37 -7.41 -34.17
CA ALA C 727 -25.36 -7.07 -33.17
C ALA C 727 -26.00 -6.59 -31.88
N PHE C 728 -27.30 -6.29 -31.96
CA PHE C 728 -28.04 -5.90 -30.77
C PHE C 728 -28.54 -7.10 -29.94
N THR C 729 -29.51 -7.84 -30.49
CA THR C 729 -30.16 -8.98 -29.81
C THR C 729 -29.25 -10.19 -29.54
N GLU C 730 -28.18 -10.29 -30.30
CA GLU C 730 -27.13 -11.26 -30.06
C GLU C 730 -26.46 -10.94 -28.74
N CYS C 731 -26.08 -9.67 -28.61
CA CYS C 731 -25.22 -9.23 -27.54
C CYS C 731 -26.00 -8.91 -26.27
N CYS C 732 -27.28 -8.56 -26.41
CA CYS C 732 -28.12 -8.36 -25.24
C CYS C 732 -28.45 -9.69 -24.54
N VAL C 733 -28.87 -10.69 -25.31
CA VAL C 733 -29.15 -12.02 -24.76
C VAL C 733 -27.94 -12.54 -24.00
N VAL C 734 -26.77 -12.36 -24.60
CA VAL C 734 -25.53 -12.75 -23.97
C VAL C 734 -25.40 -12.14 -22.57
N ALA C 735 -25.64 -10.84 -22.45
CA ALA C 735 -25.45 -10.12 -21.19
C ALA C 735 -26.63 -10.32 -20.23
N SER C 736 -27.74 -10.79 -20.76
CA SER C 736 -28.94 -11.01 -19.94
C SER C 736 -28.90 -12.36 -19.22
N GLN C 737 -28.55 -13.42 -19.94
CA GLN C 737 -28.38 -14.73 -19.33
C GLN C 737 -27.36 -14.59 -18.20
N LEU C 738 -26.47 -13.60 -18.35
CA LEU C 738 -25.32 -13.38 -17.48
C LEU C 738 -25.63 -12.80 -16.09
N ARG C 739 -26.62 -11.90 -16.00
CA ARG C 739 -27.00 -11.33 -14.72
C ARG C 739 -27.80 -12.32 -13.89
N ALA C 740 -28.16 -13.43 -14.51
CA ALA C 740 -28.79 -14.54 -13.80
C ALA C 740 -27.73 -15.42 -13.16
N ASN C 741 -26.46 -15.08 -13.38
CA ASN C 741 -25.36 -15.92 -12.88
C ASN C 741 -24.28 -15.20 -12.05
N ILE C 742 -24.06 -13.90 -12.29
CA ILE C 742 -23.13 -13.13 -11.47
C ILE C 742 -23.69 -13.00 -10.06
N SER C 743 -24.99 -13.24 -9.94
CA SER C 743 -25.71 -13.06 -8.68
C SER C 743 -26.98 -13.90 -8.68
N GLY C 750 -31.03 -7.81 -2.90
CA GLY C 750 -31.71 -7.57 -4.16
C GLY C 750 -31.03 -6.52 -5.03
N ARG C 751 -29.72 -6.33 -4.84
CA ARG C 751 -28.95 -5.39 -5.66
C ARG C 751 -28.15 -6.11 -6.76
N LEU C 752 -28.55 -5.90 -8.01
CA LEU C 752 -27.81 -6.40 -9.17
C LEU C 752 -27.90 -5.38 -10.30
N HIS C 753 -26.78 -5.09 -10.93
CA HIS C 753 -26.75 -4.01 -11.91
C HIS C 753 -25.56 -4.15 -12.88
N MET C 754 -25.73 -4.94 -13.93
CA MET C 754 -24.68 -5.14 -14.93
C MET C 754 -24.24 -3.79 -15.47
N LYS C 755 -23.08 -3.77 -16.12
CA LYS C 755 -22.56 -2.59 -16.82
C LYS C 755 -21.32 -2.95 -17.65
N THR C 756 -20.96 -2.05 -18.58
CA THR C 756 -19.71 -2.13 -19.31
C THR C 756 -19.37 -0.72 -19.78
N LEU C 757 -18.56 -0.02 -18.99
CA LEU C 757 -18.38 1.43 -19.13
C LEU C 757 -17.85 1.87 -20.52
N LEU C 758 -18.23 3.09 -20.90
CA LEU C 758 -17.71 3.79 -22.07
C LEU C 758 -18.45 5.12 -22.17
N PRO C 759 -17.85 6.20 -21.64
CA PRO C 759 -18.46 7.54 -21.69
C PRO C 759 -18.77 7.99 -23.12
N VAL C 760 -18.71 7.06 -24.07
CA VAL C 760 -18.96 7.35 -25.48
C VAL C 760 -17.91 8.36 -25.97
N SER C 761 -16.88 8.55 -25.17
CA SER C 761 -15.79 9.48 -25.47
C SER C 761 -16.19 10.95 -25.23
N LYS C 762 -17.23 11.16 -24.44
CA LYS C 762 -17.77 12.51 -24.22
C LYS C 762 -16.98 13.32 -23.20
N PRO C 763 -16.55 14.54 -23.59
CA PRO C 763 -15.86 15.47 -22.68
C PRO C 763 -16.76 15.96 -21.54
N GLU C 764 -16.68 15.28 -20.39
CA GLU C 764 -17.36 15.75 -19.18
C GLU C 764 -16.35 16.08 -18.12
N ILE C 765 -16.77 16.91 -17.18
CA ILE C 765 -15.86 17.53 -16.26
C ILE C 765 -16.65 17.99 -15.08
N ARG C 766 -16.28 17.52 -13.90
CA ARG C 766 -17.11 17.77 -12.74
C ARG C 766 -16.75 19.06 -12.02
N SER C 767 -16.45 20.10 -12.79
CA SER C 767 -16.07 21.36 -12.18
C SER C 767 -16.29 22.56 -13.09
N TYR C 768 -16.80 23.64 -12.49
CA TYR C 768 -17.01 24.90 -13.20
C TYR C 768 -15.74 25.71 -13.11
N PHE C 769 -15.50 26.53 -14.12
CA PHE C 769 -14.32 27.36 -14.15
C PHE C 769 -14.70 28.80 -14.46
N PRO C 770 -14.89 29.62 -13.41
CA PRO C 770 -15.42 30.99 -13.51
C PRO C 770 -14.86 31.82 -14.68
N GLU C 771 -15.66 32.75 -15.18
CA GLU C 771 -15.18 33.65 -16.19
C GLU C 771 -14.07 34.44 -15.55
N SER C 772 -12.99 34.66 -16.30
CA SER C 772 -11.81 35.33 -15.76
C SER C 772 -12.03 36.84 -15.64
N TRP C 773 -10.95 37.64 -15.53
CA TRP C 773 -11.08 39.09 -15.44
C TRP C 773 -9.75 39.85 -15.51
N LEU C 774 -9.82 41.18 -15.34
CA LEU C 774 -8.68 42.09 -15.59
C LEU C 774 -8.11 41.97 -16.99
N TRP C 775 -9.01 41.87 -17.98
CA TRP C 775 -8.63 41.54 -19.33
C TRP C 775 -8.33 42.79 -20.16
N GLU C 776 -8.42 43.95 -19.52
CA GLU C 776 -8.14 45.24 -20.14
C GLU C 776 -6.66 45.39 -20.55
N VAL C 777 -6.39 46.16 -21.60
CA VAL C 777 -5.00 46.48 -21.96
C VAL C 777 -4.58 47.84 -21.35
N HIS C 778 -3.28 48.11 -21.23
CA HIS C 778 -2.83 49.40 -20.67
C HIS C 778 -1.56 50.00 -21.26
N LEU C 779 -1.45 51.31 -21.09
CA LEU C 779 -0.25 52.04 -21.46
C LEU C 779 0.49 52.30 -20.17
N VAL C 780 1.71 51.79 -20.05
CA VAL C 780 2.51 51.99 -18.84
C VAL C 780 3.92 52.53 -19.12
N PRO C 781 4.15 53.81 -18.80
CA PRO C 781 5.46 54.46 -18.90
C PRO C 781 6.33 54.17 -17.68
N ARG C 782 6.71 52.90 -17.51
CA ARG C 782 7.56 52.48 -16.39
C ARG C 782 6.78 52.23 -15.10
N ARG C 783 5.65 52.90 -14.92
CA ARG C 783 4.82 52.69 -13.74
C ARG C 783 3.33 52.95 -14.04
N LYS C 784 2.46 52.14 -13.44
CA LYS C 784 1.01 52.38 -13.44
C LYS C 784 0.35 51.49 -12.39
N GLN C 785 -0.26 52.11 -11.40
CA GLN C 785 -0.98 51.40 -10.37
C GLN C 785 -2.47 51.54 -10.63
N LEU C 786 -3.22 50.47 -10.39
CA LEU C 786 -4.67 50.54 -10.56
C LEU C 786 -5.37 49.68 -9.51
N GLN C 787 -5.91 50.33 -8.49
CA GLN C 787 -6.62 49.61 -7.45
C GLN C 787 -7.97 49.08 -7.92
N PHE C 788 -8.48 48.08 -7.19
CA PHE C 788 -9.76 47.42 -7.48
C PHE C 788 -9.95 46.30 -6.48
N ALA C 789 -11.18 45.97 -6.16
CA ALA C 789 -11.40 44.86 -5.25
C ALA C 789 -11.53 43.55 -6.03
N LEU C 790 -11.21 42.44 -5.38
CA LEU C 790 -11.29 41.14 -6.03
C LEU C 790 -12.64 40.51 -5.77
N PRO C 791 -13.14 39.76 -6.74
CA PRO C 791 -14.55 39.35 -6.76
C PRO C 791 -14.79 38.46 -5.58
N ASP C 792 -15.96 38.57 -4.97
CA ASP C 792 -16.32 37.59 -3.98
C ASP C 792 -16.37 36.27 -4.76
N SER C 793 -15.61 35.29 -4.28
CA SER C 793 -15.57 33.94 -4.87
C SER C 793 -14.43 33.11 -4.30
N LEU C 794 -14.66 31.81 -4.11
CA LEU C 794 -13.61 30.92 -3.64
C LEU C 794 -12.77 30.42 -4.80
N THR C 795 -11.58 30.98 -4.96
CA THR C 795 -10.70 30.56 -6.03
C THR C 795 -9.27 30.98 -5.78
N THR C 796 -8.38 30.53 -6.66
CA THR C 796 -7.02 31.05 -6.69
C THR C 796 -6.82 31.69 -8.05
N TRP C 797 -6.81 33.01 -8.06
CA TRP C 797 -6.64 33.80 -9.27
C TRP C 797 -5.19 33.81 -9.73
N GLU C 798 -4.93 33.40 -10.97
CA GLU C 798 -3.59 33.54 -11.53
C GLU C 798 -3.56 34.65 -12.56
N ILE C 799 -3.22 35.85 -12.11
CA ILE C 799 -3.22 37.01 -12.97
C ILE C 799 -1.88 37.15 -13.71
N GLN C 800 -1.83 36.59 -14.92
CA GLN C 800 -0.66 36.68 -15.80
C GLN C 800 -0.77 37.87 -16.74
N GLY C 801 0.35 38.51 -17.00
CA GLY C 801 0.32 39.76 -17.74
C GLY C 801 1.44 39.82 -18.75
N ILE C 802 1.04 39.88 -20.03
CA ILE C 802 1.96 40.06 -21.16
C ILE C 802 1.98 41.54 -21.60
N GLY C 803 3.15 42.04 -21.96
CA GLY C 803 3.27 43.41 -22.42
C GLY C 803 4.17 43.47 -23.64
N ILE C 804 3.92 44.43 -24.53
CA ILE C 804 4.69 44.50 -25.76
C ILE C 804 4.87 45.93 -26.22
N SER C 805 6.04 46.19 -26.80
CA SER C 805 6.42 47.49 -27.31
C SER C 805 7.53 47.34 -28.32
N ASN C 806 8.30 48.40 -28.47
CA ASN C 806 9.28 48.46 -29.53
C ASN C 806 10.48 47.53 -29.33
N THR C 807 10.54 46.89 -28.17
CA THR C 807 11.55 45.87 -27.96
C THR C 807 11.11 44.50 -28.50
N GLY C 808 9.81 44.22 -28.42
CA GLY C 808 9.28 42.92 -28.85
C GLY C 808 8.13 42.46 -27.96
N ILE C 809 8.12 41.17 -27.63
CA ILE C 809 7.07 40.58 -26.80
C ILE C 809 7.70 39.98 -25.54
N CYS C 810 7.22 40.34 -24.34
CA CYS C 810 7.80 39.82 -23.06
C CYS C 810 6.79 39.48 -21.96
N VAL C 811 6.79 38.21 -21.52
CA VAL C 811 5.86 37.74 -20.49
C VAL C 811 6.37 38.02 -19.09
N ALA C 812 5.61 38.74 -18.27
CA ALA C 812 5.99 38.93 -16.89
C ALA C 812 5.80 37.64 -16.11
N ASP C 813 6.48 37.54 -14.97
CA ASP C 813 6.23 36.45 -14.06
C ASP C 813 4.83 36.66 -13.52
N THR C 814 4.02 35.62 -13.56
CA THR C 814 2.65 35.67 -13.05
C THR C 814 2.64 36.20 -11.63
N VAL C 815 1.44 36.28 -11.03
CA VAL C 815 1.28 36.63 -9.62
C VAL C 815 -0.03 36.03 -9.12
N LYS C 816 0.02 34.77 -8.70
CA LYS C 816 -1.15 34.10 -8.11
C LYS C 816 -1.67 34.97 -6.99
N ALA C 817 -2.85 34.64 -6.48
CA ALA C 817 -3.45 35.46 -5.43
C ALA C 817 -4.82 34.93 -5.03
N LYS C 818 -4.85 33.77 -4.39
CA LYS C 818 -6.08 33.16 -3.90
C LYS C 818 -6.81 34.08 -2.93
N VAL C 819 -8.12 34.20 -3.12
CA VAL C 819 -8.95 34.89 -2.17
C VAL C 819 -9.74 33.79 -1.51
N PHE C 820 -10.11 34.01 -0.26
CA PHE C 820 -10.88 33.01 0.45
C PHE C 820 -11.15 33.39 1.90
N LYS C 821 -12.34 33.05 2.37
CA LYS C 821 -12.77 33.37 3.73
C LYS C 821 -12.60 32.15 4.64
N ASP C 822 -11.95 32.33 5.79
CA ASP C 822 -11.66 31.22 6.70
C ASP C 822 -12.81 30.24 6.89
N VAL C 823 -13.87 30.69 7.53
CA VAL C 823 -15.04 29.85 7.75
C VAL C 823 -16.31 30.51 7.25
N PHE C 824 -17.22 29.72 6.71
CA PHE C 824 -18.37 30.30 6.06
C PHE C 824 -19.51 29.31 5.87
N LEU C 825 -20.73 29.79 6.05
CA LEU C 825 -21.92 28.98 5.82
C LEU C 825 -22.45 29.09 4.40
N GLU C 826 -22.92 27.97 3.87
CA GLU C 826 -23.75 27.99 2.67
C GLU C 826 -25.05 27.28 2.98
N MET C 827 -26.10 27.61 2.26
CA MET C 827 -27.40 27.01 2.55
C MET C 827 -27.99 26.52 1.26
N ASN C 828 -28.28 25.24 1.19
CA ASN C 828 -28.96 24.70 0.03
C ASN C 828 -30.50 24.85 0.13
N ILE C 829 -31.04 25.96 -0.39
CA ILE C 829 -32.49 26.21 -0.52
C ILE C 829 -33.02 25.55 -1.80
N PRO C 830 -34.27 25.07 -1.78
CA PRO C 830 -34.87 24.42 -2.95
C PRO C 830 -35.23 25.43 -4.03
N TYR C 831 -35.67 24.95 -5.18
CA TYR C 831 -36.22 25.85 -6.18
C TYR C 831 -37.54 26.36 -5.64
N SER C 832 -38.47 25.46 -5.40
CA SER C 832 -39.81 25.86 -5.04
C SER C 832 -40.31 25.03 -3.88
N VAL C 833 -41.41 25.49 -3.29
CA VAL C 833 -42.07 24.81 -2.18
C VAL C 833 -43.53 25.20 -2.21
N VAL C 834 -44.43 24.21 -2.09
CA VAL C 834 -45.87 24.44 -1.98
C VAL C 834 -46.23 25.05 -0.62
N ARG C 835 -47.20 25.95 -0.57
CA ARG C 835 -47.76 26.42 0.70
C ARG C 835 -48.17 25.20 1.50
N GLY C 836 -47.84 25.18 2.78
CA GLY C 836 -48.34 24.14 3.66
C GLY C 836 -47.57 22.84 3.67
N GLU C 837 -46.52 22.74 2.87
CA GLU C 837 -45.66 21.59 2.99
C GLU C 837 -44.62 21.93 4.07
N GLN C 838 -44.15 20.92 4.81
CA GLN C 838 -43.08 21.12 5.78
C GLN C 838 -41.76 20.87 5.03
N ILE C 839 -40.91 21.88 4.94
CA ILE C 839 -39.67 21.67 4.22
C ILE C 839 -38.50 21.36 5.17
N GLN C 840 -37.41 20.83 4.63
CA GLN C 840 -36.18 20.71 5.40
C GLN C 840 -35.02 21.45 4.73
N LEU C 841 -34.73 22.63 5.27
CA LEU C 841 -33.71 23.52 4.73
C LEU C 841 -32.28 23.15 5.11
N LYS C 842 -31.57 22.40 4.27
CA LYS C 842 -30.22 21.97 4.64
C LYS C 842 -29.12 22.99 4.33
N GLY C 843 -27.88 22.56 4.52
CA GLY C 843 -26.72 23.41 4.31
C GLY C 843 -25.52 22.83 5.05
N THR C 844 -24.35 23.46 4.95
CA THR C 844 -23.14 22.99 5.65
C THR C 844 -22.16 24.13 5.89
N VAL C 845 -21.81 24.39 7.14
CA VAL C 845 -20.87 25.48 7.47
C VAL C 845 -19.39 25.11 7.31
N TYR C 846 -18.64 25.97 6.66
CA TYR C 846 -17.29 25.59 6.25
C TYR C 846 -16.17 26.06 7.15
N ASN C 847 -15.48 25.08 7.73
CA ASN C 847 -14.24 25.33 8.46
C ASN C 847 -13.06 25.08 7.55
N TYR C 848 -12.17 26.06 7.48
CA TYR C 848 -10.94 25.91 6.74
C TYR C 848 -9.78 26.49 7.54
N ARG C 849 -10.06 26.93 8.76
CA ARG C 849 -9.03 27.29 9.71
C ARG C 849 -8.37 25.97 10.18
N THR C 850 -7.08 26.03 10.54
CA THR C 850 -6.25 24.83 10.84
C THR C 850 -6.79 23.98 11.99
N SER C 851 -7.05 24.66 13.09
CA SER C 851 -7.68 24.08 14.25
C SER C 851 -9.19 24.09 14.04
N GLY C 852 -9.92 23.36 14.87
CA GLY C 852 -11.39 23.42 14.85
C GLY C 852 -11.96 24.72 15.40
N MET C 853 -13.29 24.77 15.56
CA MET C 853 -13.95 25.90 16.26
C MET C 853 -15.44 25.79 16.61
N GLN C 854 -15.92 26.80 17.29
CA GLN C 854 -17.30 26.82 17.70
C GLN C 854 -18.09 27.80 16.85
N PHE C 855 -19.33 27.42 16.51
CA PHE C 855 -20.21 28.27 15.71
C PHE C 855 -21.57 28.43 16.35
N CYS C 856 -22.52 28.92 15.58
CA CYS C 856 -23.80 29.22 16.15
C CYS C 856 -24.70 29.72 15.02
N VAL C 857 -25.29 28.78 14.27
CA VAL C 857 -26.17 29.15 13.16
C VAL C 857 -27.61 29.32 13.64
N LYS C 858 -28.22 30.46 13.32
CA LYS C 858 -29.62 30.71 13.65
C LYS C 858 -30.38 31.36 12.47
N MET C 859 -31.57 30.84 12.19
CA MET C 859 -32.37 31.34 11.09
C MET C 859 -33.37 32.41 11.53
N SER C 860 -33.46 33.48 10.76
CA SER C 860 -34.38 34.57 11.08
C SER C 860 -35.83 34.19 10.76
N ALA C 861 -36.69 34.22 11.78
CA ALA C 861 -38.10 33.95 11.58
C ALA C 861 -38.81 35.08 10.81
N VAL C 862 -39.10 34.84 9.53
CA VAL C 862 -39.82 35.82 8.71
C VAL C 862 -41.35 35.61 8.73
N GLU C 863 -42.07 36.62 9.20
CA GLU C 863 -43.54 36.64 9.26
C GLU C 863 -44.22 35.28 9.04
N GLY C 864 -44.50 34.98 7.78
CA GLY C 864 -45.42 33.92 7.44
C GLY C 864 -44.82 32.55 7.35
N ILE C 865 -43.53 32.44 7.59
CA ILE C 865 -42.93 31.13 7.65
C ILE C 865 -43.03 30.56 9.07
N CYS C 866 -43.16 29.24 9.18
CA CYS C 866 -43.31 28.55 10.45
C CYS C 866 -42.00 28.03 10.97
N THR C 867 -41.90 27.85 12.29
CA THR C 867 -40.67 27.34 12.87
C THR C 867 -40.84 26.92 14.31
N SER C 868 -39.71 26.58 14.93
CA SER C 868 -39.71 25.94 16.23
C SER C 868 -39.31 26.88 17.38
N GLU C 869 -38.71 28.01 17.04
CA GLU C 869 -38.45 29.08 18.01
C GLU C 869 -39.76 29.84 18.25
N SER C 870 -39.93 30.43 19.43
CA SER C 870 -41.19 31.12 19.76
C SER C 870 -41.43 32.31 18.83
N LYS C 882 -32.67 31.02 17.53
CA LYS C 882 -32.05 30.52 18.76
C LYS C 882 -30.57 30.13 18.58
N CYS C 883 -29.80 30.15 19.66
CA CYS C 883 -28.36 29.86 19.61
C CYS C 883 -28.00 28.43 20.04
N VAL C 884 -27.99 27.51 19.07
CA VAL C 884 -27.63 26.12 19.33
C VAL C 884 -26.16 25.86 18.98
N ARG C 885 -25.25 26.39 19.80
CA ARG C 885 -23.82 26.36 19.45
C ARG C 885 -23.27 24.96 19.31
N GLN C 886 -22.51 24.77 18.22
CA GLN C 886 -21.95 23.48 17.88
C GLN C 886 -20.44 23.63 17.66
N LYS C 887 -19.77 22.54 17.29
CA LYS C 887 -18.33 22.55 17.18
C LYS C 887 -17.90 21.89 15.89
N VAL C 888 -16.99 22.55 15.18
CA VAL C 888 -16.52 22.04 13.92
C VAL C 888 -15.11 21.54 14.03
N GLU C 889 -14.90 20.27 13.71
CA GLU C 889 -13.54 19.76 13.62
C GLU C 889 -12.84 20.57 12.53
N GLY C 890 -11.56 20.86 12.77
CA GLY C 890 -10.81 21.76 11.91
C GLY C 890 -10.74 21.35 10.46
N SER C 891 -10.84 22.32 9.57
CA SER C 891 -10.61 22.04 8.16
C SER C 891 -11.60 20.98 7.67
N SER C 892 -12.88 21.20 7.93
CA SER C 892 -13.92 20.30 7.42
C SER C 892 -15.27 20.98 7.38
N SER C 893 -16.31 20.29 7.84
CA SER C 893 -17.64 20.86 7.82
C SER C 893 -18.70 20.12 8.64
N HIS C 894 -19.50 20.88 9.40
CA HIS C 894 -20.60 20.32 10.17
C HIS C 894 -21.92 20.68 9.51
N LEU C 895 -22.57 19.68 8.92
CA LEU C 895 -23.87 19.87 8.31
C LEU C 895 -24.76 20.67 9.23
N VAL C 896 -25.76 21.33 8.68
CA VAL C 896 -26.71 22.06 9.49
C VAL C 896 -28.10 21.66 9.05
N THR C 897 -29.13 22.07 9.80
CA THR C 897 -30.50 21.96 9.31
C THR C 897 -31.50 22.80 10.12
N PHE C 898 -32.60 23.14 9.45
CA PHE C 898 -33.74 23.85 10.02
C PHE C 898 -34.96 23.43 9.22
N THR C 899 -36.05 23.10 9.90
CA THR C 899 -37.28 22.83 9.18
C THR C 899 -38.29 23.96 9.33
N VAL C 900 -39.03 24.23 8.25
CA VAL C 900 -40.01 25.30 8.15
C VAL C 900 -41.19 24.86 7.31
N LEU C 901 -42.22 25.70 7.29
CA LEU C 901 -43.44 25.42 6.54
C LEU C 901 -44.23 26.72 6.33
N PRO C 902 -44.24 27.23 5.08
CA PRO C 902 -44.87 28.50 4.69
C PRO C 902 -46.36 28.37 4.40
N LEU C 903 -47.08 29.46 4.66
CA LEU C 903 -48.50 29.57 4.36
C LEU C 903 -48.70 30.73 3.41
N GLU C 904 -47.64 31.53 3.29
CA GLU C 904 -47.64 32.68 2.40
C GLU C 904 -46.90 32.34 1.11
N ILE C 905 -47.71 32.23 0.04
CA ILE C 905 -47.28 31.85 -1.30
C ILE C 905 -46.51 32.97 -1.97
N GLY C 906 -45.27 32.66 -2.36
CA GLY C 906 -44.38 33.66 -2.92
C GLY C 906 -43.47 34.24 -1.84
N LEU C 907 -43.89 34.17 -0.58
CA LEU C 907 -43.13 34.81 0.51
C LEU C 907 -41.70 34.33 0.56
N HIS C 908 -40.78 35.29 0.58
CA HIS C 908 -39.36 35.01 0.40
C HIS C 908 -38.53 35.41 1.61
N ASN C 909 -37.22 35.56 1.40
CA ASN C 909 -36.29 36.11 2.39
C ASN C 909 -36.16 35.37 3.71
N ILE C 910 -34.95 34.92 4.01
CA ILE C 910 -34.59 34.37 5.31
C ILE C 910 -33.12 34.70 5.49
N ASN C 911 -32.82 35.49 6.53
CA ASN C 911 -31.44 35.88 6.83
C ASN C 911 -30.77 34.89 7.81
N PHE C 912 -29.73 34.19 7.34
CA PHE C 912 -29.00 33.23 8.18
C PHE C 912 -27.76 33.86 8.83
N SER C 913 -27.45 33.42 10.06
CA SER C 913 -26.36 34.00 10.88
C SER C 913 -25.59 32.92 11.68
N LEU C 914 -24.26 32.98 11.64
CA LEU C 914 -23.42 32.09 12.45
C LEU C 914 -22.48 32.90 13.36
N GLU C 915 -22.00 32.27 14.42
CA GLU C 915 -21.22 32.99 15.41
C GLU C 915 -19.99 32.23 15.85
N THR C 916 -18.86 32.94 15.86
CA THR C 916 -17.58 32.36 16.24
C THR C 916 -16.80 33.36 17.06
N TRP C 917 -15.83 32.85 17.82
CA TRP C 917 -15.03 33.67 18.70
C TRP C 917 -14.70 35.01 18.06
N PHE C 918 -14.09 34.96 16.89
CA PHE C 918 -13.66 36.18 16.22
C PHE C 918 -14.56 36.67 15.08
N GLY C 919 -15.81 36.20 15.05
CA GLY C 919 -16.69 36.60 13.97
C GLY C 919 -18.16 36.32 14.15
N LYS C 920 -18.96 36.99 13.31
CA LYS C 920 -20.40 36.81 13.25
C LYS C 920 -20.85 37.28 11.86
N GLU C 921 -21.48 36.38 11.11
CA GLU C 921 -21.75 36.60 9.68
C GLU C 921 -23.24 36.36 9.33
N ILE C 922 -23.75 37.08 8.34
CA ILE C 922 -25.15 36.97 7.93
C ILE C 922 -25.32 36.74 6.44
N LEU C 923 -25.68 35.52 6.06
CA LEU C 923 -26.01 35.21 4.68
C LEU C 923 -27.52 35.24 4.49
N VAL C 924 -28.01 36.10 3.59
CA VAL C 924 -29.44 36.17 3.35
C VAL C 924 -29.92 35.34 2.16
N LYS C 925 -31.07 34.72 2.33
CA LYS C 925 -31.64 33.81 1.37
C LYS C 925 -33.11 34.12 1.06
N THR C 926 -33.68 33.40 0.11
CA THR C 926 -35.02 33.70 -0.36
C THR C 926 -35.73 32.44 -0.90
N LEU C 927 -36.92 32.17 -0.36
CA LEU C 927 -37.61 30.91 -0.60
C LEU C 927 -38.81 31.10 -1.52
N ARG C 928 -38.89 30.30 -2.57
CA ARG C 928 -40.02 30.37 -3.52
C ARG C 928 -41.21 29.48 -3.13
N VAL C 929 -42.34 30.10 -2.76
CA VAL C 929 -43.54 29.36 -2.32
C VAL C 929 -44.64 29.30 -3.41
N VAL C 930 -45.18 28.10 -3.66
CA VAL C 930 -46.10 27.82 -4.79
C VAL C 930 -47.40 27.19 -4.31
N PRO C 931 -48.40 27.10 -5.21
CA PRO C 931 -49.59 26.25 -5.03
C PRO C 931 -49.64 25.11 -6.05
N GLU C 932 -50.85 24.61 -6.33
CA GLU C 932 -51.04 23.28 -6.92
C GLU C 932 -52.00 23.23 -8.11
N GLY C 933 -51.49 23.19 -9.34
CA GLY C 933 -52.34 23.16 -10.54
C GLY C 933 -52.40 24.40 -11.42
N VAL C 934 -51.24 24.85 -11.89
CA VAL C 934 -51.13 26.06 -12.73
C VAL C 934 -51.76 25.91 -14.11
N LYS C 935 -52.85 26.65 -14.34
CA LYS C 935 -53.43 26.79 -15.67
C LYS C 935 -53.55 28.30 -16.00
N ARG C 936 -53.20 28.71 -17.22
CA ARG C 936 -53.38 30.12 -17.56
C ARG C 936 -54.23 30.32 -18.81
N GLU C 937 -55.28 31.14 -18.64
CA GLU C 937 -56.29 31.43 -19.66
C GLU C 937 -56.35 32.94 -19.96
N SER C 938 -55.82 33.33 -21.13
CA SER C 938 -55.49 34.73 -21.44
C SER C 938 -56.36 35.40 -22.51
N TYR C 939 -57.34 34.67 -23.03
CA TYR C 939 -58.05 35.03 -24.28
C TYR C 939 -58.69 36.42 -24.38
N SER C 940 -58.77 37.11 -23.25
CA SER C 940 -59.10 38.51 -23.24
C SER C 940 -58.01 39.27 -24.01
N GLY C 941 -58.42 40.04 -24.99
CA GLY C 941 -57.52 40.81 -25.82
C GLY C 941 -58.35 41.75 -26.68
N VAL C 942 -57.83 42.94 -26.94
CA VAL C 942 -58.51 43.92 -27.78
C VAL C 942 -57.55 44.49 -28.82
N THR C 943 -58.10 45.15 -29.84
CA THR C 943 -57.30 46.12 -30.57
C THR C 943 -57.94 47.45 -30.27
N LEU C 944 -57.15 48.40 -29.78
CA LEU C 944 -57.65 49.75 -29.73
C LEU C 944 -57.59 50.33 -31.14
N ASP C 945 -58.76 50.75 -31.64
CA ASP C 945 -58.90 51.36 -32.97
C ASP C 945 -59.82 52.55 -32.85
N PRO C 946 -59.24 53.73 -32.68
CA PRO C 946 -60.13 54.84 -32.39
C PRO C 946 -60.82 55.30 -33.69
N ARG C 947 -60.07 55.20 -34.80
CA ARG C 947 -60.52 55.67 -36.12
C ARG C 947 -61.22 54.58 -36.91
N GLY C 948 -61.84 53.63 -36.22
CA GLY C 948 -62.54 52.56 -36.91
C GLY C 948 -61.80 51.85 -38.03
N ILE C 949 -60.65 52.41 -38.43
CA ILE C 949 -59.82 51.91 -39.51
C ILE C 949 -59.96 50.43 -39.93
N TYR C 950 -60.25 49.53 -38.98
CA TYR C 950 -60.23 48.08 -39.29
C TYR C 950 -61.58 47.32 -39.49
N GLY C 951 -62.69 47.94 -39.09
CA GLY C 951 -63.99 47.30 -39.17
C GLY C 951 -64.95 47.76 -38.07
N THR C 952 -64.51 48.75 -37.29
CA THR C 952 -65.32 49.50 -36.29
C THR C 952 -64.47 50.34 -35.35
N ILE C 953 -65.12 51.28 -34.67
CA ILE C 953 -64.44 52.04 -33.65
C ILE C 953 -64.36 51.29 -32.30
N SER C 954 -63.14 51.16 -31.77
CA SER C 954 -62.89 50.47 -30.49
C SER C 954 -62.18 51.39 -29.51
N ARG C 955 -62.89 51.75 -28.44
CA ARG C 955 -62.35 52.66 -27.45
C ARG C 955 -62.70 52.23 -26.03
N ARG C 956 -63.22 51.01 -25.89
CA ARG C 956 -63.49 50.41 -24.56
C ARG C 956 -63.86 48.90 -24.65
N LYS C 957 -62.94 48.07 -24.12
CA LYS C 957 -63.21 46.64 -23.92
C LYS C 957 -63.07 46.35 -22.43
N GLU C 958 -63.80 45.33 -21.98
CA GLU C 958 -63.93 45.06 -20.55
C GLU C 958 -63.55 43.62 -20.23
N PHE C 959 -62.40 43.48 -19.56
CA PHE C 959 -61.98 42.21 -18.99
C PHE C 959 -62.41 42.17 -17.53
N PRO C 960 -63.36 41.29 -17.20
CA PRO C 960 -63.91 41.24 -15.85
C PRO C 960 -63.22 40.22 -14.95
N TYR C 961 -63.88 39.92 -13.82
CA TYR C 961 -63.50 38.83 -12.95
C TYR C 961 -64.20 37.54 -13.34
N ARG C 962 -63.43 36.48 -13.52
CA ARG C 962 -64.04 35.17 -13.76
C ARG C 962 -63.31 34.09 -12.97
N ILE C 963 -63.63 33.97 -11.69
CA ILE C 963 -63.02 32.97 -10.84
C ILE C 963 -63.51 31.59 -11.22
N PRO C 964 -62.61 30.75 -11.75
CA PRO C 964 -62.99 29.38 -12.12
C PRO C 964 -63.46 28.66 -10.86
N LEU C 965 -64.54 27.88 -10.92
CA LEU C 965 -65.00 27.19 -9.71
C LEU C 965 -64.07 26.04 -9.24
N ASP C 966 -62.88 25.95 -9.85
CA ASP C 966 -61.85 25.00 -9.45
C ASP C 966 -60.68 25.69 -8.79
N LEU C 967 -60.84 26.96 -8.42
CA LEU C 967 -59.71 27.71 -7.88
C LEU C 967 -59.13 27.00 -6.65
N VAL C 968 -57.80 27.07 -6.48
CA VAL C 968 -57.15 26.52 -5.30
C VAL C 968 -57.18 27.53 -4.14
N PRO C 969 -58.10 27.33 -3.19
CA PRO C 969 -58.58 28.43 -2.33
C PRO C 969 -57.49 29.35 -1.76
N LYS C 970 -57.89 30.57 -1.45
CA LYS C 970 -56.98 31.56 -0.87
C LYS C 970 -55.75 31.90 -1.71
N THR C 971 -55.79 31.59 -3.01
CA THR C 971 -54.72 32.04 -3.91
C THR C 971 -55.26 33.04 -4.90
N GLU C 972 -54.64 34.21 -4.92
CA GLU C 972 -55.10 35.29 -5.78
C GLU C 972 -54.93 35.01 -7.29
N ILE C 973 -55.88 35.54 -8.07
CA ILE C 973 -55.86 35.47 -9.55
C ILE C 973 -55.03 36.62 -10.15
N LYS C 974 -53.83 36.27 -10.61
CA LYS C 974 -52.85 37.25 -11.06
C LYS C 974 -52.93 37.43 -12.56
N ARG C 975 -52.98 38.68 -13.03
CA ARG C 975 -53.13 38.94 -14.46
C ARG C 975 -52.35 40.14 -15.01
N ILE C 976 -51.87 39.97 -16.24
CA ILE C 976 -51.09 41.01 -16.90
C ILE C 976 -51.90 41.64 -18.00
N LEU C 977 -51.41 42.77 -18.50
CA LEU C 977 -52.17 43.73 -19.31
C LEU C 977 -51.19 44.48 -20.21
N SER C 978 -50.92 43.92 -21.39
CA SER C 978 -49.87 44.45 -22.26
C SER C 978 -50.41 45.38 -23.33
N VAL C 979 -50.08 46.67 -23.23
CA VAL C 979 -50.62 47.67 -24.13
C VAL C 979 -49.51 48.31 -24.95
N LYS C 980 -49.53 48.08 -26.27
CA LYS C 980 -48.51 48.68 -27.12
C LYS C 980 -49.03 49.16 -28.48
N GLY C 981 -48.54 50.32 -28.94
CA GLY C 981 -48.85 50.82 -30.26
C GLY C 981 -48.30 49.93 -31.37
N LEU C 982 -49.09 49.71 -32.41
CA LEU C 982 -48.67 48.90 -33.55
C LEU C 982 -49.06 47.43 -33.47
N LEU C 983 -49.42 46.85 -34.62
CA LEU C 983 -49.79 45.44 -34.73
C LEU C 983 -48.52 44.65 -34.79
N VAL C 984 -47.45 45.37 -34.57
CA VAL C 984 -46.13 44.81 -34.62
C VAL C 984 -45.34 45.39 -33.43
N GLY C 985 -46.08 45.86 -32.42
CA GLY C 985 -45.51 46.38 -31.19
C GLY C 985 -45.24 45.40 -30.05
N GLU C 986 -45.95 44.27 -30.05
CA GLU C 986 -45.71 43.22 -29.07
C GLU C 986 -44.51 42.43 -29.51
N ILE C 987 -44.41 42.27 -30.82
CA ILE C 987 -43.23 41.70 -31.44
C ILE C 987 -42.03 42.66 -31.32
N LEU C 988 -42.27 43.96 -31.15
CA LEU C 988 -41.17 44.92 -30.91
C LEU C 988 -40.67 44.89 -29.46
N SER C 989 -41.60 44.93 -28.50
CA SER C 989 -41.28 44.94 -27.05
C SER C 989 -40.52 43.68 -26.56
N ALA C 990 -40.95 42.52 -27.06
CA ALA C 990 -40.25 41.28 -26.78
C ALA C 990 -38.75 41.51 -26.98
N VAL C 991 -38.36 41.77 -28.21
CA VAL C 991 -36.96 41.86 -28.57
C VAL C 991 -36.22 43.11 -28.03
N LEU C 992 -36.93 44.04 -27.38
CA LEU C 992 -36.26 45.28 -26.95
C LEU C 992 -36.62 45.77 -25.56
N SER C 993 -36.47 44.89 -24.58
CA SER C 993 -36.84 45.22 -23.22
C SER C 993 -36.18 44.20 -22.33
N GLN C 994 -36.10 42.96 -22.81
CA GLN C 994 -35.14 42.01 -22.30
C GLN C 994 -33.97 42.10 -23.25
N GLU C 995 -32.81 41.60 -22.83
CA GLU C 995 -31.73 41.41 -23.76
C GLU C 995 -31.71 39.93 -24.06
N GLY C 996 -30.72 39.51 -24.83
CA GLY C 996 -30.55 38.11 -25.15
C GLY C 996 -31.73 37.51 -25.88
N ILE C 997 -31.44 36.87 -27.00
CA ILE C 997 -32.45 36.20 -27.80
C ILE C 997 -33.25 35.24 -26.90
N ASN C 998 -34.48 34.92 -27.28
CA ASN C 998 -35.37 34.19 -26.38
C ASN C 998 -36.59 33.56 -27.05
N ILE C 999 -36.92 32.31 -26.69
CA ILE C 999 -38.09 31.61 -27.24
C ILE C 999 -39.39 32.22 -26.73
N LEU C 1000 -40.40 32.30 -27.60
CA LEU C 1000 -41.60 33.05 -27.24
C LEU C 1000 -42.74 32.19 -26.76
N THR C 1001 -42.41 30.98 -26.36
CA THR C 1001 -43.42 30.12 -25.79
C THR C 1001 -42.81 29.50 -24.56
N HIS C 1002 -43.56 28.63 -23.90
CA HIS C 1002 -42.98 27.86 -22.82
C HIS C 1002 -42.37 26.57 -23.36
N LEU C 1003 -42.45 26.38 -24.68
CA LEU C 1003 -41.92 25.19 -25.36
C LEU C 1003 -40.42 24.83 -25.12
N PRO C 1004 -40.16 23.56 -24.80
CA PRO C 1004 -38.90 22.87 -24.48
C PRO C 1004 -37.82 23.02 -25.53
N LYS C 1005 -36.60 23.31 -25.10
CA LYS C 1005 -35.50 23.64 -25.99
C LYS C 1005 -34.96 22.44 -26.81
N GLY C 1006 -35.58 21.29 -26.63
CA GLY C 1006 -35.04 20.04 -27.12
C GLY C 1006 -34.54 20.00 -28.56
N SER C 1007 -35.46 20.27 -29.48
CA SER C 1007 -35.21 20.16 -30.92
C SER C 1007 -34.08 21.06 -31.38
N ALA C 1008 -33.88 21.06 -32.69
CA ALA C 1008 -33.10 22.08 -33.34
C ALA C 1008 -34.04 23.27 -33.59
N GLU C 1009 -35.16 22.96 -34.25
CA GLU C 1009 -36.23 23.90 -34.45
C GLU C 1009 -36.17 24.96 -33.38
N ALA C 1010 -36.30 24.54 -32.13
CA ALA C 1010 -36.38 25.47 -31.02
C ALA C 1010 -35.16 26.38 -30.97
N GLU C 1011 -33.99 25.82 -31.22
CA GLU C 1011 -32.77 26.63 -31.25
C GLU C 1011 -32.77 27.60 -32.43
N LEU C 1012 -33.63 27.36 -33.42
CA LEU C 1012 -33.87 28.31 -34.52
C LEU C 1012 -34.91 29.34 -34.14
N MET C 1013 -35.91 28.92 -33.36
CA MET C 1013 -36.98 29.83 -32.99
C MET C 1013 -36.49 30.95 -32.11
N SER C 1014 -35.18 30.99 -31.90
CA SER C 1014 -34.53 32.04 -31.13
C SER C 1014 -34.18 33.21 -32.05
N VAL C 1015 -33.77 32.89 -33.26
CA VAL C 1015 -33.30 33.91 -34.20
C VAL C 1015 -34.43 34.73 -34.79
N VAL C 1016 -35.59 34.11 -34.87
CA VAL C 1016 -36.76 34.75 -35.46
C VAL C 1016 -37.18 36.05 -34.80
N PRO C 1017 -37.85 36.02 -33.62
CA PRO C 1017 -38.32 37.31 -33.11
C PRO C 1017 -37.40 38.52 -33.28
N VAL C 1018 -36.07 38.38 -33.38
CA VAL C 1018 -35.26 39.54 -33.78
C VAL C 1018 -35.35 39.73 -35.27
N PHE C 1019 -34.88 38.77 -36.05
CA PHE C 1019 -34.84 38.94 -37.52
C PHE C 1019 -35.98 39.78 -38.09
N TYR C 1020 -37.22 39.31 -37.88
CA TYR C 1020 -38.37 40.08 -38.32
C TYR C 1020 -38.32 41.49 -37.78
N VAL C 1021 -38.02 41.64 -36.50
CA VAL C 1021 -37.92 42.96 -35.89
C VAL C 1021 -36.78 43.82 -36.50
N PHE C 1022 -35.80 43.20 -37.15
CA PHE C 1022 -34.76 43.99 -37.79
C PHE C 1022 -35.22 44.31 -39.19
N HIS C 1023 -35.88 43.34 -39.79
CA HIS C 1023 -36.41 43.49 -41.14
C HIS C 1023 -37.48 44.56 -41.15
N TYR C 1024 -38.36 44.48 -40.17
CA TYR C 1024 -39.24 45.59 -39.85
C TYR C 1024 -38.47 46.88 -39.59
N LEU C 1025 -37.74 46.95 -38.50
CA LEU C 1025 -37.06 48.20 -38.23
C LEU C 1025 -36.28 48.74 -39.44
N GLU C 1026 -35.66 47.86 -40.22
CA GLU C 1026 -34.70 48.26 -41.25
C GLU C 1026 -35.39 48.57 -42.56
N THR C 1027 -35.96 47.52 -43.14
CA THR C 1027 -36.54 47.60 -44.45
C THR C 1027 -37.56 48.70 -44.45
N GLY C 1028 -38.46 48.67 -43.47
CA GLY C 1028 -39.33 49.79 -43.20
C GLY C 1028 -38.70 50.99 -42.48
N ASN C 1029 -37.45 51.33 -42.79
CA ASN C 1029 -36.72 52.24 -41.92
C ASN C 1029 -37.58 52.84 -40.78
N HIS C 1030 -37.25 52.42 -39.57
CA HIS C 1030 -37.97 52.82 -38.36
C HIS C 1030 -37.00 52.92 -37.19
N TRP C 1031 -35.72 52.91 -37.53
CA TRP C 1031 -34.70 53.09 -36.54
C TRP C 1031 -35.02 54.29 -35.63
N ASN C 1032 -35.74 55.29 -36.15
CA ASN C 1032 -35.98 56.50 -35.36
C ASN C 1032 -36.92 56.30 -34.19
N ILE C 1033 -37.36 55.06 -33.96
CA ILE C 1033 -38.16 54.73 -32.77
C ILE C 1033 -37.46 55.13 -31.47
N PHE C 1034 -36.12 55.07 -31.50
CA PHE C 1034 -35.25 55.19 -30.31
C PHE C 1034 -34.86 56.62 -29.98
N HIS C 1035 -34.89 56.95 -28.70
CA HIS C 1035 -34.48 58.26 -28.23
C HIS C 1035 -32.97 58.24 -28.05
N SER C 1036 -32.41 57.03 -28.02
CA SER C 1036 -30.98 56.81 -27.81
C SER C 1036 -30.18 57.06 -29.07
N ASP C 1037 -28.94 56.61 -29.09
CA ASP C 1037 -28.31 56.44 -30.38
C ASP C 1037 -28.86 55.17 -30.95
N PRO C 1038 -29.31 55.26 -32.19
CA PRO C 1038 -29.97 54.13 -32.83
C PRO C 1038 -28.97 53.21 -33.55
N LEU C 1039 -27.95 53.79 -34.15
CA LEU C 1039 -27.07 53.01 -34.99
C LEU C 1039 -26.40 51.90 -34.19
N ILE C 1040 -26.12 52.18 -32.93
CA ILE C 1040 -25.54 51.19 -32.03
C ILE C 1040 -26.63 50.22 -31.62
N GLU C 1041 -27.84 50.73 -31.52
CA GLU C 1041 -28.97 49.90 -31.19
C GLU C 1041 -29.07 48.87 -32.30
N LYS C 1042 -28.67 49.29 -33.50
CA LYS C 1042 -28.69 48.41 -34.69
C LYS C 1042 -27.73 47.25 -34.51
N GLN C 1043 -26.50 47.59 -34.15
CA GLN C 1043 -25.46 46.62 -33.93
C GLN C 1043 -25.95 45.51 -33.04
N LYS C 1044 -26.51 45.92 -31.90
CA LYS C 1044 -26.95 45.00 -30.86
C LYS C 1044 -27.90 43.95 -31.43
N LEU C 1045 -28.74 44.38 -32.37
CA LEU C 1045 -29.68 43.47 -32.97
C LEU C 1045 -28.95 42.62 -33.98
N LYS C 1046 -27.96 43.23 -34.63
CA LYS C 1046 -27.14 42.52 -35.59
C LYS C 1046 -26.51 41.34 -34.87
N LYS C 1047 -25.73 41.67 -33.84
CA LYS C 1047 -25.17 40.63 -33.00
C LYS C 1047 -26.28 39.63 -32.71
N LYS C 1048 -27.28 40.07 -31.94
CA LYS C 1048 -28.26 39.13 -31.41
C LYS C 1048 -28.64 38.14 -32.44
N LEU C 1049 -28.49 38.57 -33.69
CA LEU C 1049 -28.78 37.75 -34.85
C LEU C 1049 -27.62 36.78 -35.14
N LYS C 1050 -26.48 37.28 -35.58
CA LYS C 1050 -25.41 36.33 -35.80
C LYS C 1050 -25.31 35.35 -34.62
N GLU C 1051 -25.23 35.81 -33.39
CA GLU C 1051 -25.01 34.87 -32.28
C GLU C 1051 -26.12 33.83 -32.14
N GLY C 1052 -27.37 34.27 -32.28
CA GLY C 1052 -28.48 33.35 -32.27
C GLY C 1052 -28.24 32.39 -33.40
N MET C 1053 -27.58 32.87 -34.44
CA MET C 1053 -27.35 32.11 -35.66
C MET C 1053 -26.42 30.95 -35.37
N LEU C 1054 -25.39 31.20 -34.58
CA LEU C 1054 -24.46 30.13 -34.31
C LEU C 1054 -25.22 29.12 -33.48
N SER C 1055 -26.17 29.62 -32.69
CA SER C 1055 -26.78 28.81 -31.65
C SER C 1055 -27.19 27.42 -32.14
N ILE C 1056 -27.26 27.26 -33.45
CA ILE C 1056 -27.77 26.05 -34.06
C ILE C 1056 -26.67 25.16 -34.60
N MET C 1057 -25.57 25.77 -35.02
CA MET C 1057 -24.50 25.05 -35.67
C MET C 1057 -24.46 23.62 -35.19
N SER C 1058 -24.59 23.49 -33.88
CA SER C 1058 -24.48 22.21 -33.22
C SER C 1058 -25.33 21.12 -33.87
N TYR C 1059 -26.45 21.52 -34.46
CA TYR C 1059 -27.38 20.55 -35.04
C TYR C 1059 -27.05 20.31 -36.49
N ARG C 1060 -26.13 21.11 -37.00
CA ARG C 1060 -25.72 20.98 -38.38
C ARG C 1060 -24.80 19.80 -38.59
N ASN C 1061 -25.25 18.81 -39.35
CA ASN C 1061 -24.40 17.66 -39.63
C ASN C 1061 -23.22 17.92 -40.55
N ALA C 1062 -22.69 16.83 -41.07
CA ALA C 1062 -21.42 16.82 -41.77
C ALA C 1062 -21.54 17.33 -43.18
N ASP C 1063 -22.38 16.65 -43.95
CA ASP C 1063 -22.60 16.87 -45.37
C ASP C 1063 -23.36 18.16 -45.59
N TYR C 1064 -23.48 18.94 -44.54
CA TYR C 1064 -24.10 20.24 -44.58
C TYR C 1064 -25.60 20.11 -44.41
N SER C 1065 -26.06 18.87 -44.28
CA SER C 1065 -27.44 18.63 -43.90
C SER C 1065 -27.61 18.97 -42.42
N TYR C 1066 -28.69 19.66 -42.08
CA TYR C 1066 -28.99 20.00 -40.70
C TYR C 1066 -29.67 18.79 -40.05
N SER C 1067 -30.01 18.86 -38.76
CA SER C 1067 -30.73 17.75 -38.14
C SER C 1067 -31.54 18.10 -36.89
N VAL C 1068 -32.65 17.39 -36.70
CA VAL C 1068 -33.61 17.61 -35.62
C VAL C 1068 -33.04 17.85 -34.21
N TRP C 1069 -32.68 16.77 -33.50
CA TRP C 1069 -31.90 16.86 -32.25
C TRP C 1069 -30.50 16.32 -32.47
N LYS C 1070 -29.54 16.88 -31.72
CA LYS C 1070 -28.12 16.78 -32.04
C LYS C 1070 -27.71 15.43 -32.60
N GLY C 1071 -27.01 15.46 -33.73
CA GLY C 1071 -26.49 14.26 -34.37
C GLY C 1071 -27.54 13.36 -35.00
N GLY C 1072 -28.79 13.50 -34.56
CA GLY C 1072 -29.90 12.71 -35.06
C GLY C 1072 -29.84 12.55 -36.57
N SER C 1073 -30.41 11.46 -37.07
CA SER C 1073 -30.35 11.21 -38.51
C SER C 1073 -30.85 12.47 -39.19
N ALA C 1074 -30.04 13.02 -40.08
CA ALA C 1074 -30.36 14.29 -40.72
C ALA C 1074 -31.82 14.36 -41.25
N SER C 1075 -32.58 15.34 -40.76
CA SER C 1075 -33.97 15.51 -41.19
C SER C 1075 -34.01 16.39 -42.43
N THR C 1076 -34.68 15.94 -43.48
CA THR C 1076 -34.81 16.78 -44.67
C THR C 1076 -35.72 17.99 -44.38
N TRP C 1077 -36.75 17.76 -43.56
CA TRP C 1077 -37.72 18.76 -43.08
C TRP C 1077 -37.03 19.98 -42.45
N LEU C 1078 -36.34 19.76 -41.33
CA LEU C 1078 -35.60 20.83 -40.67
C LEU C 1078 -34.49 21.37 -41.57
N THR C 1079 -33.87 20.49 -42.34
CA THR C 1079 -32.78 20.89 -43.25
C THR C 1079 -33.22 22.07 -44.06
N ALA C 1080 -34.50 22.12 -44.39
CA ALA C 1080 -35.02 23.31 -45.05
C ALA C 1080 -35.43 24.38 -44.04
N PHE C 1081 -36.16 24.00 -43.00
CA PHE C 1081 -36.62 25.03 -42.08
C PHE C 1081 -35.47 25.91 -41.64
N ALA C 1082 -34.29 25.34 -41.51
CA ALA C 1082 -33.14 26.20 -41.31
C ALA C 1082 -32.91 26.96 -42.62
N LEU C 1083 -32.93 26.24 -43.74
CA LEU C 1083 -32.60 26.87 -45.02
C LEU C 1083 -33.37 28.11 -44.99
N ARG C 1084 -34.68 27.94 -44.93
CA ARG C 1084 -35.58 29.05 -44.75
C ARG C 1084 -35.01 30.17 -43.82
N VAL C 1085 -34.98 29.97 -42.51
CA VAL C 1085 -34.59 31.09 -41.64
C VAL C 1085 -33.10 31.38 -41.73
N LEU C 1086 -32.42 30.65 -42.60
CA LEU C 1086 -31.03 30.93 -42.91
C LEU C 1086 -30.95 32.01 -43.97
N GLY C 1087 -31.72 31.80 -45.04
CA GLY C 1087 -31.77 32.71 -46.17
C GLY C 1087 -32.53 33.98 -45.83
N GLN C 1088 -33.38 33.90 -44.82
CA GLN C 1088 -34.13 35.06 -44.35
C GLN C 1088 -33.20 36.05 -43.63
N VAL C 1089 -32.39 35.52 -42.73
CA VAL C 1089 -31.44 36.35 -42.01
C VAL C 1089 -30.26 36.68 -42.92
N ASN C 1090 -30.24 36.10 -44.12
CA ASN C 1090 -29.16 36.41 -45.03
C ASN C 1090 -29.25 37.85 -45.49
N LYS C 1091 -30.41 38.45 -45.27
CA LYS C 1091 -30.65 39.81 -45.72
C LYS C 1091 -29.68 40.74 -45.05
N TYR C 1092 -29.46 40.55 -43.76
CA TYR C 1092 -28.70 41.52 -42.98
C TYR C 1092 -27.47 40.93 -42.30
N VAL C 1093 -27.32 39.62 -42.39
CA VAL C 1093 -26.17 38.95 -41.81
C VAL C 1093 -25.74 37.93 -42.82
N GLU C 1094 -24.78 38.34 -43.66
CA GLU C 1094 -24.37 37.49 -44.76
C GLU C 1094 -24.17 36.11 -44.22
N GLN C 1095 -24.68 35.11 -44.90
CA GLN C 1095 -24.43 33.76 -44.46
C GLN C 1095 -23.38 33.11 -45.33
N ASN C 1096 -22.78 32.06 -44.78
CA ASN C 1096 -21.67 31.38 -45.42
C ASN C 1096 -22.10 30.80 -46.74
N GLN C 1097 -21.55 31.33 -47.84
CA GLN C 1097 -21.97 30.86 -49.14
C GLN C 1097 -21.86 29.34 -49.20
N ASN C 1098 -20.71 28.83 -49.62
CA ASN C 1098 -20.62 27.41 -49.93
C ASN C 1098 -21.33 26.51 -48.91
N SER C 1099 -21.58 27.02 -47.71
CA SER C 1099 -22.37 26.28 -46.74
C SER C 1099 -23.77 26.10 -47.30
N ILE C 1100 -24.48 27.22 -47.41
CA ILE C 1100 -25.85 27.23 -47.89
C ILE C 1100 -25.94 26.42 -49.16
N CYS C 1101 -25.01 26.67 -50.08
CA CYS C 1101 -24.96 25.92 -51.34
C CYS C 1101 -25.20 24.44 -51.09
N ASN C 1102 -24.23 23.78 -50.46
CA ASN C 1102 -24.35 22.36 -50.25
C ASN C 1102 -25.63 22.03 -49.52
N SER C 1103 -26.03 22.92 -48.61
CA SER C 1103 -27.23 22.75 -47.80
C SER C 1103 -28.52 22.68 -48.63
N LEU C 1104 -28.55 23.41 -49.75
CA LEU C 1104 -29.60 23.27 -50.75
C LEU C 1104 -29.35 21.96 -51.51
N LEU C 1105 -28.21 21.89 -52.19
CA LEU C 1105 -27.79 20.76 -53.03
C LEU C 1105 -27.83 19.41 -52.32
N TRP C 1106 -28.17 19.42 -51.04
CA TRP C 1106 -28.36 18.15 -50.36
C TRP C 1106 -29.76 17.64 -50.67
N LEU C 1107 -30.80 18.40 -50.30
CA LEU C 1107 -32.18 17.94 -50.42
C LEU C 1107 -32.41 17.50 -51.85
N VAL C 1108 -32.20 18.45 -52.76
CA VAL C 1108 -32.38 18.25 -54.18
C VAL C 1108 -31.73 16.97 -54.69
N GLU C 1109 -30.43 16.83 -54.52
CA GLU C 1109 -29.74 15.71 -55.11
C GLU C 1109 -30.14 14.36 -54.52
N ASN C 1110 -30.63 14.37 -53.28
CA ASN C 1110 -30.86 13.12 -52.57
C ASN C 1110 -32.33 12.83 -52.23
N TYR C 1111 -33.06 13.87 -51.85
CA TYR C 1111 -34.39 13.65 -51.29
C TYR C 1111 -35.55 14.19 -52.12
N GLN C 1112 -35.41 14.22 -53.44
CA GLN C 1112 -36.47 14.68 -54.35
C GLN C 1112 -36.93 13.61 -55.33
N LEU C 1113 -38.08 13.00 -55.04
CA LEU C 1113 -38.57 11.87 -55.81
C LEU C 1113 -38.61 12.11 -57.32
N ASP C 1114 -38.83 11.03 -58.07
CA ASP C 1114 -38.92 11.09 -59.52
C ASP C 1114 -40.25 11.70 -60.00
N ASN C 1115 -40.69 12.74 -59.31
CA ASN C 1115 -41.92 13.44 -59.66
C ASN C 1115 -41.89 14.81 -59.00
N GLY C 1116 -40.69 15.19 -58.61
CA GLY C 1116 -40.45 16.48 -58.00
C GLY C 1116 -40.73 16.57 -56.52
N SER C 1117 -41.42 15.59 -55.96
CA SER C 1117 -41.76 15.62 -54.53
C SER C 1117 -40.56 15.26 -53.64
N PHE C 1118 -40.67 15.53 -52.35
CA PHE C 1118 -39.53 15.47 -51.43
C PHE C 1118 -39.67 14.46 -50.28
N LYS C 1119 -38.89 13.37 -50.31
CA LYS C 1119 -38.98 12.33 -49.26
C LYS C 1119 -38.25 12.76 -48.00
N GLU C 1120 -38.92 12.63 -46.85
CA GLU C 1120 -38.27 12.93 -45.58
C GLU C 1120 -37.47 11.72 -45.12
N ASN C 1121 -36.21 11.97 -44.75
CA ASN C 1121 -35.27 10.91 -44.41
C ASN C 1121 -35.55 10.24 -43.07
N SER C 1122 -35.36 11.01 -42.02
CA SER C 1122 -35.57 10.58 -40.66
C SER C 1122 -36.98 10.04 -40.45
N GLN C 1123 -37.23 9.52 -39.26
CA GLN C 1123 -38.57 9.07 -38.94
C GLN C 1123 -39.40 10.25 -38.49
N TYR C 1124 -38.83 11.44 -38.49
CA TYR C 1124 -39.50 12.59 -37.90
C TYR C 1124 -40.92 12.87 -38.44
N GLN C 1125 -41.89 12.82 -37.53
CA GLN C 1125 -43.27 13.26 -37.78
C GLN C 1125 -43.40 14.62 -37.13
N PRO C 1126 -43.47 15.68 -37.93
CA PRO C 1126 -43.57 17.02 -37.33
C PRO C 1126 -45.01 17.34 -36.98
N ILE C 1127 -45.91 17.13 -37.94
CA ILE C 1127 -47.34 17.44 -37.77
C ILE C 1127 -48.25 16.23 -37.96
N LYS C 1128 -49.33 16.18 -37.20
CA LYS C 1128 -50.30 15.10 -37.37
C LYS C 1128 -51.31 15.46 -38.45
N LEU C 1129 -51.24 14.80 -39.59
CA LEU C 1129 -52.23 15.01 -40.65
C LEU C 1129 -53.46 14.09 -40.54
N GLN C 1130 -54.66 14.62 -40.81
CA GLN C 1130 -55.87 13.80 -40.83
C GLN C 1130 -55.95 12.94 -42.08
N GLY C 1131 -56.81 11.95 -42.06
CA GLY C 1131 -57.02 11.17 -43.26
C GLY C 1131 -56.60 9.73 -43.17
N THR C 1132 -57.12 8.94 -44.10
CA THR C 1132 -56.85 7.52 -44.15
C THR C 1132 -55.35 7.30 -44.23
N LEU C 1133 -54.92 6.08 -43.93
CA LEU C 1133 -53.52 5.71 -44.07
C LEU C 1133 -52.98 5.97 -45.49
N PRO C 1134 -53.80 5.72 -46.54
CA PRO C 1134 -53.40 6.10 -47.89
C PRO C 1134 -53.41 7.61 -47.98
N VAL C 1135 -54.53 8.18 -47.58
CA VAL C 1135 -54.73 9.61 -47.67
C VAL C 1135 -53.58 10.35 -47.07
N GLU C 1136 -53.27 10.03 -45.82
CA GLU C 1136 -52.26 10.77 -45.04
C GLU C 1136 -50.90 10.79 -45.72
N ALA C 1137 -50.58 9.70 -46.43
CA ALA C 1137 -49.29 9.56 -47.08
C ALA C 1137 -49.19 10.60 -48.19
N ARG C 1138 -50.22 10.60 -49.02
CA ARG C 1138 -50.37 11.57 -50.09
C ARG C 1138 -50.42 12.98 -49.53
N GLU C 1139 -51.08 13.14 -48.38
CA GLU C 1139 -51.09 14.39 -47.63
C GLU C 1139 -49.69 14.73 -47.11
N ASN C 1140 -49.15 13.83 -46.28
CA ASN C 1140 -47.83 14.03 -45.70
C ASN C 1140 -46.79 14.37 -46.76
N SER C 1141 -46.86 13.70 -47.91
CA SER C 1141 -45.94 13.98 -49.03
C SER C 1141 -46.03 15.43 -49.48
N LEU C 1142 -47.25 15.89 -49.70
CA LEU C 1142 -47.46 17.25 -50.12
C LEU C 1142 -46.80 18.19 -49.11
N TYR C 1143 -47.17 18.05 -47.84
CA TYR C 1143 -46.75 19.00 -46.82
C TYR C 1143 -45.26 19.25 -46.92
N LEU C 1144 -44.49 18.17 -46.86
CA LEU C 1144 -43.05 18.28 -46.99
C LEU C 1144 -42.75 19.07 -48.26
N THR C 1145 -43.18 18.54 -49.40
CA THR C 1145 -42.84 19.15 -50.69
C THR C 1145 -43.31 20.61 -50.77
N ALA C 1146 -44.22 21.00 -49.88
CA ALA C 1146 -44.66 22.38 -49.79
C ALA C 1146 -43.63 23.20 -49.03
N PHE C 1147 -43.24 22.65 -47.88
CA PHE C 1147 -42.27 23.23 -46.93
C PHE C 1147 -40.87 23.38 -47.47
N THR C 1148 -40.36 22.31 -48.07
CA THR C 1148 -39.05 22.32 -48.69
C THR C 1148 -38.92 23.40 -49.76
N VAL C 1149 -39.99 23.62 -50.51
CA VAL C 1149 -39.99 24.64 -51.55
C VAL C 1149 -39.78 25.95 -50.86
N ILE C 1150 -40.61 26.20 -49.85
CA ILE C 1150 -40.61 27.49 -49.17
C ILE C 1150 -39.19 27.80 -48.79
N GLY C 1151 -38.64 26.84 -48.05
CA GLY C 1151 -37.24 26.86 -47.73
C GLY C 1151 -36.44 27.23 -48.95
N ILE C 1152 -36.33 26.29 -49.90
CA ILE C 1152 -35.38 26.45 -50.99
C ILE C 1152 -35.57 27.85 -51.46
N ARG C 1153 -36.83 28.17 -51.71
CA ARG C 1153 -37.15 29.50 -52.11
C ARG C 1153 -36.42 30.45 -51.17
N LYS C 1154 -36.90 30.61 -49.94
CA LYS C 1154 -36.43 31.72 -49.13
C LYS C 1154 -34.92 32.05 -49.31
N ALA C 1155 -34.11 31.00 -49.30
CA ALA C 1155 -32.67 31.13 -49.31
C ALA C 1155 -32.12 31.23 -50.71
N PHE C 1156 -32.93 30.83 -51.68
CA PHE C 1156 -32.45 30.56 -53.03
C PHE C 1156 -31.38 31.55 -53.51
N ASP C 1157 -31.55 32.81 -53.16
CA ASP C 1157 -30.77 33.84 -53.82
C ASP C 1157 -29.28 33.86 -53.53
N ILE C 1158 -28.85 33.18 -52.48
CA ILE C 1158 -27.41 33.13 -52.15
C ILE C 1158 -26.73 31.99 -52.86
N CYS C 1159 -27.53 31.02 -53.30
CA CYS C 1159 -26.97 30.00 -54.16
C CYS C 1159 -27.83 29.82 -55.39
N PRO C 1160 -28.05 30.93 -56.12
CA PRO C 1160 -28.69 30.85 -57.43
C PRO C 1160 -27.94 29.82 -58.27
N LEU C 1161 -28.63 28.76 -58.64
CA LEU C 1161 -27.95 27.63 -59.24
C LEU C 1161 -28.83 26.98 -60.28
N VAL C 1162 -28.22 26.79 -61.44
CA VAL C 1162 -28.82 26.04 -62.50
C VAL C 1162 -29.45 24.84 -61.82
N LYS C 1163 -28.60 23.88 -61.48
CA LYS C 1163 -29.07 22.58 -61.07
C LYS C 1163 -30.19 22.65 -60.02
N ILE C 1164 -30.28 23.75 -59.27
CA ILE C 1164 -31.32 23.84 -58.24
C ILE C 1164 -32.52 24.64 -58.70
N ASP C 1165 -32.33 25.42 -59.75
CA ASP C 1165 -33.48 26.06 -60.35
C ASP C 1165 -34.37 24.97 -60.93
N THR C 1166 -33.74 24.08 -61.68
CA THR C 1166 -34.42 22.92 -62.23
C THR C 1166 -35.26 22.32 -61.14
N ALA C 1167 -34.59 21.69 -60.18
CA ALA C 1167 -35.28 21.00 -59.11
C ALA C 1167 -36.39 21.88 -58.59
N LEU C 1168 -36.16 23.19 -58.58
CA LEU C 1168 -37.16 24.10 -58.04
C LEU C 1168 -38.51 24.00 -58.76
N ILE C 1169 -38.46 23.84 -60.08
CA ILE C 1169 -39.67 23.71 -60.90
C ILE C 1169 -40.30 22.33 -60.75
N LYS C 1170 -39.50 21.29 -60.96
CA LYS C 1170 -39.95 19.92 -60.77
C LYS C 1170 -40.79 19.87 -59.51
N ALA C 1171 -40.45 20.75 -58.56
CA ALA C 1171 -41.17 20.84 -57.30
C ALA C 1171 -42.48 21.58 -57.48
N ASP C 1172 -42.40 22.83 -57.89
CA ASP C 1172 -43.60 23.60 -58.12
C ASP C 1172 -44.60 22.75 -58.92
N ASN C 1173 -44.11 22.10 -59.96
CA ASN C 1173 -44.95 21.23 -60.77
C ASN C 1173 -45.77 20.28 -59.93
N PHE C 1174 -45.09 19.37 -59.23
CA PHE C 1174 -45.77 18.42 -58.37
C PHE C 1174 -46.88 19.17 -57.69
N LEU C 1175 -46.57 20.39 -57.25
CA LEU C 1175 -47.52 21.15 -56.45
C LEU C 1175 -48.81 21.47 -57.20
N LEU C 1176 -48.71 22.18 -58.31
CA LEU C 1176 -49.89 22.41 -59.13
C LEU C 1176 -50.58 21.06 -59.40
N GLU C 1177 -49.85 20.20 -60.11
CA GLU C 1177 -50.36 18.93 -60.62
C GLU C 1177 -50.85 17.97 -59.54
N ASN C 1178 -51.00 18.45 -58.31
CA ASN C 1178 -51.40 17.56 -57.23
C ASN C 1178 -52.10 18.22 -56.03
N THR C 1179 -52.28 19.54 -56.03
CA THR C 1179 -52.94 20.17 -54.88
C THR C 1179 -54.45 20.05 -54.90
N LEU C 1180 -55.04 20.41 -56.04
CA LEU C 1180 -56.37 20.98 -56.06
C LEU C 1180 -57.57 20.14 -55.68
N PRO C 1181 -57.55 18.85 -55.99
CA PRO C 1181 -58.57 18.10 -55.26
C PRO C 1181 -58.25 18.18 -53.77
N ALA C 1182 -58.47 19.35 -53.19
CA ALA C 1182 -58.00 19.70 -51.85
C ALA C 1182 -58.45 18.72 -50.76
N GLN C 1183 -57.47 18.18 -50.03
CA GLN C 1183 -57.71 17.27 -48.91
C GLN C 1183 -57.94 18.00 -47.60
N SER C 1184 -57.24 19.11 -47.40
CA SER C 1184 -57.40 19.96 -46.22
C SER C 1184 -56.91 21.41 -46.37
N THR C 1185 -57.59 22.33 -45.68
CA THR C 1185 -57.27 23.75 -45.70
C THR C 1185 -55.81 23.98 -45.39
N PHE C 1186 -55.36 23.32 -44.32
CA PHE C 1186 -53.96 23.37 -43.93
C PHE C 1186 -53.18 22.98 -45.18
N THR C 1187 -53.43 21.79 -45.73
CA THR C 1187 -52.62 21.28 -46.84
C THR C 1187 -52.49 22.32 -47.92
N LEU C 1188 -53.65 22.83 -48.31
CA LEU C 1188 -53.77 23.85 -49.33
C LEU C 1188 -52.86 25.00 -49.01
N ALA C 1189 -53.05 25.52 -47.79
CA ALA C 1189 -52.47 26.77 -47.35
C ALA C 1189 -50.98 26.90 -47.65
N ILE C 1190 -50.21 25.87 -47.33
CA ILE C 1190 -48.78 25.92 -47.59
C ILE C 1190 -48.55 25.75 -49.10
N SER C 1191 -49.31 24.86 -49.73
CA SER C 1191 -49.14 24.64 -51.16
C SER C 1191 -49.34 25.99 -51.86
N ALA C 1192 -50.19 26.79 -51.25
CA ALA C 1192 -50.50 28.14 -51.70
C ALA C 1192 -49.30 29.03 -51.58
N TYR C 1193 -49.03 29.39 -50.34
CA TYR C 1193 -47.99 30.34 -50.04
C TYR C 1193 -46.69 29.99 -50.77
N ALA C 1194 -46.52 28.71 -51.10
CA ALA C 1194 -45.28 28.22 -51.73
C ALA C 1194 -45.12 28.58 -53.20
N LEU C 1195 -46.15 28.31 -53.99
CA LEU C 1195 -46.18 28.78 -55.37
C LEU C 1195 -46.10 30.28 -55.28
N SER C 1196 -46.82 30.83 -54.31
CA SER C 1196 -46.78 32.26 -53.94
C SER C 1196 -45.38 32.82 -54.02
N LEU C 1197 -44.39 32.01 -53.69
CA LEU C 1197 -43.00 32.47 -53.75
C LEU C 1197 -42.32 32.09 -55.05
N GLY C 1198 -43.02 32.32 -56.15
CA GLY C 1198 -42.48 32.07 -57.47
C GLY C 1198 -43.28 32.75 -58.57
N ASP C 1199 -43.69 31.96 -59.56
CA ASP C 1199 -44.62 32.40 -60.60
C ASP C 1199 -46.05 32.46 -60.09
N LYS C 1200 -46.45 33.66 -59.75
CA LYS C 1200 -47.69 33.92 -59.11
C LYS C 1200 -48.80 34.00 -60.14
N THR C 1201 -48.55 33.53 -61.36
CA THR C 1201 -49.47 33.77 -62.48
C THR C 1201 -49.92 32.58 -63.32
N HIS C 1202 -49.46 31.39 -62.97
CA HIS C 1202 -49.96 30.17 -63.58
C HIS C 1202 -51.46 30.05 -63.37
N PRO C 1203 -52.23 30.17 -64.44
CA PRO C 1203 -53.68 30.09 -64.31
C PRO C 1203 -54.02 29.16 -63.15
N GLN C 1204 -53.35 28.01 -63.11
CA GLN C 1204 -53.62 27.01 -62.09
C GLN C 1204 -53.49 27.56 -60.68
N PHE C 1205 -52.36 28.23 -60.38
CA PHE C 1205 -52.20 28.90 -59.09
C PHE C 1205 -53.52 29.62 -58.79
N ARG C 1206 -54.11 30.23 -59.81
CA ARG C 1206 -55.36 30.98 -59.66
C ARG C 1206 -56.44 30.07 -59.11
N SER C 1207 -56.42 28.83 -59.60
CA SER C 1207 -57.41 27.85 -59.23
C SER C 1207 -57.17 27.51 -57.78
N ILE C 1208 -55.91 27.22 -57.44
CA ILE C 1208 -55.59 26.86 -56.07
C ILE C 1208 -55.98 28.01 -55.14
N VAL C 1209 -55.45 29.18 -55.44
CA VAL C 1209 -55.72 30.39 -54.66
C VAL C 1209 -57.21 30.54 -54.53
N SER C 1210 -57.91 30.11 -55.58
CA SER C 1210 -59.35 30.12 -55.58
C SER C 1210 -59.82 29.20 -54.48
N ALA C 1211 -59.49 27.93 -54.61
CA ALA C 1211 -59.97 26.93 -53.69
C ALA C 1211 -59.74 27.36 -52.25
N LEU C 1212 -58.48 27.59 -51.91
CA LEU C 1212 -58.16 28.11 -50.60
C LEU C 1212 -59.12 29.27 -50.33
N LYS C 1213 -59.08 30.26 -51.21
CA LYS C 1213 -59.80 31.50 -50.98
C LYS C 1213 -61.29 31.24 -50.85
N ARG C 1214 -61.70 30.16 -51.48
CA ARG C 1214 -63.04 29.62 -51.35
C ARG C 1214 -63.29 29.25 -49.91
N GLU C 1215 -62.28 28.68 -49.26
CA GLU C 1215 -62.50 27.96 -48.01
C GLU C 1215 -62.58 28.78 -46.71
N ALA C 1216 -62.08 30.00 -46.73
CA ALA C 1216 -62.12 30.87 -45.55
C ALA C 1216 -63.50 30.88 -44.92
N LEU C 1217 -63.63 31.55 -43.77
CA LEU C 1217 -64.91 31.77 -43.08
C LEU C 1217 -64.75 33.05 -42.32
N VAL C 1218 -65.67 33.39 -41.43
CA VAL C 1218 -65.65 34.77 -40.96
C VAL C 1218 -66.68 35.25 -39.97
N LYS C 1219 -66.43 36.46 -39.44
CA LYS C 1219 -67.08 36.97 -38.25
C LYS C 1219 -67.68 38.35 -38.45
N GLY C 1220 -69.00 38.44 -38.32
CA GLY C 1220 -69.71 39.69 -38.50
C GLY C 1220 -69.74 40.14 -39.95
N ASN C 1221 -70.86 40.71 -40.38
CA ASN C 1221 -71.02 41.25 -41.71
C ASN C 1221 -71.05 42.78 -41.65
N PRO C 1222 -70.39 43.43 -42.61
CA PRO C 1222 -69.52 42.76 -43.58
C PRO C 1222 -68.39 42.03 -42.84
N PRO C 1223 -67.57 41.23 -43.54
CA PRO C 1223 -66.38 40.69 -42.86
C PRO C 1223 -65.61 41.71 -41.97
N ILE C 1224 -65.54 41.43 -40.65
CA ILE C 1224 -64.60 42.09 -39.73
C ILE C 1224 -63.44 41.14 -39.31
N TYR C 1225 -63.70 39.82 -39.26
CA TYR C 1225 -62.66 38.83 -39.08
C TYR C 1225 -62.77 37.73 -40.12
N ARG C 1226 -61.68 37.47 -40.80
CA ARG C 1226 -61.58 36.38 -41.73
C ARG C 1226 -60.54 35.45 -41.23
N PHE C 1227 -60.78 34.15 -41.27
CA PHE C 1227 -59.72 33.19 -40.97
C PHE C 1227 -60.06 31.86 -41.54
N TRP C 1228 -59.12 30.92 -41.52
CA TRP C 1228 -59.47 29.66 -42.09
C TRP C 1228 -59.37 28.68 -40.96
N LYS C 1229 -59.77 27.42 -41.17
CA LYS C 1229 -59.87 26.41 -40.10
C LYS C 1229 -59.00 25.20 -40.44
N ASP C 1230 -58.72 24.35 -39.45
CA ASP C 1230 -57.89 23.17 -39.71
C ASP C 1230 -58.49 22.35 -40.83
N ASN C 1231 -59.79 22.08 -40.72
CA ASN C 1231 -60.49 21.20 -41.65
C ASN C 1231 -60.43 21.63 -43.12
N LEU C 1232 -61.47 21.23 -43.85
CA LEU C 1232 -61.62 21.51 -45.27
C LEU C 1232 -63.03 21.13 -45.68
N GLN C 1233 -63.98 22.04 -45.51
CA GLN C 1233 -65.36 21.88 -45.97
C GLN C 1233 -66.16 20.69 -45.40
N HIS C 1234 -65.62 20.01 -44.39
CA HIS C 1234 -66.38 19.02 -43.67
C HIS C 1234 -67.21 19.78 -42.63
N LYS C 1235 -66.80 21.03 -42.41
CA LYS C 1235 -67.58 22.02 -41.66
C LYS C 1235 -68.30 21.47 -40.43
N ASP C 1236 -67.57 20.84 -39.53
CA ASP C 1236 -68.13 20.52 -38.22
C ASP C 1236 -68.35 21.85 -37.52
N SER C 1237 -67.69 22.87 -38.07
CA SER C 1237 -67.85 24.25 -37.66
C SER C 1237 -67.46 24.48 -36.21
N SER C 1238 -66.86 23.47 -35.59
CA SER C 1238 -66.36 23.59 -34.22
C SER C 1238 -65.13 24.52 -34.14
N VAL C 1239 -65.40 25.82 -34.11
CA VAL C 1239 -64.38 26.84 -33.84
C VAL C 1239 -64.53 27.28 -32.39
N PRO C 1240 -64.68 26.32 -31.47
CA PRO C 1240 -65.31 26.58 -30.17
C PRO C 1240 -64.72 27.78 -29.44
N ASN C 1241 -64.94 28.98 -29.98
CA ASN C 1241 -64.46 30.20 -29.36
C ASN C 1241 -62.97 30.13 -29.02
N THR C 1242 -62.22 29.30 -29.75
CA THR C 1242 -60.83 29.03 -29.39
C THR C 1242 -59.94 28.74 -30.58
N GLY C 1243 -58.80 29.41 -30.58
CA GLY C 1243 -57.78 29.20 -31.60
C GLY C 1243 -57.02 27.92 -31.44
N THR C 1244 -56.01 27.74 -32.30
CA THR C 1244 -55.26 26.50 -32.42
C THR C 1244 -53.85 26.80 -32.87
N ALA C 1245 -52.98 25.85 -32.62
CA ALA C 1245 -51.68 25.92 -33.20
C ALA C 1245 -51.87 25.85 -34.71
N ARG C 1246 -52.59 24.82 -35.14
CA ARG C 1246 -52.77 24.53 -36.55
C ARG C 1246 -53.68 25.54 -37.22
N MET C 1247 -54.75 25.93 -36.53
CA MET C 1247 -55.63 26.99 -37.04
C MET C 1247 -54.82 28.22 -37.42
N VAL C 1248 -54.31 28.93 -36.42
CA VAL C 1248 -53.53 30.09 -36.72
C VAL C 1248 -52.30 29.76 -37.54
N GLU C 1249 -51.86 28.50 -37.59
CA GLU C 1249 -50.77 28.22 -38.52
C GLU C 1249 -51.26 28.37 -39.95
N THR C 1250 -52.46 27.86 -40.22
CA THR C 1250 -53.01 27.89 -41.57
C THR C 1250 -53.32 29.30 -42.07
N THR C 1251 -54.14 30.03 -41.30
CA THR C 1251 -54.50 31.40 -41.64
C THR C 1251 -53.29 32.30 -41.85
N ALA C 1252 -52.18 31.92 -41.24
CA ALA C 1252 -50.97 32.60 -41.57
C ALA C 1252 -50.62 32.19 -42.99
N TYR C 1253 -50.81 30.92 -43.31
CA TYR C 1253 -50.37 30.46 -44.61
C TYR C 1253 -51.15 31.08 -45.76
N ALA C 1254 -52.41 31.45 -45.50
CA ALA C 1254 -53.22 32.20 -46.46
C ALA C 1254 -52.90 33.68 -46.38
N LEU C 1255 -52.89 34.21 -45.16
CA LEU C 1255 -52.57 35.62 -44.97
C LEU C 1255 -51.22 35.95 -45.61
N LEU C 1256 -50.31 34.99 -45.59
CA LEU C 1256 -49.06 35.20 -46.29
C LEU C 1256 -49.27 35.13 -47.81
N THR C 1257 -50.05 34.16 -48.31
CA THR C 1257 -50.16 34.07 -49.76
C THR C 1257 -50.68 35.42 -50.21
N SER C 1258 -51.88 35.80 -49.71
CA SER C 1258 -52.54 37.09 -50.00
C SER C 1258 -51.57 38.27 -50.05
N LEU C 1259 -50.75 38.38 -49.00
CA LEU C 1259 -49.80 39.49 -48.83
C LEU C 1259 -48.61 39.45 -49.80
N ASN C 1260 -48.36 38.30 -50.39
CA ASN C 1260 -47.58 38.19 -51.60
C ASN C 1260 -48.32 38.84 -52.77
N LEU C 1261 -49.59 38.44 -52.96
CA LEU C 1261 -50.40 38.92 -54.09
C LEU C 1261 -51.02 40.31 -53.85
N LYS C 1262 -50.60 40.98 -52.78
CA LYS C 1262 -50.90 42.39 -52.58
C LYS C 1262 -52.39 42.71 -52.55
N ASP C 1263 -53.17 41.72 -52.16
CA ASP C 1263 -54.62 41.78 -52.08
C ASP C 1263 -55.18 42.66 -50.95
N ILE C 1264 -54.47 43.74 -50.70
CA ILE C 1264 -54.73 44.64 -49.59
C ILE C 1264 -56.14 44.68 -48.92
N ASN C 1265 -57.20 44.31 -49.60
CA ASN C 1265 -58.46 44.56 -48.93
C ASN C 1265 -59.03 43.29 -48.37
N TYR C 1266 -58.67 42.17 -49.00
CA TYR C 1266 -59.06 40.85 -48.53
C TYR C 1266 -58.48 40.63 -47.16
N VAL C 1267 -57.33 41.27 -46.93
CA VAL C 1267 -56.38 40.95 -45.85
C VAL C 1267 -56.70 41.60 -44.49
N ASN C 1268 -57.14 42.86 -44.53
CA ASN C 1268 -57.49 43.68 -43.35
C ASN C 1268 -58.29 43.13 -42.15
N PRO C 1269 -59.01 42.03 -42.34
CA PRO C 1269 -59.78 41.37 -41.27
C PRO C 1269 -59.34 39.93 -41.17
N VAL C 1270 -58.20 39.67 -41.79
CA VAL C 1270 -57.41 38.51 -41.46
C VAL C 1270 -56.49 38.97 -40.35
N ILE C 1271 -55.68 40.03 -40.60
CA ILE C 1271 -54.77 40.57 -39.58
C ILE C 1271 -55.46 41.39 -38.45
N LYS C 1272 -56.77 41.48 -38.39
CA LYS C 1272 -57.35 42.13 -37.23
C LYS C 1272 -57.47 41.03 -36.20
N TRP C 1273 -57.37 39.82 -36.72
CA TRP C 1273 -57.57 38.62 -35.94
C TRP C 1273 -56.29 37.91 -35.55
N LEU C 1274 -55.27 38.09 -36.29
CA LEU C 1274 -54.03 37.51 -35.89
C LEU C 1274 -53.51 38.33 -34.67
N SER C 1275 -53.63 39.63 -34.78
CA SER C 1275 -53.23 40.56 -33.72
C SER C 1275 -53.86 40.16 -32.40
N GLU C 1276 -55.12 39.89 -32.46
CA GLU C 1276 -55.87 39.54 -31.28
C GLU C 1276 -55.52 38.13 -30.74
N GLU C 1277 -55.22 37.22 -31.64
CA GLU C 1277 -54.85 35.83 -31.34
C GLU C 1277 -53.56 35.79 -30.54
N GLN C 1278 -52.58 36.51 -31.08
CA GLN C 1278 -51.26 36.58 -30.46
C GLN C 1278 -51.39 36.78 -28.92
N ARG C 1279 -50.59 36.02 -28.16
CA ARG C 1279 -50.67 36.07 -26.70
C ARG C 1279 -49.58 36.88 -26.05
N TYR C 1280 -50.01 37.77 -25.15
CA TYR C 1280 -49.13 38.76 -24.55
C TYR C 1280 -47.71 38.31 -24.72
N GLY C 1281 -46.95 39.12 -25.43
CA GLY C 1281 -45.56 38.82 -25.66
C GLY C 1281 -45.14 38.01 -26.88
N GLY C 1282 -46.04 37.24 -27.48
CA GLY C 1282 -45.63 36.38 -28.59
C GLY C 1282 -46.71 35.40 -29.02
N GLY C 1283 -46.45 34.71 -30.13
CA GLY C 1283 -47.51 34.01 -30.86
C GLY C 1283 -48.24 32.83 -30.23
N PHE C 1284 -48.51 32.91 -28.94
CA PHE C 1284 -48.88 31.74 -28.14
C PHE C 1284 -48.72 30.36 -28.78
N TYR C 1285 -49.71 29.92 -29.54
CA TYR C 1285 -49.75 28.52 -29.97
C TYR C 1285 -48.45 28.06 -30.65
N SER C 1286 -47.83 27.01 -30.10
CA SER C 1286 -46.73 26.31 -30.78
C SER C 1286 -45.68 27.18 -31.52
N THR C 1287 -44.99 26.58 -32.47
CA THR C 1287 -43.90 27.24 -33.19
C THR C 1287 -44.26 27.55 -34.63
N GLN C 1288 -44.36 26.50 -35.45
CA GLN C 1288 -44.51 26.63 -36.90
C GLN C 1288 -45.44 27.76 -37.32
N ASP C 1289 -46.49 27.97 -36.54
CA ASP C 1289 -47.41 29.05 -36.80
C ASP C 1289 -46.77 30.39 -36.47
N THR C 1290 -46.28 30.53 -35.22
CA THR C 1290 -45.79 31.81 -34.68
C THR C 1290 -44.54 32.41 -35.39
N ILE C 1291 -43.97 31.71 -36.38
CA ILE C 1291 -42.94 32.31 -37.25
C ILE C 1291 -43.57 32.87 -38.53
N ASN C 1292 -44.42 32.06 -39.14
CA ASN C 1292 -45.28 32.52 -40.20
C ASN C 1292 -46.15 33.63 -39.65
N ALA C 1293 -46.79 33.36 -38.53
CA ALA C 1293 -47.68 34.34 -37.96
C ALA C 1293 -46.94 35.66 -37.79
N ILE C 1294 -45.68 35.57 -37.38
CA ILE C 1294 -44.88 36.77 -37.16
C ILE C 1294 -44.35 37.37 -38.47
N GLU C 1295 -44.07 36.52 -39.45
CA GLU C 1295 -43.64 37.03 -40.75
C GLU C 1295 -44.76 37.85 -41.33
N GLY C 1296 -45.96 37.26 -41.34
CA GLY C 1296 -47.14 38.02 -41.66
C GLY C 1296 -47.07 39.36 -40.95
N LEU C 1297 -47.57 39.40 -39.72
CA LEU C 1297 -47.78 40.66 -39.02
C LEU C 1297 -46.76 41.78 -39.18
N THR C 1298 -45.60 41.40 -39.71
CA THR C 1298 -44.57 42.36 -40.05
C THR C 1298 -44.72 42.72 -41.53
N GLU C 1299 -44.68 41.69 -42.38
CA GLU C 1299 -44.67 41.90 -43.82
C GLU C 1299 -45.78 42.85 -44.15
N TYR C 1300 -46.92 42.59 -43.51
CA TYR C 1300 -48.11 43.38 -43.66
C TYR C 1300 -48.01 44.82 -43.10
N SER C 1301 -47.35 45.02 -41.96
CA SER C 1301 -47.22 46.39 -41.45
C SER C 1301 -46.16 47.12 -42.30
N LEU C 1302 -45.48 46.34 -43.14
CA LEU C 1302 -44.53 46.85 -44.12
C LEU C 1302 -45.18 47.29 -45.41
N LEU C 1303 -46.18 46.49 -45.83
CA LEU C 1303 -46.93 46.60 -47.09
C LEU C 1303 -48.03 47.70 -47.15
N VAL C 1304 -48.99 47.65 -46.21
CA VAL C 1304 -49.84 48.80 -45.84
C VAL C 1304 -49.00 50.00 -45.42
N LYS C 1305 -49.59 51.07 -44.87
CA LYS C 1305 -48.74 52.10 -44.25
C LYS C 1305 -49.15 52.42 -42.83
N GLN C 1306 -48.17 52.74 -42.02
CA GLN C 1306 -48.36 52.96 -40.60
C GLN C 1306 -49.18 54.21 -40.31
N LEU C 1307 -49.85 54.19 -39.16
CA LEU C 1307 -50.85 55.18 -38.84
C LEU C 1307 -50.46 55.87 -37.57
N ARG C 1308 -49.60 56.88 -37.72
CA ARG C 1308 -49.04 57.62 -36.61
C ARG C 1308 -49.86 57.46 -35.34
N LEU C 1309 -49.22 56.91 -34.33
CA LEU C 1309 -49.89 56.66 -33.08
C LEU C 1309 -50.17 57.93 -32.31
N SER C 1310 -51.26 57.94 -31.56
CA SER C 1310 -51.52 59.07 -30.67
C SER C 1310 -52.75 58.94 -29.77
N MET C 1311 -53.02 57.72 -29.30
CA MET C 1311 -54.09 57.43 -28.33
C MET C 1311 -54.01 58.27 -27.07
N ASP C 1312 -54.62 57.79 -26.00
CA ASP C 1312 -54.63 58.53 -24.77
C ASP C 1312 -55.23 57.66 -23.72
N ILE C 1313 -54.63 56.48 -23.55
CA ILE C 1313 -55.28 55.38 -22.85
C ILE C 1313 -55.61 55.60 -21.40
N ASP C 1314 -56.49 54.74 -20.92
CA ASP C 1314 -56.76 54.71 -19.50
C ASP C 1314 -57.32 53.35 -19.13
N VAL C 1315 -56.49 52.55 -18.46
CA VAL C 1315 -56.92 51.33 -17.80
C VAL C 1315 -57.48 51.73 -16.43
N SER C 1316 -58.44 50.96 -15.92
CA SER C 1316 -59.16 51.31 -14.70
C SER C 1316 -60.09 50.20 -14.20
N TYR C 1317 -60.24 50.12 -12.88
CA TYR C 1317 -61.12 49.15 -12.25
C TYR C 1317 -62.56 49.58 -12.33
N LYS C 1318 -63.47 48.62 -12.36
CA LYS C 1318 -64.89 48.90 -12.54
C LYS C 1318 -65.45 49.76 -11.42
N HIS C 1319 -65.08 49.43 -10.19
CA HIS C 1319 -65.62 50.13 -9.04
C HIS C 1319 -64.51 50.85 -8.27
N LYS C 1320 -63.37 50.19 -8.15
CA LYS C 1320 -62.19 50.81 -7.55
C LYS C 1320 -61.79 52.06 -8.32
N GLY C 1321 -61.24 53.04 -7.59
CA GLY C 1321 -60.71 54.26 -8.22
C GLY C 1321 -59.78 53.97 -9.37
N ALA C 1322 -59.38 55.02 -10.07
CA ALA C 1322 -58.60 54.85 -11.28
C ALA C 1322 -57.17 54.35 -11.07
N LEU C 1323 -56.79 53.40 -11.90
CA LEU C 1323 -55.40 52.99 -12.10
C LEU C 1323 -54.81 53.92 -13.17
N HIS C 1324 -53.58 53.64 -13.61
CA HIS C 1324 -52.87 54.54 -14.52
C HIS C 1324 -53.58 54.89 -15.83
N ASN C 1325 -53.01 55.88 -16.51
CA ASN C 1325 -53.54 56.39 -17.77
C ASN C 1325 -52.48 57.21 -18.46
N TYR C 1326 -52.18 56.85 -19.68
CA TYR C 1326 -51.05 57.48 -20.31
C TYR C 1326 -51.22 57.82 -21.75
N LYS C 1327 -50.88 59.05 -22.09
CA LYS C 1327 -50.85 59.43 -23.48
C LYS C 1327 -49.74 58.66 -24.19
N MET C 1328 -50.15 57.82 -25.14
CA MET C 1328 -49.25 57.09 -26.03
C MET C 1328 -48.82 58.00 -27.21
N THR C 1329 -47.73 57.70 -27.89
CA THR C 1329 -47.37 58.37 -29.14
C THR C 1329 -46.30 57.48 -29.72
N ASP C 1330 -45.48 57.99 -30.63
CA ASP C 1330 -44.36 57.20 -31.12
C ASP C 1330 -43.11 57.41 -30.25
N LYS C 1331 -43.28 58.20 -29.20
CA LYS C 1331 -42.31 58.38 -28.12
C LYS C 1331 -42.15 57.12 -27.26
N ASN C 1332 -43.18 56.83 -26.45
CA ASN C 1332 -43.36 55.51 -25.85
C ASN C 1332 -44.46 54.76 -26.57
N PHE C 1333 -44.25 53.49 -26.84
CA PHE C 1333 -45.39 52.68 -27.19
C PHE C 1333 -45.23 51.25 -26.75
N LEU C 1334 -43.99 50.86 -26.52
CA LEU C 1334 -43.75 49.52 -26.00
C LEU C 1334 -43.78 49.51 -24.46
N GLY C 1335 -44.53 50.45 -23.90
CA GLY C 1335 -44.61 50.65 -22.46
C GLY C 1335 -44.47 49.45 -21.54
N ARG C 1336 -44.42 49.77 -20.25
CA ARG C 1336 -44.37 48.77 -19.20
C ARG C 1336 -45.63 47.92 -19.29
N PRO C 1337 -45.50 46.60 -19.02
CA PRO C 1337 -46.66 45.78 -18.64
C PRO C 1337 -47.26 46.24 -17.30
N VAL C 1338 -48.30 45.56 -16.84
CA VAL C 1338 -48.84 45.84 -15.50
C VAL C 1338 -49.76 44.72 -15.06
N GLU C 1339 -49.48 44.21 -13.88
CA GLU C 1339 -50.24 43.11 -13.33
C GLU C 1339 -51.42 43.70 -12.58
N VAL C 1340 -52.59 43.16 -12.87
CA VAL C 1340 -53.79 43.63 -12.22
C VAL C 1340 -53.95 43.02 -10.85
N LEU C 1341 -53.72 43.86 -9.85
CA LEU C 1341 -53.83 43.49 -8.45
C LEU C 1341 -55.28 43.22 -8.05
N LEU C 1342 -55.96 44.29 -7.66
CA LEU C 1342 -57.21 44.27 -6.90
C LEU C 1342 -58.32 43.36 -7.44
N ASN C 1343 -59.50 43.45 -6.83
CA ASN C 1343 -60.62 42.61 -7.26
C ASN C 1343 -61.78 43.36 -7.90
N ASP C 1344 -61.65 43.60 -9.20
CA ASP C 1344 -62.61 44.43 -9.92
C ASP C 1344 -62.76 43.89 -11.35
N ASP C 1345 -63.62 44.52 -12.12
CA ASP C 1345 -63.68 44.26 -13.54
C ASP C 1345 -62.89 45.37 -14.23
N LEU C 1346 -62.15 45.02 -15.28
CA LEU C 1346 -61.24 45.99 -15.85
C LEU C 1346 -61.80 46.68 -17.08
N ILE C 1347 -61.20 47.84 -17.41
CA ILE C 1347 -61.58 48.63 -18.59
C ILE C 1347 -60.48 49.55 -19.17
N VAL C 1348 -59.73 49.01 -20.14
CA VAL C 1348 -58.95 49.80 -21.10
C VAL C 1348 -59.96 50.63 -21.90
N SER C 1349 -59.61 51.89 -22.23
CA SER C 1349 -60.57 52.83 -22.83
C SER C 1349 -59.96 54.15 -23.33
N THR C 1350 -59.34 54.11 -24.49
CA THR C 1350 -58.78 55.33 -25.06
C THR C 1350 -59.87 56.39 -25.31
N GLY C 1351 -59.46 57.64 -25.51
CA GLY C 1351 -60.35 58.71 -25.95
C GLY C 1351 -60.38 58.72 -27.46
N PHE C 1352 -60.17 59.87 -28.09
CA PHE C 1352 -60.23 59.84 -29.56
C PHE C 1352 -58.98 59.28 -30.20
N GLY C 1353 -58.16 60.18 -30.73
CA GLY C 1353 -56.80 59.86 -31.15
C GLY C 1353 -56.61 59.28 -32.53
N SER C 1354 -55.59 58.44 -32.67
CA SER C 1354 -55.24 57.80 -33.94
C SER C 1354 -54.23 56.64 -33.81
N GLY C 1355 -54.11 55.87 -34.89
CA GLY C 1355 -53.21 54.71 -34.91
C GLY C 1355 -53.85 53.44 -34.37
N LEU C 1356 -53.02 52.58 -33.79
CA LEU C 1356 -53.41 51.23 -33.44
C LEU C 1356 -52.80 50.74 -32.12
N ALA C 1357 -53.62 50.26 -31.19
CA ALA C 1357 -53.10 49.74 -29.91
C ALA C 1357 -53.59 48.34 -29.58
N THR C 1358 -52.66 47.40 -29.43
CA THR C 1358 -53.01 46.02 -29.08
C THR C 1358 -53.04 45.81 -27.55
N VAL C 1359 -54.22 45.88 -26.96
CA VAL C 1359 -54.41 45.58 -25.55
C VAL C 1359 -54.40 44.05 -25.39
N HIS C 1360 -53.30 43.49 -24.87
CA HIS C 1360 -53.32 42.09 -24.49
C HIS C 1360 -53.42 41.96 -22.99
N VAL C 1361 -54.08 40.89 -22.57
CA VAL C 1361 -54.26 40.66 -21.16
C VAL C 1361 -54.32 39.15 -20.86
N THR C 1362 -53.22 38.69 -20.26
CA THR C 1362 -52.96 37.30 -19.94
C THR C 1362 -53.12 37.11 -18.43
N THR C 1363 -54.25 36.48 -18.08
CA THR C 1363 -54.69 36.23 -16.72
C THR C 1363 -54.37 34.79 -16.33
N VAL C 1364 -53.68 34.61 -15.21
CA VAL C 1364 -53.28 33.29 -14.74
C VAL C 1364 -53.84 32.88 -13.40
N VAL C 1365 -54.18 31.61 -13.31
CA VAL C 1365 -54.84 31.19 -12.12
C VAL C 1365 -54.47 29.73 -11.85
N HIS C 1366 -54.46 29.35 -10.57
CA HIS C 1366 -54.14 27.98 -10.21
C HIS C 1366 -55.42 27.21 -9.89
N LYS C 1367 -55.58 26.06 -10.53
CA LYS C 1367 -56.73 25.20 -10.25
C LYS C 1367 -56.37 23.84 -9.65
N THR C 1368 -57.40 23.11 -9.23
CA THR C 1368 -57.23 21.91 -8.44
C THR C 1368 -57.59 20.62 -9.21
N SER C 1369 -58.10 20.76 -10.43
CA SER C 1369 -58.64 19.59 -11.15
C SER C 1369 -58.51 19.67 -12.67
N THR C 1370 -58.18 18.53 -13.28
CA THR C 1370 -58.19 18.34 -14.74
C THR C 1370 -59.45 17.59 -15.13
N SER C 1371 -60.25 17.20 -14.15
CA SER C 1371 -61.50 16.50 -14.42
C SER C 1371 -62.27 17.18 -15.56
N GLU C 1372 -62.33 18.50 -15.53
CA GLU C 1372 -62.98 19.28 -16.57
C GLU C 1372 -62.40 18.98 -17.96
N GLU C 1373 -61.17 19.44 -18.15
CA GLU C 1373 -60.47 19.52 -19.43
C GLU C 1373 -60.59 18.32 -20.37
N VAL C 1374 -60.03 18.49 -21.56
CA VAL C 1374 -60.07 17.50 -22.61
C VAL C 1374 -58.89 16.60 -22.55
N CYS C 1375 -59.09 15.30 -22.51
CA CYS C 1375 -57.92 14.47 -22.73
C CYS C 1375 -57.75 14.12 -24.22
N SER C 1376 -56.57 14.45 -24.73
CA SER C 1376 -56.13 14.08 -26.05
C SER C 1376 -55.05 13.02 -25.88
N PHE C 1377 -54.65 12.80 -24.62
CA PHE C 1377 -53.69 11.75 -24.26
C PHE C 1377 -54.11 10.82 -23.09
N TYR C 1378 -54.04 9.52 -23.36
CA TYR C 1378 -54.22 8.52 -22.33
C TYR C 1378 -52.93 8.38 -21.54
N LEU C 1379 -53.05 8.34 -20.21
CA LEU C 1379 -51.90 8.25 -19.32
C LEU C 1379 -52.07 7.22 -18.18
N LYS C 1380 -50.95 6.94 -17.52
CA LYS C 1380 -50.94 6.30 -16.22
C LYS C 1380 -49.58 6.61 -15.56
N ILE C 1381 -49.63 7.13 -14.33
CA ILE C 1381 -48.43 7.42 -13.54
C ILE C 1381 -48.57 6.91 -12.10
N ASP C 1382 -47.49 6.33 -11.59
CA ASP C 1382 -47.44 5.84 -10.21
C ASP C 1382 -46.00 5.59 -9.80
N THR C 1383 -45.74 5.71 -8.51
CA THR C 1383 -44.39 5.59 -8.00
C THR C 1383 -44.15 4.18 -7.42
N GLN C 1384 -43.18 3.46 -7.99
CA GLN C 1384 -42.91 2.07 -7.61
C GLN C 1384 -41.83 1.94 -6.51
N ASP C 1385 -41.48 0.71 -6.12
CA ASP C 1385 -40.46 0.53 -5.08
C ASP C 1385 -39.33 -0.46 -5.41
N ILE C 1386 -39.57 -1.37 -6.35
CA ILE C 1386 -38.56 -2.34 -6.81
C ILE C 1386 -37.38 -1.66 -7.52
N TYR C 1399 -35.13 1.35 -4.56
CA TYR C 1399 -35.47 2.27 -3.49
C TYR C 1399 -36.83 2.87 -3.76
N LYS C 1400 -36.92 3.59 -4.87
CA LYS C 1400 -38.17 4.14 -5.35
C LYS C 1400 -38.00 4.82 -6.72
N ARG C 1401 -38.89 4.46 -7.67
CA ARG C 1401 -38.78 4.86 -9.07
C ARG C 1401 -40.15 5.06 -9.76
N ILE C 1402 -40.16 5.99 -10.72
CA ILE C 1402 -41.36 6.45 -11.42
C ILE C 1402 -41.57 5.77 -12.78
N VAL C 1403 -42.72 5.10 -12.95
CA VAL C 1403 -43.13 4.54 -14.25
C VAL C 1403 -44.42 5.18 -14.72
N ALA C 1404 -44.30 6.15 -15.65
CA ALA C 1404 -45.41 6.92 -16.24
C ALA C 1404 -45.59 6.59 -17.70
N CYS C 1405 -46.85 6.48 -18.13
CA CYS C 1405 -47.17 5.99 -19.46
C CYS C 1405 -48.03 6.97 -20.24
N ALA C 1406 -48.41 6.52 -21.43
CA ALA C 1406 -49.17 7.36 -22.34
C ALA C 1406 -49.58 6.55 -23.56
N SER C 1407 -50.76 6.84 -24.09
CA SER C 1407 -51.09 6.45 -25.45
C SER C 1407 -51.90 7.53 -26.11
N TYR C 1408 -51.58 7.81 -27.36
CA TYR C 1408 -52.23 8.89 -28.07
C TYR C 1408 -53.73 8.62 -28.26
N LYS C 1409 -54.52 9.69 -28.20
CA LYS C 1409 -55.95 9.65 -28.47
C LYS C 1409 -56.23 10.23 -29.85
N PRO C 1410 -56.33 9.37 -30.87
CA PRO C 1410 -56.60 9.82 -32.25
C PRO C 1410 -57.92 10.56 -32.37
N SER C 1411 -57.88 11.81 -32.85
CA SER C 1411 -59.08 12.57 -33.18
C SER C 1411 -59.72 11.96 -34.41
N ARG C 1412 -61.03 12.14 -34.57
CA ARG C 1412 -61.72 11.53 -35.70
C ARG C 1412 -60.97 11.82 -36.99
N GLU C 1413 -61.13 10.94 -37.96
CA GLU C 1413 -60.53 11.12 -39.28
C GLU C 1413 -59.04 10.85 -39.25
N GLU C 1414 -58.46 10.78 -38.07
CA GLU C 1414 -57.00 10.66 -37.97
C GLU C 1414 -56.48 9.23 -38.10
N SER C 1415 -55.27 9.11 -38.63
CA SER C 1415 -54.70 7.80 -38.88
C SER C 1415 -54.32 7.07 -37.59
N SER C 1416 -54.27 5.75 -37.68
CA SER C 1416 -53.95 4.90 -36.54
C SER C 1416 -52.51 5.09 -36.07
N SER C 1417 -51.68 5.67 -36.93
CA SER C 1417 -50.27 5.77 -36.59
C SER C 1417 -50.07 6.42 -35.23
N GLY C 1418 -50.99 7.26 -34.80
CA GLY C 1418 -50.83 7.96 -33.54
C GLY C 1418 -50.10 9.28 -33.74
N SER C 1419 -49.43 9.77 -32.70
CA SER C 1419 -48.99 11.16 -32.67
C SER C 1419 -47.84 11.60 -33.60
N SER C 1420 -47.67 12.91 -33.71
CA SER C 1420 -46.53 13.55 -34.37
C SER C 1420 -45.47 13.81 -33.33
N HIS C 1421 -44.49 14.64 -33.66
CA HIS C 1421 -43.45 15.02 -32.70
C HIS C 1421 -44.04 15.60 -31.41
N ALA C 1422 -43.66 15.02 -30.27
CA ALA C 1422 -44.27 15.34 -28.98
C ALA C 1422 -43.32 15.25 -27.79
N VAL C 1423 -43.76 15.87 -26.70
CA VAL C 1423 -43.00 15.95 -25.45
C VAL C 1423 -43.73 15.25 -24.28
N MET C 1424 -42.96 14.82 -23.28
CA MET C 1424 -43.53 14.38 -21.99
C MET C 1424 -43.00 15.27 -20.87
N ASP C 1425 -43.89 15.75 -20.01
CA ASP C 1425 -43.54 16.74 -18.97
C ASP C 1425 -43.98 16.29 -17.58
N ILE C 1426 -43.00 15.92 -16.74
CA ILE C 1426 -43.23 15.51 -15.35
C ILE C 1426 -42.67 16.50 -14.34
N SER C 1427 -43.57 17.02 -13.53
CA SER C 1427 -43.26 17.84 -12.39
C SER C 1427 -42.88 16.90 -11.27
N LEU C 1428 -41.85 17.24 -10.50
CA LEU C 1428 -41.38 16.37 -9.42
C LEU C 1428 -41.69 16.93 -8.03
N PRO C 1429 -42.42 16.13 -7.23
CA PRO C 1429 -42.96 16.52 -5.92
C PRO C 1429 -41.92 17.28 -5.12
N THR C 1430 -42.30 18.35 -4.44
CA THR C 1430 -41.28 19.23 -3.88
C THR C 1430 -40.09 18.47 -3.21
N GLY C 1431 -38.89 18.65 -3.78
CA GLY C 1431 -37.69 17.93 -3.37
C GLY C 1431 -37.67 16.44 -3.65
N ILE C 1432 -37.49 16.04 -4.92
CA ILE C 1432 -37.46 14.61 -5.29
C ILE C 1432 -36.59 14.30 -6.52
N SER C 1433 -35.40 14.92 -6.60
CA SER C 1433 -34.43 14.64 -7.66
C SER C 1433 -34.70 13.34 -8.41
N ALA C 1434 -34.45 13.38 -9.71
CA ALA C 1434 -34.73 12.24 -10.54
C ALA C 1434 -33.45 11.68 -11.10
N ASN C 1435 -33.52 10.41 -11.50
CA ASN C 1435 -32.34 9.66 -11.84
C ASN C 1435 -31.59 10.12 -13.09
N GLU C 1436 -30.83 11.21 -12.97
CA GLU C 1436 -30.08 11.72 -14.10
C GLU C 1436 -29.59 10.60 -14.99
N GLU C 1437 -28.92 9.62 -14.41
CA GLU C 1437 -28.36 8.54 -15.19
C GLU C 1437 -29.47 7.74 -15.86
N ASP C 1438 -30.61 7.62 -15.20
CA ASP C 1438 -31.65 6.77 -15.71
C ASP C 1438 -32.04 7.20 -17.10
N LEU C 1439 -32.21 8.51 -17.29
CA LEU C 1439 -32.83 9.09 -18.51
C LEU C 1439 -31.90 8.98 -19.72
N LYS C 1440 -30.65 9.41 -19.54
CA LYS C 1440 -29.59 9.24 -20.53
C LYS C 1440 -29.60 7.83 -21.14
N ALA C 1441 -30.19 6.89 -20.40
CA ALA C 1441 -30.23 5.48 -20.79
C ALA C 1441 -31.22 5.31 -21.91
N LEU C 1442 -32.41 5.81 -21.62
CA LEU C 1442 -33.51 5.80 -22.52
C LEU C 1442 -33.13 6.44 -23.87
N VAL C 1443 -32.53 7.62 -23.85
CA VAL C 1443 -32.21 8.36 -25.08
C VAL C 1443 -30.89 7.97 -25.73
N GLU C 1444 -29.84 7.79 -24.93
CA GLU C 1444 -28.50 7.70 -25.46
C GLU C 1444 -28.21 6.43 -26.26
N GLY C 1445 -29.24 5.78 -26.79
CA GLY C 1445 -29.01 4.55 -27.53
C GLY C 1445 -29.85 4.32 -28.77
N VAL C 1446 -29.34 3.44 -29.64
CA VAL C 1446 -30.04 2.94 -30.83
C VAL C 1446 -31.33 2.22 -30.47
N ASP C 1447 -31.51 1.93 -29.19
CA ASP C 1447 -32.84 1.56 -28.73
C ASP C 1447 -33.53 2.82 -28.24
N GLN C 1448 -33.28 3.95 -28.90
CA GLN C 1448 -33.80 5.23 -28.42
C GLN C 1448 -35.32 5.34 -28.42
N LEU C 1449 -35.87 5.22 -27.22
CA LEU C 1449 -37.29 5.28 -26.92
C LEU C 1449 -37.76 6.70 -26.77
N PHE C 1450 -36.82 7.56 -26.37
CA PHE C 1450 -37.00 9.01 -26.41
C PHE C 1450 -35.75 9.53 -27.07
N THR C 1451 -35.64 10.84 -27.17
CA THR C 1451 -34.57 11.43 -27.94
C THR C 1451 -34.11 12.72 -27.30
N ASP C 1452 -34.81 13.12 -26.27
CA ASP C 1452 -34.32 14.23 -25.50
C ASP C 1452 -34.96 14.29 -24.14
N TYR C 1453 -34.09 14.32 -23.15
CA TYR C 1453 -34.50 14.46 -21.77
C TYR C 1453 -33.94 15.80 -21.31
N GLN C 1454 -34.53 16.37 -20.26
CA GLN C 1454 -33.91 17.54 -19.64
C GLN C 1454 -34.63 17.93 -18.39
N ILE C 1455 -33.87 18.01 -17.32
CA ILE C 1455 -34.43 18.39 -16.04
C ILE C 1455 -34.30 19.88 -15.84
N LYS C 1456 -35.38 20.60 -16.09
CA LYS C 1456 -35.35 22.01 -15.80
C LYS C 1456 -36.24 22.37 -14.62
N ASP C 1457 -35.75 23.32 -13.84
CA ASP C 1457 -36.47 23.89 -12.72
C ASP C 1457 -37.59 22.97 -12.26
N GLY C 1458 -37.23 21.78 -11.81
CA GLY C 1458 -38.19 20.89 -11.16
C GLY C 1458 -38.97 19.96 -12.08
N HIS C 1459 -38.58 19.90 -13.33
CA HIS C 1459 -39.36 19.10 -14.23
C HIS C 1459 -38.49 18.26 -15.09
N VAL C 1460 -38.95 17.03 -15.30
CA VAL C 1460 -38.34 16.12 -16.23
C VAL C 1460 -39.06 16.25 -17.56
N ILE C 1461 -38.32 16.61 -18.60
CA ILE C 1461 -38.94 16.86 -19.91
C ILE C 1461 -38.37 16.04 -21.06
N LEU C 1462 -39.21 15.15 -21.57
CA LEU C 1462 -38.78 14.18 -22.55
C LEU C 1462 -39.37 14.47 -23.90
N GLN C 1463 -38.54 14.42 -24.94
CA GLN C 1463 -39.01 14.55 -26.31
C GLN C 1463 -38.84 13.25 -27.10
N LEU C 1464 -39.64 13.14 -28.14
CA LEU C 1464 -39.62 12.00 -29.02
C LEU C 1464 -40.57 12.27 -30.15
N ASN C 1465 -40.56 11.35 -31.10
CA ASN C 1465 -41.24 11.53 -32.37
C ASN C 1465 -42.72 11.22 -32.37
N SER C 1466 -43.15 10.23 -31.58
CA SER C 1466 -44.55 9.79 -31.60
C SER C 1466 -45.01 9.28 -30.24
N ILE C 1467 -46.30 9.04 -30.10
CA ILE C 1467 -46.84 8.39 -28.92
C ILE C 1467 -47.90 7.41 -29.38
N PRO C 1468 -47.52 6.48 -30.27
CA PRO C 1468 -48.44 5.53 -30.94
C PRO C 1468 -49.58 4.94 -30.08
N SER C 1469 -50.65 4.57 -30.74
CA SER C 1469 -51.90 4.32 -30.07
C SER C 1469 -52.27 2.87 -30.16
N SER C 1470 -51.34 2.07 -30.64
CA SER C 1470 -51.50 0.62 -30.60
C SER C 1470 -51.50 0.15 -29.14
N ASP C 1471 -50.62 0.75 -28.36
CA ASP C 1471 -50.49 0.50 -26.92
C ASP C 1471 -49.90 1.76 -26.31
N PHE C 1472 -49.61 1.74 -25.01
CA PHE C 1472 -48.98 2.90 -24.38
C PHE C 1472 -47.54 3.05 -24.82
N LEU C 1473 -46.86 4.00 -24.22
CA LEU C 1473 -45.44 4.20 -24.38
C LEU C 1473 -44.93 4.72 -23.05
N CYS C 1474 -44.09 3.93 -22.36
CA CYS C 1474 -43.70 4.30 -21.00
C CYS C 1474 -42.21 4.52 -20.71
N VAL C 1475 -41.97 5.58 -19.96
CA VAL C 1475 -40.65 5.93 -19.46
C VAL C 1475 -40.50 5.32 -18.05
N ARG C 1476 -39.26 5.27 -17.54
CA ARG C 1476 -39.05 4.93 -16.14
C ARG C 1476 -37.71 5.44 -15.64
N PHE C 1477 -37.75 5.99 -14.44
CA PHE C 1477 -36.58 6.57 -13.79
C PHE C 1477 -36.75 6.56 -12.27
N ARG C 1478 -35.65 6.61 -11.53
CA ARG C 1478 -35.71 6.42 -10.10
C ARG C 1478 -35.47 7.75 -9.38
N ILE C 1479 -35.85 7.82 -8.11
CA ILE C 1479 -35.82 9.10 -7.40
C ILE C 1479 -35.48 9.02 -5.89
N PHE C 1480 -34.65 9.96 -5.42
CA PHE C 1480 -34.15 9.99 -4.06
C PHE C 1480 -34.38 11.33 -3.38
N GLU C 1481 -35.37 11.36 -2.49
CA GLU C 1481 -35.70 12.59 -1.80
C GLU C 1481 -34.42 13.28 -1.39
N LEU C 1482 -34.17 14.47 -1.94
CA LEU C 1482 -33.00 15.27 -1.58
C LEU C 1482 -33.18 15.88 -0.19
N PHE C 1483 -34.43 15.87 0.30
CA PHE C 1483 -34.66 16.19 1.71
C PHE C 1483 -36.09 15.96 2.23
N GLU C 1484 -36.30 16.41 3.45
CA GLU C 1484 -37.46 15.99 4.22
C GLU C 1484 -38.61 16.91 3.93
N VAL C 1485 -39.62 16.35 3.28
CA VAL C 1485 -40.73 17.13 2.78
C VAL C 1485 -42.02 16.81 3.51
N GLY C 1486 -42.65 17.83 4.07
CA GLY C 1486 -43.85 17.65 4.89
C GLY C 1486 -44.99 17.03 4.12
N PHE C 1487 -46.20 17.27 4.57
CA PHE C 1487 -47.35 16.91 3.77
C PHE C 1487 -47.12 17.57 2.42
N LEU C 1488 -46.87 16.76 1.38
CA LEU C 1488 -46.62 17.33 0.05
C LEU C 1488 -47.84 17.43 -0.85
N SER C 1489 -47.95 18.55 -1.60
CA SER C 1489 -48.97 18.72 -2.64
C SER C 1489 -48.44 18.12 -3.94
N PRO C 1490 -49.20 17.19 -4.54
CA PRO C 1490 -48.74 16.34 -5.65
C PRO C 1490 -48.10 17.14 -6.76
N ALA C 1491 -47.34 16.50 -7.62
CA ALA C 1491 -46.84 17.16 -8.82
C ALA C 1491 -47.75 16.82 -9.98
N THR C 1492 -47.28 17.07 -11.19
CA THR C 1492 -48.16 17.02 -12.33
C THR C 1492 -47.52 16.35 -13.54
N PHE C 1493 -48.12 15.25 -13.98
CA PHE C 1493 -47.65 14.64 -15.20
C PHE C 1493 -48.50 15.15 -16.32
N THR C 1494 -47.88 15.94 -17.22
CA THR C 1494 -48.55 16.48 -18.40
C THR C 1494 -47.89 16.00 -19.71
N VAL C 1495 -48.71 15.70 -20.73
CA VAL C 1495 -48.19 15.24 -22.03
C VAL C 1495 -48.92 15.88 -23.24
N TYR C 1496 -48.21 16.75 -23.98
CA TYR C 1496 -48.77 17.42 -25.16
C TYR C 1496 -47.88 17.30 -26.41
N GLU C 1497 -48.51 17.45 -27.57
CA GLU C 1497 -47.84 17.32 -28.88
C GLU C 1497 -47.13 18.61 -29.30
N TYR C 1498 -45.83 18.51 -29.57
CA TYR C 1498 -45.03 19.72 -29.73
C TYR C 1498 -45.76 20.68 -30.63
N HIS C 1499 -46.14 20.21 -31.81
CA HIS C 1499 -46.68 21.13 -32.80
C HIS C 1499 -48.11 21.58 -32.55
N ARG C 1500 -48.91 20.80 -31.82
CA ARG C 1500 -50.26 21.25 -31.46
C ARG C 1500 -50.60 21.09 -29.97
N PRO C 1501 -50.29 22.14 -29.19
CA PRO C 1501 -50.46 22.36 -27.75
C PRO C 1501 -51.91 22.22 -27.33
N ASP C 1502 -52.71 21.78 -28.27
CA ASP C 1502 -54.13 21.68 -28.05
C ASP C 1502 -54.40 20.36 -27.34
N LYS C 1503 -53.47 19.43 -27.51
CA LYS C 1503 -53.63 18.05 -27.07
C LYS C 1503 -53.31 17.78 -25.57
N GLN C 1504 -53.33 18.82 -24.76
CA GLN C 1504 -52.86 18.76 -23.37
C GLN C 1504 -53.69 17.93 -22.42
N CYS C 1505 -53.40 16.64 -22.35
CA CYS C 1505 -53.84 15.82 -21.22
C CYS C 1505 -52.91 15.92 -20.00
N THR C 1506 -53.36 16.68 -19.00
CA THR C 1506 -52.61 17.01 -17.80
C THR C 1506 -53.19 16.22 -16.63
N MET C 1507 -52.33 15.78 -15.71
CA MET C 1507 -52.74 14.96 -14.56
C MET C 1507 -51.90 15.00 -13.27
N PHE C 1508 -52.62 15.13 -12.15
CA PHE C 1508 -52.03 15.16 -10.82
C PHE C 1508 -51.55 13.76 -10.39
N TYR C 1509 -50.53 13.69 -9.53
CA TYR C 1509 -50.08 12.42 -8.93
C TYR C 1509 -49.18 12.73 -7.73
N SER C 1510 -49.10 11.79 -6.78
CA SER C 1510 -48.22 11.97 -5.62
C SER C 1510 -47.24 10.82 -5.42
N THR C 1511 -46.04 11.19 -4.96
CA THR C 1511 -44.90 10.30 -4.97
C THR C 1511 -44.84 9.50 -3.69
N SER C 1512 -45.95 9.43 -3.00
CA SER C 1512 -45.97 8.75 -1.71
C SER C 1512 -47.37 8.33 -1.32
N ASN C 1513 -47.45 7.21 -0.63
CA ASN C 1513 -48.73 6.68 -0.19
C ASN C 1513 -49.06 7.17 1.21
N ILE C 1514 -48.11 7.90 1.81
CA ILE C 1514 -48.25 8.38 3.20
C ILE C 1514 -49.50 9.24 3.40
N SER D 1 2.53 62.30 -33.85
CA SER D 1 3.29 61.37 -33.04
C SER D 1 3.72 60.16 -33.86
N SER D 2 4.42 60.42 -34.96
CA SER D 2 4.96 59.36 -35.82
C SER D 2 5.97 58.51 -35.04
N GLU D 3 6.05 57.23 -35.38
CA GLU D 3 6.96 56.29 -34.70
C GLU D 3 7.77 55.46 -35.71
N THR D 4 8.75 56.08 -36.36
CA THR D 4 9.55 55.37 -37.36
C THR D 4 10.66 54.53 -36.69
N ASN D 5 10.84 53.31 -37.17
CA ASN D 5 11.92 52.45 -36.69
C ASN D 5 13.15 52.50 -37.61
N THR D 6 14.02 53.49 -37.38
CA THR D 6 15.23 53.68 -38.18
C THR D 6 16.33 52.67 -37.86
N HIS D 7 17.23 52.44 -38.82
CA HIS D 7 18.31 51.49 -38.65
C HIS D 7 19.69 52.16 -38.70
N LEU D 8 20.46 52.04 -37.62
CA LEU D 8 21.83 52.58 -37.59
C LEU D 8 22.93 51.50 -37.42
N PHE D 9 23.98 51.62 -38.22
CA PHE D 9 25.11 50.69 -38.16
C PHE D 9 26.19 51.19 -37.19
N VAL D 10 26.69 50.29 -36.37
CA VAL D 10 27.80 50.58 -35.48
C VAL D 10 29.05 49.88 -35.98
N ASN D 11 30.18 50.58 -35.92
CA ASN D 11 31.47 50.00 -36.29
C ASN D 11 32.62 50.43 -35.36
N LYS D 12 33.13 49.52 -34.53
CA LYS D 12 34.26 49.84 -33.67
C LYS D 12 35.58 49.72 -34.46
N VAL D 13 36.47 50.69 -34.33
CA VAL D 13 37.76 50.64 -35.04
C VAL D 13 38.94 50.36 -34.11
N TYR D 14 39.17 49.08 -33.81
CA TYR D 14 40.33 48.68 -33.01
C TYR D 14 41.56 48.63 -33.89
N GLY D 15 41.75 49.65 -34.70
CA GLY D 15 42.78 49.64 -35.73
C GLY D 15 42.43 48.65 -36.81
N GLY D 16 43.42 47.90 -37.30
CA GLY D 16 43.20 46.83 -38.28
C GLY D 16 42.19 45.79 -37.82
N ASN D 17 41.25 46.25 -37.01
CA ASN D 17 40.14 45.46 -36.54
C ASN D 17 38.88 46.29 -36.62
N LEU D 18 37.77 45.63 -36.87
CA LEU D 18 36.48 46.27 -36.77
C LEU D 18 35.38 45.26 -36.47
N ASP D 19 34.69 45.49 -35.36
CA ASP D 19 33.49 44.74 -34.99
C ASP D 19 32.29 45.65 -35.24
N ALA D 20 31.50 45.31 -36.27
CA ALA D 20 30.35 46.10 -36.74
C ALA D 20 28.99 45.43 -36.51
N SER D 21 28.11 46.16 -35.83
CA SER D 21 26.76 45.70 -35.54
C SER D 21 25.81 46.58 -36.33
N ILE D 22 24.75 45.99 -36.92
CA ILE D 22 23.64 46.77 -37.50
C ILE D 22 22.46 46.74 -36.52
N ASP D 23 21.78 47.88 -36.35
CA ASP D 23 20.81 47.98 -35.27
C ASP D 23 19.72 49.01 -35.60
N SER D 24 18.91 49.39 -34.60
CA SER D 24 17.77 50.28 -34.81
C SER D 24 17.64 51.38 -33.77
N PHE D 25 17.05 52.51 -34.17
CA PHE D 25 16.69 53.58 -33.23
C PHE D 25 15.18 53.72 -33.30
N SER D 26 14.62 54.56 -32.43
CA SER D 26 13.18 54.78 -32.46
C SER D 26 12.85 56.26 -32.27
N ILE D 27 12.51 56.91 -33.38
CA ILE D 27 12.12 58.31 -33.40
C ILE D 27 10.63 58.41 -33.10
N ASN D 28 10.31 59.07 -31.99
CA ASN D 28 8.93 59.10 -31.48
C ASN D 28 8.15 60.34 -31.87
N LYS D 29 8.60 61.02 -32.93
CA LYS D 29 7.99 62.28 -33.34
C LYS D 29 8.07 62.46 -34.86
N GLU D 30 7.46 63.54 -35.37
CA GLU D 30 7.50 63.89 -36.79
C GLU D 30 8.68 64.81 -37.12
N GLU D 31 9.11 65.57 -36.12
CA GLU D 31 10.30 66.41 -36.22
C GLU D 31 10.99 66.44 -34.86
N VAL D 32 12.30 66.23 -34.84
CA VAL D 32 13.02 66.18 -33.57
C VAL D 32 14.22 67.11 -33.54
N SER D 33 14.48 67.65 -32.36
CA SER D 33 15.65 68.49 -32.14
C SER D 33 16.92 67.67 -32.25
N LEU D 34 17.88 68.18 -33.02
CA LEU D 34 19.18 67.52 -33.17
C LEU D 34 19.82 67.32 -31.81
N LYS D 35 19.36 68.08 -30.83
CA LYS D 35 19.75 67.90 -29.44
C LYS D 35 19.21 66.56 -28.97
N GLU D 36 17.90 66.41 -29.04
CA GLU D 36 17.25 65.15 -28.66
C GLU D 36 17.75 64.04 -29.57
N LEU D 37 18.06 64.41 -30.81
CA LEU D 37 18.61 63.48 -31.79
C LEU D 37 19.92 62.96 -31.25
N ASP D 38 20.70 63.89 -30.73
CA ASP D 38 22.04 63.62 -30.27
C ASP D 38 22.08 62.99 -28.88
N PHE D 39 21.16 63.40 -28.01
CA PHE D 39 21.12 62.86 -26.64
C PHE D 39 20.70 61.40 -26.63
N LYS D 40 19.92 61.01 -27.65
CA LYS D 40 19.47 59.62 -27.75
C LYS D 40 20.56 58.73 -28.38
N ILE D 41 21.22 59.24 -29.40
CA ILE D 41 22.28 58.51 -30.10
C ILE D 41 23.38 58.00 -29.14
N ARG D 42 24.01 58.93 -28.43
CA ARG D 42 24.99 58.56 -27.42
C ARG D 42 24.36 57.78 -26.25
N GLN D 43 23.11 58.10 -25.92
CA GLN D 43 22.43 57.46 -24.79
C GLN D 43 22.50 55.94 -24.90
N HIS D 44 22.25 55.46 -26.11
CA HIS D 44 22.29 54.03 -26.44
C HIS D 44 23.71 53.52 -26.58
N LEU D 45 24.50 54.17 -27.42
CA LEU D 45 25.92 53.86 -27.50
C LEU D 45 26.48 53.69 -26.07
N VAL D 46 26.07 54.59 -25.18
CA VAL D 46 26.51 54.60 -23.78
C VAL D 46 25.97 53.42 -23.02
N LYS D 47 24.80 52.96 -23.38
CA LYS D 47 24.24 51.86 -22.60
C LYS D 47 24.30 50.53 -23.33
N ASN D 48 24.90 50.50 -24.52
CA ASN D 48 24.94 49.29 -25.35
C ASN D 48 26.21 48.96 -26.15
N TYR D 49 26.92 49.97 -26.66
CA TYR D 49 28.09 49.70 -27.50
C TYR D 49 29.39 50.14 -26.86
N GLY D 50 29.38 50.28 -25.54
CA GLY D 50 30.55 50.70 -24.81
C GLY D 50 31.11 52.00 -25.32
N LEU D 51 30.50 53.11 -24.92
CA LEU D 51 31.05 54.44 -25.14
C LEU D 51 31.19 55.18 -23.81
N TYR D 52 32.27 55.93 -23.67
CA TYR D 52 32.56 56.63 -22.41
C TYR D 52 32.97 55.69 -21.28
N LYS D 53 33.22 54.41 -21.62
CA LYS D 53 33.72 53.43 -20.66
C LYS D 53 35.03 52.81 -21.15
N GLY D 54 36.14 53.49 -20.88
CA GLY D 54 37.46 53.00 -21.28
C GLY D 54 38.07 53.86 -22.37
N THR D 55 38.60 53.21 -23.39
CA THR D 55 39.23 53.90 -24.51
C THR D 55 38.18 54.43 -25.49
N THR D 56 36.92 54.29 -25.13
CA THR D 56 35.85 54.78 -26.00
C THR D 56 35.42 56.22 -25.69
N LYS D 57 35.47 57.05 -26.72
CA LYS D 57 35.08 58.46 -26.60
C LYS D 57 35.27 59.26 -27.89
N TYR D 58 36.23 58.85 -28.72
CA TYR D 58 36.53 59.58 -29.95
C TYR D 58 35.92 58.93 -31.20
N GLY D 59 35.03 59.65 -31.88
CA GLY D 59 34.35 59.14 -33.06
C GLY D 59 33.52 60.19 -33.79
N LYS D 60 32.80 59.76 -34.83
CA LYS D 60 31.98 60.68 -35.64
C LYS D 60 30.70 60.02 -36.14
N ILE D 61 29.56 60.52 -35.66
CA ILE D 61 28.26 60.01 -36.07
C ILE D 61 27.85 60.64 -37.40
N THR D 62 27.53 59.81 -38.39
CA THR D 62 27.21 60.32 -39.72
C THR D 62 25.75 60.13 -40.13
N ILE D 63 24.94 61.17 -39.95
CA ILE D 63 23.51 61.10 -40.27
C ILE D 63 23.26 61.17 -41.77
N ASN D 64 22.53 60.18 -42.29
CA ASN D 64 22.06 60.24 -43.68
C ASN D 64 20.70 60.94 -43.76
N LEU D 65 20.54 61.78 -44.78
CA LEU D 65 19.30 62.54 -44.95
C LEU D 65 18.83 62.54 -46.41
N LYS D 66 19.77 62.60 -47.35
CA LYS D 66 19.45 62.60 -48.78
C LYS D 66 20.65 62.14 -49.61
N ASP D 67 20.44 61.96 -50.92
CA ASP D 67 21.47 61.39 -51.80
C ASP D 67 22.77 62.18 -51.91
N GLY D 68 23.03 63.09 -50.98
CA GLY D 68 24.23 63.88 -51.04
C GLY D 68 24.61 64.65 -49.79
N GLU D 69 23.91 64.39 -48.69
CA GLU D 69 24.20 65.12 -47.45
C GLU D 69 24.76 64.22 -46.36
N LYS D 70 25.93 64.60 -45.85
CA LYS D 70 26.63 63.82 -44.84
C LYS D 70 27.26 64.73 -43.77
N GLN D 71 26.78 64.59 -42.54
CA GLN D 71 27.23 65.42 -41.42
C GLN D 71 27.51 64.58 -40.17
N GLU D 72 28.16 65.17 -39.17
CA GLU D 72 28.63 64.45 -37.98
C GLU D 72 28.57 65.26 -36.68
N ILE D 73 28.87 64.59 -35.56
CA ILE D 73 28.94 65.24 -34.25
C ILE D 73 30.11 64.66 -33.48
N ASP D 74 31.18 65.43 -33.36
CA ASP D 74 32.37 64.91 -32.71
C ASP D 74 31.96 64.34 -31.37
N LEU D 75 32.40 63.12 -31.12
CA LEU D 75 32.16 62.47 -29.84
C LEU D 75 33.28 62.81 -28.88
N GLY D 76 34.30 63.49 -29.39
CA GLY D 76 35.38 64.00 -28.57
C GLY D 76 34.91 65.18 -27.73
N ASP D 77 33.79 65.78 -28.11
CA ASP D 77 33.30 66.96 -27.42
C ASP D 77 31.84 67.28 -27.71
N LYS D 78 31.08 67.56 -26.65
CA LYS D 78 29.67 67.97 -26.77
C LYS D 78 29.54 69.49 -26.95
N LEU D 79 30.56 70.10 -27.55
CA LEU D 79 30.65 71.56 -27.68
C LEU D 79 29.67 72.13 -28.71
N GLN D 80 28.74 71.31 -29.19
CA GLN D 80 27.75 71.75 -30.19
C GLN D 80 26.53 72.47 -29.56
N PHE D 81 26.67 73.75 -29.24
CA PHE D 81 25.61 74.48 -28.52
C PHE D 81 24.73 75.41 -29.36
N GLU D 82 25.23 75.84 -30.52
CA GLU D 82 24.46 76.73 -31.39
C GLU D 82 23.58 75.98 -32.39
N ARG D 83 24.09 74.86 -32.88
CA ARG D 83 23.37 74.05 -33.85
C ARG D 83 22.25 73.24 -33.18
N MET D 84 22.32 73.12 -31.85
CA MET D 84 21.31 72.39 -31.08
C MET D 84 19.90 72.97 -31.26
N GLY D 85 19.82 74.09 -31.98
CA GLY D 85 18.54 74.68 -32.34
C GLY D 85 18.00 74.09 -33.63
N ASP D 86 18.92 73.61 -34.46
CA ASP D 86 18.59 72.94 -35.73
C ASP D 86 17.50 71.90 -35.49
N VAL D 87 16.62 71.71 -36.46
CA VAL D 87 15.55 70.73 -36.35
C VAL D 87 15.53 69.82 -37.58
N LEU D 88 15.10 68.58 -37.41
CA LEU D 88 15.15 67.60 -38.51
C LEU D 88 13.80 66.94 -38.81
N ASN D 89 13.66 66.46 -40.05
CA ASN D 89 12.41 65.85 -40.51
C ASN D 89 12.41 64.34 -40.33
N SER D 90 11.33 63.80 -39.77
CA SER D 90 11.29 62.41 -39.33
C SER D 90 11.47 61.38 -40.44
N LYS D 91 10.62 61.45 -41.44
CA LYS D 91 10.60 60.41 -42.47
C LYS D 91 11.63 60.67 -43.57
N ASP D 92 12.36 61.77 -43.42
CA ASP D 92 13.41 62.15 -44.35
C ASP D 92 14.63 61.24 -44.25
N ILE D 93 15.23 61.22 -43.07
CA ILE D 93 16.45 60.47 -42.82
C ILE D 93 16.44 59.13 -43.53
N ASN D 94 17.60 58.71 -44.04
CA ASN D 94 17.70 57.42 -44.74
C ASN D 94 18.34 56.32 -43.90
N LYS D 95 19.55 56.56 -43.39
CA LYS D 95 20.30 55.55 -42.63
C LYS D 95 21.36 56.21 -41.75
N ILE D 96 21.26 56.03 -40.44
CA ILE D 96 22.30 56.53 -39.55
C ILE D 96 23.51 55.59 -39.60
N GLU D 97 24.70 56.10 -39.29
CA GLU D 97 25.93 55.31 -39.38
C GLU D 97 27.06 55.86 -38.51
N VAL D 98 27.53 55.05 -37.55
CA VAL D 98 28.59 55.47 -36.63
C VAL D 98 29.89 54.70 -36.85
N THR D 99 31.00 55.30 -36.41
CA THR D 99 32.32 54.67 -36.49
C THR D 99 33.15 55.03 -35.25
N LEU D 100 33.76 54.03 -34.61
CA LEU D 100 34.31 54.22 -33.28
C LEU D 100 35.84 54.18 -33.21
N LYS D 101 36.42 55.11 -32.43
CA LYS D 101 37.86 55.09 -32.18
C LYS D 101 38.20 55.04 -30.71
N GLN D 102 38.79 53.92 -30.28
CA GLN D 102 39.31 53.80 -28.92
C GLN D 102 40.81 54.08 -28.90
C1 NAG E . -28.25 -29.28 32.12
C2 NAG E . -28.08 -30.52 31.25
C3 NAG E . -28.98 -31.70 31.67
C4 NAG E . -29.08 -31.85 33.17
C5 NAG E . -29.44 -30.50 33.79
C6 NAG E . -29.56 -30.55 35.31
C7 NAG E . -27.90 -30.93 28.82
C8 NAG E . -28.87 -31.26 27.72
N2 NAG E . -28.37 -30.21 29.86
O3 NAG E . -28.48 -32.88 31.09
O4 NAG E . -30.05 -32.85 33.46
O5 NAG E . -28.45 -29.54 33.49
O6 NAG E . -28.29 -30.41 35.89
O7 NAG E . -26.73 -31.30 28.75
C1 NAG E . -29.63 -34.15 33.33
C2 NAG E . -30.18 -34.97 34.50
C3 NAG E . -29.50 -36.34 34.62
C4 NAG E . -29.44 -37.05 33.29
C5 NAG E . -28.81 -36.14 32.25
C6 NAG E . -28.78 -36.87 30.91
C7 NAG E . -31.06 -33.78 36.47
C8 NAG E . -30.98 -33.99 37.96
N2 NAG E . -30.03 -34.22 35.75
O3 NAG E . -30.22 -37.14 35.54
O4 NAG E . -28.70 -38.25 33.39
O5 NAG E . -29.54 -34.93 32.15
O6 NAG E . -29.99 -37.54 30.71
O7 NAG E . -32.04 -33.21 35.98
C1 NAG F . -31.56 40.51 6.94
C2 NAG F . -30.45 41.55 6.80
C3 NAG F . -30.81 42.96 7.29
C4 NAG F . -32.25 43.33 7.01
C5 NAG F . -33.12 42.20 7.56
C6 NAG F . -34.61 42.51 7.50
C7 NAG F . -28.03 41.55 7.22
C8 NAG F . -27.10 41.76 8.39
N2 NAG F . -29.26 41.11 7.50
O3 NAG F . -29.95 43.89 6.69
O4 NAG F . -32.54 44.57 7.63
O5 NAG F . -32.87 41.04 6.80
O6 NAG F . -35.17 41.79 6.42
O7 NAG F . -27.64 41.80 6.09
C1 NAG F . -32.05 45.66 6.95
C2 NAG F . -33.10 46.70 6.52
C3 NAG F . -32.56 47.61 5.42
C4 NAG F . -31.20 48.18 5.79
C5 NAG F . -30.27 47.04 6.15
C6 NAG F . -28.91 47.61 6.53
C7 NAG F . -35.44 46.08 6.81
C8 NAG F . -36.61 46.79 6.16
N2 NAG F . -34.32 46.04 6.10
O3 NAG F . -33.46 48.68 5.21
O4 NAG F . -30.65 48.93 4.74
O5 NAG F . -30.80 46.27 7.21
O6 NAG F . -29.09 48.76 7.32
O7 NAG F . -35.55 45.60 7.93
CD CD G . 1.32 -0.23 -1.07
CD CD H . 18.68 -41.89 -12.15
CD CD I . 0.67 7.94 24.45
C1 NAG J . 7.94 23.00 24.41
C2 NAG J . 6.97 23.40 23.27
C3 NAG J . 7.56 24.33 22.21
C4 NAG J . 8.50 25.36 22.82
C5 NAG J . 9.52 24.64 23.68
C6 NAG J . 10.63 25.56 24.15
C7 NAG J . 5.33 22.28 21.86
C8 NAG J . 5.39 21.60 20.52
N2 NAG J . 6.43 22.23 22.60
O3 NAG J . 6.50 24.97 21.53
O4 NAG J . 9.19 26.09 21.83
O5 NAG J . 8.85 24.04 24.77
O6 NAG J . 10.12 26.59 24.96
O7 NAG J . 4.31 22.85 22.22
CD CD K . 28.88 33.14 -18.37
CD CD L . -23.71 -3.99 -9.12
C1 NAG M . -24.65 -19.76 -13.36
C2 NAG M . -24.10 -20.08 -11.94
C3 NAG M . -23.17 -21.29 -11.86
C4 NAG M . -23.63 -22.39 -12.81
C5 NAG M . -23.72 -21.78 -14.19
C6 NAG M . -23.89 -22.86 -15.25
C7 NAG M . -23.04 -18.86 -10.12
C8 NAG M . -21.68 -18.29 -9.82
N2 NAG M . -23.38 -18.94 -11.41
O3 NAG M . -23.12 -21.75 -10.53
O4 NAG M . -22.71 -23.46 -12.87
O5 NAG M . -24.82 -20.88 -14.19
O6 NAG M . -25.15 -23.47 -15.09
O7 NAG M . -23.78 -19.22 -9.21
#